data_8USQ
#
_entry.id   8USQ
#
_cell.length_a   1.00
_cell.length_b   1.00
_cell.length_c   1.00
_cell.angle_alpha   90.00
_cell.angle_beta   90.00
_cell.angle_gamma   90.00
#
_symmetry.space_group_name_H-M   'P 1'
#
_entity_poly.entity_id   1
_entity_poly.type   'polypeptide(L)'
_entity_poly.pdbx_seq_one_letter_code
;MTPDELNSAVVTFMANLNIDDSKANETASTVTDSIVHRSIKLLEVVVALKDYFLSENEVERKKALTCLTTILAKTPKDHL
SKNECSVIFQFYQSKLDDQALAKEVLEGFAALAPMKYVSINEIAQLLRLLLDNYQQGQHLASTRLWPFKILRKIFDRFFV
NGSSTEQVKRINDLFIETFLHVANGEKDPRNLLLSFALNKSITSSLQNVENFKEDLFDVLFCYFPITFKPPKHDPYKISN
QDLKTALRSAITATPLFAEDAYSNLLDKLTASSPVVKNDTLLTLLECVRKFGGSSILENWTLLWNALKFEIMQNSEGNEN
TLLNPYNKDQQSDDVGQYTNYDACLKIINLMALQLYNFDKVSFEKFFTHVLDELKPNFKYEKDLKQTCQILSAIGSGNVE
IFNKVISSTFPLFLINTSEVAKLKLLIMNFSFFVDSYIDLFGRTSKESLGTPVPNNKMAEYKDEIIMILSMALTRSSKAE
VTIRTLSVIQFTKMIKMKGFLTPEEVSLIIQYFTEEILTDNNKNIYYACLEGLKTISEIYEDLVFEISLKKLLDLLPDCF
EEKIRVNDEENIHIETILKIILDFTTSRHILVKESITFLATKLNRVAKISKSREYCFLLISTIYSLFNNNNQNENVLNEE
DALALKNAIEPKLFEIITQESAIVSDNYNLTLLSNVLFFTNLKIPQAAHQEELDRYNELFISEGKIRILDTPNVLAISYA
KILSALNKNCQFPQKFTVLFGTVQLLKKHAPRMTETEKLGYLELLLVLSNKFVSEKDVIGLFDWKDLSVINLEVMVWLTK
GLIMQNSLESSEIAKKFIDLLSNEEIGSLVSKLFEVFVMDISSLKKFKGISWNNNVKILYKQKFFGDIFQTLVSNYKNTV
DMTIKCNYLTALSLVLKHTPSQSVGPFINDLFPLLLQALDMPDPEVRVSALETLKDTTDKHHTLITEHVSTIVPLLLSLS
LPHKYNSVSVRLIALQLLEMITTVVPLNYCLSYQDDVLSALIPVLSDKKRIIRKQCVDTRQVYYELGQIPFE
;
_entity_poly.pdbx_strand_id   A,F,D,C
#
# COMPACT_ATOMS: atom_id res chain seq x y z
N ALA A 9 -56.39 23.16 -14.57
CA ALA A 9 -55.13 22.78 -13.94
C ALA A 9 -53.98 22.81 -14.93
N VAL A 10 -53.28 23.94 -14.99
CA VAL A 10 -52.09 24.05 -15.82
C VAL A 10 -50.97 23.17 -15.26
N VAL A 11 -51.09 22.81 -13.96
CA VAL A 11 -50.10 21.94 -13.33
C VAL A 11 -49.97 20.64 -14.11
N THR A 12 -51.07 20.15 -14.69
CA THR A 12 -51.01 18.98 -15.55
C THR A 12 -49.96 19.15 -16.64
N PHE A 13 -50.12 20.18 -17.48
CA PHE A 13 -49.23 20.37 -18.61
C PHE A 13 -47.80 20.68 -18.17
N MET A 14 -47.65 21.52 -17.13
CA MET A 14 -46.29 21.87 -16.72
C MET A 14 -45.55 20.65 -16.20
N ALA A 15 -46.21 19.79 -15.43
CA ALA A 15 -45.57 18.55 -14.99
C ALA A 15 -45.26 17.63 -16.17
N ASN A 16 -46.25 17.47 -17.07
CA ASN A 16 -46.08 16.58 -18.21
C ASN A 16 -44.94 17.02 -19.11
N LEU A 17 -44.62 18.31 -19.13
CA LEU A 17 -43.54 18.79 -19.99
C LEU A 17 -42.23 18.94 -19.22
N ASN A 18 -42.31 19.12 -17.89
CA ASN A 18 -41.10 19.35 -17.10
C ASN A 18 -40.52 18.05 -16.58
N ILE A 19 -41.23 16.92 -16.73
CA ILE A 19 -40.59 15.64 -16.47
C ILE A 19 -39.35 15.43 -17.34
N ASP A 20 -39.35 15.98 -18.56
CA ASP A 20 -38.16 15.90 -19.41
C ASP A 20 -36.98 16.65 -18.82
N ASP A 21 -37.23 17.61 -17.93
CA ASP A 21 -36.17 18.39 -17.30
C ASP A 21 -35.49 17.64 -16.16
N SER A 22 -35.72 16.34 -16.03
CA SER A 22 -35.07 15.50 -15.03
C SER A 22 -35.37 15.99 -13.61
N LYS A 23 -36.65 16.31 -13.38
CA LYS A 23 -37.08 16.73 -12.06
C LYS A 23 -37.43 15.57 -11.15
N ALA A 24 -37.60 14.36 -11.71
CA ALA A 24 -37.80 13.11 -10.95
C ALA A 24 -39.07 13.24 -10.12
N ASN A 25 -39.02 13.12 -8.80
CA ASN A 25 -40.21 13.14 -7.96
C ASN A 25 -40.79 14.53 -7.77
N GLU A 26 -40.01 15.58 -8.02
CA GLU A 26 -40.52 16.94 -7.87
C GLU A 26 -41.70 17.19 -8.81
N THR A 27 -41.58 16.72 -10.05
CA THR A 27 -42.70 16.84 -10.99
C THR A 27 -43.73 15.73 -10.79
N ALA A 28 -43.34 14.61 -10.18
CA ALA A 28 -44.30 13.55 -9.88
C ALA A 28 -45.30 14.03 -8.84
N SER A 29 -44.83 14.80 -7.85
CA SER A 29 -45.73 15.39 -6.87
C SER A 29 -46.71 16.34 -7.53
N THR A 30 -46.25 17.11 -8.52
CA THR A 30 -47.13 18.01 -9.25
C THR A 30 -48.13 17.22 -10.10
N VAL A 31 -47.72 16.08 -10.63
CA VAL A 31 -48.65 15.20 -11.34
C VAL A 31 -49.74 14.72 -10.41
N THR A 32 -49.36 14.31 -9.20
CA THR A 32 -50.35 13.87 -8.22
C THR A 32 -51.30 15.01 -7.84
N ASP A 33 -50.75 16.22 -7.66
CA ASP A 33 -51.58 17.37 -7.37
C ASP A 33 -52.55 17.65 -8.52
N SER A 34 -52.10 17.51 -9.76
CA SER A 34 -52.96 17.70 -10.92
C SER A 34 -54.08 16.65 -10.94
N ILE A 35 -53.74 15.39 -10.66
CA ILE A 35 -54.74 14.33 -10.63
C ILE A 35 -55.76 14.61 -9.53
N VAL A 36 -55.31 15.16 -8.41
CA VAL A 36 -56.23 15.54 -7.35
C VAL A 36 -57.13 16.67 -7.81
N HIS A 37 -56.56 17.63 -8.55
CA HIS A 37 -57.31 18.81 -8.97
C HIS A 37 -58.41 18.45 -9.96
N ARG A 38 -58.05 17.90 -11.12
CA ARG A 38 -59.05 17.69 -12.16
C ARG A 38 -59.70 16.32 -12.09
N SER A 39 -59.04 15.36 -11.44
CA SER A 39 -59.57 14.01 -11.22
C SER A 39 -59.82 13.24 -12.51
N ILE A 40 -59.45 13.80 -13.66
CA ILE A 40 -59.66 13.13 -14.94
C ILE A 40 -58.39 13.24 -15.78
N LYS A 41 -57.42 14.02 -15.28
CA LYS A 41 -56.23 14.32 -16.07
C LYS A 41 -55.17 13.23 -16.02
N LEU A 42 -55.36 12.19 -15.21
CA LEU A 42 -54.39 11.10 -15.17
C LEU A 42 -54.31 10.39 -16.52
N LEU A 43 -55.47 10.09 -17.12
CA LEU A 43 -55.47 9.46 -18.44
C LEU A 43 -54.91 10.39 -19.50
N GLU A 44 -55.24 11.68 -19.40
CA GLU A 44 -54.73 12.63 -20.38
C GLU A 44 -53.21 12.74 -20.30
N VAL A 45 -52.64 12.79 -19.10
CA VAL A 45 -51.20 12.92 -18.98
C VAL A 45 -50.51 11.63 -19.43
N VAL A 46 -51.09 10.46 -19.12
CA VAL A 46 -50.43 9.23 -19.55
C VAL A 46 -50.50 9.08 -21.07
N VAL A 47 -51.61 9.49 -21.70
CA VAL A 47 -51.68 9.35 -23.16
C VAL A 47 -50.85 10.43 -23.84
N ALA A 48 -50.65 11.58 -23.21
CA ALA A 48 -49.74 12.57 -23.77
C ALA A 48 -48.30 12.15 -23.57
N LEU A 49 -48.03 11.33 -22.54
CA LEU A 49 -46.72 10.71 -22.37
C LEU A 49 -46.50 9.54 -23.31
N LYS A 50 -47.57 8.92 -23.82
CA LYS A 50 -47.44 7.73 -24.64
C LYS A 50 -46.54 7.99 -25.85
N ASP A 51 -46.74 9.11 -26.52
CA ASP A 51 -45.85 9.52 -27.61
C ASP A 51 -44.71 10.40 -27.13
N TYR A 52 -44.65 10.72 -25.84
CA TYR A 52 -43.60 11.60 -25.34
C TYR A 52 -42.29 10.84 -25.17
N PHE A 53 -42.37 9.55 -24.82
CA PHE A 53 -41.20 8.69 -24.80
C PHE A 53 -40.96 7.99 -26.13
N LEU A 54 -41.85 8.21 -27.11
CA LEU A 54 -41.65 7.65 -28.44
C LEU A 54 -40.41 8.20 -29.13
N SER A 55 -39.95 9.38 -28.73
CA SER A 55 -38.73 9.95 -29.28
C SER A 55 -37.54 9.05 -28.94
N GLU A 56 -36.62 8.92 -29.89
CA GLU A 56 -35.55 7.94 -29.77
C GLU A 56 -34.48 8.39 -28.79
N ASN A 57 -34.30 9.69 -28.63
CA ASN A 57 -33.26 10.20 -27.74
C ASN A 57 -33.48 9.69 -26.31
N GLU A 58 -32.38 9.32 -25.65
CA GLU A 58 -32.45 8.61 -24.39
C GLU A 58 -33.12 9.42 -23.28
N VAL A 59 -32.82 10.71 -23.15
CA VAL A 59 -33.36 11.49 -22.05
C VAL A 59 -34.87 11.55 -22.13
N GLU A 60 -35.41 11.92 -23.30
CA GLU A 60 -36.84 12.03 -23.47
C GLU A 60 -37.54 10.73 -23.12
N ARG A 61 -37.10 9.62 -23.73
CA ARG A 61 -37.79 8.35 -23.55
C ARG A 61 -37.70 7.86 -22.10
N LYS A 62 -36.50 7.91 -21.51
CA LYS A 62 -36.35 7.36 -20.16
C LYS A 62 -37.08 8.21 -19.14
N LYS A 63 -37.06 9.54 -19.30
CA LYS A 63 -37.69 10.39 -18.30
C LYS A 63 -39.21 10.38 -18.45
N ALA A 64 -39.72 10.23 -19.67
CA ALA A 64 -41.16 10.04 -19.81
C ALA A 64 -41.59 8.69 -19.25
N LEU A 65 -40.77 7.65 -19.46
CA LEU A 65 -41.18 6.32 -19.01
C LEU A 65 -41.12 6.19 -17.49
N THR A 66 -40.13 6.80 -16.84
CA THR A 66 -40.06 6.69 -15.39
C THR A 66 -41.27 7.34 -14.73
N CYS A 67 -41.67 8.52 -15.21
CA CYS A 67 -42.85 9.15 -14.63
C CYS A 67 -44.12 8.41 -15.02
N LEU A 68 -44.17 7.85 -16.23
CA LEU A 68 -45.31 7.02 -16.60
C LEU A 68 -45.48 5.86 -15.63
N THR A 69 -44.40 5.13 -15.35
CA THR A 69 -44.46 4.03 -14.40
C THR A 69 -44.82 4.52 -13.00
N THR A 70 -44.23 5.63 -12.57
CA THR A 70 -44.48 6.14 -11.23
C THR A 70 -45.95 6.51 -11.04
N ILE A 71 -46.53 7.22 -12.02
CA ILE A 71 -47.90 7.68 -11.86
C ILE A 71 -48.88 6.55 -12.17
N LEU A 72 -48.45 5.53 -12.91
CA LEU A 72 -49.27 4.34 -13.08
C LEU A 72 -49.36 3.55 -11.79
N ALA A 73 -48.24 3.44 -11.07
CA ALA A 73 -48.26 2.86 -9.73
C ALA A 73 -49.07 3.74 -8.78
N LYS A 74 -49.07 5.06 -9.02
CA LYS A 74 -49.87 5.98 -8.21
C LYS A 74 -51.30 6.10 -8.70
N THR A 75 -51.70 5.33 -9.71
CA THR A 75 -53.06 5.38 -10.26
C THR A 75 -53.67 3.96 -10.27
N PRO A 76 -54.07 3.45 -9.11
CA PRO A 76 -54.88 2.23 -9.09
C PRO A 76 -56.38 2.50 -9.01
N LYS A 77 -56.77 3.77 -9.11
CA LYS A 77 -58.17 4.14 -8.93
C LYS A 77 -59.02 3.67 -10.12
N ASP A 78 -58.72 4.16 -11.31
CA ASP A 78 -59.47 3.83 -12.51
C ASP A 78 -58.52 3.21 -13.52
N HIS A 79 -58.60 1.89 -13.67
CA HIS A 79 -57.58 1.17 -14.39
C HIS A 79 -58.17 -0.17 -14.84
N LEU A 80 -58.59 -0.21 -16.11
CA LEU A 80 -59.35 -1.32 -16.64
C LEU A 80 -58.45 -2.48 -17.04
N SER A 81 -59.03 -3.67 -17.12
CA SER A 81 -58.26 -4.88 -17.41
C SER A 81 -57.72 -4.85 -18.84
N LYS A 82 -58.56 -4.57 -19.83
CA LYS A 82 -58.07 -4.47 -21.20
C LYS A 82 -57.21 -3.25 -21.39
N ASN A 83 -57.58 -2.13 -20.75
CA ASN A 83 -56.69 -0.97 -20.70
C ASN A 83 -55.37 -1.34 -20.03
N GLU A 84 -55.44 -2.18 -18.99
CA GLU A 84 -54.24 -2.66 -18.33
C GLU A 84 -53.33 -3.40 -19.30
N CYS A 85 -53.90 -4.36 -20.03
CA CYS A 85 -53.13 -5.12 -21.02
C CYS A 85 -52.52 -4.20 -22.06
N SER A 86 -53.29 -3.19 -22.50
CA SER A 86 -52.76 -2.19 -23.43
C SER A 86 -51.62 -1.37 -22.82
N VAL A 87 -51.63 -1.19 -21.50
CA VAL A 87 -50.57 -0.42 -20.85
C VAL A 87 -49.23 -1.14 -20.97
N ILE A 88 -49.25 -2.46 -20.75
CA ILE A 88 -48.04 -3.28 -20.89
C ILE A 88 -47.64 -3.51 -22.35
N PHE A 89 -48.46 -3.10 -23.32
CA PHE A 89 -48.02 -3.17 -24.71
C PHE A 89 -46.77 -2.30 -24.92
N GLN A 90 -46.81 -1.06 -24.44
CA GLN A 90 -45.64 -0.21 -24.56
C GLN A 90 -44.50 -0.68 -23.67
N PHE A 91 -44.82 -1.29 -22.53
CA PHE A 91 -43.78 -1.87 -21.68
C PHE A 91 -43.00 -2.94 -22.43
N TYR A 92 -43.71 -3.86 -23.10
CA TYR A 92 -43.07 -4.86 -23.94
C TYR A 92 -42.33 -4.28 -25.14
N GLN A 93 -42.87 -3.27 -25.82
CA GLN A 93 -42.13 -2.75 -26.96
C GLN A 93 -40.85 -2.05 -26.50
N SER A 94 -40.88 -1.39 -25.35
CA SER A 94 -39.66 -0.79 -24.81
C SER A 94 -38.67 -1.85 -24.36
N LYS A 95 -39.15 -2.95 -23.77
CA LYS A 95 -38.29 -4.09 -23.48
C LYS A 95 -37.63 -4.61 -24.75
N LEU A 96 -38.40 -4.71 -25.83
CA LEU A 96 -37.89 -5.27 -27.08
C LEU A 96 -36.84 -4.36 -27.72
N ASP A 97 -37.08 -3.04 -27.69
CA ASP A 97 -36.18 -2.12 -28.40
C ASP A 97 -34.81 -2.04 -27.76
N ASP A 98 -34.72 -1.56 -26.52
CA ASP A 98 -33.43 -1.28 -25.91
C ASP A 98 -33.49 -1.49 -24.39
N GLN A 99 -32.33 -1.42 -23.76
CA GLN A 99 -32.21 -1.42 -22.31
C GLN A 99 -31.96 0.00 -21.81
N ALA A 100 -31.74 0.14 -20.51
CA ALA A 100 -31.58 1.40 -19.79
C ALA A 100 -32.87 2.21 -19.75
N LEU A 101 -33.91 1.76 -20.46
CA LEU A 101 -35.28 2.22 -20.25
C LEU A 101 -36.15 1.07 -19.79
N ALA A 102 -35.68 -0.17 -19.98
CA ALA A 102 -36.40 -1.35 -19.53
C ALA A 102 -36.42 -1.48 -18.02
N LYS A 103 -35.50 -0.81 -17.32
CA LYS A 103 -35.50 -0.86 -15.86
C LYS A 103 -36.75 -0.21 -15.29
N GLU A 104 -37.12 0.98 -15.82
CA GLU A 104 -38.35 1.64 -15.39
C GLU A 104 -39.55 0.75 -15.68
N VAL A 105 -39.56 0.08 -16.83
CA VAL A 105 -40.53 -0.95 -17.13
C VAL A 105 -40.52 -2.05 -16.07
N LEU A 106 -39.36 -2.37 -15.51
CA LEU A 106 -39.27 -3.41 -14.49
C LEU A 106 -39.94 -2.96 -13.20
N GLU A 107 -39.68 -1.72 -12.76
CA GLU A 107 -40.43 -1.25 -11.59
C GLU A 107 -41.91 -1.15 -11.88
N GLY A 108 -42.27 -0.79 -13.12
CA GLY A 108 -43.68 -0.80 -13.49
C GLY A 108 -44.31 -2.18 -13.38
N PHE A 109 -43.59 -3.21 -13.83
CA PHE A 109 -44.08 -4.58 -13.69
C PHE A 109 -44.18 -5.00 -12.23
N ALA A 110 -43.17 -4.66 -11.44
CA ALA A 110 -43.17 -5.02 -10.02
C ALA A 110 -44.21 -4.22 -9.24
N ALA A 111 -44.75 -3.16 -9.85
CA ALA A 111 -45.83 -2.41 -9.22
C ALA A 111 -47.19 -2.89 -9.68
N LEU A 112 -47.32 -3.29 -10.95
CA LEU A 112 -48.60 -3.76 -11.47
C LEU A 112 -48.88 -5.21 -11.11
N ALA A 113 -47.85 -6.00 -10.81
CA ALA A 113 -48.09 -7.38 -10.39
C ALA A 113 -48.84 -7.47 -9.07
N PRO A 114 -48.49 -6.73 -8.01
CA PRO A 114 -49.23 -6.87 -6.74
C PRO A 114 -50.71 -6.55 -6.83
N MET A 115 -51.09 -5.55 -7.62
CA MET A 115 -52.48 -5.12 -7.64
C MET A 115 -53.35 -6.18 -8.29
N LYS A 116 -54.63 -6.20 -7.92
CA LYS A 116 -55.56 -7.19 -8.46
C LYS A 116 -55.95 -6.89 -9.90
N TYR A 117 -55.54 -5.73 -10.42
CA TYR A 117 -55.87 -5.34 -11.81
C TYR A 117 -54.92 -6.05 -12.77
N VAL A 118 -55.01 -7.38 -12.77
CA VAL A 118 -54.28 -8.24 -13.70
C VAL A 118 -55.28 -9.18 -14.33
N SER A 119 -55.50 -9.01 -15.63
CA SER A 119 -56.53 -9.76 -16.33
C SER A 119 -56.04 -11.17 -16.68
N ILE A 120 -56.97 -12.00 -17.15
CA ILE A 120 -56.61 -13.31 -17.68
C ILE A 120 -55.72 -13.15 -18.91
N ASN A 121 -56.08 -12.22 -19.81
CA ASN A 121 -55.20 -11.88 -20.92
C ASN A 121 -53.87 -11.36 -20.44
N GLU A 122 -53.86 -10.59 -19.34
CA GLU A 122 -52.61 -10.08 -18.82
C GLU A 122 -51.74 -11.18 -18.23
N ILE A 123 -52.32 -12.09 -17.46
CA ILE A 123 -51.46 -13.12 -16.86
C ILE A 123 -50.88 -14.01 -17.96
N ALA A 124 -51.68 -14.33 -18.98
CA ALA A 124 -51.18 -15.16 -20.08
C ALA A 124 -50.13 -14.42 -20.89
N GLN A 125 -50.42 -13.17 -21.26
CA GLN A 125 -49.45 -12.39 -22.02
C GLN A 125 -48.16 -12.20 -21.25
N LEU A 126 -48.24 -12.01 -19.93
CA LEU A 126 -47.04 -12.00 -19.10
C LEU A 126 -46.28 -13.31 -19.24
N LEU A 127 -46.89 -14.40 -18.77
CA LEU A 127 -46.19 -15.69 -18.70
C LEU A 127 -45.66 -16.14 -20.05
N ARG A 128 -46.15 -15.55 -21.15
CA ARG A 128 -45.59 -15.89 -22.45
C ARG A 128 -44.50 -14.92 -22.86
N LEU A 129 -44.80 -13.62 -22.87
CA LEU A 129 -43.97 -12.71 -23.63
C LEU A 129 -42.96 -11.97 -22.76
N LEU A 130 -43.16 -11.92 -21.43
CA LEU A 130 -42.17 -11.23 -20.61
C LEU A 130 -40.82 -11.95 -20.66
N LEU A 131 -40.83 -13.23 -21.04
CA LEU A 131 -39.60 -13.94 -21.34
C LEU A 131 -39.43 -14.24 -22.82
N ASP A 132 -40.46 -14.02 -23.64
CA ASP A 132 -40.28 -14.15 -25.09
C ASP A 132 -39.30 -13.11 -25.62
N ASN A 133 -39.58 -11.81 -25.40
CA ASN A 133 -38.71 -10.78 -25.94
C ASN A 133 -37.71 -10.29 -24.90
N TYR A 134 -38.17 -10.05 -23.66
CA TYR A 134 -37.31 -9.44 -22.66
C TYR A 134 -36.26 -10.43 -22.17
N GLN A 135 -36.60 -11.72 -22.07
CA GLN A 135 -35.75 -12.75 -21.49
C GLN A 135 -35.12 -12.26 -20.18
N GLN A 136 -35.99 -12.14 -19.17
CA GLN A 136 -35.67 -11.44 -17.94
C GLN A 136 -34.42 -12.00 -17.28
N GLY A 137 -33.69 -11.12 -16.59
CA GLY A 137 -32.57 -11.53 -15.78
C GLY A 137 -31.31 -11.92 -16.52
N GLN A 138 -31.24 -11.65 -17.83
CA GLN A 138 -30.09 -12.09 -18.60
C GLN A 138 -29.00 -11.02 -18.65
N HIS A 139 -29.38 -9.75 -18.53
CA HIS A 139 -28.43 -8.67 -18.77
C HIS A 139 -28.57 -7.60 -17.69
N LEU A 140 -27.41 -7.04 -17.31
CA LEU A 140 -27.27 -5.85 -16.49
C LEU A 140 -27.71 -6.08 -15.05
N ALA A 141 -27.07 -5.41 -14.10
CA ALA A 141 -27.28 -5.69 -12.68
C ALA A 141 -28.72 -5.41 -12.26
N SER A 142 -29.23 -4.20 -12.54
CA SER A 142 -30.59 -3.87 -12.14
C SER A 142 -31.61 -4.52 -13.07
N THR A 143 -31.28 -4.63 -14.37
CA THR A 143 -32.18 -5.26 -15.32
C THR A 143 -32.30 -6.75 -15.08
N ARG A 144 -31.44 -7.31 -14.22
CA ARG A 144 -31.61 -8.66 -13.73
C ARG A 144 -32.08 -8.70 -12.28
N LEU A 145 -31.91 -7.60 -11.55
CA LEU A 145 -32.37 -7.52 -10.16
C LEU A 145 -33.89 -7.46 -10.08
N TRP A 146 -34.50 -6.60 -10.91
CA TRP A 146 -35.95 -6.41 -10.84
C TRP A 146 -36.81 -7.54 -11.40
N PRO A 147 -36.36 -8.31 -12.41
CA PRO A 147 -37.20 -9.43 -12.86
C PRO A 147 -37.60 -10.40 -11.75
N PHE A 148 -36.68 -10.69 -10.81
CA PHE A 148 -37.07 -11.49 -9.65
C PHE A 148 -38.19 -10.82 -8.87
N LYS A 149 -38.14 -9.49 -8.74
CA LYS A 149 -39.23 -8.77 -8.08
C LYS A 149 -40.55 -8.97 -8.82
N ILE A 150 -40.54 -8.77 -10.15
CA ILE A 150 -41.80 -8.78 -10.89
C ILE A 150 -42.42 -10.17 -10.85
N LEU A 151 -41.59 -11.21 -10.96
CA LEU A 151 -42.12 -12.57 -10.91
C LEU A 151 -42.54 -12.95 -9.49
N ARG A 152 -41.82 -12.48 -8.47
CA ARG A 152 -42.24 -12.69 -7.09
C ARG A 152 -43.61 -12.10 -6.83
N LYS A 153 -43.83 -10.88 -7.31
CA LYS A 153 -45.12 -10.22 -7.05
C LYS A 153 -46.24 -10.81 -7.89
N ILE A 154 -45.93 -11.25 -9.12
CA ILE A 154 -46.97 -11.88 -9.91
C ILE A 154 -47.30 -13.27 -9.35
N PHE A 155 -46.35 -13.90 -8.66
CA PHE A 155 -46.65 -15.13 -7.93
C PHE A 155 -47.50 -14.84 -6.70
N ASP A 156 -47.13 -13.82 -5.92
CA ASP A 156 -47.80 -13.57 -4.66
C ASP A 156 -49.12 -12.85 -4.84
N ARG A 157 -49.43 -12.39 -6.05
CA ARG A 157 -50.69 -11.69 -6.29
C ARG A 157 -51.89 -12.63 -6.18
N PHE A 158 -51.99 -13.57 -7.12
CA PHE A 158 -53.09 -14.51 -7.15
C PHE A 158 -52.63 -15.92 -7.50
N PHE A 159 -51.48 -16.03 -8.16
CA PHE A 159 -50.93 -17.34 -8.50
C PHE A 159 -50.54 -18.13 -7.26
N VAL A 160 -50.14 -17.45 -6.19
CA VAL A 160 -49.93 -18.13 -4.92
C VAL A 160 -51.26 -18.72 -4.46
N ASN A 161 -51.18 -19.87 -3.79
CA ASN A 161 -52.40 -20.60 -3.41
C ASN A 161 -53.07 -19.99 -2.18
N GLY A 162 -53.31 -18.67 -2.25
CA GLY A 162 -54.18 -18.05 -1.27
C GLY A 162 -55.64 -18.23 -1.63
N SER A 163 -55.94 -18.18 -2.93
CA SER A 163 -57.25 -18.50 -3.47
C SER A 163 -57.14 -19.65 -4.46
N SER A 164 -56.14 -20.51 -4.27
CA SER A 164 -55.83 -21.65 -5.13
C SER A 164 -55.52 -21.11 -6.53
N THR A 165 -55.85 -21.84 -7.59
CA THR A 165 -55.60 -21.43 -8.97
C THR A 165 -56.83 -21.70 -9.82
N GLU A 166 -58.00 -21.27 -9.34
CA GLU A 166 -59.24 -21.57 -10.03
C GLU A 166 -59.32 -20.87 -11.38
N GLN A 167 -58.60 -19.76 -11.55
CA GLN A 167 -58.54 -19.11 -12.85
C GLN A 167 -57.11 -18.85 -13.31
N VAL A 168 -56.10 -19.22 -12.50
CA VAL A 168 -54.71 -19.19 -12.94
C VAL A 168 -54.08 -20.58 -12.92
N LYS A 169 -54.86 -21.62 -13.22
CA LYS A 169 -54.32 -22.98 -13.25
C LYS A 169 -53.42 -23.21 -14.46
N ARG A 170 -53.44 -22.29 -15.42
CA ARG A 170 -52.62 -22.45 -16.62
C ARG A 170 -51.15 -22.14 -16.35
N ILE A 171 -50.87 -21.23 -15.41
CA ILE A 171 -49.52 -20.72 -15.23
C ILE A 171 -48.69 -21.61 -14.30
N ASN A 172 -49.29 -22.63 -13.68
CA ASN A 172 -48.57 -23.45 -12.71
C ASN A 172 -47.29 -24.02 -13.31
N ASP A 173 -47.45 -24.96 -14.25
CA ASP A 173 -46.32 -25.65 -14.85
C ASP A 173 -45.34 -24.69 -15.48
N LEU A 174 -45.86 -23.78 -16.33
CA LEU A 174 -44.97 -22.93 -17.10
C LEU A 174 -44.26 -21.90 -16.23
N PHE A 175 -44.82 -21.58 -15.06
CA PHE A 175 -44.12 -20.69 -14.14
C PHE A 175 -42.85 -21.34 -13.62
N ILE A 176 -42.87 -22.66 -13.47
CA ILE A 176 -41.65 -23.38 -13.08
C ILE A 176 -40.49 -23.00 -14.01
N GLU A 177 -40.67 -23.24 -15.31
CA GLU A 177 -39.55 -23.01 -16.21
C GLU A 177 -39.42 -21.56 -16.65
N THR A 178 -40.39 -20.70 -16.34
CA THR A 178 -40.14 -19.27 -16.58
C THR A 178 -39.36 -18.66 -15.42
N PHE A 179 -39.43 -19.27 -14.23
CA PHE A 179 -38.51 -18.89 -13.17
C PHE A 179 -37.14 -19.52 -13.40
N LEU A 180 -37.10 -20.72 -13.97
CA LEU A 180 -35.82 -21.30 -14.39
C LEU A 180 -35.19 -20.55 -15.56
N HIS A 181 -36.00 -19.89 -16.41
CA HIS A 181 -35.45 -19.08 -17.49
C HIS A 181 -34.62 -17.93 -16.95
N VAL A 182 -35.07 -17.30 -15.88
CA VAL A 182 -34.38 -16.21 -15.23
C VAL A 182 -33.46 -16.79 -14.16
N ALA A 183 -32.26 -17.22 -14.58
CA ALA A 183 -31.34 -17.89 -13.67
C ALA A 183 -29.96 -17.85 -14.28
N ASN A 184 -28.96 -18.21 -13.46
CA ASN A 184 -27.57 -18.37 -13.88
C ASN A 184 -26.97 -17.07 -14.40
N GLY A 185 -27.57 -15.93 -14.08
CA GLY A 185 -27.04 -14.65 -14.52
C GLY A 185 -27.01 -13.62 -13.41
N GLU A 186 -27.63 -13.96 -12.27
CA GLU A 186 -27.68 -13.05 -11.13
C GLU A 186 -26.66 -13.49 -10.08
N LYS A 187 -25.78 -12.57 -9.70
CA LYS A 187 -24.69 -12.87 -8.78
C LYS A 187 -24.75 -12.06 -7.49
N ASP A 188 -25.40 -10.90 -7.52
CA ASP A 188 -25.53 -10.11 -6.30
C ASP A 188 -26.37 -10.87 -5.27
N PRO A 189 -26.01 -10.76 -3.98
CA PRO A 189 -26.68 -11.60 -2.97
C PRO A 189 -28.18 -11.37 -2.86
N ARG A 190 -28.66 -10.18 -3.24
CA ARG A 190 -30.09 -9.90 -3.12
C ARG A 190 -30.90 -10.77 -4.08
N ASN A 191 -30.45 -10.87 -5.33
CA ASN A 191 -31.11 -11.77 -6.29
C ASN A 191 -31.01 -13.21 -5.83
N LEU A 192 -29.90 -13.58 -5.19
CA LEU A 192 -29.75 -14.94 -4.69
C LEU A 192 -30.81 -15.24 -3.63
N LEU A 193 -30.97 -14.30 -2.68
CA LEU A 193 -32.01 -14.43 -1.66
C LEU A 193 -33.39 -14.50 -2.30
N LEU A 194 -33.63 -13.68 -3.32
CA LEU A 194 -34.92 -13.68 -4.00
C LEU A 194 -35.19 -15.04 -4.63
N SER A 195 -34.22 -15.59 -5.36
CA SER A 195 -34.40 -16.89 -5.98
C SER A 195 -34.67 -17.96 -4.94
N PHE A 196 -33.96 -17.90 -3.81
CA PHE A 196 -34.17 -18.89 -2.75
C PHE A 196 -35.60 -18.83 -2.23
N ALA A 197 -36.08 -17.61 -1.94
CA ALA A 197 -37.43 -17.46 -1.42
C ALA A 197 -38.48 -17.87 -2.45
N LEU A 198 -38.24 -17.54 -3.72
CA LEU A 198 -39.16 -17.97 -4.77
C LEU A 198 -39.25 -19.48 -4.86
N ASN A 199 -38.12 -20.19 -4.80
CA ASN A 199 -38.18 -21.65 -4.80
C ASN A 199 -38.94 -22.15 -3.57
N LYS A 200 -38.61 -21.59 -2.40
CA LYS A 200 -39.27 -21.99 -1.15
C LYS A 200 -40.79 -21.89 -1.27
N SER A 201 -41.29 -20.78 -1.81
CA SER A 201 -42.74 -20.59 -1.89
C SER A 201 -43.34 -21.37 -3.05
N ILE A 202 -42.65 -21.42 -4.19
CA ILE A 202 -43.21 -22.01 -5.40
C ILE A 202 -43.27 -23.53 -5.29
N THR A 203 -42.54 -24.12 -4.34
CA THR A 203 -42.75 -25.54 -4.05
C THR A 203 -43.86 -25.74 -3.02
N SER A 204 -43.84 -24.97 -1.93
CA SER A 204 -44.69 -25.27 -0.79
C SER A 204 -46.11 -24.76 -0.98
N SER A 205 -46.29 -23.46 -1.25
CA SER A 205 -47.64 -22.94 -1.44
C SER A 205 -48.28 -23.50 -2.70
N LEU A 206 -47.49 -23.63 -3.76
CA LEU A 206 -48.00 -24.03 -5.06
C LEU A 206 -48.29 -25.53 -5.10
N GLN A 207 -49.35 -25.91 -5.79
CA GLN A 207 -49.71 -27.31 -5.99
C GLN A 207 -49.01 -27.85 -7.24
N ASN A 208 -49.30 -29.12 -7.53
CA ASN A 208 -48.81 -29.87 -8.69
C ASN A 208 -47.37 -29.54 -9.07
N VAL A 209 -46.53 -29.32 -8.04
CA VAL A 209 -45.10 -29.12 -8.30
C VAL A 209 -44.40 -30.46 -8.49
N GLU A 210 -44.96 -31.54 -7.96
CA GLU A 210 -44.36 -32.86 -8.11
C GLU A 210 -44.21 -33.26 -9.57
N ASN A 211 -45.12 -32.82 -10.44
CA ASN A 211 -44.98 -33.12 -11.86
C ASN A 211 -43.71 -32.50 -12.43
N PHE A 212 -43.33 -31.32 -11.93
CA PHE A 212 -42.17 -30.59 -12.43
C PHE A 212 -41.24 -30.16 -11.30
N LYS A 213 -40.89 -31.10 -10.42
CA LYS A 213 -40.05 -30.79 -9.27
C LYS A 213 -38.58 -31.05 -9.58
N GLU A 214 -37.72 -30.78 -8.58
CA GLU A 214 -36.29 -31.10 -8.59
C GLU A 214 -35.53 -30.22 -9.57
N ASP A 215 -36.23 -29.46 -10.41
CA ASP A 215 -35.57 -28.52 -11.31
C ASP A 215 -35.52 -27.11 -10.73
N LEU A 216 -36.40 -26.81 -9.78
CA LEU A 216 -36.38 -25.52 -9.09
C LEU A 216 -35.19 -25.38 -8.17
N PHE A 217 -34.56 -26.49 -7.78
CA PHE A 217 -33.35 -26.41 -6.96
C PHE A 217 -32.11 -26.18 -7.83
N ASP A 218 -32.27 -26.21 -9.16
CA ASP A 218 -31.13 -25.98 -10.04
C ASP A 218 -30.62 -24.55 -9.90
N VAL A 219 -31.53 -23.57 -9.94
CA VAL A 219 -31.13 -22.18 -9.77
C VAL A 219 -30.53 -21.96 -8.40
N LEU A 220 -31.06 -22.63 -7.37
CA LEU A 220 -30.53 -22.48 -6.02
C LEU A 220 -29.12 -23.04 -5.91
N PHE A 221 -28.89 -24.25 -6.43
CA PHE A 221 -27.58 -24.86 -6.37
C PHE A 221 -26.56 -24.08 -7.20
N CYS A 222 -26.99 -23.53 -8.34
CA CYS A 222 -26.10 -22.66 -9.10
C CYS A 222 -25.77 -21.39 -8.31
N TYR A 223 -26.76 -20.86 -7.59
CA TYR A 223 -26.51 -19.70 -6.74
C TYR A 223 -25.93 -20.09 -5.38
N PHE A 224 -25.94 -21.38 -5.05
CA PHE A 224 -25.40 -21.81 -3.77
C PHE A 224 -23.87 -21.72 -3.80
N PRO A 225 -23.24 -21.20 -2.73
CA PRO A 225 -21.79 -21.07 -2.66
C PRO A 225 -21.07 -22.41 -2.59
N ASP A 242 -22.21 -17.39 5.06
CA ASP A 242 -22.80 -16.15 4.54
C ASP A 242 -24.31 -16.15 4.68
N LEU A 243 -24.97 -15.26 3.94
CA LEU A 243 -26.42 -15.08 4.00
C LEU A 243 -27.08 -16.05 3.03
N LYS A 244 -27.04 -17.33 3.38
CA LYS A 244 -27.61 -18.38 2.57
C LYS A 244 -28.70 -19.18 3.27
N THR A 245 -29.24 -18.69 4.39
CA THR A 245 -30.25 -19.43 5.12
C THR A 245 -31.57 -19.47 4.37
N ALA A 246 -31.75 -18.65 3.34
CA ALA A 246 -32.97 -18.70 2.55
C ALA A 246 -33.03 -19.97 1.72
N LEU A 247 -31.93 -20.32 1.04
CA LEU A 247 -31.84 -21.62 0.37
C LEU A 247 -32.10 -22.76 1.35
N ARG A 248 -31.57 -22.63 2.57
CA ARG A 248 -31.66 -23.70 3.54
C ARG A 248 -33.09 -23.86 4.05
N SER A 249 -33.82 -22.74 4.20
CA SER A 249 -35.23 -22.82 4.54
C SER A 249 -36.06 -23.29 3.35
N ALA A 250 -35.57 -23.06 2.14
CA ALA A 250 -36.27 -23.54 0.95
C ALA A 250 -36.20 -25.05 0.84
N ILE A 251 -35.00 -25.63 0.96
CA ILE A 251 -34.84 -27.07 0.83
C ILE A 251 -35.56 -27.82 1.94
N THR A 252 -36.18 -27.10 2.87
CA THR A 252 -36.92 -27.68 3.98
C THR A 252 -38.37 -27.17 4.02
N ALA A 253 -38.79 -26.46 2.97
CA ALA A 253 -40.09 -25.80 3.00
C ALA A 253 -41.23 -26.82 2.97
N THR A 254 -41.15 -27.79 2.07
CA THR A 254 -42.26 -28.70 1.79
C THR A 254 -41.73 -30.12 1.66
N PRO A 255 -42.57 -31.12 1.95
CA PRO A 255 -42.14 -32.51 1.73
C PRO A 255 -41.82 -32.84 0.28
N LEU A 256 -42.09 -31.92 -0.64
CA LEU A 256 -41.64 -32.10 -2.03
C LEU A 256 -40.13 -32.04 -2.15
N PHE A 257 -39.45 -31.21 -1.37
CA PHE A 257 -38.00 -31.34 -1.24
C PHE A 257 -37.57 -32.61 -0.54
N ALA A 258 -38.51 -33.39 0.02
CA ALA A 258 -38.14 -34.68 0.59
C ALA A 258 -37.26 -35.47 -0.37
N GLU A 259 -37.84 -35.90 -1.49
CA GLU A 259 -37.06 -36.56 -2.55
C GLU A 259 -35.82 -35.75 -2.93
N ASP A 260 -35.91 -34.42 -2.90
CA ASP A 260 -34.75 -33.57 -3.17
C ASP A 260 -33.80 -33.49 -1.98
N ALA A 261 -34.32 -33.29 -0.77
CA ALA A 261 -33.45 -32.93 0.36
C ALA A 261 -32.39 -33.98 0.60
N TYR A 262 -32.81 -35.21 0.93
CA TYR A 262 -31.85 -36.29 1.12
C TYR A 262 -30.90 -36.39 -0.07
N SER A 263 -31.44 -36.20 -1.28
CA SER A 263 -30.66 -36.28 -2.52
C SER A 263 -29.38 -35.47 -2.44
N ASN A 264 -29.42 -34.34 -1.75
CA ASN A 264 -28.21 -33.58 -1.47
C ASN A 264 -27.74 -33.77 -0.04
N LEU A 265 -28.69 -33.87 0.90
CA LEU A 265 -28.34 -33.74 2.32
C LEU A 265 -27.41 -34.86 2.78
N LEU A 266 -27.71 -36.10 2.40
CA LEU A 266 -26.80 -37.19 2.74
C LEU A 266 -25.39 -36.92 2.20
N ASP A 267 -25.30 -36.41 0.97
CA ASP A 267 -24.00 -36.06 0.41
C ASP A 267 -23.30 -35.01 1.28
N LYS A 268 -24.07 -34.10 1.86
CA LYS A 268 -23.49 -33.09 2.72
C LYS A 268 -23.04 -33.62 4.07
N LEU A 269 -23.48 -34.84 4.46
CA LEU A 269 -22.84 -35.50 5.59
C LEU A 269 -21.40 -35.88 5.26
N THR A 270 -21.09 -36.04 3.98
CA THR A 270 -19.75 -36.35 3.53
C THR A 270 -18.95 -35.11 3.15
N ALA A 271 -19.52 -33.92 3.31
CA ALA A 271 -18.83 -32.70 2.96
C ALA A 271 -17.63 -32.48 3.86
N SER A 272 -16.63 -31.74 3.35
CA SER A 272 -15.42 -31.52 4.11
C SER A 272 -15.49 -30.24 4.94
N SER A 273 -15.96 -29.15 4.35
CA SER A 273 -16.03 -27.89 5.07
C SER A 273 -17.10 -27.96 6.16
N PRO A 274 -16.77 -27.63 7.41
CA PRO A 274 -17.74 -27.82 8.49
C PRO A 274 -18.89 -26.82 8.47
N VAL A 275 -18.74 -25.68 7.80
CA VAL A 275 -19.82 -24.68 7.79
C VAL A 275 -21.02 -25.21 7.01
N VAL A 276 -20.77 -25.77 5.83
CA VAL A 276 -21.87 -26.36 5.06
C VAL A 276 -22.41 -27.59 5.76
N LYS A 277 -21.55 -28.32 6.49
CA LYS A 277 -22.03 -29.46 7.26
C LYS A 277 -23.00 -29.03 8.34
N ASN A 278 -22.66 -27.96 9.07
CA ASN A 278 -23.56 -27.47 10.11
C ASN A 278 -24.86 -26.93 9.51
N ASP A 279 -24.75 -26.14 8.45
CA ASP A 279 -25.96 -25.60 7.82
C ASP A 279 -26.85 -26.72 7.30
N THR A 280 -26.26 -27.77 6.74
CA THR A 280 -27.04 -28.86 6.21
C THR A 280 -27.61 -29.74 7.32
N LEU A 281 -26.93 -29.80 8.47
CA LEU A 281 -27.52 -30.47 9.63
C LEU A 281 -28.74 -29.69 10.13
N LEU A 282 -28.66 -28.36 10.11
CA LEU A 282 -29.87 -27.57 10.43
C LEU A 282 -30.97 -27.83 9.42
N THR A 283 -30.63 -27.90 8.12
CA THR A 283 -31.65 -28.19 7.12
C THR A 283 -32.29 -29.55 7.36
N LEU A 284 -31.48 -30.57 7.67
CA LEU A 284 -32.04 -31.86 8.02
C LEU A 284 -32.87 -31.79 9.29
N LEU A 285 -32.54 -30.87 10.19
CA LEU A 285 -33.38 -30.65 11.37
C LEU A 285 -34.78 -30.23 10.94
N GLU A 286 -34.88 -29.18 10.12
CA GLU A 286 -36.20 -28.78 9.65
C GLU A 286 -36.85 -29.85 8.77
N CYS A 287 -36.02 -30.66 8.09
CA CYS A 287 -36.55 -31.72 7.24
C CYS A 287 -37.23 -32.80 8.06
N VAL A 288 -36.50 -33.39 9.00
CA VAL A 288 -37.07 -34.37 9.94
C VAL A 288 -38.26 -33.77 10.65
N ARG A 289 -38.24 -32.46 10.91
CA ARG A 289 -39.36 -31.82 11.58
C ARG A 289 -40.60 -31.76 10.70
N LYS A 290 -40.44 -31.45 9.41
CA LYS A 290 -41.58 -31.16 8.54
C LYS A 290 -41.63 -32.09 7.34
N PHE A 291 -41.11 -33.31 7.47
CA PHE A 291 -41.37 -34.36 6.49
C PHE A 291 -42.26 -35.44 7.07
N GLY A 292 -43.08 -35.07 8.06
CA GLY A 292 -43.96 -36.04 8.69
C GLY A 292 -43.16 -37.10 9.42
N GLY A 293 -43.73 -38.30 9.49
CA GLY A 293 -43.05 -39.41 10.13
C GLY A 293 -42.76 -40.53 9.16
N SER A 294 -43.49 -40.58 8.05
CA SER A 294 -43.31 -41.67 7.08
C SER A 294 -41.91 -41.64 6.47
N SER A 295 -41.42 -40.45 6.10
CA SER A 295 -40.09 -40.37 5.50
C SER A 295 -39.00 -40.68 6.52
N ILE A 296 -39.14 -40.18 7.74
CA ILE A 296 -38.15 -40.48 8.77
C ILE A 296 -38.24 -41.95 9.17
N LEU A 297 -39.45 -42.51 9.20
CA LEU A 297 -39.59 -43.93 9.45
C LEU A 297 -38.99 -44.75 8.31
N GLU A 298 -38.94 -44.19 7.10
CA GLU A 298 -38.31 -44.78 5.93
C GLU A 298 -36.78 -44.78 6.04
N ASN A 299 -36.21 -43.66 6.47
CA ASN A 299 -34.78 -43.44 6.36
C ASN A 299 -34.06 -43.47 7.71
N TRP A 300 -34.71 -43.96 8.78
CA TRP A 300 -34.08 -43.93 10.09
C TRP A 300 -32.76 -44.69 10.12
N THR A 301 -32.70 -45.87 9.50
CA THR A 301 -31.49 -46.68 9.59
C THR A 301 -30.32 -46.03 8.86
N LEU A 302 -30.56 -45.56 7.63
CA LEU A 302 -29.47 -44.92 6.88
C LEU A 302 -29.07 -43.61 7.53
N LEU A 303 -30.02 -42.86 8.07
CA LEU A 303 -29.68 -41.60 8.72
C LEU A 303 -28.87 -41.83 9.99
N TRP A 304 -29.23 -42.86 10.78
CA TRP A 304 -28.43 -43.13 11.97
C TRP A 304 -27.05 -43.64 11.60
N ASN A 305 -26.94 -44.44 10.53
CA ASN A 305 -25.62 -44.84 10.07
C ASN A 305 -24.77 -43.62 9.71
N ALA A 306 -25.33 -42.72 8.91
CA ALA A 306 -24.59 -41.54 8.47
C ALA A 306 -24.24 -40.63 9.64
N LEU A 307 -25.19 -40.41 10.55
CA LEU A 307 -24.94 -39.52 11.69
C LEU A 307 -23.98 -40.14 12.69
N LYS A 308 -23.92 -41.47 12.78
CA LYS A 308 -22.91 -42.07 13.64
C LYS A 308 -21.53 -41.98 13.00
N PHE A 309 -21.47 -42.14 11.67
CA PHE A 309 -20.22 -41.87 10.96
C PHE A 309 -19.75 -40.44 11.20
N GLU A 310 -20.69 -39.49 11.23
CA GLU A 310 -20.32 -38.10 11.46
C GLU A 310 -20.00 -37.84 12.93
N ILE A 311 -20.61 -38.61 13.84
CA ILE A 311 -20.23 -38.58 15.24
C ILE A 311 -18.75 -38.94 15.38
N MET A 312 -18.36 -40.04 14.75
CA MET A 312 -16.95 -40.38 14.69
C MET A 312 -16.14 -39.34 13.94
N GLN A 313 -16.75 -38.63 12.99
CA GLN A 313 -16.06 -37.57 12.27
C GLN A 313 -15.88 -36.34 13.16
N ASN A 314 -16.92 -35.97 13.89
CA ASN A 314 -16.87 -34.78 14.74
C ASN A 314 -17.25 -35.12 16.18
N TYR A 338 -21.62 -22.72 17.12
CA TYR A 338 -22.41 -23.90 16.76
C TYR A 338 -21.61 -24.83 15.86
N THR A 339 -21.13 -25.93 16.42
CA THR A 339 -20.33 -26.89 15.68
C THR A 339 -21.23 -27.87 14.94
N ASN A 340 -20.64 -28.96 14.44
CA ASN A 340 -21.43 -30.00 13.80
C ASN A 340 -21.91 -31.03 14.81
N TYR A 341 -21.24 -31.16 15.96
CA TYR A 341 -21.56 -32.23 16.89
C TYR A 341 -22.89 -31.99 17.58
N ASP A 342 -23.11 -30.78 18.09
CA ASP A 342 -24.40 -30.48 18.69
C ASP A 342 -25.52 -30.55 17.65
N ALA A 343 -25.23 -30.13 16.43
CA ALA A 343 -26.23 -30.21 15.37
C ALA A 343 -26.62 -31.65 15.08
N CYS A 344 -25.64 -32.56 15.03
CA CYS A 344 -25.97 -33.95 14.74
C CYS A 344 -26.62 -34.64 15.93
N LEU A 345 -26.27 -34.25 17.16
CA LEU A 345 -27.02 -34.74 18.32
C LEU A 345 -28.46 -34.28 18.27
N LYS A 346 -28.72 -33.03 17.87
CA LYS A 346 -30.09 -32.58 17.71
C LYS A 346 -30.79 -33.33 16.58
N ILE A 347 -30.05 -33.65 15.51
CA ILE A 347 -30.61 -34.47 14.44
C ILE A 347 -31.07 -35.82 14.99
N ILE A 348 -30.20 -36.48 15.76
CA ILE A 348 -30.54 -37.78 16.33
C ILE A 348 -31.73 -37.66 17.27
N ASN A 349 -31.75 -36.60 18.09
CA ASN A 349 -32.84 -36.41 19.04
C ASN A 349 -34.18 -36.22 18.32
N LEU A 350 -34.21 -35.31 17.33
CA LEU A 350 -35.45 -35.07 16.62
C LEU A 350 -35.88 -36.29 15.81
N MET A 351 -34.93 -37.03 15.26
CA MET A 351 -35.28 -38.23 14.50
C MET A 351 -35.88 -39.31 15.41
N ALA A 352 -35.26 -39.52 16.58
CA ALA A 352 -35.84 -40.45 17.54
C ALA A 352 -37.22 -40.00 18.00
N LEU A 353 -37.38 -38.69 18.23
CA LEU A 353 -38.68 -38.17 18.65
C LEU A 353 -39.72 -38.32 17.55
N GLN A 354 -39.31 -38.15 16.29
CA GLN A 354 -40.25 -38.30 15.17
C GLN A 354 -40.70 -39.74 15.03
N LEU A 355 -39.78 -40.70 15.13
CA LEU A 355 -40.20 -42.10 15.13
C LEU A 355 -41.10 -42.41 16.33
N TYR A 356 -40.76 -41.88 17.52
CA TYR A 356 -41.56 -42.18 18.70
C TYR A 356 -42.98 -41.63 18.58
N ASN A 357 -43.11 -40.38 18.12
CA ASN A 357 -44.43 -39.78 17.99
C ASN A 357 -45.21 -40.38 16.83
N PHE A 358 -44.51 -40.81 15.78
CA PHE A 358 -45.20 -41.35 14.60
C PHE A 358 -45.59 -42.81 14.81
N ASP A 359 -44.62 -43.66 15.16
CA ASP A 359 -44.89 -45.07 15.38
C ASP A 359 -43.91 -45.62 16.42
N LYS A 360 -44.46 -46.05 17.56
CA LYS A 360 -43.62 -46.63 18.61
C LYS A 360 -42.86 -47.85 18.11
N VAL A 361 -43.38 -48.52 17.09
CA VAL A 361 -42.68 -49.67 16.52
C VAL A 361 -41.37 -49.23 15.88
N SER A 362 -41.39 -48.15 15.11
CA SER A 362 -40.17 -47.67 14.47
C SER A 362 -39.16 -47.17 15.50
N PHE A 363 -39.62 -46.43 16.50
CA PHE A 363 -38.70 -45.95 17.52
C PHE A 363 -38.13 -47.11 18.32
N GLU A 364 -38.93 -48.17 18.52
CA GLU A 364 -38.42 -49.35 19.22
C GLU A 364 -37.39 -50.08 18.38
N LYS A 365 -37.63 -50.17 17.07
CA LYS A 365 -36.61 -50.75 16.17
C LYS A 365 -35.33 -49.93 16.21
N PHE A 366 -35.45 -48.61 16.17
CA PHE A 366 -34.30 -47.73 16.32
C PHE A 366 -33.57 -47.98 17.63
N PHE A 367 -34.31 -48.04 18.74
CA PHE A 367 -33.69 -48.19 20.04
C PHE A 367 -32.98 -49.53 20.15
N THR A 368 -33.61 -50.60 19.65
CA THR A 368 -32.98 -51.91 19.75
C THR A 368 -31.77 -52.01 18.82
N HIS A 369 -31.80 -51.33 17.66
CA HIS A 369 -30.61 -51.32 16.81
C HIS A 369 -29.47 -50.56 17.49
N VAL A 370 -29.77 -49.40 18.07
CA VAL A 370 -28.75 -48.62 18.77
C VAL A 370 -28.18 -49.43 19.93
N LEU A 371 -29.04 -50.12 20.68
CA LEU A 371 -28.56 -50.94 21.78
C LEU A 371 -27.70 -52.10 21.28
N ASP A 372 -28.15 -52.81 20.24
CA ASP A 372 -27.38 -53.92 19.71
C ASP A 372 -26.01 -53.47 19.21
N GLU A 373 -25.92 -52.22 18.73
CA GLU A 373 -24.64 -51.77 18.19
C GLU A 373 -23.73 -51.17 19.26
N LEU A 374 -24.31 -50.59 20.32
CA LEU A 374 -23.51 -49.81 21.26
C LEU A 374 -23.50 -50.35 22.68
N LYS A 375 -24.15 -51.48 22.94
CA LYS A 375 -24.21 -52.00 24.30
C LYS A 375 -22.83 -52.34 24.89
N PRO A 376 -21.92 -52.99 24.16
CA PRO A 376 -20.55 -53.13 24.70
C PRO A 376 -19.89 -51.81 25.03
N ASN A 377 -20.18 -50.76 24.26
CA ASN A 377 -19.60 -49.46 24.56
C ASN A 377 -20.07 -48.94 25.91
N PHE A 378 -21.37 -49.07 26.20
CA PHE A 378 -21.89 -48.59 27.48
C PHE A 378 -21.42 -49.48 28.64
N LYS A 379 -21.45 -50.79 28.44
CA LYS A 379 -21.12 -51.70 29.54
C LYS A 379 -19.63 -51.68 29.84
N TYR A 380 -18.79 -51.54 28.82
CA TYR A 380 -17.35 -51.53 28.99
C TYR A 380 -16.87 -50.11 29.30
N GLU A 381 -15.56 -49.90 29.18
CA GLU A 381 -14.94 -48.58 29.35
C GLU A 381 -14.39 -48.07 28.03
N LYS A 382 -15.12 -48.30 26.94
CA LYS A 382 -14.73 -47.85 25.60
C LYS A 382 -15.85 -47.01 25.00
N ASP A 383 -15.49 -45.85 24.44
CA ASP A 383 -16.40 -44.99 23.69
C ASP A 383 -17.64 -44.63 24.52
N LEU A 384 -17.42 -44.24 25.78
CA LEU A 384 -18.54 -43.86 26.63
C LEU A 384 -19.05 -42.46 26.31
N LYS A 385 -18.14 -41.56 25.92
CA LYS A 385 -18.54 -40.17 25.69
C LYS A 385 -19.58 -40.07 24.57
N GLN A 386 -19.24 -40.56 23.38
CA GLN A 386 -20.13 -40.38 22.23
C GLN A 386 -21.45 -41.13 22.42
N THR A 387 -21.38 -42.40 22.83
CA THR A 387 -22.59 -43.20 22.96
C THR A 387 -23.47 -42.70 24.11
N CYS A 388 -22.85 -42.34 25.23
CA CYS A 388 -23.60 -41.80 26.35
C CYS A 388 -24.27 -40.49 25.98
N GLN A 389 -23.58 -39.63 25.22
CA GLN A 389 -24.21 -38.41 24.75
C GLN A 389 -25.34 -38.70 23.77
N ILE A 390 -25.18 -39.76 22.96
CA ILE A 390 -26.24 -40.14 22.03
C ILE A 390 -27.51 -40.50 22.78
N LEU A 391 -27.41 -41.39 23.77
CA LEU A 391 -28.62 -41.75 24.50
C LEU A 391 -29.05 -40.67 25.47
N SER A 392 -28.14 -39.75 25.82
CA SER A 392 -28.54 -38.57 26.59
C SER A 392 -29.44 -37.66 25.78
N ALA A 393 -29.09 -37.43 24.51
CA ALA A 393 -29.96 -36.67 23.63
C ALA A 393 -31.25 -37.44 23.34
N ILE A 394 -31.14 -38.75 23.17
CA ILE A 394 -32.33 -39.57 22.87
C ILE A 394 -33.33 -39.49 24.02
N GLY A 395 -32.87 -39.74 25.25
CA GLY A 395 -33.73 -39.74 26.40
C GLY A 395 -34.23 -38.39 26.84
N SER A 396 -33.65 -37.30 26.34
CA SER A 396 -34.09 -35.96 26.66
C SER A 396 -35.33 -35.56 25.87
N GLY A 397 -35.94 -36.49 25.14
CA GLY A 397 -37.13 -36.20 24.37
C GLY A 397 -38.40 -36.24 25.18
N ASN A 398 -38.60 -37.31 25.95
CA ASN A 398 -39.78 -37.46 26.77
C ASN A 398 -39.41 -38.28 28.01
N VAL A 399 -40.38 -38.43 28.91
CA VAL A 399 -40.14 -39.18 30.14
C VAL A 399 -40.02 -40.67 29.83
N GLU A 400 -40.85 -41.17 28.92
CA GLU A 400 -40.80 -42.60 28.58
C GLU A 400 -39.48 -42.97 27.92
N ILE A 401 -39.00 -42.16 26.98
CA ILE A 401 -37.73 -42.43 26.34
C ILE A 401 -36.59 -42.30 27.33
N PHE A 402 -36.69 -41.35 28.26
CA PHE A 402 -35.69 -41.23 29.32
C PHE A 402 -35.66 -42.49 30.17
N ASN A 403 -36.82 -43.02 30.53
CA ASN A 403 -36.87 -44.26 31.31
C ASN A 403 -36.27 -45.41 30.52
N LYS A 404 -36.55 -45.46 29.22
CA LYS A 404 -35.93 -46.47 28.36
C LYS A 404 -34.41 -46.37 28.40
N VAL A 405 -33.89 -45.15 28.24
CA VAL A 405 -32.44 -44.94 28.24
C VAL A 405 -31.84 -45.35 29.58
N ILE A 406 -32.49 -44.96 30.68
CA ILE A 406 -31.97 -45.27 32.01
C ILE A 406 -31.94 -46.78 32.22
N SER A 407 -33.06 -47.45 31.96
CA SER A 407 -33.13 -48.89 32.17
C SER A 407 -32.23 -49.65 31.21
N SER A 408 -31.87 -49.05 30.09
CA SER A 408 -30.98 -49.71 29.13
C SER A 408 -29.51 -49.47 29.40
N THR A 409 -29.14 -48.38 30.08
CA THR A 409 -27.73 -48.06 30.27
C THR A 409 -27.26 -48.22 31.72
N PHE A 410 -28.04 -47.76 32.71
CA PHE A 410 -27.58 -47.88 34.10
C PHE A 410 -27.23 -49.30 34.51
N PRO A 411 -28.00 -50.34 34.19
CA PRO A 411 -27.56 -51.70 34.53
C PRO A 411 -26.25 -52.10 33.89
N LEU A 412 -25.84 -51.43 32.81
CA LEU A 412 -24.60 -51.79 32.13
C LEU A 412 -23.38 -51.29 32.89
N PHE A 413 -23.44 -50.09 33.47
CA PHE A 413 -22.29 -49.52 34.16
C PHE A 413 -22.57 -49.11 35.61
N LEU A 414 -23.79 -48.67 35.93
CA LEU A 414 -24.06 -48.09 37.25
C LEU A 414 -24.08 -49.22 38.29
N ILE A 415 -22.87 -49.67 38.62
CA ILE A 415 -22.65 -50.71 39.63
C ILE A 415 -21.67 -50.15 40.66
N ASN A 416 -21.92 -50.45 41.93
CA ASN A 416 -21.04 -49.95 42.99
C ASN A 416 -19.60 -50.42 42.75
N THR A 417 -18.68 -49.46 42.78
CA THR A 417 -17.27 -49.77 42.54
C THR A 417 -16.41 -48.63 43.08
N SER A 418 -15.31 -49.02 43.72
CA SER A 418 -14.32 -48.07 44.20
C SER A 418 -13.06 -48.03 43.36
N GLU A 419 -12.94 -48.92 42.37
CA GLU A 419 -11.79 -48.90 41.47
C GLU A 419 -11.74 -47.57 40.71
N VAL A 420 -10.52 -47.07 40.50
CA VAL A 420 -10.38 -45.76 39.86
C VAL A 420 -10.99 -45.77 38.47
N ALA A 421 -10.73 -46.82 37.68
CA ALA A 421 -11.21 -46.85 36.30
C ALA A 421 -12.73 -47.03 36.25
N LYS A 422 -13.24 -48.05 36.94
CA LYS A 422 -14.68 -48.33 36.89
C LYS A 422 -15.48 -47.17 37.46
N LEU A 423 -15.08 -46.66 38.63
CA LEU A 423 -15.79 -45.56 39.24
C LEU A 423 -15.67 -44.28 38.41
N LYS A 424 -14.51 -44.06 37.80
CA LYS A 424 -14.33 -42.86 36.98
C LYS A 424 -15.21 -42.92 35.73
N LEU A 425 -15.27 -44.06 35.06
CA LEU A 425 -16.17 -44.20 33.92
C LEU A 425 -17.63 -44.10 34.35
N LEU A 426 -17.98 -44.67 35.50
CA LEU A 426 -19.34 -44.50 36.02
C LEU A 426 -19.67 -43.03 36.22
N ILE A 427 -18.75 -42.27 36.81
CA ILE A 427 -19.02 -40.88 37.12
C ILE A 427 -19.12 -40.06 35.85
N MET A 428 -18.24 -40.32 34.87
CA MET A 428 -18.28 -39.54 33.64
C MET A 428 -19.47 -39.92 32.78
N ASN A 429 -19.98 -41.16 32.92
CA ASN A 429 -21.25 -41.52 32.31
C ASN A 429 -22.40 -40.75 32.98
N PHE A 430 -22.45 -40.80 34.31
CA PHE A 430 -23.47 -40.07 35.06
C PHE A 430 -23.45 -38.58 34.74
N SER A 431 -22.29 -38.04 34.36
CA SER A 431 -22.19 -36.65 33.94
C SER A 431 -23.03 -36.34 32.71
N PHE A 432 -23.35 -37.35 31.90
CA PHE A 432 -24.23 -37.14 30.75
C PHE A 432 -25.69 -37.42 31.08
N PHE A 433 -25.96 -38.36 31.99
CA PHE A 433 -27.33 -38.61 32.38
C PHE A 433 -27.91 -37.48 33.22
N VAL A 434 -27.07 -36.81 34.03
CA VAL A 434 -27.54 -35.62 34.72
C VAL A 434 -27.91 -34.54 33.71
N ASP A 435 -27.14 -34.43 32.63
CA ASP A 435 -27.44 -33.43 31.61
C ASP A 435 -28.71 -33.77 30.85
N SER A 436 -28.92 -35.06 30.54
CA SER A 436 -30.16 -35.48 29.91
C SER A 436 -31.37 -35.19 30.80
N TYR A 437 -31.24 -35.53 32.08
CA TYR A 437 -32.31 -35.24 33.04
C TYR A 437 -32.59 -33.76 33.13
N ILE A 438 -31.52 -32.94 33.16
CA ILE A 438 -31.68 -31.49 33.21
C ILE A 438 -32.41 -30.98 31.98
N ASP A 439 -31.98 -31.41 30.79
CA ASP A 439 -32.59 -30.92 29.56
C ASP A 439 -34.04 -31.37 29.46
N LEU A 440 -34.37 -32.54 30.00
CA LEU A 440 -35.73 -33.03 29.90
C LEU A 440 -36.64 -32.32 30.90
N PHE A 441 -36.13 -31.97 32.08
CA PHE A 441 -37.00 -31.52 33.17
C PHE A 441 -36.77 -30.05 33.55
N GLY A 442 -35.56 -29.67 33.92
CA GLY A 442 -35.30 -28.29 34.30
C GLY A 442 -34.04 -28.18 35.13
N ARG A 443 -34.02 -27.18 36.01
CA ARG A 443 -32.96 -26.97 37.00
C ARG A 443 -33.52 -26.27 38.23
N THR A 444 -32.64 -26.08 39.22
CA THR A 444 -33.03 -25.48 40.48
C THR A 444 -33.44 -24.03 40.33
N SER A 445 -34.40 -23.63 41.16
CA SER A 445 -34.61 -22.25 41.53
C SER A 445 -34.73 -22.20 43.04
N LYS A 446 -34.49 -21.03 43.63
CA LYS A 446 -34.55 -20.92 45.09
C LYS A 446 -35.96 -21.19 45.60
N GLU A 447 -36.96 -21.10 44.72
CA GLU A 447 -38.32 -21.50 45.07
C GLU A 447 -38.58 -22.97 44.77
N SER A 448 -37.84 -23.56 43.82
CA SER A 448 -37.99 -24.96 43.46
C SER A 448 -36.91 -25.83 44.08
N LEU A 449 -36.48 -25.51 45.29
CA LEU A 449 -35.43 -26.24 45.98
C LEU A 449 -35.88 -27.60 46.49
N GLY A 450 -37.19 -27.84 46.56
CA GLY A 450 -37.71 -29.10 47.04
C GLY A 450 -38.73 -29.73 46.13
N THR A 451 -39.13 -29.01 45.09
CA THR A 451 -40.15 -29.50 44.18
C THR A 451 -39.56 -30.51 43.20
N PRO A 452 -40.05 -31.74 43.16
CA PRO A 452 -39.56 -32.71 42.19
C PRO A 452 -40.43 -32.77 40.93
N VAL A 453 -39.84 -33.31 39.88
CA VAL A 453 -40.53 -33.47 38.60
C VAL A 453 -41.45 -34.68 38.72
N PRO A 454 -42.52 -34.78 37.90
CA PRO A 454 -43.53 -35.82 38.13
C PRO A 454 -43.00 -37.25 38.09
N ASN A 455 -42.41 -37.67 36.98
CA ASN A 455 -41.98 -39.05 36.84
C ASN A 455 -40.70 -39.13 36.02
N ASN A 456 -39.94 -40.19 36.28
CA ASN A 456 -38.70 -40.49 35.58
C ASN A 456 -38.18 -41.81 36.11
N LYS A 457 -37.19 -42.36 35.41
CA LYS A 457 -36.52 -43.57 35.87
C LYS A 457 -35.30 -43.27 36.73
N MET A 458 -34.81 -42.03 36.71
CA MET A 458 -33.67 -41.66 37.54
C MET A 458 -34.04 -41.63 39.02
N ALA A 459 -35.32 -41.38 39.33
CA ALA A 459 -35.78 -41.44 40.72
C ALA A 459 -35.62 -42.85 41.28
N GLU A 460 -35.90 -43.86 40.45
CA GLU A 460 -35.68 -45.23 40.88
C GLU A 460 -34.21 -45.53 41.09
N TYR A 461 -33.33 -44.81 40.39
CA TYR A 461 -31.88 -44.97 40.52
C TYR A 461 -31.25 -43.86 41.34
N LYS A 462 -32.04 -42.99 41.97
CA LYS A 462 -31.48 -41.87 42.71
C LYS A 462 -30.70 -42.34 43.93
N ASP A 463 -31.19 -43.37 44.62
CA ASP A 463 -30.46 -43.91 45.75
C ASP A 463 -29.11 -44.48 45.32
N GLU A 464 -29.09 -45.18 44.19
CA GLU A 464 -27.84 -45.79 43.72
C GLU A 464 -26.81 -44.73 43.34
N ILE A 465 -27.24 -43.68 42.63
CA ILE A 465 -26.30 -42.63 42.23
C ILE A 465 -25.83 -41.85 43.45
N ILE A 466 -26.72 -41.61 44.41
CA ILE A 466 -26.33 -40.93 45.64
C ILE A 466 -25.28 -41.75 46.38
N MET A 467 -25.52 -43.06 46.51
CA MET A 467 -24.59 -43.93 47.21
C MET A 467 -23.24 -44.00 46.50
N ILE A 468 -23.25 -44.13 45.17
CA ILE A 468 -21.99 -44.26 44.44
C ILE A 468 -21.20 -42.95 44.52
N LEU A 469 -21.88 -41.80 44.45
CA LEU A 469 -21.19 -40.53 44.61
C LEU A 469 -20.64 -40.38 46.02
N SER A 470 -21.41 -40.80 47.03
CA SER A 470 -20.95 -40.67 48.40
C SER A 470 -19.72 -41.52 48.66
N MET A 471 -19.69 -42.73 48.11
CA MET A 471 -18.52 -43.57 48.29
C MET A 471 -17.40 -43.16 47.36
N ALA A 472 -17.71 -42.41 46.30
CA ALA A 472 -16.68 -41.93 45.39
C ALA A 472 -15.92 -40.75 45.99
N LEU A 473 -16.63 -39.86 46.68
CA LEU A 473 -15.96 -38.77 47.38
C LEU A 473 -15.42 -39.22 48.74
N THR A 474 -16.29 -39.71 49.61
CA THR A 474 -15.89 -40.16 50.94
C THR A 474 -15.90 -41.68 51.02
N ARG A 475 -15.41 -42.19 52.14
CA ARG A 475 -15.07 -43.61 52.30
C ARG A 475 -14.20 -44.03 51.11
N SER A 476 -13.24 -43.18 50.78
CA SER A 476 -12.30 -43.40 49.69
C SER A 476 -10.93 -42.88 50.10
N SER A 477 -9.90 -43.37 49.41
CA SER A 477 -8.53 -43.00 49.74
C SER A 477 -8.27 -41.53 49.45
N LYS A 478 -7.34 -40.93 50.21
CA LYS A 478 -7.03 -39.52 50.08
C LYS A 478 -6.21 -39.20 48.85
N ALA A 479 -5.70 -40.20 48.14
CA ALA A 479 -4.88 -39.97 46.95
C ALA A 479 -5.70 -39.76 45.69
N GLU A 480 -7.03 -39.84 45.78
CA GLU A 480 -7.91 -39.70 44.62
C GLU A 480 -8.10 -38.22 44.32
N VAL A 481 -7.46 -37.76 43.25
CA VAL A 481 -7.69 -36.39 42.80
C VAL A 481 -8.80 -36.31 41.76
N THR A 482 -8.69 -37.09 40.67
CA THR A 482 -9.72 -37.07 39.64
C THR A 482 -11.02 -37.66 40.15
N ILE A 483 -10.93 -38.75 40.93
CA ILE A 483 -12.13 -39.40 41.44
C ILE A 483 -12.91 -38.44 42.33
N ARG A 484 -12.24 -37.79 43.28
CA ARG A 484 -12.94 -36.91 44.19
C ARG A 484 -13.38 -35.60 43.52
N THR A 485 -12.58 -35.10 42.58
CA THR A 485 -13.01 -33.93 41.82
C THR A 485 -14.29 -34.22 41.03
N LEU A 486 -14.31 -35.34 40.30
CA LEU A 486 -15.52 -35.73 39.59
C LEU A 486 -16.65 -36.03 40.56
N SER A 487 -16.33 -36.53 41.74
CA SER A 487 -17.34 -36.82 42.74
C SER A 487 -18.04 -35.56 43.21
N VAL A 488 -17.26 -34.54 43.59
CA VAL A 488 -17.87 -33.28 44.02
C VAL A 488 -18.56 -32.59 42.85
N ILE A 489 -18.02 -32.73 41.64
CA ILE A 489 -18.66 -32.10 40.49
C ILE A 489 -20.02 -32.72 40.22
N GLN A 490 -20.11 -34.06 40.28
CA GLN A 490 -21.40 -34.71 40.06
C GLN A 490 -22.35 -34.49 41.23
N PHE A 491 -21.80 -34.37 42.45
CA PHE A 491 -22.63 -33.97 43.59
C PHE A 491 -23.28 -32.62 43.32
N THR A 492 -22.48 -31.64 42.90
CA THR A 492 -23.00 -30.31 42.63
C THR A 492 -24.00 -30.33 41.48
N LYS A 493 -23.69 -31.06 40.40
CA LYS A 493 -24.59 -31.13 39.25
C LYS A 493 -25.90 -31.80 39.63
N MET A 494 -25.86 -32.81 40.50
CA MET A 494 -27.09 -33.47 40.92
C MET A 494 -27.89 -32.56 41.85
N ILE A 495 -27.21 -31.74 42.65
CA ILE A 495 -27.88 -30.70 43.43
C ILE A 495 -28.57 -29.71 42.49
N LYS A 496 -27.97 -29.46 41.32
CA LYS A 496 -28.48 -28.43 40.43
C LYS A 496 -29.85 -28.77 39.87
N MET A 497 -30.37 -29.95 40.16
CA MET A 497 -31.73 -30.24 39.73
C MET A 497 -32.79 -29.77 40.71
N LYS A 498 -33.84 -29.17 40.14
CA LYS A 498 -34.97 -28.64 40.88
C LYS A 498 -35.55 -29.67 41.84
N GLY A 499 -35.37 -29.41 43.13
CA GLY A 499 -35.96 -30.19 44.20
C GLY A 499 -35.99 -31.71 44.03
N PHE A 500 -34.94 -32.28 43.44
CA PHE A 500 -34.87 -33.72 43.28
C PHE A 500 -34.06 -34.39 44.39
N LEU A 501 -33.33 -33.60 45.18
CA LEU A 501 -32.60 -34.10 46.34
C LEU A 501 -33.09 -33.36 47.58
N THR A 502 -33.36 -34.11 48.64
CA THR A 502 -33.91 -33.54 49.86
C THR A 502 -32.85 -32.70 50.57
N PRO A 503 -33.28 -31.81 51.47
CA PRO A 503 -32.28 -31.07 52.28
C PRO A 503 -31.36 -31.99 53.07
N GLU A 504 -31.80 -33.20 53.40
CA GLU A 504 -30.91 -34.16 54.04
C GLU A 504 -29.76 -34.53 53.11
N GLU A 505 -30.05 -34.75 51.83
CA GLU A 505 -29.00 -35.11 50.88
C GLU A 505 -27.99 -33.99 50.72
N VAL A 506 -28.45 -32.75 50.59
CA VAL A 506 -27.51 -31.65 50.44
C VAL A 506 -26.77 -31.40 51.74
N SER A 507 -27.39 -31.67 52.89
CA SER A 507 -26.68 -31.57 54.16
C SER A 507 -25.54 -32.58 54.22
N LEU A 508 -25.81 -33.82 53.81
CA LEU A 508 -24.77 -34.84 53.76
C LEU A 508 -23.67 -34.44 52.78
N ILE A 509 -24.04 -33.85 51.65
CA ILE A 509 -23.05 -33.42 50.66
C ILE A 509 -22.20 -32.29 51.22
N ILE A 510 -22.81 -31.35 51.94
CA ILE A 510 -22.07 -30.26 52.57
C ILE A 510 -21.09 -30.81 53.59
N GLN A 511 -21.54 -31.76 54.42
CA GLN A 511 -20.67 -32.37 55.41
C GLN A 511 -19.50 -33.09 54.74
N TYR A 512 -19.79 -33.81 53.65
CA TYR A 512 -18.72 -34.49 52.91
C TYR A 512 -17.70 -33.48 52.37
N PHE A 513 -18.19 -32.40 51.76
CA PHE A 513 -17.29 -31.39 51.22
C PHE A 513 -16.42 -30.79 52.30
N THR A 514 -17.02 -30.41 53.43
CA THR A 514 -16.28 -29.78 54.51
C THR A 514 -15.26 -30.73 55.11
N GLU A 515 -15.66 -31.98 55.38
CA GLU A 515 -14.73 -32.93 55.95
C GLU A 515 -13.56 -33.20 55.01
N GLU A 516 -13.84 -33.40 53.72
CA GLU A 516 -12.78 -33.75 52.79
C GLU A 516 -11.93 -32.53 52.45
N ILE A 517 -12.43 -31.32 52.70
CA ILE A 517 -11.63 -30.14 52.42
C ILE A 517 -10.76 -29.77 53.62
N LEU A 518 -11.20 -30.06 54.84
CA LEU A 518 -10.32 -29.84 56.00
C LEU A 518 -9.31 -30.97 56.17
N THR A 519 -9.69 -32.21 55.84
CA THR A 519 -8.76 -33.32 55.99
C THR A 519 -7.61 -33.24 54.99
N ASP A 520 -7.93 -33.12 53.71
CA ASP A 520 -6.93 -33.16 52.65
C ASP A 520 -6.53 -31.76 52.21
N ASN A 521 -5.22 -31.54 52.08
CA ASN A 521 -4.69 -30.29 51.54
C ASN A 521 -4.64 -30.32 50.02
N ASN A 522 -4.90 -31.47 49.40
CA ASN A 522 -4.77 -31.59 47.96
C ASN A 522 -5.62 -30.55 47.27
N LYS A 523 -4.97 -29.55 46.69
CA LYS A 523 -5.66 -28.37 46.20
C LYS A 523 -6.67 -28.73 45.12
N ASN A 524 -6.50 -29.88 44.47
CA ASN A 524 -7.55 -30.40 43.60
C ASN A 524 -8.85 -30.60 44.37
N ILE A 525 -8.82 -31.51 45.34
CA ILE A 525 -10.02 -31.77 46.15
C ILE A 525 -10.38 -30.55 46.96
N TYR A 526 -9.37 -29.81 47.45
CA TYR A 526 -9.62 -28.59 48.21
C TYR A 526 -10.48 -27.60 47.42
N TYR A 527 -10.02 -27.22 46.23
CA TYR A 527 -10.73 -26.19 45.48
C TYR A 527 -11.98 -26.73 44.83
N ALA A 528 -12.03 -28.04 44.53
CA ALA A 528 -13.26 -28.63 44.03
C ALA A 528 -14.34 -28.63 45.11
N CYS A 529 -13.97 -28.93 46.36
CA CYS A 529 -14.91 -28.83 47.46
C CYS A 529 -15.30 -27.40 47.73
N LEU A 530 -14.37 -26.46 47.54
CA LEU A 530 -14.72 -25.05 47.63
C LEU A 530 -15.77 -24.67 46.59
N GLU A 531 -15.59 -25.13 45.35
CA GLU A 531 -16.56 -24.84 44.30
C GLU A 531 -17.92 -25.46 44.63
N GLY A 532 -17.93 -26.70 45.10
CA GLY A 532 -19.19 -27.33 45.48
C GLY A 532 -19.89 -26.60 46.62
N LEU A 533 -19.13 -26.22 47.64
CA LEU A 533 -19.72 -25.50 48.77
C LEU A 533 -20.23 -24.13 48.36
N LYS A 534 -19.52 -23.46 47.46
CA LYS A 534 -19.97 -22.15 46.99
C LYS A 534 -21.25 -22.26 46.17
N THR A 535 -21.35 -23.31 45.34
CA THR A 535 -22.57 -23.51 44.56
C THR A 535 -23.73 -23.86 45.49
N ILE A 536 -23.49 -24.68 46.51
CA ILE A 536 -24.53 -24.94 47.49
C ILE A 536 -24.93 -23.65 48.20
N SER A 537 -23.95 -22.79 48.50
CA SER A 537 -24.25 -21.52 49.16
C SER A 537 -25.14 -20.64 48.28
N GLU A 538 -24.85 -20.60 46.97
CA GLU A 538 -25.69 -19.82 46.08
C GLU A 538 -27.02 -20.49 45.78
N ILE A 539 -27.18 -21.77 46.11
CA ILE A 539 -28.45 -22.46 45.85
C ILE A 539 -29.12 -22.89 47.15
N TYR A 540 -28.38 -22.88 48.26
CA TYR A 540 -28.91 -23.28 49.58
C TYR A 540 -28.25 -22.38 50.62
N GLU A 541 -28.94 -21.33 51.02
CA GLU A 541 -28.40 -20.42 52.03
C GLU A 541 -28.31 -21.09 53.40
N ASP A 542 -29.47 -21.46 53.95
CA ASP A 542 -29.52 -21.96 55.33
C ASP A 542 -28.76 -23.27 55.47
N LEU A 543 -28.80 -24.13 54.45
CA LEU A 543 -28.16 -25.44 54.56
C LEU A 543 -26.65 -25.31 54.76
N VAL A 544 -25.98 -24.58 53.87
CA VAL A 544 -24.54 -24.42 53.99
C VAL A 544 -24.20 -23.65 55.26
N PHE A 545 -24.96 -22.58 55.55
CA PHE A 545 -24.67 -21.79 56.74
C PHE A 545 -24.81 -22.62 58.02
N GLU A 546 -25.71 -23.61 58.01
CA GLU A 546 -25.93 -24.40 59.21
C GLU A 546 -24.87 -25.48 59.36
N ILE A 547 -24.60 -26.23 58.29
CA ILE A 547 -23.65 -27.34 58.40
C ILE A 547 -22.20 -26.88 58.29
N SER A 548 -21.82 -26.23 57.19
CA SER A 548 -20.40 -25.96 56.97
C SER A 548 -19.92 -24.74 57.74
N LEU A 549 -20.63 -23.61 57.60
CA LEU A 549 -20.14 -22.35 58.16
C LEU A 549 -20.09 -22.39 59.67
N LYS A 550 -21.15 -22.90 60.32
CA LYS A 550 -21.16 -22.94 61.78
C LYS A 550 -20.08 -23.87 62.32
N LYS A 551 -19.92 -25.04 61.71
CA LYS A 551 -18.85 -25.95 62.11
C LYS A 551 -17.49 -25.29 61.98
N LEU A 552 -17.23 -24.66 60.83
CA LEU A 552 -15.95 -24.00 60.60
C LEU A 552 -15.69 -22.90 61.61
N LEU A 553 -16.74 -22.14 61.96
CA LEU A 553 -16.61 -21.14 63.02
C LEU A 553 -16.37 -21.80 64.37
N ASP A 554 -16.80 -23.05 64.54
CA ASP A 554 -16.61 -23.73 65.81
C ASP A 554 -15.23 -24.37 65.95
N LEU A 555 -14.58 -24.72 64.84
CA LEU A 555 -13.25 -25.32 64.93
C LEU A 555 -12.25 -24.40 65.61
N LEU A 556 -12.33 -23.10 65.34
CA LEU A 556 -11.35 -22.16 65.92
C LEU A 556 -11.50 -22.10 67.44
N PRO A 557 -10.40 -22.04 68.18
CA PRO A 557 -10.47 -22.12 69.65
C PRO A 557 -10.52 -20.76 70.32
N ASP A 558 -10.46 -20.79 71.66
CA ASP A 558 -10.46 -19.56 72.44
C ASP A 558 -9.20 -18.74 72.25
N CYS A 559 -8.04 -19.39 72.14
CA CYS A 559 -6.76 -18.70 72.08
C CYS A 559 -6.17 -18.78 70.68
N PHE A 560 -5.41 -17.76 70.33
CA PHE A 560 -4.77 -17.71 69.02
C PHE A 560 -3.54 -18.61 68.97
N GLU A 561 -3.13 -18.95 67.74
CA GLU A 561 -1.94 -19.74 67.48
C GLU A 561 -2.07 -21.15 68.07
N GLU A 562 -3.18 -21.78 67.75
CA GLU A 562 -3.44 -23.17 68.09
C GLU A 562 -3.55 -23.99 66.82
N LYS A 563 -3.44 -25.32 66.96
CA LYS A 563 -3.61 -26.24 65.85
C LYS A 563 -5.09 -26.60 65.78
N ILE A 564 -5.72 -26.24 64.67
CA ILE A 564 -7.15 -26.50 64.50
C ILE A 564 -7.34 -27.97 64.20
N ARG A 565 -7.63 -28.76 65.23
CA ARG A 565 -7.64 -30.22 65.12
C ARG A 565 -8.97 -30.62 64.50
N VAL A 566 -8.94 -30.84 63.19
CA VAL A 566 -10.13 -31.33 62.49
C VAL A 566 -10.51 -32.71 63.00
N ASN A 567 -9.54 -33.59 63.19
CA ASN A 567 -9.76 -34.94 63.68
C ASN A 567 -8.55 -35.36 64.48
N ASP A 568 -8.39 -36.67 64.67
CA ASP A 568 -7.32 -37.19 65.53
C ASP A 568 -5.94 -36.78 65.00
N GLU A 569 -5.75 -36.80 63.68
CA GLU A 569 -4.45 -36.49 63.10
C GLU A 569 -4.42 -35.21 62.28
N GLU A 570 -5.25 -35.09 61.26
CA GLU A 570 -5.21 -33.95 60.35
C GLU A 570 -5.69 -32.69 61.04
N ASN A 571 -4.92 -31.62 60.91
CA ASN A 571 -5.24 -30.32 61.47
C ASN A 571 -4.96 -29.23 60.44
N ILE A 572 -5.74 -28.15 60.52
CA ILE A 572 -5.56 -27.00 59.65
C ILE A 572 -5.07 -25.83 60.49
N HIS A 573 -4.65 -24.77 59.80
CA HIS A 573 -4.13 -23.60 60.50
C HIS A 573 -5.27 -22.77 61.08
N ILE A 574 -4.92 -21.88 62.00
CA ILE A 574 -5.91 -20.96 62.58
C ILE A 574 -6.43 -20.01 61.51
N GLU A 575 -5.58 -19.65 60.55
CA GLU A 575 -6.00 -18.77 59.45
C GLU A 575 -6.75 -19.52 58.36
N THR A 576 -6.78 -20.86 58.42
CA THR A 576 -7.53 -21.62 57.42
C THR A 576 -9.03 -21.32 57.51
N ILE A 577 -9.55 -21.21 58.73
CA ILE A 577 -10.95 -20.86 58.91
C ILE A 577 -11.25 -19.49 58.31
N LEU A 578 -10.35 -18.52 58.56
CA LEU A 578 -10.53 -17.18 58.01
C LEU A 578 -10.50 -17.21 56.49
N LYS A 579 -9.58 -17.97 55.91
CA LYS A 579 -9.50 -18.06 54.45
C LYS A 579 -10.75 -18.71 53.86
N ILE A 580 -11.28 -19.74 54.53
CA ILE A 580 -12.49 -20.39 54.05
C ILE A 580 -13.67 -19.43 54.14
N ILE A 581 -13.74 -18.64 55.22
CA ILE A 581 -14.78 -17.62 55.34
C ILE A 581 -14.65 -16.60 54.22
N LEU A 582 -13.41 -16.25 53.86
CA LEU A 582 -13.19 -15.32 52.75
C LEU A 582 -13.61 -15.93 51.42
N ASP A 583 -13.51 -17.25 51.30
CA ASP A 583 -13.83 -17.92 50.04
C ASP A 583 -15.29 -17.72 49.64
N PHE A 584 -16.22 -18.27 50.42
CA PHE A 584 -17.63 -18.11 50.14
C PHE A 584 -18.22 -17.05 51.08
N THR A 585 -19.55 -16.98 51.17
CA THR A 585 -20.29 -15.89 51.80
C THR A 585 -20.05 -14.55 51.12
N THR A 586 -19.46 -14.58 49.92
CA THR A 586 -19.25 -13.33 49.18
C THR A 586 -20.53 -12.80 48.55
N SER A 587 -21.54 -13.66 48.39
CA SER A 587 -22.82 -13.23 47.83
C SER A 587 -24.00 -13.85 48.55
N ARG A 588 -23.81 -14.37 49.76
CA ARG A 588 -24.85 -15.06 50.50
C ARG A 588 -25.26 -14.19 51.70
N HIS A 589 -26.44 -13.59 51.63
CA HIS A 589 -26.84 -12.57 52.59
C HIS A 589 -26.83 -13.10 54.02
N ILE A 590 -27.54 -14.20 54.26
CA ILE A 590 -27.59 -14.77 55.61
C ILE A 590 -26.21 -15.21 56.05
N LEU A 591 -25.51 -15.93 55.16
CA LEU A 591 -24.15 -16.39 55.49
C LEU A 591 -23.25 -15.22 55.82
N VAL A 592 -23.24 -14.18 54.99
CA VAL A 592 -22.29 -13.10 55.19
C VAL A 592 -22.63 -12.30 56.43
N LYS A 593 -23.93 -12.08 56.71
CA LYS A 593 -24.31 -11.30 57.88
C LYS A 593 -23.98 -12.04 59.16
N GLU A 594 -24.37 -13.33 59.24
CA GLU A 594 -24.06 -14.10 60.43
C GLU A 594 -22.56 -14.30 60.58
N SER A 595 -21.83 -14.38 59.46
CA SER A 595 -20.38 -14.50 59.53
C SER A 595 -19.76 -13.22 60.07
N ILE A 596 -20.23 -12.06 59.62
CA ILE A 596 -19.72 -10.81 60.15
C ILE A 596 -19.97 -10.74 61.65
N THR A 597 -21.18 -11.12 62.07
CA THR A 597 -21.52 -11.08 63.49
C THR A 597 -20.62 -12.02 64.30
N PHE A 598 -20.42 -13.24 63.82
CA PHE A 598 -19.63 -14.20 64.57
C PHE A 598 -18.16 -13.83 64.58
N LEU A 599 -17.65 -13.28 63.47
CA LEU A 599 -16.25 -12.85 63.43
C LEU A 599 -16.04 -11.65 64.35
N ALA A 600 -17.02 -10.76 64.46
CA ALA A 600 -16.92 -9.69 65.45
C ALA A 600 -16.95 -10.25 66.87
N THR A 601 -17.81 -11.25 67.11
CA THR A 601 -17.85 -11.89 68.43
C THR A 601 -16.50 -12.49 68.78
N LYS A 602 -15.88 -13.21 67.84
CA LYS A 602 -14.59 -13.82 68.09
C LYS A 602 -13.48 -12.77 68.20
N LEU A 603 -13.58 -11.67 67.46
CA LEU A 603 -12.64 -10.58 67.63
C LEU A 603 -12.68 -10.05 69.06
N ASN A 604 -13.89 -9.77 69.55
CA ASN A 604 -14.06 -9.32 70.93
C ASN A 604 -13.52 -10.36 71.91
N ARG A 605 -13.82 -11.64 71.67
CA ARG A 605 -13.43 -12.68 72.61
C ARG A 605 -11.92 -12.87 72.65
N VAL A 606 -11.27 -12.92 71.49
CA VAL A 606 -9.83 -13.12 71.44
C VAL A 606 -9.09 -11.88 71.91
N ALA A 607 -9.77 -10.73 71.94
CA ALA A 607 -9.14 -9.56 72.53
C ALA A 607 -9.33 -9.52 74.04
N LYS A 608 -10.47 -10.03 74.53
CA LYS A 608 -10.79 -9.91 75.96
C LYS A 608 -10.19 -11.06 76.75
N ILE A 609 -10.61 -12.30 76.46
CA ILE A 609 -10.12 -13.45 77.20
C ILE A 609 -8.78 -13.97 76.67
N SER A 610 -8.36 -13.53 75.49
CA SER A 610 -7.07 -13.90 74.93
C SER A 610 -6.28 -12.63 74.67
N LYS A 611 -5.00 -12.80 74.38
CA LYS A 611 -4.09 -11.70 74.10
C LYS A 611 -3.43 -11.98 72.75
N SER A 612 -4.06 -11.50 71.68
CA SER A 612 -3.56 -11.72 70.33
C SER A 612 -3.68 -10.42 69.53
N ARG A 613 -2.78 -10.27 68.56
CA ARG A 613 -2.80 -9.14 67.64
C ARG A 613 -3.08 -9.57 66.21
N GLU A 614 -2.36 -10.58 65.72
CA GLU A 614 -2.53 -11.00 64.33
C GLU A 614 -3.91 -11.61 64.10
N TYR A 615 -4.45 -12.29 65.10
CA TYR A 615 -5.79 -12.87 64.94
C TYR A 615 -6.85 -11.77 64.89
N CYS A 616 -6.71 -10.76 65.76
CA CYS A 616 -7.63 -9.62 65.70
C CYS A 616 -7.51 -8.89 64.36
N PHE A 617 -6.28 -8.71 63.88
CA PHE A 617 -6.07 -8.05 62.60
C PHE A 617 -6.71 -8.84 61.47
N LEU A 618 -6.49 -10.16 61.45
CA LEU A 618 -7.05 -10.98 60.38
C LEU A 618 -8.58 -11.00 60.45
N LEU A 619 -9.14 -11.03 61.66
CA LEU A 619 -10.59 -11.05 61.81
C LEU A 619 -11.21 -9.74 61.33
N ILE A 620 -10.61 -8.61 61.71
CA ILE A 620 -11.16 -7.32 61.30
C ILE A 620 -10.95 -7.11 59.81
N SER A 621 -9.86 -7.65 59.25
CA SER A 621 -9.65 -7.58 57.81
C SER A 621 -10.65 -8.45 57.06
N THR A 622 -11.01 -9.60 57.63
CA THR A 622 -12.04 -10.44 57.04
C THR A 622 -13.40 -9.75 57.08
N ILE A 623 -13.69 -9.06 58.19
CA ILE A 623 -14.92 -8.27 58.27
C ILE A 623 -14.92 -7.19 57.20
N TYR A 624 -13.80 -6.49 57.03
CA TYR A 624 -13.67 -5.49 55.98
C TYR A 624 -13.89 -6.09 54.60
N SER A 625 -13.31 -7.27 54.35
CA SER A 625 -13.42 -7.88 53.03
C SER A 625 -14.84 -8.35 52.75
N LEU A 626 -15.52 -8.89 53.77
CA LEU A 626 -16.91 -9.32 53.57
C LEU A 626 -17.83 -8.12 53.38
N PHE A 627 -17.54 -7.00 54.05
CA PHE A 627 -18.31 -5.78 53.79
C PHE A 627 -18.06 -5.26 52.38
N ASN A 628 -16.81 -5.35 51.91
CA ASN A 628 -16.48 -4.87 50.58
C ASN A 628 -17.11 -5.74 49.50
N ASN A 629 -17.10 -7.06 49.69
CA ASN A 629 -17.69 -7.97 48.72
C ASN A 629 -19.19 -7.78 48.59
N ASN A 630 -19.82 -7.15 49.57
CA ASN A 630 -21.25 -6.86 49.55
C ASN A 630 -21.57 -5.46 49.06
N ASN A 631 -20.76 -4.47 49.44
CA ASN A 631 -20.92 -3.13 48.90
C ASN A 631 -20.56 -3.06 47.42
N GLN A 632 -19.86 -4.07 46.90
CA GLN A 632 -19.66 -4.20 45.47
C GLN A 632 -20.92 -4.67 44.75
N ASN A 633 -21.86 -5.29 45.48
CA ASN A 633 -23.10 -5.78 44.90
C ASN A 633 -24.31 -4.97 45.32
N GLU A 634 -24.23 -4.26 46.44
CA GLU A 634 -25.31 -3.41 46.97
C GLU A 634 -26.58 -4.21 47.31
N ASN A 635 -26.51 -5.53 47.24
CA ASN A 635 -27.67 -6.36 47.55
C ASN A 635 -27.38 -7.52 48.49
N VAL A 636 -26.13 -7.97 48.61
CA VAL A 636 -25.81 -9.04 49.54
C VAL A 636 -26.07 -8.56 50.96
N LEU A 637 -25.64 -7.34 51.28
CA LEU A 637 -26.15 -6.59 52.42
C LEU A 637 -26.90 -5.38 51.90
N ASN A 638 -28.23 -5.42 51.98
CA ASN A 638 -29.04 -4.31 51.54
C ASN A 638 -28.85 -3.11 52.47
N GLU A 639 -29.57 -2.03 52.18
CA GLU A 639 -29.48 -0.83 53.01
C GLU A 639 -29.91 -1.14 54.44
N GLU A 640 -31.09 -1.74 54.59
CA GLU A 640 -31.58 -2.10 55.93
C GLU A 640 -30.80 -3.27 56.50
N ASP A 641 -30.36 -4.20 55.64
CA ASP A 641 -29.54 -5.31 56.11
C ASP A 641 -28.20 -4.81 56.65
N ALA A 642 -27.57 -3.88 55.92
CA ALA A 642 -26.32 -3.30 56.41
C ALA A 642 -26.57 -2.48 57.67
N LEU A 643 -27.71 -1.81 57.77
CA LEU A 643 -28.04 -1.09 58.99
C LEU A 643 -28.16 -2.03 60.18
N ALA A 644 -28.85 -3.16 60.01
CA ALA A 644 -29.01 -4.11 61.10
C ALA A 644 -27.68 -4.72 61.49
N LEU A 645 -26.85 -5.08 60.50
CA LEU A 645 -25.56 -5.66 60.82
C LEU A 645 -24.64 -4.64 61.49
N LYS A 646 -24.77 -3.36 61.09
CA LYS A 646 -24.07 -2.29 61.77
C LYS A 646 -24.52 -2.18 63.23
N ASN A 647 -25.83 -2.19 63.47
CA ASN A 647 -26.33 -2.12 64.84
C ASN A 647 -25.87 -3.32 65.65
N ALA A 648 -25.61 -4.45 64.99
CA ALA A 648 -25.07 -5.62 65.67
C ALA A 648 -23.58 -5.47 65.99
N ILE A 649 -22.79 -4.93 65.07
CA ILE A 649 -21.34 -5.02 65.15
C ILE A 649 -20.74 -3.80 65.85
N GLU A 650 -21.44 -2.66 65.78
CA GLU A 650 -20.88 -1.41 66.28
C GLU A 650 -20.74 -1.39 67.80
N PRO A 651 -21.75 -1.76 68.60
CA PRO A 651 -21.49 -1.89 70.05
C PRO A 651 -20.43 -2.93 70.33
N LYS A 652 -20.39 -4.01 69.56
CA LYS A 652 -19.32 -5.00 69.65
C LYS A 652 -17.97 -4.41 69.23
N LEU A 653 -17.96 -3.27 68.55
CA LEU A 653 -16.72 -2.61 68.18
C LEU A 653 -16.26 -1.58 69.20
N PHE A 654 -17.19 -0.82 69.80
CA PHE A 654 -16.78 0.04 70.90
C PHE A 654 -16.44 -0.74 72.17
N GLU A 655 -17.04 -1.91 72.39
CA GLU A 655 -16.70 -2.67 73.58
C GLU A 655 -15.30 -3.28 73.46
N ILE A 656 -14.83 -3.47 72.23
CA ILE A 656 -13.45 -3.90 72.02
C ILE A 656 -12.52 -2.69 71.85
N ILE A 657 -13.08 -1.52 71.54
CA ILE A 657 -12.33 -0.29 71.67
C ILE A 657 -11.93 -0.04 73.12
N THR A 658 -12.87 -0.26 74.04
CA THR A 658 -12.62 0.03 75.45
C THR A 658 -11.47 -0.82 76.00
N GLN A 659 -11.47 -2.11 75.70
CA GLN A 659 -10.37 -2.97 76.12
C GLN A 659 -9.21 -2.80 75.14
N GLU A 660 -7.99 -3.00 75.67
CA GLU A 660 -6.79 -2.64 74.90
C GLU A 660 -6.74 -3.38 73.56
N SER A 661 -7.07 -4.66 73.57
CA SER A 661 -7.32 -5.45 72.36
C SER A 661 -6.10 -5.37 71.43
N ALA A 662 -6.35 -5.45 70.13
CA ALA A 662 -5.35 -5.19 69.11
C ALA A 662 -5.81 -4.17 68.10
N ILE A 663 -7.03 -3.65 68.24
CA ILE A 663 -7.52 -2.58 67.38
C ILE A 663 -7.17 -1.22 67.97
N VAL A 664 -7.00 -1.14 69.29
CA VAL A 664 -6.50 0.10 69.89
C VAL A 664 -4.99 0.01 70.08
N SER A 665 -4.48 -1.18 70.44
CA SER A 665 -3.04 -1.38 70.52
C SER A 665 -2.36 -1.21 69.17
N ASP A 666 -2.96 -1.72 68.10
CA ASP A 666 -2.46 -1.53 66.75
C ASP A 666 -3.36 -0.55 66.01
N ASN A 667 -2.75 0.53 65.50
CA ASN A 667 -3.54 1.52 64.77
C ASN A 667 -3.95 1.01 63.40
N TYR A 668 -3.28 -0.04 62.90
CA TYR A 668 -3.68 -0.63 61.62
C TYR A 668 -5.03 -1.31 61.74
N ASN A 669 -5.26 -2.02 62.84
CA ASN A 669 -6.57 -2.61 63.06
C ASN A 669 -7.62 -1.53 63.32
N LEU A 670 -7.20 -0.40 63.88
CA LEU A 670 -8.11 0.74 64.01
C LEU A 670 -8.49 1.29 62.64
N THR A 671 -7.53 1.32 61.71
CA THR A 671 -7.85 1.75 60.35
C THR A 671 -8.76 0.75 59.65
N LEU A 672 -8.57 -0.54 59.93
CA LEU A 672 -9.48 -1.55 59.41
C LEU A 672 -10.89 -1.35 59.98
N LEU A 673 -11.00 -1.03 61.27
CA LEU A 673 -12.28 -0.69 61.85
C LEU A 673 -12.89 0.55 61.20
N SER A 674 -12.05 1.54 60.88
CA SER A 674 -12.53 2.72 60.19
C SER A 674 -13.07 2.36 58.81
N ASN A 675 -12.39 1.47 58.10
CA ASN A 675 -12.88 1.01 56.80
C ASN A 675 -14.19 0.25 56.95
N VAL A 676 -14.32 -0.58 57.99
CA VAL A 676 -15.55 -1.32 58.22
C VAL A 676 -16.70 -0.35 58.50
N LEU A 677 -16.44 0.66 59.33
CA LEU A 677 -17.47 1.66 59.62
C LEU A 677 -17.85 2.45 58.38
N PHE A 678 -16.86 2.81 57.57
CA PHE A 678 -17.14 3.53 56.32
C PHE A 678 -17.98 2.69 55.38
N PHE A 679 -17.71 1.39 55.30
CA PHE A 679 -18.48 0.53 54.41
C PHE A 679 -19.89 0.30 54.94
N THR A 680 -20.04 0.11 56.25
CA THR A 680 -21.36 -0.15 56.81
C THR A 680 -22.22 1.09 56.91
N ASN A 681 -21.62 2.28 56.99
CA ASN A 681 -22.36 3.52 56.90
C ASN A 681 -22.55 3.98 55.46
N LEU A 682 -21.76 3.45 54.54
CA LEU A 682 -21.98 3.73 53.12
C LEU A 682 -23.29 3.10 52.67
N LYS A 683 -23.64 1.94 53.22
CA LYS A 683 -24.95 1.32 52.99
C LYS A 683 -25.82 1.60 54.22
N ILE A 684 -26.29 2.84 54.31
CA ILE A 684 -27.22 3.23 55.36
C ILE A 684 -28.33 4.05 54.72
N PRO A 685 -29.60 3.80 55.03
CA PRO A 685 -30.67 4.65 54.49
C PRO A 685 -30.50 6.09 54.95
N GLN A 686 -30.82 7.01 54.03
CA GLN A 686 -30.62 8.42 54.31
C GLN A 686 -31.48 8.92 55.47
N ALA A 687 -32.73 8.46 55.56
CA ALA A 687 -33.58 8.81 56.69
C ALA A 687 -32.98 8.37 58.02
N ALA A 688 -32.18 7.30 58.02
CA ALA A 688 -31.47 6.86 59.20
C ALA A 688 -30.06 7.41 59.29
N HIS A 689 -29.55 8.05 58.23
CA HIS A 689 -28.25 8.70 58.31
C HIS A 689 -28.27 9.84 59.32
N GLN A 690 -29.24 10.75 59.17
CA GLN A 690 -29.22 12.04 59.86
C GLN A 690 -29.01 11.86 61.36
N GLU A 691 -29.94 11.17 62.02
CA GLU A 691 -29.81 10.93 63.45
C GLU A 691 -28.45 10.34 63.79
N GLU A 692 -28.06 9.27 63.08
CA GLU A 692 -26.72 8.71 63.26
C GLU A 692 -25.66 9.80 63.09
N LEU A 693 -25.73 10.52 61.97
CA LEU A 693 -24.86 11.67 61.79
C LEU A 693 -24.95 12.61 62.98
N ASP A 694 -26.18 12.98 63.36
CA ASP A 694 -26.37 13.81 64.55
C ASP A 694 -25.68 13.18 65.76
N ARG A 695 -25.93 11.89 65.98
CA ARG A 695 -25.25 11.20 67.07
C ARG A 695 -23.74 11.38 66.96
N TYR A 696 -23.18 11.10 65.78
CA TYR A 696 -21.76 11.35 65.56
C TYR A 696 -21.45 12.83 65.73
N ASN A 697 -22.30 13.68 65.14
CA ASN A 697 -22.11 15.13 65.29
C ASN A 697 -22.21 15.55 66.74
N GLU A 698 -22.87 14.73 67.58
CA GLU A 698 -22.91 15.01 69.00
C GLU A 698 -21.80 14.26 69.74
N LEU A 699 -21.42 13.08 69.24
CA LEU A 699 -20.48 12.25 69.97
C LEU A 699 -19.05 12.73 69.82
N PHE A 700 -18.72 13.31 68.66
CA PHE A 700 -17.34 13.65 68.36
C PHE A 700 -17.05 15.14 68.54
N ILE A 701 -18.06 15.98 68.34
CA ILE A 701 -17.83 17.43 68.25
C ILE A 701 -18.43 18.15 69.44
N SER A 702 -19.74 18.02 69.62
CA SER A 702 -20.43 18.81 70.64
C SER A 702 -20.16 18.30 72.03
N GLU A 703 -20.39 17.00 72.25
CA GLU A 703 -20.31 16.41 73.58
C GLU A 703 -19.70 15.01 73.50
N GLY A 704 -19.77 14.29 74.61
CA GLY A 704 -19.27 12.94 74.68
C GLY A 704 -17.93 12.85 75.39
N LYS A 705 -17.58 11.62 75.79
CA LYS A 705 -16.28 11.39 76.39
C LYS A 705 -15.15 11.69 75.40
N ILE A 706 -15.26 11.18 74.18
CA ILE A 706 -14.26 11.44 73.17
C ILE A 706 -14.51 12.83 72.57
N ARG A 707 -13.47 13.66 72.55
CA ARG A 707 -13.55 15.02 72.03
C ARG A 707 -12.38 15.23 71.07
N ILE A 708 -12.67 15.13 69.77
CA ILE A 708 -11.63 15.32 68.76
C ILE A 708 -11.21 16.78 68.67
N LEU A 709 -12.02 17.69 69.17
CA LEU A 709 -11.74 19.12 69.09
C LEU A 709 -10.90 19.62 70.26
N ASP A 710 -10.68 18.79 71.28
CA ASP A 710 -9.96 19.20 72.48
C ASP A 710 -8.69 18.41 72.71
N THR A 711 -8.73 17.08 72.57
CA THR A 711 -7.59 16.22 72.82
C THR A 711 -7.39 15.29 71.64
N PRO A 712 -6.18 15.20 71.09
CA PRO A 712 -5.95 14.26 69.98
C PRO A 712 -6.15 12.82 70.43
N ASN A 713 -6.73 12.02 69.54
CA ASN A 713 -6.98 10.62 69.81
C ASN A 713 -6.96 9.85 68.50
N VAL A 714 -6.51 8.60 68.58
CA VAL A 714 -6.37 7.78 67.37
C VAL A 714 -7.73 7.47 66.76
N LEU A 715 -8.74 7.20 67.58
CA LEU A 715 -10.05 6.81 67.07
C LEU A 715 -10.66 7.89 66.18
N ALA A 716 -10.15 9.12 66.29
CA ALA A 716 -10.61 10.21 65.42
C ALA A 716 -10.51 9.84 63.95
N ILE A 717 -9.51 9.03 63.58
CA ILE A 717 -9.38 8.63 62.18
C ILE A 717 -10.65 7.95 61.70
N SER A 718 -11.24 7.09 62.54
CA SER A 718 -12.48 6.43 62.17
C SER A 718 -13.57 7.44 61.87
N TYR A 719 -13.66 8.51 62.68
CA TYR A 719 -14.68 9.52 62.46
C TYR A 719 -14.56 10.12 61.07
N ALA A 720 -13.35 10.23 60.54
CA ALA A 720 -13.19 10.69 59.17
C ALA A 720 -13.94 9.77 58.22
N LYS A 721 -13.66 8.47 58.28
CA LYS A 721 -14.40 7.51 57.48
C LYS A 721 -15.88 7.51 57.85
N ILE A 722 -16.21 7.98 59.06
CA ILE A 722 -17.61 8.14 59.42
C ILE A 722 -18.24 9.28 58.64
N LEU A 723 -17.55 10.42 58.54
CA LEU A 723 -18.15 11.59 57.93
C LEU A 723 -18.29 11.44 56.42
N SER A 724 -17.32 10.82 55.76
CA SER A 724 -17.44 10.54 54.34
C SER A 724 -18.50 9.49 54.03
N ALA A 725 -18.85 8.65 55.01
CA ALA A 725 -19.87 7.63 54.83
C ALA A 725 -21.25 8.08 55.29
N LEU A 726 -21.34 8.96 56.29
CA LEU A 726 -22.61 9.54 56.65
C LEU A 726 -23.05 10.55 55.58
N ASN A 727 -24.33 10.89 55.62
CA ASN A 727 -24.93 11.65 54.53
C ASN A 727 -24.40 13.07 54.47
N LYS A 728 -24.31 13.63 53.26
CA LYS A 728 -23.90 15.02 53.11
C LYS A 728 -25.10 15.95 53.09
N ASN A 729 -26.09 15.68 52.23
CA ASN A 729 -27.25 16.55 52.09
C ASN A 729 -28.28 16.25 53.18
N CYS A 730 -27.78 16.19 54.41
CA CYS A 730 -28.56 16.14 55.62
C CYS A 730 -28.00 17.14 56.62
N GLN A 731 -28.84 17.52 57.57
CA GLN A 731 -28.51 18.59 58.51
C GLN A 731 -27.29 18.18 59.34
N PHE A 732 -26.15 18.79 59.04
CA PHE A 732 -24.90 18.60 59.78
C PHE A 732 -24.45 19.99 60.23
N PRO A 733 -25.13 20.56 61.23
CA PRO A 733 -24.88 21.97 61.57
C PRO A 733 -23.47 22.26 62.04
N GLN A 734 -22.83 21.32 62.73
CA GLN A 734 -21.48 21.51 63.26
C GLN A 734 -20.48 20.88 62.28
N LYS A 735 -20.19 21.60 61.21
CA LYS A 735 -19.16 21.23 60.24
C LYS A 735 -18.03 22.23 60.18
N PHE A 736 -18.32 23.53 60.21
CA PHE A 736 -17.26 24.53 60.24
C PHE A 736 -16.54 24.53 61.58
N THR A 737 -17.29 24.35 62.66
CA THR A 737 -16.69 24.39 63.99
C THR A 737 -15.75 23.21 64.22
N VAL A 738 -16.09 22.02 63.68
CA VAL A 738 -15.18 20.89 63.84
C VAL A 738 -13.94 21.08 62.98
N LEU A 739 -14.08 21.72 61.82
CA LEU A 739 -12.92 22.04 61.00
C LEU A 739 -11.99 22.99 61.73
N PHE A 740 -12.55 24.05 62.33
CA PHE A 740 -11.73 24.98 63.09
C PHE A 740 -11.10 24.31 64.30
N GLY A 741 -11.85 23.42 64.96
CA GLY A 741 -11.32 22.75 66.13
C GLY A 741 -10.18 21.81 65.80
N THR A 742 -10.30 21.06 64.71
CA THR A 742 -9.20 20.18 64.33
C THR A 742 -8.01 20.97 63.82
N VAL A 743 -8.25 22.13 63.19
CA VAL A 743 -7.15 23.02 62.82
C VAL A 743 -6.41 23.48 64.07
N GLN A 744 -7.15 23.91 65.09
CA GLN A 744 -6.55 24.38 66.33
C GLN A 744 -5.79 23.26 67.03
N LEU A 745 -6.36 22.05 67.05
CA LEU A 745 -5.69 20.92 67.69
C LEU A 745 -4.42 20.54 66.94
N LEU A 746 -4.45 20.61 65.61
CA LEU A 746 -3.25 20.32 64.82
C LEU A 746 -2.19 21.39 65.07
N LYS A 747 -2.60 22.64 65.27
CA LYS A 747 -1.65 23.72 65.53
C LYS A 747 -1.03 23.58 66.92
N LYS A 748 -1.83 23.19 67.91
CA LYS A 748 -1.36 23.18 69.28
C LYS A 748 -0.73 21.85 69.67
N HIS A 749 -1.44 20.75 69.44
CA HIS A 749 -1.06 19.45 69.96
C HIS A 749 -0.09 18.70 69.05
N ALA A 750 0.39 19.34 67.98
CA ALA A 750 1.20 18.63 66.99
C ALA A 750 2.36 17.84 67.59
N PRO A 751 3.16 18.37 68.53
CA PRO A 751 4.22 17.54 69.12
C PRO A 751 3.69 16.31 69.83
N ARG A 752 2.54 16.40 70.49
CA ARG A 752 1.98 15.27 71.21
C ARG A 752 1.00 14.45 70.37
N MET A 753 0.65 14.93 69.18
CA MET A 753 -0.13 14.14 68.25
C MET A 753 0.72 13.01 67.69
N THR A 754 0.20 11.79 67.78
CA THR A 754 0.87 10.67 67.16
C THR A 754 0.57 10.66 65.66
N GLU A 755 1.22 9.72 64.96
CA GLU A 755 1.04 9.64 63.51
C GLU A 755 -0.40 9.31 63.15
N THR A 756 -1.01 8.33 63.84
CA THR A 756 -2.39 7.96 63.54
C THR A 756 -3.35 9.10 63.82
N GLU A 757 -3.17 9.78 64.95
CA GLU A 757 -4.02 10.92 65.29
C GLU A 757 -3.90 12.02 64.25
N LYS A 758 -2.68 12.40 63.88
CA LYS A 758 -2.49 13.49 62.94
C LYS A 758 -3.02 13.12 61.56
N LEU A 759 -2.78 11.89 61.11
CA LEU A 759 -3.31 11.45 59.82
C LEU A 759 -4.83 11.44 59.82
N GLY A 760 -5.43 11.00 60.93
CA GLY A 760 -6.88 11.00 61.02
C GLY A 760 -7.46 12.40 60.99
N TYR A 761 -6.81 13.34 61.69
CA TYR A 761 -7.31 14.71 61.69
C TYR A 761 -7.12 15.38 60.34
N LEU A 762 -6.04 15.05 59.63
CA LEU A 762 -5.86 15.55 58.27
C LEU A 762 -6.92 14.99 57.32
N GLU A 763 -7.23 13.70 57.45
CA GLU A 763 -8.30 13.13 56.64
C GLU A 763 -9.64 13.76 56.99
N LEU A 764 -9.85 14.08 58.27
CA LEU A 764 -11.06 14.80 58.67
C LEU A 764 -11.13 16.18 58.04
N LEU A 765 -10.01 16.90 58.04
CA LEU A 765 -9.92 18.17 57.33
C LEU A 765 -10.35 18.02 55.89
N LEU A 766 -9.79 17.01 55.21
CA LEU A 766 -10.11 16.78 53.80
C LEU A 766 -11.59 16.46 53.62
N VAL A 767 -12.15 15.65 54.53
CA VAL A 767 -13.54 15.22 54.42
C VAL A 767 -14.47 16.42 54.57
N LEU A 768 -14.22 17.27 55.56
CA LEU A 768 -15.01 18.49 55.68
C LEU A 768 -14.85 19.37 54.46
N SER A 769 -13.62 19.54 53.97
CA SER A 769 -13.37 20.43 52.84
C SER A 769 -14.11 19.99 51.59
N ASN A 770 -14.15 18.68 51.34
CA ASN A 770 -14.76 18.16 50.12
C ASN A 770 -16.24 17.83 50.28
N LYS A 771 -16.74 17.69 51.50
CA LYS A 771 -18.10 17.22 51.74
C LYS A 771 -18.99 18.24 52.42
N PHE A 772 -18.64 18.69 53.62
CA PHE A 772 -19.56 19.43 54.47
C PHE A 772 -19.32 20.94 54.42
N VAL A 773 -18.12 21.41 54.77
CA VAL A 773 -17.88 22.83 54.77
C VAL A 773 -17.74 23.32 53.33
N SER A 774 -18.31 24.49 53.06
CA SER A 774 -18.18 25.08 51.74
C SER A 774 -16.82 25.75 51.58
N GLU A 775 -16.57 26.26 50.38
CA GLU A 775 -15.28 26.87 50.10
C GLU A 775 -15.06 28.15 50.88
N LYS A 776 -16.15 28.81 51.30
CA LYS A 776 -16.01 30.06 52.06
C LYS A 776 -15.35 29.82 53.41
N ASP A 777 -15.66 28.70 54.06
CA ASP A 777 -15.02 28.39 55.34
C ASP A 777 -13.52 28.20 55.17
N VAL A 778 -13.12 27.48 54.11
CA VAL A 778 -11.71 27.25 53.87
C VAL A 778 -10.99 28.55 53.56
N ILE A 779 -11.57 29.36 52.67
CA ILE A 779 -10.90 30.60 52.29
C ILE A 779 -10.86 31.58 53.45
N GLY A 780 -11.84 31.51 54.37
CA GLY A 780 -11.77 32.32 55.57
C GLY A 780 -10.79 31.79 56.60
N LEU A 781 -10.34 30.54 56.44
CA LEU A 781 -9.38 29.92 57.34
C LEU A 781 -7.93 30.16 56.91
N PHE A 782 -7.71 30.86 55.80
CA PHE A 782 -6.37 31.04 55.24
C PHE A 782 -5.54 31.96 56.12
N ASP A 783 -4.29 31.56 56.36
CA ASP A 783 -3.32 32.40 57.06
C ASP A 783 -1.94 32.06 56.54
N TRP A 784 -1.44 32.86 55.60
CA TRP A 784 -0.12 32.69 55.00
C TRP A 784 0.97 33.48 55.70
N LYS A 785 0.64 34.22 56.77
CA LYS A 785 1.64 35.01 57.45
C LYS A 785 2.63 34.12 58.21
N ASP A 786 2.14 33.06 58.84
CA ASP A 786 3.00 32.13 59.57
C ASP A 786 3.48 31.04 58.63
N LEU A 787 4.78 30.96 58.44
CA LEU A 787 5.38 29.95 57.56
C LEU A 787 5.74 28.69 58.35
N SER A 788 4.77 28.19 59.10
CA SER A 788 4.98 27.03 59.97
C SER A 788 4.57 25.75 59.26
N VAL A 789 5.08 24.62 59.77
CA VAL A 789 4.80 23.33 59.16
C VAL A 789 3.32 22.99 59.26
N ILE A 790 2.73 23.24 60.43
CA ILE A 790 1.32 22.90 60.65
C ILE A 790 0.42 23.75 59.77
N ASN A 791 0.74 25.04 59.63
CA ASN A 791 -0.06 25.90 58.76
C ASN A 791 -0.02 25.40 57.32
N LEU A 792 1.15 25.00 56.84
CA LEU A 792 1.25 24.45 55.49
C LEU A 792 0.48 23.15 55.37
N GLU A 793 0.54 22.29 56.37
CA GLU A 793 -0.26 21.06 56.34
C GLU A 793 -1.75 21.38 56.20
N VAL A 794 -2.23 22.32 57.02
CA VAL A 794 -3.66 22.65 57.00
C VAL A 794 -4.06 23.23 55.64
N MET A 795 -3.31 24.21 55.15
CA MET A 795 -3.66 24.84 53.88
C MET A 795 -3.57 23.85 52.73
N VAL A 796 -2.56 22.98 52.74
CA VAL A 796 -2.41 22.01 51.65
C VAL A 796 -3.56 21.01 51.68
N TRP A 797 -3.90 20.47 52.86
CA TRP A 797 -4.94 19.46 52.92
C TRP A 797 -6.35 20.03 52.73
N LEU A 798 -6.54 21.34 52.94
CA LEU A 798 -7.82 21.94 52.60
C LEU A 798 -7.90 22.29 51.12
N THR A 799 -6.88 22.97 50.60
CA THR A 799 -6.86 23.30 49.18
C THR A 799 -6.73 22.06 48.31
N LYS A 800 -6.40 20.91 48.90
CA LYS A 800 -6.48 19.65 48.16
C LYS A 800 -7.92 19.29 47.86
N GLY A 801 -8.82 19.41 48.85
CA GLY A 801 -10.23 19.24 48.57
C GLY A 801 -10.77 20.34 47.68
N LEU A 802 -10.22 21.55 47.81
CA LEU A 802 -10.60 22.64 46.91
C LEU A 802 -10.24 22.32 45.46
N ILE A 803 -9.03 21.78 45.22
CA ILE A 803 -8.66 21.31 43.89
C ILE A 803 -9.58 20.18 43.47
N MET A 804 -9.86 19.27 44.41
CA MET A 804 -10.82 18.20 44.16
C MET A 804 -12.20 18.78 43.86
N GLN A 805 -12.43 20.02 44.29
CA GLN A 805 -13.66 20.76 43.99
C GLN A 805 -13.53 21.61 42.73
N ASN A 806 -12.32 21.83 42.22
CA ASN A 806 -12.09 22.52 40.94
C ASN A 806 -12.59 23.96 40.96
N SER A 807 -11.93 24.80 41.75
CA SER A 807 -12.28 26.22 41.81
C SER A 807 -11.07 27.11 41.52
N LEU A 808 -11.32 28.42 41.44
CA LEU A 808 -10.23 29.38 41.28
C LEU A 808 -9.25 29.32 42.44
N GLU A 809 -9.75 29.49 43.66
CA GLU A 809 -8.88 29.56 44.83
C GLU A 809 -7.84 28.47 44.80
N SER A 810 -8.29 27.21 44.77
CA SER A 810 -7.37 26.08 44.69
C SER A 810 -6.35 26.24 43.57
N SER A 811 -6.81 26.67 42.39
CA SER A 811 -5.89 26.85 41.28
C SER A 811 -5.00 28.07 41.48
N GLU A 812 -5.54 29.14 42.07
CA GLU A 812 -4.75 30.32 42.40
C GLU A 812 -3.85 30.09 43.61
N ILE A 813 -4.39 29.46 44.65
CA ILE A 813 -3.55 29.02 45.76
C ILE A 813 -2.41 28.13 45.28
N ALA A 814 -2.66 27.35 44.23
CA ALA A 814 -1.57 26.56 43.64
C ALA A 814 -0.43 27.44 43.19
N LYS A 815 -0.73 28.52 42.44
CA LYS A 815 0.31 29.46 42.05
C LYS A 815 0.97 30.09 43.27
N LYS A 816 0.17 30.42 44.28
CA LYS A 816 0.73 30.94 45.53
C LYS A 816 1.76 29.97 46.09
N PHE A 817 1.42 28.69 46.09
CA PHE A 817 2.32 27.66 46.59
C PHE A 817 3.59 27.60 45.77
N ILE A 818 3.45 27.69 44.44
CA ILE A 818 4.62 27.71 43.58
C ILE A 818 5.54 28.85 44.00
N ASP A 819 4.97 30.05 44.18
CA ASP A 819 5.79 31.20 44.56
C ASP A 819 6.45 30.97 45.90
N LEU A 820 5.70 30.45 46.87
CA LEU A 820 6.24 30.24 48.20
C LEU A 820 7.26 29.11 48.20
N LEU A 821 7.24 28.27 47.16
CA LEU A 821 8.19 27.18 47.04
C LEU A 821 9.55 27.67 46.57
N SER A 822 9.63 28.91 46.10
CA SER A 822 10.91 29.53 45.81
C SER A 822 11.67 29.92 47.07
N ASN A 823 11.08 29.72 48.25
CA ASN A 823 11.77 29.99 49.50
C ASN A 823 12.80 28.88 49.78
N GLU A 824 13.84 29.24 50.52
CA GLU A 824 14.96 28.30 50.70
C GLU A 824 14.60 27.17 51.66
N GLU A 825 14.32 27.51 52.92
CA GLU A 825 14.06 26.50 53.94
C GLU A 825 12.60 26.08 54.01
N ILE A 826 11.66 26.97 53.66
CA ILE A 826 10.25 26.63 53.64
C ILE A 826 9.78 26.14 52.28
N GLY A 827 10.37 26.65 51.20
CA GLY A 827 10.04 26.14 49.88
C GLY A 827 10.43 24.68 49.71
N SER A 828 11.50 24.25 50.39
CA SER A 828 11.89 22.84 50.34
C SER A 828 10.84 21.97 51.02
N LEU A 829 10.37 22.38 52.20
CA LEU A 829 9.33 21.63 52.89
C LEU A 829 8.05 21.62 52.06
N VAL A 830 7.71 22.75 51.46
CA VAL A 830 6.52 22.81 50.62
C VAL A 830 6.67 21.89 49.41
N SER A 831 7.87 21.84 48.82
CA SER A 831 8.09 20.96 47.68
C SER A 831 7.96 19.49 48.06
N LYS A 832 8.52 19.11 49.22
CA LYS A 832 8.44 17.71 49.64
C LYS A 832 7.04 17.34 50.11
N LEU A 833 6.26 18.32 50.55
CA LEU A 833 4.88 18.07 50.96
C LEU A 833 3.88 18.27 49.82
N PHE A 834 4.35 18.76 48.68
CA PHE A 834 3.48 19.18 47.59
C PHE A 834 2.79 18.02 46.88
N GLU A 835 3.19 16.78 47.20
CA GLU A 835 2.50 15.61 46.67
C GLU A 835 1.05 15.54 47.13
N VAL A 836 0.75 16.09 48.30
CA VAL A 836 -0.57 15.91 48.91
C VAL A 836 -1.67 16.39 47.98
N PHE A 837 -1.43 17.48 47.25
CA PHE A 837 -2.47 18.08 46.41
C PHE A 837 -3.03 17.07 45.42
N VAL A 838 -2.19 16.21 44.89
CA VAL A 838 -2.60 15.20 43.92
C VAL A 838 -2.32 13.81 44.51
N MET A 839 -3.37 13.15 44.98
CA MET A 839 -3.33 11.76 45.41
C MET A 839 -4.73 11.17 45.25
N ASP A 840 -4.82 9.85 45.33
CA ASP A 840 -6.11 9.20 45.44
C ASP A 840 -6.67 9.40 46.85
N ILE A 841 -7.99 9.23 46.98
CA ILE A 841 -8.65 9.39 48.28
C ILE A 841 -9.12 8.07 48.87
N SER A 842 -9.70 7.17 48.08
CA SER A 842 -10.25 5.89 48.52
C SER A 842 -11.41 6.04 49.49
N SER A 843 -11.78 7.27 49.84
CA SER A 843 -12.91 7.53 50.72
C SER A 843 -13.84 8.62 50.20
N LEU A 844 -13.36 9.55 49.39
CA LEU A 844 -14.17 10.61 48.79
C LEU A 844 -13.94 10.64 47.29
N LYS A 845 -14.68 9.79 46.57
CA LYS A 845 -14.85 9.88 45.13
C LYS A 845 -16.31 9.54 44.82
N LYS A 846 -16.68 9.66 43.56
CA LYS A 846 -18.04 9.31 43.15
C LYS A 846 -18.13 7.80 43.06
N PHE A 847 -18.13 7.16 44.23
CA PHE A 847 -18.19 5.70 44.31
C PHE A 847 -19.53 5.20 43.80
N LYS A 848 -19.53 3.99 43.27
CA LYS A 848 -20.78 3.33 42.90
C LYS A 848 -21.69 3.20 44.11
N GLY A 849 -22.99 3.44 43.89
CA GLY A 849 -23.90 3.51 45.00
C GLY A 849 -24.10 4.93 45.47
N ILE A 850 -23.27 5.35 46.43
CA ILE A 850 -23.34 6.70 46.97
C ILE A 850 -23.29 7.74 45.86
N SER A 851 -24.10 8.80 46.01
CA SER A 851 -24.05 9.97 45.15
C SER A 851 -23.86 11.26 45.93
N TRP A 852 -24.17 11.27 47.22
CA TRP A 852 -23.96 12.39 48.13
C TRP A 852 -22.59 12.34 48.80
N ASN A 853 -21.59 11.76 48.14
CA ASN A 853 -20.30 11.55 48.79
C ASN A 853 -19.57 12.87 49.02
N ASN A 854 -19.49 13.72 47.99
CA ASN A 854 -18.72 14.94 48.06
C ASN A 854 -19.06 15.81 46.85
N ASN A 855 -18.32 16.91 46.70
CA ASN A 855 -18.30 17.68 45.46
C ASN A 855 -17.22 17.16 44.51
N VAL A 856 -17.33 15.90 44.10
CA VAL A 856 -16.25 15.21 43.41
C VAL A 856 -16.01 15.79 42.01
N LYS A 857 -14.74 16.04 41.70
CA LYS A 857 -14.30 16.40 40.36
C LYS A 857 -13.07 15.57 40.00
N ILE A 858 -13.21 14.74 38.96
CA ILE A 858 -12.12 13.86 38.56
C ILE A 858 -11.02 14.63 37.85
N LEU A 859 -11.36 15.78 37.26
CA LEU A 859 -10.41 16.58 36.50
C LEU A 859 -9.42 17.33 37.39
N TYR A 860 -9.44 17.10 38.70
CA TYR A 860 -8.52 17.83 39.57
C TYR A 860 -7.07 17.53 39.22
N LYS A 861 -6.73 16.25 39.02
CA LYS A 861 -5.33 15.88 38.75
C LYS A 861 -4.78 16.66 37.56
N GLN A 862 -5.35 16.43 36.38
CA GLN A 862 -4.86 17.08 35.17
C GLN A 862 -4.83 18.60 35.33
N LYS A 863 -5.93 19.17 35.86
CA LYS A 863 -5.97 20.62 36.02
C LYS A 863 -4.82 21.10 36.88
N PHE A 864 -4.61 20.43 38.02
CA PHE A 864 -3.53 20.82 38.92
C PHE A 864 -2.20 20.75 38.20
N PHE A 865 -2.00 19.70 37.40
CA PHE A 865 -0.75 19.62 36.64
C PHE A 865 -0.61 20.81 35.72
N GLY A 866 -1.68 21.14 34.99
CA GLY A 866 -1.61 22.25 34.06
C GLY A 866 -1.41 23.58 34.76
N ASP A 867 -1.74 23.64 36.04
CA ASP A 867 -1.56 24.88 36.78
C ASP A 867 -0.17 24.93 37.42
N ILE A 868 0.43 23.77 37.68
CA ILE A 868 1.68 23.68 38.41
C ILE A 868 2.88 23.59 37.47
N PHE A 869 2.90 22.54 36.65
CA PHE A 869 4.05 22.25 35.79
C PHE A 869 4.68 23.49 35.18
N GLN A 870 3.91 24.24 34.39
CA GLN A 870 4.50 25.32 33.60
C GLN A 870 5.29 26.27 34.49
N THR A 871 4.65 26.77 35.55
CA THR A 871 5.35 27.72 36.40
C THR A 871 6.59 27.07 37.01
N LEU A 872 6.43 25.83 37.51
CA LEU A 872 7.58 25.12 38.07
C LEU A 872 8.74 25.08 37.09
N VAL A 873 8.48 24.70 35.83
CA VAL A 873 9.61 24.52 34.92
C VAL A 873 10.24 25.87 34.62
N SER A 874 9.41 26.91 34.47
CA SER A 874 9.96 28.23 34.22
C SER A 874 10.84 28.66 35.38
N ASN A 875 10.43 28.32 36.60
CA ASN A 875 11.22 28.68 37.77
C ASN A 875 12.51 27.87 37.82
N TYR A 876 12.45 26.59 37.43
CA TYR A 876 13.65 25.77 37.49
C TYR A 876 14.70 26.28 36.52
N LYS A 877 14.27 26.60 35.29
CA LYS A 877 15.17 27.21 34.33
C LYS A 877 15.56 28.63 34.72
N ASN A 878 14.90 29.21 35.71
CA ASN A 878 15.28 30.50 36.26
C ASN A 878 15.78 30.36 37.70
N THR A 879 16.64 29.37 37.96
CA THR A 879 17.13 29.09 39.30
C THR A 879 18.54 28.55 39.23
N VAL A 880 19.30 28.70 40.31
CA VAL A 880 20.75 28.50 40.30
C VAL A 880 21.19 27.37 41.24
N ASP A 881 20.63 27.29 42.44
CA ASP A 881 21.34 26.66 43.54
C ASP A 881 20.87 25.24 43.80
N MET A 882 21.54 24.58 44.77
CA MET A 882 21.09 23.30 45.30
C MET A 882 19.62 23.32 45.67
N THR A 883 19.26 24.21 46.60
CA THR A 883 18.00 24.10 47.32
C THR A 883 16.81 24.34 46.42
N ILE A 884 16.77 25.49 45.75
CA ILE A 884 15.53 25.89 45.08
C ILE A 884 15.29 25.03 43.85
N LYS A 885 16.36 24.68 43.13
CA LYS A 885 16.20 23.77 41.99
C LYS A 885 15.79 22.38 42.46
N CYS A 886 16.37 21.90 43.56
CA CYS A 886 15.92 20.62 44.10
C CYS A 886 14.45 20.68 44.49
N ASN A 887 14.02 21.81 45.03
CA ASN A 887 12.61 22.00 45.37
C ASN A 887 11.73 21.91 44.14
N TYR A 888 12.14 22.59 43.06
CA TYR A 888 11.32 22.59 41.85
C TYR A 888 11.23 21.18 41.27
N LEU A 889 12.36 20.48 41.23
CA LEU A 889 12.36 19.10 40.74
C LEU A 889 11.45 18.21 41.58
N THR A 890 11.59 18.29 42.92
CA THR A 890 10.80 17.44 43.79
C THR A 890 9.31 17.77 43.67
N ALA A 891 8.96 19.05 43.56
CA ALA A 891 7.55 19.42 43.46
C ALA A 891 6.95 18.93 42.15
N LEU A 892 7.61 19.21 41.03
CA LEU A 892 7.06 18.76 39.75
C LEU A 892 7.00 17.24 39.69
N SER A 893 7.98 16.55 40.28
CA SER A 893 7.98 15.10 40.26
C SER A 893 6.86 14.54 41.13
N LEU A 894 6.66 15.11 42.31
CA LEU A 894 5.60 14.65 43.21
C LEU A 894 4.22 14.99 42.66
N VAL A 895 4.13 15.94 41.74
CA VAL A 895 2.86 16.21 41.07
C VAL A 895 2.65 15.24 39.92
N LEU A 896 3.70 15.00 39.12
CA LEU A 896 3.59 14.13 37.96
C LEU A 896 3.45 12.66 38.36
N LYS A 897 3.88 12.30 39.57
CA LYS A 897 3.85 10.91 39.99
C LYS A 897 2.42 10.39 40.14
N HIS A 898 1.51 11.24 40.62
CA HIS A 898 0.13 10.82 40.81
C HIS A 898 -0.74 11.05 39.60
N THR A 899 -0.47 12.10 38.83
CA THR A 899 -1.16 12.27 37.55
C THR A 899 -0.64 11.26 36.54
N PRO A 900 -1.53 10.61 35.78
CA PRO A 900 -1.06 9.68 34.75
C PRO A 900 -0.22 10.40 33.71
N SER A 901 0.92 9.79 33.36
CA SER A 901 1.88 10.43 32.46
C SER A 901 1.33 10.55 31.05
N GLN A 902 0.56 9.57 30.58
CA GLN A 902 0.01 9.59 29.23
C GLN A 902 -1.14 10.58 29.09
N SER A 903 -1.74 11.03 30.18
CA SER A 903 -2.82 12.01 30.14
C SER A 903 -2.30 13.43 30.11
N VAL A 904 -1.02 13.64 30.37
CA VAL A 904 -0.40 14.96 30.33
C VAL A 904 0.63 14.94 29.21
N GLY A 905 0.19 15.35 28.02
CA GLY A 905 1.01 15.29 26.83
C GLY A 905 1.68 16.59 26.44
N PRO A 906 0.92 17.68 26.36
CA PRO A 906 1.54 18.97 25.98
C PRO A 906 2.65 19.41 26.91
N PHE A 907 2.58 19.02 28.18
CA PHE A 907 3.59 19.41 29.15
C PHE A 907 4.86 18.58 29.06
N ILE A 908 4.88 17.51 28.27
CA ILE A 908 6.03 16.61 28.24
C ILE A 908 7.26 17.32 27.68
N ASN A 909 7.07 18.15 26.65
CA ASN A 909 8.20 18.77 25.99
C ASN A 909 9.00 19.66 26.93
N ASP A 910 8.33 20.55 27.66
CA ASP A 910 9.01 21.37 28.64
C ASP A 910 9.40 20.56 29.87
N LEU A 911 8.77 19.40 30.06
CA LEU A 911 9.06 18.55 31.20
C LEU A 911 10.34 17.74 31.02
N PHE A 912 10.77 17.55 29.77
CA PHE A 912 11.91 16.69 29.48
C PHE A 912 13.17 17.08 30.25
N PRO A 913 13.53 18.36 30.41
CA PRO A 913 14.68 18.68 31.27
C PRO A 913 14.51 18.23 32.71
N LEU A 914 13.41 18.62 33.36
CA LEU A 914 13.18 18.16 34.73
C LEU A 914 12.89 16.67 34.76
N LEU A 915 12.38 16.13 33.65
CA LEU A 915 12.20 14.69 33.53
C LEU A 915 13.53 13.97 33.65
N LEU A 916 14.54 14.44 32.92
CA LEU A 916 15.88 13.87 33.01
C LEU A 916 16.49 14.15 34.37
N GLN A 917 16.15 15.29 34.97
CA GLN A 917 16.65 15.64 36.30
C GLN A 917 16.15 14.68 37.37
N ALA A 918 14.88 14.26 37.28
CA ALA A 918 14.25 13.49 38.35
C ALA A 918 14.72 12.03 38.41
N LEU A 919 15.76 11.65 37.66
CA LEU A 919 16.19 10.27 37.62
C LEU A 919 17.21 9.92 38.70
N ASP A 920 17.57 10.86 39.58
CA ASP A 920 18.55 10.61 40.64
C ASP A 920 18.08 11.31 41.92
N MET A 921 17.34 10.59 42.75
CA MET A 921 16.89 11.09 44.05
C MET A 921 16.38 9.91 44.86
N PRO A 922 16.36 10.01 46.20
CA PRO A 922 16.16 8.81 47.03
C PRO A 922 14.84 8.07 46.80
N ASP A 923 13.73 8.77 46.66
CA ASP A 923 12.43 8.12 46.66
C ASP A 923 12.25 7.26 45.41
N PRO A 924 12.05 5.95 45.54
CA PRO A 924 11.75 5.14 44.35
C PRO A 924 10.42 5.50 43.71
N GLU A 925 9.57 6.27 44.42
CA GLU A 925 8.30 6.69 43.86
C GLU A 925 8.50 7.63 42.69
N VAL A 926 9.29 8.69 42.89
CA VAL A 926 9.63 9.59 41.79
C VAL A 926 10.43 8.85 40.72
N ARG A 927 11.23 7.86 41.15
CA ARG A 927 11.97 7.07 40.17
C ARG A 927 11.05 6.34 39.21
N VAL A 928 10.12 5.54 39.74
CA VAL A 928 9.16 4.85 38.88
C VAL A 928 8.34 5.84 38.06
N SER A 929 7.98 6.98 38.64
CA SER A 929 7.17 7.95 37.91
C SER A 929 7.94 8.52 36.72
N ALA A 930 9.19 8.94 36.94
CA ALA A 930 9.98 9.54 35.87
C ALA A 930 10.38 8.50 34.82
N LEU A 931 10.66 7.27 35.26
CA LEU A 931 10.92 6.19 34.30
C LEU A 931 9.70 5.95 33.41
N GLU A 932 8.50 5.92 33.99
CA GLU A 932 7.28 5.82 33.20
C GLU A 932 7.15 7.00 32.24
N THR A 933 7.51 8.20 32.71
CA THR A 933 7.32 9.38 31.88
C THR A 933 8.31 9.40 30.72
N LEU A 934 9.56 8.95 30.94
CA LEU A 934 10.45 8.80 29.80
C LEU A 934 9.97 7.71 28.85
N LYS A 935 9.37 6.64 29.39
CA LYS A 935 8.77 5.63 28.52
C LYS A 935 7.75 6.26 27.59
N ASP A 936 6.80 7.03 28.15
CA ASP A 936 5.78 7.66 27.33
C ASP A 936 6.39 8.68 26.36
N THR A 937 7.39 9.44 26.83
CA THR A 937 8.02 10.45 25.99
C THR A 937 8.71 9.81 24.79
N THR A 938 9.57 8.82 25.05
CA THR A 938 10.28 8.16 23.95
C THR A 938 9.32 7.38 23.06
N ASP A 939 8.16 6.97 23.58
CA ASP A 939 7.14 6.42 22.71
C ASP A 939 6.56 7.49 21.79
N LYS A 940 6.38 8.71 22.31
CA LYS A 940 5.85 9.82 21.53
C LYS A 940 6.96 10.67 20.92
N HIS A 941 7.80 11.29 21.74
CA HIS A 941 8.89 12.12 21.27
C HIS A 941 10.09 11.28 20.86
N HIS A 942 10.75 11.71 19.78
CA HIS A 942 11.95 11.05 19.31
C HIS A 942 13.11 12.02 19.09
N THR A 943 12.82 13.28 18.75
CA THR A 943 13.89 14.27 18.63
C THR A 943 14.55 14.53 19.98
N LEU A 944 13.76 14.67 21.03
CA LEU A 944 14.32 14.83 22.37
C LEU A 944 15.15 13.61 22.75
N ILE A 945 14.64 12.42 22.46
CA ILE A 945 15.35 11.19 22.81
C ILE A 945 16.66 11.08 22.05
N THR A 946 16.63 11.39 20.75
CA THR A 946 17.85 11.29 19.95
C THR A 946 18.88 12.33 20.38
N GLU A 947 18.42 13.53 20.74
CA GLU A 947 19.37 14.58 21.14
C GLU A 947 19.85 14.39 22.57
N HIS A 948 19.14 13.60 23.38
CA HIS A 948 19.46 13.46 24.80
C HIS A 948 19.86 12.05 25.18
N VAL A 949 20.05 11.15 24.21
CA VAL A 949 20.43 9.77 24.54
C VAL A 949 21.82 9.71 25.16
N SER A 950 22.77 10.50 24.62
CA SER A 950 24.13 10.48 25.15
C SER A 950 24.18 10.96 26.60
N THR A 951 23.14 11.65 27.04
CA THR A 951 22.99 12.08 28.43
C THR A 951 22.18 11.10 29.27
N ILE A 952 21.12 10.54 28.70
CA ILE A 952 20.22 9.69 29.47
C ILE A 952 20.85 8.33 29.75
N VAL A 953 21.62 7.79 28.79
CA VAL A 953 22.07 6.40 28.91
C VAL A 953 22.90 6.14 30.15
N PRO A 954 23.94 6.93 30.47
CA PRO A 954 24.68 6.63 31.71
C PRO A 954 23.86 6.89 32.97
N LEU A 955 22.87 7.79 32.89
CA LEU A 955 21.97 8.00 34.02
C LEU A 955 21.12 6.75 34.28
N LEU A 956 20.59 6.15 33.20
CA LEU A 956 19.89 4.88 33.35
C LEU A 956 20.82 3.78 33.82
N LEU A 957 22.10 3.87 33.42
CA LEU A 957 23.08 2.89 33.91
C LEU A 957 23.25 3.00 35.41
N SER A 958 23.41 4.23 35.92
CA SER A 958 23.51 4.43 37.37
C SER A 958 22.22 4.00 38.07
N LEU A 959 21.06 4.22 37.45
CA LEU A 959 19.82 3.69 37.99
C LEU A 959 19.85 2.18 38.07
N SER A 960 20.42 1.51 37.07
CA SER A 960 20.46 0.05 37.07
C SER A 960 21.49 -0.49 38.06
N LEU A 961 22.46 0.33 38.44
CA LEU A 961 23.44 -0.10 39.43
C LEU A 961 22.78 -0.27 40.79
N PRO A 962 23.19 -1.29 41.55
CA PRO A 962 22.69 -1.41 42.93
C PRO A 962 23.13 -0.22 43.77
N HIS A 963 22.24 0.24 44.63
CA HIS A 963 22.49 1.45 45.42
C HIS A 963 21.57 1.45 46.62
N LYS A 964 21.89 2.32 47.58
CA LYS A 964 21.01 2.52 48.73
C LYS A 964 19.67 3.11 48.31
N TYR A 965 19.57 3.64 47.11
CA TYR A 965 18.33 4.22 46.60
C TYR A 965 17.76 3.45 45.43
N ASN A 966 18.52 2.55 44.82
CA ASN A 966 18.04 1.75 43.69
C ASN A 966 17.50 0.43 44.23
N SER A 967 16.19 0.35 44.38
CA SER A 967 15.55 -0.90 44.76
C SER A 967 15.65 -1.90 43.61
N VAL A 968 15.35 -3.16 43.89
CA VAL A 968 15.34 -4.16 42.83
C VAL A 968 14.30 -3.80 41.78
N SER A 969 13.15 -3.28 42.21
CA SER A 969 12.15 -2.81 41.26
C SER A 969 12.66 -1.61 40.47
N VAL A 970 13.39 -0.72 41.13
CA VAL A 970 13.96 0.44 40.43
C VAL A 970 14.92 -0.01 39.35
N ARG A 971 15.76 -0.99 39.66
CA ARG A 971 16.69 -1.51 38.65
C ARG A 971 15.93 -2.21 37.52
N LEU A 972 14.86 -2.93 37.84
CA LEU A 972 14.03 -3.54 36.82
C LEU A 972 13.43 -2.50 35.89
N ILE A 973 13.00 -1.37 36.45
CA ILE A 973 12.40 -0.32 35.63
C ILE A 973 13.47 0.36 34.79
N ALA A 974 14.68 0.49 35.34
CA ALA A 974 15.80 1.01 34.54
C ALA A 974 16.08 0.08 33.37
N LEU A 975 15.98 -1.24 33.59
CA LEU A 975 16.09 -2.19 32.49
C LEU A 975 15.01 -1.96 31.45
N GLN A 976 13.77 -1.77 31.89
CA GLN A 976 12.66 -1.57 30.96
C GLN A 976 12.86 -0.29 30.14
N LEU A 977 13.26 0.80 30.78
CA LEU A 977 13.55 2.03 30.05
C LEU A 977 14.73 1.88 29.13
N LEU A 978 15.76 1.14 29.54
CA LEU A 978 16.89 0.89 28.66
C LEU A 978 16.43 0.18 27.39
N GLU A 979 15.58 -0.83 27.54
CA GLU A 979 15.02 -1.52 26.39
C GLU A 979 14.21 -0.57 25.52
N MET A 980 13.35 0.25 26.14
CA MET A 980 12.47 1.11 25.37
C MET A 980 13.25 2.17 24.61
N ILE A 981 14.26 2.79 25.25
CA ILE A 981 15.06 3.81 24.59
C ILE A 981 15.96 3.19 23.54
N THR A 982 16.40 1.95 23.74
CA THR A 982 17.20 1.28 22.71
C THR A 982 16.33 0.93 21.51
N THR A 983 15.06 0.59 21.74
CA THR A 983 14.14 0.34 20.64
C THR A 983 13.84 1.61 19.87
N VAL A 984 13.61 2.72 20.58
CA VAL A 984 13.21 3.96 19.91
C VAL A 984 14.40 4.62 19.22
N VAL A 985 15.52 4.76 19.93
CA VAL A 985 16.69 5.39 19.31
C VAL A 985 17.17 4.54 18.15
N PRO A 986 17.52 5.14 17.00
CA PRO A 986 18.02 4.35 15.88
C PRO A 986 19.28 3.57 16.25
N LEU A 987 19.68 2.67 15.36
CA LEU A 987 20.77 1.75 15.64
C LEU A 987 22.10 2.49 15.76
N ASN A 988 22.19 3.70 15.20
CA ASN A 988 23.46 4.43 15.20
C ASN A 988 23.95 4.71 16.62
N TYR A 989 23.09 5.29 17.45
CA TYR A 989 23.49 5.56 18.84
C TYR A 989 23.43 4.29 19.69
N CYS A 990 22.53 3.37 19.35
CA CYS A 990 22.36 2.17 20.17
C CYS A 990 23.58 1.26 20.07
N LEU A 991 24.22 1.21 18.90
CA LEU A 991 25.46 0.47 18.78
C LEU A 991 26.57 1.04 19.66
N SER A 992 26.53 2.35 19.91
CA SER A 992 27.54 2.98 20.76
C SER A 992 27.27 2.76 22.24
N TYR A 993 26.10 2.23 22.60
CA TYR A 993 25.75 2.05 24.00
C TYR A 993 25.32 0.62 24.29
N GLN A 994 26.11 -0.35 23.82
CA GLN A 994 25.84 -1.76 24.06
C GLN A 994 26.72 -2.33 25.18
N ASP A 995 28.02 -2.03 25.14
CA ASP A 995 28.94 -2.65 26.09
C ASP A 995 28.72 -2.16 27.50
N ASP A 996 28.39 -0.87 27.66
CA ASP A 996 28.19 -0.33 29.01
C ASP A 996 27.02 -1.01 29.71
N VAL A 997 25.91 -1.21 29.00
CA VAL A 997 24.77 -1.90 29.58
C VAL A 997 25.11 -3.36 29.86
N LEU A 998 25.87 -3.99 28.96
CA LEU A 998 26.24 -5.39 29.15
C LEU A 998 27.17 -5.56 30.34
N SER A 999 27.93 -4.53 30.68
CA SER A 999 28.94 -4.67 31.73
C SER A 999 28.41 -4.23 33.09
N ALA A 1000 27.64 -3.15 33.13
CA ALA A 1000 27.19 -2.59 34.40
C ALA A 1000 25.87 -3.19 34.89
N LEU A 1001 25.56 -4.43 34.53
CA LEU A 1001 24.32 -5.07 34.94
C LEU A 1001 24.54 -6.34 35.75
N ILE A 1002 25.79 -6.66 36.09
CA ILE A 1002 26.07 -7.95 36.73
C ILE A 1002 25.44 -8.10 38.12
N PRO A 1003 25.22 -7.05 38.89
CA PRO A 1003 24.47 -7.23 40.15
C PRO A 1003 22.97 -7.23 39.99
N VAL A 1004 22.46 -7.20 38.77
CA VAL A 1004 21.03 -7.15 38.52
C VAL A 1004 20.48 -8.50 38.06
N LEU A 1005 21.25 -9.23 37.24
CA LEU A 1005 20.91 -10.62 36.95
C LEU A 1005 21.44 -11.58 38.01
N SER A 1006 21.87 -11.07 39.16
CA SER A 1006 22.31 -11.88 40.28
C SER A 1006 21.88 -11.31 41.62
N ASP A 1007 20.86 -10.45 41.64
CA ASP A 1007 20.42 -9.81 42.86
C ASP A 1007 19.49 -10.75 43.65
N LYS A 1008 18.88 -10.19 44.71
CA LYS A 1008 18.11 -11.02 45.63
C LYS A 1008 16.85 -11.56 44.97
N LYS A 1009 16.07 -10.70 44.32
CA LYS A 1009 14.91 -11.17 43.57
C LYS A 1009 15.38 -11.79 42.26
N ARG A 1010 14.47 -12.50 41.59
CA ARG A 1010 14.82 -13.24 40.38
C ARG A 1010 14.06 -12.76 39.15
N ILE A 1011 12.87 -12.17 39.33
CA ILE A 1011 12.29 -11.42 38.22
C ILE A 1011 13.25 -10.32 37.78
N ILE A 1012 13.91 -9.69 38.75
CA ILE A 1012 14.98 -8.76 38.42
C ILE A 1012 16.08 -9.50 37.68
N ARG A 1013 16.44 -10.70 38.15
CA ARG A 1013 17.49 -11.47 37.49
C ARG A 1013 17.07 -11.92 36.10
N LYS A 1014 15.87 -12.47 35.97
CA LYS A 1014 15.40 -12.93 34.67
C LYS A 1014 15.31 -11.78 33.68
N GLN A 1015 14.80 -10.63 34.12
CA GLN A 1015 14.65 -9.50 33.20
C GLN A 1015 15.99 -8.85 32.90
N CYS A 1016 16.95 -8.94 33.82
CA CYS A 1016 18.29 -8.46 33.49
C CYS A 1016 18.98 -9.38 32.50
N VAL A 1017 18.77 -10.69 32.63
CA VAL A 1017 19.27 -11.64 31.64
C VAL A 1017 18.66 -11.30 30.27
N ASP A 1018 17.36 -11.04 30.25
CA ASP A 1018 16.69 -10.71 28.99
C ASP A 1018 17.20 -9.39 28.43
N THR A 1019 17.41 -8.40 29.30
CA THR A 1019 17.94 -7.11 28.86
C THR A 1019 19.35 -7.25 28.27
N ARG A 1020 20.20 -8.02 28.95
CA ARG A 1020 21.55 -8.26 28.44
C ARG A 1020 21.50 -8.97 27.11
N GLN A 1021 20.65 -9.99 26.97
CA GLN A 1021 20.57 -10.74 25.73
C GLN A 1021 20.05 -9.87 24.59
N VAL A 1022 19.05 -9.02 24.87
CA VAL A 1022 18.47 -8.20 23.82
C VAL A 1022 19.46 -7.12 23.41
N TYR A 1023 20.17 -6.53 24.37
CA TYR A 1023 21.22 -5.58 24.04
C TYR A 1023 22.31 -6.22 23.20
N TYR A 1024 22.71 -7.44 23.56
CA TYR A 1024 23.75 -8.12 22.79
C TYR A 1024 23.29 -8.43 21.38
N GLU A 1025 22.05 -8.91 21.21
CA GLU A 1025 21.57 -9.23 19.87
C GLU A 1025 21.32 -7.99 19.04
N LEU A 1026 20.96 -6.87 19.67
CA LEU A 1026 20.79 -5.63 18.93
C LEU A 1026 22.14 -5.05 18.51
N GLY A 1027 23.15 -5.16 19.36
CA GLY A 1027 24.48 -4.69 18.99
C GLY A 1027 25.13 -5.55 17.93
N GLN A 1028 24.99 -6.87 18.05
CA GLN A 1028 25.64 -7.77 17.11
C GLN A 1028 25.01 -7.70 15.72
N ILE A 1029 23.78 -7.21 15.61
CA ILE A 1029 23.12 -7.08 14.32
C ILE A 1029 23.07 -5.62 13.89
N ALA B 9 47.12 -52.41 -27.98
CA ALA B 9 46.23 -51.79 -27.01
C ALA B 9 44.76 -52.01 -27.39
N VAL B 10 44.18 -53.08 -26.84
CA VAL B 10 42.76 -53.34 -27.04
C VAL B 10 41.93 -52.28 -26.31
N VAL B 11 42.54 -51.61 -25.34
CA VAL B 11 41.86 -50.54 -24.60
C VAL B 11 41.34 -49.48 -25.56
N THR B 12 42.07 -49.23 -26.65
CA THR B 12 41.59 -48.33 -27.70
C THR B 12 40.19 -48.72 -28.16
N PHE B 13 40.04 -49.94 -28.67
CA PHE B 13 38.78 -50.38 -29.24
C PHE B 13 37.69 -50.48 -28.17
N MET B 14 38.03 -50.99 -26.99
CA MET B 14 37.00 -51.15 -25.97
C MET B 14 36.46 -49.80 -25.53
N ALA B 15 37.34 -48.79 -25.38
CA ALA B 15 36.85 -47.45 -25.05
C ALA B 15 36.04 -46.87 -26.19
N ASN B 16 36.54 -47.00 -27.42
CA ASN B 16 35.86 -46.44 -28.58
C ASN B 16 34.47 -47.04 -28.77
N LEU B 17 34.26 -48.27 -28.32
CA LEU B 17 32.94 -48.89 -28.49
C LEU B 17 32.09 -48.75 -27.23
N ASN B 18 32.72 -48.59 -26.07
CA ASN B 18 31.98 -48.51 -24.82
C ASN B 18 31.58 -47.10 -24.47
N ILE B 19 32.09 -46.10 -25.19
CA ILE B 19 31.54 -44.76 -25.04
C ILE B 19 30.05 -44.72 -25.33
N ASP B 20 29.57 -45.57 -26.24
CA ASP B 20 28.14 -45.64 -26.50
C ASP B 20 27.36 -46.15 -25.30
N ASP B 21 28.01 -46.85 -24.37
CA ASP B 21 27.36 -47.37 -23.18
C ASP B 21 27.17 -46.31 -22.11
N SER B 22 27.35 -45.04 -22.44
CA SER B 22 27.14 -43.92 -21.51
C SER B 22 28.03 -44.03 -20.28
N LYS B 23 29.30 -44.36 -20.52
CA LYS B 23 30.27 -44.44 -19.43
C LYS B 23 30.90 -43.08 -19.11
N ALA B 24 30.74 -42.09 -19.99
CA ALA B 24 31.16 -40.71 -19.74
C ALA B 24 32.67 -40.68 -19.52
N ASN B 25 33.16 -40.20 -18.36
CA ASN B 25 34.59 -40.07 -18.13
C ASN B 25 35.29 -41.40 -17.84
N GLU B 26 34.53 -42.43 -17.46
CA GLU B 26 35.15 -43.73 -17.18
C GLU B 26 35.83 -44.29 -18.42
N THR B 27 35.18 -44.15 -19.58
CA THR B 27 35.81 -44.58 -20.83
C THR B 27 36.76 -43.52 -21.38
N ALA B 28 36.59 -42.26 -20.99
CA ALA B 28 37.53 -41.22 -21.40
C ALA B 28 38.91 -41.46 -20.78
N SER B 29 38.93 -41.90 -19.53
CA SER B 29 40.20 -42.27 -18.90
C SER B 29 40.87 -43.42 -19.62
N THR B 30 40.08 -44.39 -20.08
CA THR B 30 40.65 -45.50 -20.86
C THR B 30 41.14 -45.02 -22.22
N VAL B 31 40.47 -44.03 -22.81
CA VAL B 31 40.96 -43.45 -24.05
C VAL B 31 42.32 -42.79 -23.82
N THR B 32 42.45 -42.05 -22.72
CA THR B 32 43.74 -41.43 -22.40
C THR B 32 44.82 -42.48 -22.16
N ASP B 33 44.46 -43.57 -21.46
CA ASP B 33 45.42 -44.65 -21.25
C ASP B 33 45.84 -45.27 -22.57
N SER B 34 44.90 -45.44 -23.50
CA SER B 34 45.21 -45.98 -24.82
C SER B 34 46.15 -45.05 -25.58
N ILE B 35 45.88 -43.75 -25.53
CA ILE B 35 46.73 -42.77 -26.20
C ILE B 35 48.13 -42.80 -25.60
N VAL B 36 48.23 -43.00 -24.29
CA VAL B 36 49.53 -43.15 -23.64
C VAL B 36 50.23 -44.41 -24.12
N HIS B 37 49.45 -45.50 -24.28
CA HIS B 37 50.04 -46.79 -24.64
C HIS B 37 50.60 -46.77 -26.06
N ARG B 38 49.75 -46.51 -27.06
CA ARG B 38 50.22 -46.66 -28.44
C ARG B 38 50.75 -45.35 -29.02
N SER B 39 50.37 -44.22 -28.43
CA SER B 39 50.86 -42.89 -28.81
C SER B 39 50.49 -42.51 -30.24
N ILE B 40 49.71 -43.33 -30.94
CA ILE B 40 49.32 -43.04 -32.32
C ILE B 40 47.83 -43.29 -32.48
N LYS B 41 47.21 -43.85 -31.44
CA LYS B 41 45.82 -44.29 -31.55
C LYS B 41 44.82 -43.17 -31.35
N LEU B 42 45.26 -41.95 -31.02
CA LEU B 42 44.34 -40.84 -30.86
C LEU B 42 43.65 -40.52 -32.20
N LEU B 43 44.44 -40.46 -33.27
CA LEU B 43 43.86 -40.18 -34.58
C LEU B 43 42.96 -41.34 -35.02
N GLU B 44 43.37 -42.57 -34.73
CA GLU B 44 42.57 -43.72 -35.12
C GLU B 44 41.22 -43.72 -34.40
N VAL B 45 41.22 -43.40 -33.10
CA VAL B 45 39.96 -43.41 -32.37
C VAL B 45 39.08 -42.25 -32.80
N VAL B 46 39.66 -41.08 -33.09
CA VAL B 46 38.80 -39.97 -33.51
C VAL B 46 38.22 -40.23 -34.90
N VAL B 47 38.99 -40.86 -35.80
CA VAL B 47 38.44 -41.12 -37.13
C VAL B 47 37.47 -42.28 -37.10
N ALA B 48 37.62 -43.22 -36.16
CA ALA B 48 36.62 -44.27 -36.00
C ALA B 48 35.37 -43.73 -35.34
N LEU B 49 35.50 -42.66 -34.55
CA LEU B 49 34.36 -41.94 -34.02
C LEU B 49 33.69 -41.05 -35.06
N LYS B 50 34.42 -40.64 -36.10
CA LYS B 50 33.87 -39.71 -37.08
C LYS B 50 32.57 -40.22 -37.69
N ASP B 51 32.54 -41.50 -38.07
CA ASP B 51 31.31 -42.13 -38.53
C ASP B 51 30.52 -42.78 -37.41
N TYR B 52 31.03 -42.75 -36.17
CA TYR B 52 30.35 -43.40 -35.07
C TYR B 52 29.19 -42.54 -34.57
N PHE B 53 29.32 -41.21 -34.65
CA PHE B 53 28.21 -40.32 -34.36
C PHE B 53 27.39 -39.99 -35.61
N LEU B 54 27.80 -40.50 -36.77
CA LEU B 54 27.05 -40.30 -38.00
C LEU B 54 25.66 -40.94 -37.93
N SER B 55 25.49 -41.95 -37.08
CA SER B 55 24.18 -42.56 -36.90
C SER B 55 23.19 -41.54 -36.35
N GLU B 56 21.95 -41.62 -36.83
CA GLU B 56 20.97 -40.58 -36.54
C GLU B 56 20.43 -40.69 -35.12
N ASN B 57 20.41 -41.90 -34.55
CA ASN B 57 19.88 -42.09 -33.21
C ASN B 57 20.64 -41.23 -32.20
N GLU B 58 19.89 -40.63 -31.27
CA GLU B 58 20.45 -39.62 -30.39
C GLU B 58 21.57 -40.14 -29.49
N VAL B 59 21.42 -41.34 -28.90
CA VAL B 59 22.41 -41.83 -27.97
C VAL B 59 23.76 -41.99 -28.64
N GLU B 60 23.77 -42.69 -29.79
CA GLU B 60 25.02 -42.93 -30.51
C GLU B 60 25.72 -41.62 -30.84
N ARG B 61 25.00 -40.69 -31.48
CA ARG B 61 25.62 -39.46 -31.95
C ARG B 61 26.11 -38.61 -30.78
N LYS B 62 25.27 -38.41 -29.76
CA LYS B 62 25.67 -37.53 -28.67
C LYS B 62 26.81 -38.12 -27.86
N LYS B 63 26.80 -39.44 -27.64
CA LYS B 63 27.85 -40.02 -26.81
C LYS B 63 29.16 -40.15 -27.57
N ALA B 64 29.11 -40.35 -28.89
CA ALA B 64 30.33 -40.28 -29.66
C ALA B 64 30.87 -38.86 -29.70
N LEU B 65 29.99 -37.87 -29.82
CA LEU B 65 30.46 -36.50 -29.95
C LEU B 65 31.04 -35.96 -28.65
N THR B 66 30.44 -36.33 -27.51
CA THR B 66 30.97 -35.82 -26.24
C THR B 66 32.39 -36.35 -25.99
N CYS B 67 32.63 -37.63 -26.26
CA CYS B 67 33.97 -38.15 -26.09
C CYS B 67 34.92 -37.62 -27.15
N LEU B 68 34.42 -37.40 -28.38
CA LEU B 68 35.26 -36.77 -29.40
C LEU B 68 35.75 -35.41 -28.93
N THR B 69 34.84 -34.57 -28.42
CA THR B 69 35.23 -33.26 -27.92
C THR B 69 36.16 -33.38 -26.72
N THR B 70 35.87 -34.31 -25.81
CA THR B 70 36.69 -34.45 -24.61
C THR B 70 38.12 -34.84 -24.96
N ILE B 71 38.28 -35.82 -25.86
CA ILE B 71 39.63 -36.30 -26.18
C ILE B 71 40.31 -35.35 -27.15
N LEU B 72 39.55 -34.53 -27.88
CA LEU B 72 40.16 -33.48 -28.70
C LEU B 72 40.73 -32.38 -27.82
N ALA B 73 40.00 -32.02 -26.75
CA ALA B 73 40.55 -31.12 -25.75
C ALA B 73 41.72 -31.75 -25.03
N LYS B 74 41.71 -33.08 -24.89
CA LYS B 74 42.82 -33.80 -24.28
C LYS B 74 43.92 -34.13 -25.27
N THR B 75 43.82 -33.69 -26.52
CA THR B 75 44.83 -33.94 -27.55
C THR B 75 45.28 -32.64 -28.18
N PRO B 76 46.11 -31.86 -27.49
CA PRO B 76 46.78 -30.72 -28.12
C PRO B 76 48.19 -31.04 -28.61
N LYS B 77 48.58 -32.32 -28.52
CA LYS B 77 49.94 -32.70 -28.86
C LYS B 77 50.20 -32.61 -30.36
N ASP B 78 49.44 -33.38 -31.14
CA ASP B 78 49.61 -33.43 -32.59
C ASP B 78 48.28 -33.04 -33.24
N HIS B 79 48.22 -31.81 -33.75
CA HIS B 79 46.95 -31.25 -34.13
C HIS B 79 47.22 -30.13 -35.13
N LEU B 80 47.07 -30.45 -36.42
CA LEU B 80 47.47 -29.56 -37.49
C LEU B 80 46.41 -28.50 -37.76
N SER B 81 46.84 -27.40 -38.40
CA SER B 81 45.94 -26.28 -38.66
C SER B 81 44.86 -26.65 -39.66
N LYS B 82 45.23 -27.24 -40.80
CA LYS B 82 44.22 -27.66 -41.76
C LYS B 82 43.44 -28.85 -41.23
N ASN B 83 44.10 -29.77 -40.54
CA ASN B 83 43.39 -30.82 -39.82
C ASN B 83 42.45 -30.22 -38.78
N GLU B 84 42.89 -29.13 -38.14
CA GLU B 84 42.04 -28.43 -37.18
C GLU B 84 40.78 -27.92 -37.85
N CYS B 85 40.93 -27.22 -38.97
CA CYS B 85 39.78 -26.71 -39.71
C CYS B 85 38.85 -27.84 -40.13
N SER B 86 39.42 -28.97 -40.56
CA SER B 86 38.62 -30.14 -40.88
C SER B 86 37.89 -30.71 -39.66
N VAL B 87 38.46 -30.54 -38.46
CA VAL B 87 37.80 -31.04 -37.25
C VAL B 87 36.51 -30.29 -36.99
N ILE B 88 36.52 -28.97 -37.16
CA ILE B 88 35.32 -28.15 -36.99
C ILE B 88 34.34 -28.29 -38.16
N PHE B 89 34.71 -28.98 -39.23
CA PHE B 89 33.72 -29.26 -40.27
C PHE B 89 32.56 -30.09 -39.72
N GLN B 90 32.86 -31.15 -38.98
CA GLN B 90 31.81 -31.95 -38.36
C GLN B 90 31.12 -31.18 -37.24
N PHE B 91 31.84 -30.32 -36.54
CA PHE B 91 31.21 -29.47 -35.53
C PHE B 91 30.13 -28.60 -36.14
N TYR B 92 30.44 -27.94 -37.26
CA TYR B 92 29.45 -27.15 -37.99
C TYR B 92 28.31 -27.98 -38.57
N GLN B 93 28.58 -29.16 -39.12
CA GLN B 93 27.46 -29.93 -39.67
C GLN B 93 26.53 -30.40 -38.55
N SER B 94 27.09 -30.74 -37.38
CA SER B 94 26.24 -31.10 -36.24
C SER B 94 25.47 -29.90 -35.72
N LYS B 95 26.09 -28.72 -35.71
CA LYS B 95 25.35 -27.50 -35.40
C LYS B 95 24.19 -27.29 -36.36
N LEU B 96 24.44 -27.53 -37.65
CA LEU B 96 23.41 -27.29 -38.67
C LEU B 96 22.26 -28.28 -38.53
N ASP B 97 22.56 -29.55 -38.26
CA ASP B 97 21.51 -30.58 -38.26
C ASP B 97 20.53 -30.40 -37.11
N ASP B 98 20.99 -30.54 -35.87
CA ASP B 98 20.10 -30.57 -34.72
C ASP B 98 20.78 -29.97 -33.50
N GLN B 99 19.99 -29.80 -32.44
CA GLN B 99 20.48 -29.40 -31.13
C GLN B 99 20.55 -30.63 -30.22
N ALA B 100 20.90 -30.40 -28.95
CA ALA B 100 21.13 -31.42 -27.92
C ALA B 100 22.38 -32.26 -28.21
N LEU B 101 22.99 -32.07 -29.38
CA LEU B 101 24.34 -32.53 -29.65
C LEU B 101 25.26 -31.36 -29.93
N ALA B 102 24.67 -30.19 -30.22
CA ALA B 102 25.44 -28.97 -30.45
C ALA B 102 26.08 -28.45 -29.17
N LYS B 103 25.58 -28.87 -28.01
CA LYS B 103 26.19 -28.42 -26.75
C LYS B 103 27.61 -28.97 -26.60
N GLU B 104 27.79 -30.27 -26.90
CA GLU B 104 29.12 -30.86 -26.86
C GLU B 104 30.04 -30.15 -27.85
N VAL B 105 29.52 -29.82 -29.03
CA VAL B 105 30.23 -28.96 -29.97
C VAL B 105 30.58 -27.62 -29.35
N LEU B 106 29.73 -27.10 -28.45
CA LEU B 106 30.03 -25.83 -27.80
C LEU B 106 31.20 -25.95 -26.83
N GLU B 107 31.23 -27.01 -26.01
CA GLU B 107 32.41 -27.20 -25.19
C GLU B 107 33.65 -27.46 -26.04
N GLY B 108 33.49 -28.15 -27.17
CA GLY B 108 34.61 -28.32 -28.09
C GLY B 108 35.13 -26.99 -28.62
N PHE B 109 34.24 -26.08 -28.98
CA PHE B 109 34.65 -24.76 -29.42
C PHE B 109 35.32 -23.98 -28.30
N ALA B 110 34.76 -24.03 -27.10
CA ALA B 110 35.33 -23.31 -25.97
C ALA B 110 36.64 -23.94 -25.51
N ALA B 111 36.94 -25.15 -25.98
CA ALA B 111 38.22 -25.77 -25.68
C ALA B 111 39.25 -25.50 -26.79
N LEU B 112 38.81 -25.46 -28.05
CA LEU B 112 39.72 -25.22 -29.16
C LEU B 112 40.05 -23.75 -29.35
N ALA B 113 39.19 -22.85 -28.87
CA ALA B 113 39.50 -21.42 -28.96
C ALA B 113 40.72 -21.03 -28.15
N PRO B 114 40.89 -21.43 -26.89
CA PRO B 114 42.08 -21.00 -26.13
C PRO B 114 43.40 -21.43 -26.74
N MET B 115 43.49 -22.63 -27.32
CA MET B 115 44.76 -23.12 -27.80
C MET B 115 45.21 -22.32 -29.02
N LYS B 116 46.53 -22.28 -29.24
CA LYS B 116 47.09 -21.53 -30.35
C LYS B 116 46.85 -22.22 -31.69
N TYR B 117 46.34 -23.45 -31.67
CA TYR B 117 46.08 -24.21 -32.89
C TYR B 117 44.77 -23.73 -33.53
N VAL B 118 44.78 -22.46 -33.92
CA VAL B 118 43.68 -21.83 -34.65
C VAL B 118 44.26 -21.15 -35.87
N SER B 119 43.94 -21.67 -37.05
CA SER B 119 44.54 -21.19 -38.28
C SER B 119 43.86 -19.90 -38.75
N ILE B 120 44.45 -19.28 -39.77
CA ILE B 120 43.82 -18.15 -40.42
C ILE B 120 42.51 -18.57 -41.08
N ASN B 121 42.52 -19.72 -41.76
CA ASN B 121 41.29 -20.29 -42.28
C ASN B 121 40.31 -20.60 -41.16
N GLU B 122 40.80 -21.04 -40.00
CA GLU B 122 39.92 -21.32 -38.89
C GLU B 122 39.30 -20.06 -38.31
N ILE B 123 40.10 -19.01 -38.12
CA ILE B 123 39.50 -17.81 -37.51
C ILE B 123 38.47 -17.20 -38.46
N ALA B 124 38.76 -17.21 -39.77
CA ALA B 124 37.80 -16.68 -40.74
C ALA B 124 36.55 -17.55 -40.81
N GLN B 125 36.72 -18.87 -40.91
CA GLN B 125 35.59 -19.76 -40.97
C GLN B 125 34.74 -19.66 -39.71
N LEU B 126 35.39 -19.51 -38.55
CA LEU B 126 34.64 -19.23 -37.32
C LEU B 126 33.81 -17.97 -37.47
N LEU B 127 34.49 -16.81 -37.61
CA LEU B 127 33.81 -15.52 -37.59
C LEU B 127 32.73 -15.42 -38.67
N ARG B 128 32.76 -16.29 -39.67
CA ARG B 128 31.69 -16.28 -40.66
C ARG B 128 30.58 -17.27 -40.30
N LEU B 129 30.93 -18.53 -40.10
CA LEU B 129 29.92 -19.58 -40.17
C LEU B 129 29.41 -19.99 -38.80
N LEU B 130 30.15 -19.70 -37.71
CA LEU B 130 29.63 -20.09 -36.39
C LEU B 130 28.36 -19.33 -36.07
N LEU B 131 28.12 -18.19 -36.73
CA LEU B 131 26.83 -17.52 -36.69
C LEU B 131 26.05 -17.62 -37.98
N ASP B 132 26.65 -18.10 -39.06
CA ASP B 132 25.88 -18.36 -40.28
C ASP B 132 24.83 -19.45 -40.05
N ASN B 133 25.26 -20.64 -39.63
CA ASN B 133 24.30 -21.73 -39.47
C ASN B 133 23.86 -21.87 -38.02
N TYR B 134 24.81 -21.81 -37.08
CA TYR B 134 24.48 -22.06 -35.68
C TYR B 134 23.66 -20.92 -35.07
N GLN B 135 23.94 -19.69 -35.48
CA GLN B 135 23.34 -18.48 -34.88
C GLN B 135 23.36 -18.57 -33.36
N GLN B 136 24.57 -18.48 -32.82
CA GLN B 136 24.84 -18.80 -31.42
C GLN B 136 23.95 -18.01 -30.48
N GLY B 137 23.62 -18.64 -29.34
CA GLY B 137 22.92 -17.96 -28.27
C GLY B 137 21.45 -17.71 -28.51
N GLN B 138 20.85 -18.31 -29.54
CA GLN B 138 19.46 -18.02 -29.84
C GLN B 138 18.53 -19.00 -29.15
N HIS B 139 19.00 -20.21 -28.87
CA HIS B 139 18.10 -21.26 -28.39
C HIS B 139 18.73 -22.02 -27.23
N LEU B 140 17.88 -22.38 -26.27
CA LEU B 140 18.16 -23.32 -25.18
C LEU B 140 19.15 -22.73 -24.18
N ALA B 141 19.00 -23.09 -22.90
CA ALA B 141 19.77 -22.46 -21.83
C ALA B 141 21.26 -22.70 -21.99
N SER B 142 21.67 -23.96 -22.13
CA SER B 142 23.09 -24.26 -22.27
C SER B 142 23.59 -23.93 -23.67
N THR B 143 22.76 -24.16 -24.68
CA THR B 143 23.14 -23.86 -26.06
C THR B 143 23.25 -22.35 -26.29
N ARG B 144 22.80 -21.55 -25.33
CA ARG B 144 23.08 -20.11 -25.34
C ARG B 144 24.10 -19.73 -24.28
N LEU B 145 24.33 -20.59 -23.28
CA LEU B 145 25.33 -20.33 -22.25
C LEU B 145 26.74 -20.46 -22.80
N TRP B 146 27.00 -21.52 -23.55
CA TRP B 146 28.36 -21.78 -24.03
C TRP B 146 28.83 -20.88 -25.18
N PRO B 147 27.97 -20.39 -26.08
CA PRO B 147 28.47 -19.47 -27.12
C PRO B 147 29.23 -18.27 -26.56
N PHE B 148 28.78 -17.70 -25.45
CA PHE B 148 29.55 -16.63 -24.82
C PHE B 148 30.94 -17.14 -24.43
N LYS B 149 31.03 -18.38 -23.94
CA LYS B 149 32.33 -18.96 -23.63
C LYS B 149 33.20 -19.04 -24.88
N ILE B 150 32.66 -19.58 -25.97
CA ILE B 150 33.50 -19.84 -27.14
C ILE B 150 33.99 -18.53 -27.74
N LEU B 151 33.13 -17.50 -27.76
CA LEU B 151 33.56 -16.22 -28.30
C LEU B 151 34.50 -15.50 -27.34
N ARG B 152 34.30 -15.65 -26.03
CA ARG B 152 35.23 -15.09 -25.06
C ARG B 152 36.63 -15.68 -25.25
N LYS B 153 36.71 -16.99 -25.44
CA LYS B 153 38.02 -17.63 -25.56
C LYS B 153 38.64 -17.35 -26.93
N ILE B 154 37.84 -17.23 -27.98
CA ILE B 154 38.41 -16.89 -29.28
C ILE B 154 38.85 -15.44 -29.29
N PHE B 155 38.24 -14.58 -28.45
CA PHE B 155 38.75 -13.23 -28.27
C PHE B 155 40.05 -13.22 -27.49
N ASP B 156 40.09 -13.97 -26.38
CA ASP B 156 41.24 -13.93 -25.50
C ASP B 156 42.42 -14.75 -26.02
N ARG B 157 42.21 -15.53 -27.08
CA ARG B 157 43.31 -16.34 -27.62
C ARG B 157 44.37 -15.48 -28.28
N PHE B 158 44.02 -14.82 -29.38
CA PHE B 158 44.96 -13.98 -30.12
C PHE B 158 44.30 -12.70 -30.60
N PHE B 159 42.97 -12.69 -30.72
CA PHE B 159 42.25 -11.50 -31.15
C PHE B 159 42.37 -10.39 -30.11
N VAL B 160 42.50 -10.74 -28.83
CA VAL B 160 42.79 -9.73 -27.82
C VAL B 160 44.15 -9.12 -28.12
N ASN B 161 44.30 -7.83 -27.81
CA ASN B 161 45.51 -7.10 -28.19
C ASN B 161 46.66 -7.40 -27.23
N GLY B 162 46.94 -8.69 -27.04
CA GLY B 162 48.17 -9.09 -26.39
C GLY B 162 49.33 -9.10 -27.37
N SER B 163 49.07 -9.50 -28.61
CA SER B 163 50.01 -9.42 -29.72
C SER B 163 49.43 -8.56 -30.84
N SER B 164 48.56 -7.63 -30.46
CA SER B 164 47.84 -6.74 -31.39
C SER B 164 47.01 -7.62 -32.34
N THR B 165 46.82 -7.21 -33.59
CA THR B 165 46.05 -7.95 -34.58
C THR B 165 46.79 -8.00 -35.90
N GLU B 166 48.08 -8.34 -35.85
CA GLU B 166 48.90 -8.31 -37.06
C GLU B 166 48.45 -9.35 -38.08
N GLN B 167 47.80 -10.42 -37.63
CA GLN B 167 47.24 -11.40 -38.56
C GLN B 167 45.76 -11.67 -38.30
N VAL B 168 45.17 -11.06 -37.27
CA VAL B 168 43.72 -11.11 -37.07
C VAL B 168 43.08 -9.74 -37.16
N LYS B 169 43.60 -8.86 -38.02
CA LYS B 169 43.01 -7.53 -38.17
C LYS B 169 41.68 -7.58 -38.92
N ARG B 170 41.35 -8.72 -39.51
CA ARG B 170 40.10 -8.84 -40.25
C ARG B 170 38.91 -8.97 -39.33
N ILE B 171 39.10 -9.58 -38.15
CA ILE B 171 37.98 -9.95 -37.30
C ILE B 171 37.54 -8.80 -36.39
N ASN B 172 38.29 -7.69 -36.37
CA ASN B 172 37.99 -6.60 -35.43
C ASN B 172 36.54 -6.13 -35.57
N ASP B 173 36.25 -5.48 -36.70
CA ASP B 173 34.93 -4.91 -36.94
C ASP B 173 33.84 -5.96 -36.83
N LEU B 174 34.00 -7.08 -37.54
CA LEU B 174 32.93 -8.06 -37.61
C LEU B 174 32.71 -8.78 -36.28
N PHE B 175 33.72 -8.80 -35.42
CA PHE B 175 33.53 -9.39 -34.10
C PHE B 175 32.56 -8.54 -33.28
N ILE B 176 32.56 -7.23 -33.50
CA ILE B 176 31.57 -6.37 -32.86
C ILE B 176 30.16 -6.91 -33.08
N GLU B 177 29.75 -7.04 -34.34
CA GLU B 177 28.38 -7.43 -34.61
C GLU B 177 28.17 -8.93 -34.54
N THR B 178 29.23 -9.74 -34.45
CA THR B 178 28.99 -11.16 -34.18
C THR B 178 28.79 -11.39 -32.68
N PHE B 179 29.33 -10.51 -31.84
CA PHE B 179 28.95 -10.52 -30.44
C PHE B 179 27.57 -9.91 -30.23
N LEU B 180 27.22 -8.90 -31.03
CA LEU B 180 25.86 -8.39 -31.02
C LEU B 180 24.85 -9.38 -31.57
N HIS B 181 25.26 -10.28 -32.47
CA HIS B 181 24.36 -11.31 -32.97
C HIS B 181 23.90 -12.22 -31.84
N VAL B 182 24.80 -12.58 -30.93
CA VAL B 182 24.50 -13.42 -29.79
C VAL B 182 24.09 -12.52 -28.63
N ALA B 183 22.81 -12.15 -28.61
CA ALA B 183 22.31 -11.21 -27.61
C ALA B 183 20.79 -11.34 -27.56
N ASN B 184 20.21 -10.72 -26.53
CA ASN B 184 18.77 -10.59 -26.35
C ASN B 184 18.08 -11.94 -26.21
N GLY B 185 18.83 -12.99 -25.88
CA GLY B 185 18.24 -14.30 -25.70
C GLY B 185 18.74 -15.00 -24.45
N GLU B 186 19.75 -14.41 -23.81
CA GLU B 186 20.33 -14.98 -22.60
C GLU B 186 19.82 -14.23 -21.38
N LYS B 187 19.23 -14.96 -20.44
CA LYS B 187 18.61 -14.35 -19.27
C LYS B 187 19.25 -14.80 -17.95
N ASP B 188 19.90 -15.96 -17.93
CA ASP B 188 20.57 -16.41 -16.73
C ASP B 188 21.72 -15.45 -16.37
N PRO B 189 21.93 -15.20 -15.08
CA PRO B 189 22.91 -14.16 -14.70
C PRO B 189 24.33 -14.44 -15.17
N ARG B 190 24.68 -15.71 -15.39
CA ARG B 190 26.05 -16.02 -15.81
C ARG B 190 26.33 -15.49 -17.21
N ASN B 191 25.39 -15.70 -18.14
CA ASN B 191 25.53 -15.13 -19.48
C ASN B 191 25.54 -13.61 -19.42
N LEU B 192 24.79 -13.02 -18.50
CA LEU B 192 24.78 -11.57 -18.35
C LEU B 192 26.16 -11.08 -17.96
N LEU B 193 26.76 -11.73 -16.95
CA LEU B 193 28.12 -11.40 -16.54
C LEU B 193 29.10 -11.57 -17.69
N LEU B 194 28.94 -12.66 -18.46
CA LEU B 194 29.83 -12.90 -19.59
C LEU B 194 29.73 -11.78 -20.61
N SER B 195 28.51 -11.39 -20.98
CA SER B 195 28.34 -10.31 -21.95
C SER B 195 28.95 -9.01 -21.43
N PHE B 196 28.78 -8.74 -20.13
CA PHE B 196 29.36 -7.52 -19.57
C PHE B 196 30.87 -7.52 -19.69
N ALA B 197 31.50 -8.64 -19.31
CA ALA B 197 32.96 -8.73 -19.39
C ALA B 197 33.45 -8.66 -20.83
N LEU B 198 32.73 -9.31 -21.75
CA LEU B 198 33.10 -9.23 -23.17
C LEU B 198 33.05 -7.80 -23.68
N ASN B 199 32.00 -7.04 -23.33
CA ASN B 199 31.98 -5.63 -23.75
C ASN B 199 33.14 -4.87 -23.13
N LYS B 200 33.37 -5.08 -21.82
CA LYS B 200 34.46 -4.41 -21.12
C LYS B 200 35.79 -4.62 -21.83
N SER B 201 36.10 -5.86 -22.21
CA SER B 201 37.38 -6.13 -22.83
C SER B 201 37.40 -5.73 -24.31
N ILE B 202 36.29 -5.95 -25.02
CA ILE B 202 36.26 -5.73 -26.46
C ILE B 202 36.27 -4.25 -26.79
N THR B 203 35.97 -3.38 -25.82
CA THR B 203 36.20 -1.96 -26.02
C THR B 203 37.62 -1.56 -25.65
N SER B 204 38.10 -2.01 -24.49
CA SER B 204 39.33 -1.46 -23.94
C SER B 204 40.57 -2.09 -24.56
N SER B 205 40.70 -3.41 -24.53
CA SER B 205 41.88 -4.04 -25.11
C SER B 205 41.90 -3.87 -26.62
N LEU B 206 40.73 -3.99 -27.26
CA LEU B 206 40.63 -3.98 -28.70
C LEU B 206 40.78 -2.56 -29.25
N GLN B 207 41.45 -2.45 -30.39
CA GLN B 207 41.60 -1.17 -31.08
C GLN B 207 40.42 -0.94 -32.02
N ASN B 208 40.47 0.19 -32.72
CA ASN B 208 39.50 0.63 -33.74
C ASN B 208 38.06 0.30 -33.37
N VAL B 209 37.72 0.41 -32.08
CA VAL B 209 36.35 0.23 -31.65
C VAL B 209 35.54 1.50 -31.88
N GLU B 210 36.22 2.66 -31.94
CA GLU B 210 35.53 3.93 -32.16
C GLU B 210 34.75 3.93 -33.48
N ASN B 211 35.24 3.22 -34.49
CA ASN B 211 34.50 3.14 -35.76
C ASN B 211 33.16 2.46 -35.55
N PHE B 212 33.09 1.49 -34.66
CA PHE B 212 31.88 0.71 -34.41
C PHE B 212 31.53 0.66 -32.93
N LYS B 213 31.52 1.82 -32.26
CA LYS B 213 31.25 1.86 -30.83
C LYS B 213 29.77 2.13 -30.55
N GLU B 214 29.43 2.17 -29.26
CA GLU B 214 28.12 2.56 -28.76
C GLU B 214 27.07 1.50 -29.06
N ASP B 215 27.39 0.51 -29.89
CA ASP B 215 26.49 -0.60 -30.15
C ASP B 215 26.77 -1.79 -29.24
N LEU B 216 27.98 -1.89 -28.69
CA LEU B 216 28.32 -2.94 -27.75
C LEU B 216 27.63 -2.76 -26.41
N PHE B 217 27.15 -1.55 -26.11
CA PHE B 217 26.40 -1.34 -24.87
C PHE B 217 24.94 -1.73 -25.05
N ASP B 218 24.52 -2.05 -26.27
CA ASP B 218 23.13 -2.44 -26.51
C ASP B 218 22.81 -3.76 -25.79
N VAL B 219 23.68 -4.76 -25.96
CA VAL B 219 23.48 -6.04 -25.27
C VAL B 219 23.52 -5.85 -23.76
N LEU B 220 24.38 -4.96 -23.27
CA LEU B 220 24.48 -4.72 -21.84
C LEU B 220 23.20 -4.07 -21.30
N PHE B 221 22.72 -3.03 -21.98
CA PHE B 221 21.51 -2.34 -21.55
C PHE B 221 20.29 -3.26 -21.63
N CYS B 222 20.23 -4.11 -22.66
CA CYS B 222 19.17 -5.11 -22.72
C CYS B 222 19.27 -6.09 -21.56
N TYR B 223 20.49 -6.48 -21.20
CA TYR B 223 20.70 -7.34 -20.06
C TYR B 223 20.71 -6.58 -18.74
N PHE B 224 20.78 -5.26 -18.79
CA PHE B 224 20.79 -4.47 -17.56
C PHE B 224 19.41 -4.48 -16.93
N PRO B 225 19.31 -4.65 -15.60
CA PRO B 225 18.02 -4.68 -14.91
C PRO B 225 17.33 -3.33 -14.89
N ASP B 242 21.86 -6.20 -7.38
CA ASP B 242 22.24 -7.56 -7.76
C ASP B 242 23.68 -7.62 -8.26
N LEU B 243 24.01 -8.71 -8.95
CA LEU B 243 25.36 -8.95 -9.45
C LEU B 243 25.50 -8.31 -10.84
N LYS B 244 25.53 -6.98 -10.84
CA LYS B 244 25.65 -6.21 -12.07
C LYS B 244 26.88 -5.33 -12.12
N THR B 245 27.87 -5.54 -11.24
CA THR B 245 29.05 -4.68 -11.23
C THR B 245 29.94 -4.92 -12.45
N ALA B 246 29.71 -6.00 -13.20
CA ALA B 246 30.48 -6.23 -14.40
C ALA B 246 30.12 -5.22 -15.48
N LEU B 247 28.81 -5.00 -15.71
CA LEU B 247 28.38 -3.93 -16.60
C LEU B 247 28.95 -2.59 -16.15
N ARG B 248 28.99 -2.36 -14.84
CA ARG B 248 29.41 -1.07 -14.31
C ARG B 248 30.91 -0.87 -14.51
N SER B 249 31.69 -1.95 -14.40
CA SER B 249 33.12 -1.85 -14.70
C SER B 249 33.35 -1.77 -16.21
N ALA B 250 32.40 -2.29 -17.00
CA ALA B 250 32.52 -2.18 -18.45
C ALA B 250 32.32 -0.75 -18.92
N ILE B 251 31.25 -0.10 -18.47
CA ILE B 251 30.96 1.27 -18.89
C ILE B 251 32.04 2.25 -18.43
N THR B 252 33.03 1.77 -17.68
CA THR B 252 34.13 2.57 -17.18
C THR B 252 35.48 2.01 -17.63
N ALA B 253 35.47 1.02 -18.53
CA ALA B 253 36.71 0.32 -18.87
C ALA B 253 37.66 1.22 -19.64
N THR B 254 37.16 1.93 -20.64
CA THR B 254 38.00 2.65 -21.58
C THR B 254 37.38 4.02 -21.85
N PRO B 255 38.20 5.02 -22.22
CA PRO B 255 37.63 6.32 -22.60
C PRO B 255 36.71 6.27 -23.80
N LEU B 256 36.62 5.13 -24.48
CA LEU B 256 35.63 4.97 -25.55
C LEU B 256 34.21 4.96 -25.00
N PHE B 257 33.98 4.40 -23.82
CA PHE B 257 32.71 4.65 -23.14
C PHE B 257 32.54 6.08 -22.69
N ALA B 258 33.58 6.92 -22.79
CA ALA B 258 33.40 8.34 -22.49
C ALA B 258 32.15 8.89 -23.16
N GLU B 259 32.17 8.98 -24.50
CA GLU B 259 31.00 9.38 -25.26
C GLU B 259 29.76 8.57 -24.87
N ASP B 260 29.93 7.29 -24.53
CA ASP B 260 28.83 6.47 -24.06
C ASP B 260 28.45 6.77 -22.61
N ALA B 261 29.44 6.86 -21.71
CA ALA B 261 29.16 6.86 -20.27
C ALA B 261 28.22 8.01 -19.91
N TYR B 262 28.67 9.24 -20.12
CA TYR B 262 27.81 10.39 -19.84
C TYR B 262 26.45 10.23 -20.50
N SER B 263 26.44 9.69 -21.73
CA SER B 263 25.22 9.49 -22.50
C SER B 263 24.13 8.81 -21.68
N ASN B 264 24.52 7.90 -20.80
CA ASN B 264 23.59 7.31 -19.86
C ASN B 264 23.76 7.89 -18.46
N LEU B 265 25.00 8.19 -18.07
CA LEU B 265 25.28 8.46 -16.66
C LEU B 265 24.58 9.71 -16.16
N LEU B 266 24.59 10.79 -16.95
CA LEU B 266 23.84 11.98 -16.56
C LEU B 266 22.37 11.66 -16.38
N ASP B 267 21.81 10.84 -17.27
CA ASP B 267 20.41 10.43 -17.11
C ASP B 267 20.20 9.70 -15.79
N LYS B 268 21.20 8.94 -15.36
CA LYS B 268 21.09 8.21 -14.10
C LYS B 268 21.22 9.12 -12.89
N LEU B 269 21.70 10.36 -13.05
CA LEU B 269 21.54 11.33 -11.98
C LEU B 269 20.09 11.70 -11.77
N THR B 270 19.26 11.53 -12.79
CA THR B 270 17.82 11.79 -12.71
C THR B 270 17.03 10.54 -12.38
N ALA B 271 17.68 9.40 -12.16
CA ALA B 271 16.98 8.17 -11.86
C ALA B 271 16.27 8.27 -10.52
N SER B 272 15.21 7.49 -10.35
CA SER B 272 14.44 7.54 -9.12
C SER B 272 14.93 6.53 -8.09
N SER B 273 15.17 5.30 -8.51
CA SER B 273 15.62 4.26 -7.58
C SER B 273 17.03 4.56 -7.10
N PRO B 274 17.27 4.60 -5.79
CA PRO B 274 18.60 5.01 -5.30
C PRO B 274 19.68 3.97 -5.52
N VAL B 275 19.34 2.71 -5.75
CA VAL B 275 20.37 1.69 -5.94
C VAL B 275 21.10 1.91 -7.26
N VAL B 276 20.36 2.16 -8.35
CA VAL B 276 21.01 2.44 -9.62
C VAL B 276 21.71 3.79 -9.56
N LYS B 277 21.18 4.74 -8.77
CA LYS B 277 21.87 6.02 -8.59
C LYS B 277 23.24 5.83 -7.94
N ASN B 278 23.29 5.02 -6.89
CA ASN B 278 24.57 4.76 -6.23
C ASN B 278 25.53 4.01 -7.14
N ASP B 279 25.04 2.98 -7.82
CA ASP B 279 25.90 2.22 -8.73
C ASP B 279 26.43 3.10 -9.84
N THR B 280 25.59 4.00 -10.36
CA THR B 280 26.02 4.87 -11.44
C THR B 280 26.94 5.98 -10.93
N LEU B 281 26.80 6.38 -9.68
CA LEU B 281 27.78 7.30 -9.09
C LEU B 281 29.14 6.61 -8.95
N LEU B 282 29.15 5.33 -8.59
CA LEU B 282 30.41 4.58 -8.61
C LEU B 282 30.99 4.50 -10.02
N THR B 283 30.13 4.25 -11.02
CA THR B 283 30.62 4.20 -12.40
C THR B 283 31.21 5.53 -12.81
N LEU B 284 30.55 6.64 -12.47
CA LEU B 284 31.13 7.96 -12.74
C LEU B 284 32.41 8.17 -11.96
N LEU B 285 32.55 7.53 -10.80
CA LEU B 285 33.81 7.60 -10.06
C LEU B 285 34.93 7.00 -10.91
N GLU B 286 34.74 5.76 -11.39
CA GLU B 286 35.77 5.17 -12.25
C GLU B 286 35.92 5.94 -13.56
N CYS B 287 34.84 6.59 -14.02
CA CYS B 287 34.90 7.35 -15.26
C CYS B 287 35.79 8.57 -15.12
N VAL B 288 35.49 9.43 -14.15
CA VAL B 288 36.33 10.57 -13.84
C VAL B 288 37.75 10.12 -13.55
N ARG B 289 37.92 8.93 -12.97
CA ARG B 289 39.25 8.43 -12.69
C ARG B 289 40.01 8.07 -13.96
N LYS B 290 39.35 7.44 -14.93
CA LYS B 290 40.04 6.86 -16.08
C LYS B 290 39.53 7.43 -17.39
N PHE B 291 39.04 8.66 -17.39
CA PHE B 291 38.79 9.40 -18.63
C PHE B 291 39.79 10.55 -18.77
N GLY B 292 40.97 10.41 -18.16
CA GLY B 292 41.96 11.46 -18.23
C GLY B 292 41.48 12.72 -17.54
N GLY B 293 41.95 13.86 -18.04
CA GLY B 293 41.54 15.14 -17.50
C GLY B 293 40.80 15.98 -18.51
N SER B 294 40.99 15.69 -19.80
CA SER B 294 40.36 16.48 -20.85
C SER B 294 38.84 16.38 -20.79
N SER B 295 38.32 15.17 -20.59
CA SER B 295 36.87 15.01 -20.54
C SER B 295 36.28 15.64 -19.29
N ILE B 296 36.96 15.47 -18.15
CA ILE B 296 36.46 16.09 -16.92
C ILE B 296 36.61 17.61 -16.99
N LEU B 297 37.69 18.08 -17.62
CA LEU B 297 37.84 19.52 -17.84
C LEU B 297 36.76 20.03 -18.78
N GLU B 298 36.26 19.18 -19.68
CA GLU B 298 35.16 19.47 -20.58
C GLU B 298 33.83 19.58 -19.86
N ASN B 299 33.55 18.65 -18.95
CA ASN B 299 32.22 18.49 -18.38
C ASN B 299 32.12 18.93 -16.92
N TRP B 300 33.12 19.64 -16.40
CA TRP B 300 33.11 20.00 -14.98
C TRP B 300 31.89 20.81 -14.60
N THR B 301 31.49 21.78 -15.45
CA THR B 301 30.39 22.66 -15.07
C THR B 301 29.06 21.91 -15.04
N LEU B 302 28.78 21.11 -16.09
CA LEU B 302 27.54 20.36 -16.12
C LEU B 302 27.51 19.29 -15.04
N LEU B 303 28.66 18.66 -14.76
CA LEU B 303 28.70 17.65 -13.73
C LEU B 303 28.47 18.26 -12.35
N TRP B 304 29.06 19.42 -12.08
CA TRP B 304 28.82 20.05 -10.78
C TRP B 304 27.38 20.52 -10.66
N ASN B 305 26.79 21.02 -11.75
CA ASN B 305 25.37 21.36 -11.72
C ASN B 305 24.52 20.14 -11.35
N ALA B 306 24.76 19.02 -12.04
CA ALA B 306 23.97 17.81 -11.80
C ALA B 306 24.20 17.27 -10.40
N LEU B 307 25.44 17.25 -9.94
CA LEU B 307 25.75 16.70 -8.62
C LEU B 307 25.27 17.62 -7.51
N LYS B 308 25.17 18.94 -7.75
CA LYS B 308 24.56 19.80 -6.74
C LYS B 308 23.05 19.61 -6.71
N PHE B 309 22.44 19.42 -7.88
CA PHE B 309 21.03 19.05 -7.91
C PHE B 309 20.79 17.76 -7.13
N GLU B 310 21.71 16.79 -7.24
CA GLU B 310 21.55 15.54 -6.52
C GLU B 310 21.89 15.70 -5.04
N ILE B 311 22.78 16.64 -4.70
CA ILE B 311 23.02 17.01 -3.31
C ILE B 311 21.72 17.48 -2.68
N MET B 312 21.02 18.39 -3.35
CA MET B 312 19.70 18.79 -2.91
C MET B 312 18.71 17.63 -2.94
N GLN B 313 18.93 16.66 -3.84
CA GLN B 313 18.06 15.50 -3.90
C GLN B 313 18.33 14.56 -2.72
N ASN B 314 19.61 14.32 -2.41
CA ASN B 314 19.99 13.41 -1.35
C ASN B 314 20.91 14.10 -0.35
N TYR B 338 26.02 2.17 1.93
CA TYR B 338 26.52 3.16 0.98
C TYR B 338 25.36 3.87 0.28
N THR B 339 25.10 5.10 0.68
CA THR B 339 24.00 5.87 0.12
C THR B 339 24.44 6.57 -1.16
N ASN B 340 23.64 7.52 -1.64
CA ASN B 340 24.02 8.31 -2.80
C ASN B 340 24.82 9.54 -2.40
N TYR B 341 24.68 10.00 -1.15
CA TYR B 341 25.29 11.26 -0.75
C TYR B 341 26.80 11.13 -0.65
N ASP B 342 27.29 10.10 0.02
CA ASP B 342 28.73 9.89 0.09
C ASP B 342 29.31 9.61 -1.30
N ALA B 343 28.55 8.90 -2.14
CA ALA B 343 29.01 8.64 -3.50
C ALA B 343 29.16 9.93 -4.29
N CYS B 344 28.20 10.86 -4.16
CA CYS B 344 28.29 12.09 -4.92
C CYS B 344 29.34 13.04 -4.34
N LEU B 345 29.56 13.01 -3.02
CA LEU B 345 30.68 13.73 -2.45
C LEU B 345 32.00 13.20 -2.97
N LYS B 346 32.14 11.88 -3.10
CA LYS B 346 33.35 11.33 -3.70
C LYS B 346 33.46 11.70 -5.17
N ILE B 347 32.33 11.78 -5.88
CA ILE B 347 32.34 12.25 -7.26
C ILE B 347 32.91 13.66 -7.33
N ILE B 348 32.40 14.55 -6.47
CA ILE B 348 32.87 15.94 -6.46
C ILE B 348 34.35 16.01 -6.10
N ASN B 349 34.78 15.20 -5.12
CA ASN B 349 36.17 15.20 -4.69
C ASN B 349 37.08 14.75 -5.82
N LEU B 350 36.76 13.62 -6.46
CA LEU B 350 37.61 13.12 -7.54
C LEU B 350 37.59 14.05 -8.74
N MET B 351 36.45 14.68 -9.02
CA MET B 351 36.39 15.62 -10.14
C MET B 351 37.24 16.85 -9.88
N ALA B 352 37.16 17.40 -8.67
CA ALA B 352 38.02 18.52 -8.32
C ALA B 352 39.49 18.13 -8.38
N LEU B 353 39.82 16.93 -7.90
CA LEU B 353 41.20 16.46 -7.94
C LEU B 353 41.68 16.26 -9.36
N GLN B 354 40.79 15.77 -10.24
CA GLN B 354 41.16 15.56 -11.64
C GLN B 354 41.43 16.90 -12.34
N LEU B 355 40.57 17.89 -12.13
CA LEU B 355 40.87 19.22 -12.66
C LEU B 355 42.17 19.78 -12.08
N TYR B 356 42.39 19.61 -10.78
CA TYR B 356 43.59 20.17 -10.16
C TYR B 356 44.85 19.52 -10.71
N ASN B 357 44.87 18.19 -10.82
CA ASN B 357 46.04 17.50 -11.34
C ASN B 357 46.22 17.72 -12.83
N PHE B 358 45.13 17.91 -13.57
CA PHE B 358 45.22 18.07 -15.01
C PHE B 358 45.58 19.50 -15.37
N ASP B 359 44.80 20.47 -14.90
CA ASP B 359 45.05 21.87 -15.19
C ASP B 359 44.56 22.73 -14.03
N LYS B 360 45.51 23.42 -13.38
CA LYS B 360 45.15 24.30 -12.27
C LYS B 360 44.18 25.39 -12.70
N VAL B 361 44.19 25.74 -14.00
CA VAL B 361 43.24 26.73 -14.50
C VAL B 361 41.82 26.22 -14.39
N SER B 362 41.58 24.97 -14.78
CA SER B 362 40.24 24.41 -14.70
C SER B 362 39.77 24.26 -13.26
N PHE B 363 40.66 23.78 -12.38
CA PHE B 363 40.27 23.65 -10.99
C PHE B 363 40.02 25.01 -10.36
N GLU B 364 40.76 26.03 -10.80
CA GLU B 364 40.53 27.38 -10.30
C GLU B 364 39.19 27.93 -10.79
N LYS B 365 38.85 27.66 -12.05
CA LYS B 365 37.53 28.03 -12.56
C LYS B 365 36.43 27.33 -11.77
N PHE B 366 36.61 26.03 -11.51
CA PHE B 366 35.67 25.30 -10.66
C PHE B 366 35.54 25.93 -9.28
N PHE B 367 36.68 26.23 -8.64
CA PHE B 367 36.64 26.75 -7.30
C PHE B 367 35.97 28.12 -7.26
N THR B 368 36.26 28.98 -8.23
CA THR B 368 35.65 30.30 -8.25
C THR B 368 34.17 30.23 -8.57
N HIS B 369 33.75 29.27 -9.41
CA HIS B 369 32.32 29.09 -9.65
C HIS B 369 31.61 28.61 -8.39
N VAL B 370 32.19 27.63 -7.70
CA VAL B 370 31.60 27.13 -6.46
C VAL B 370 31.52 28.24 -5.42
N LEU B 371 32.57 29.05 -5.31
CA LEU B 371 32.55 30.17 -4.37
C LEU B 371 31.49 31.19 -4.75
N ASP B 372 31.43 31.58 -6.04
CA ASP B 372 30.43 32.55 -6.46
C ASP B 372 29.02 32.06 -6.21
N GLU B 373 28.80 30.74 -6.27
CA GLU B 373 27.44 30.23 -6.08
C GLU B 373 27.11 29.99 -4.61
N LEU B 374 28.11 29.69 -3.77
CA LEU B 374 27.82 29.22 -2.43
C LEU B 374 28.37 30.12 -1.32
N LYS B 375 29.01 31.25 -1.67
CA LYS B 375 29.59 32.10 -0.64
C LYS B 375 28.57 32.66 0.34
N PRO B 376 27.39 33.14 -0.08
CA PRO B 376 26.38 33.51 0.92
C PRO B 376 26.00 32.36 1.83
N ASN B 377 26.00 31.12 1.32
CA ASN B 377 25.67 29.98 2.17
C ASN B 377 26.70 29.82 3.29
N PHE B 378 27.98 29.95 2.96
CA PHE B 378 29.02 29.80 3.99
C PHE B 378 29.01 30.99 4.95
N LYS B 379 28.89 32.20 4.42
CA LYS B 379 28.99 33.39 5.27
C LYS B 379 27.76 33.52 6.17
N TYR B 380 26.59 33.17 5.66
CA TYR B 380 25.35 33.29 6.42
C TYR B 380 25.13 32.03 7.26
N GLU B 381 23.90 31.87 7.74
CA GLU B 381 23.49 30.69 8.50
C GLU B 381 22.48 29.87 7.72
N LYS B 382 22.67 29.77 6.41
CA LYS B 382 21.79 29.00 5.53
C LYS B 382 22.60 27.97 4.77
N ASP B 383 22.11 26.73 4.74
CA ASP B 383 22.68 25.64 3.93
C ASP B 383 24.17 25.43 4.23
N LEU B 384 24.51 25.41 5.52
CA LEU B 384 25.91 25.21 5.89
C LEU B 384 26.31 23.75 5.77
N LYS B 385 25.39 22.83 6.05
CA LYS B 385 25.74 21.41 6.05
C LYS B 385 26.22 20.96 4.67
N GLN B 386 25.38 21.12 3.65
CA GLN B 386 25.72 20.61 2.32
C GLN B 386 26.95 21.30 1.74
N THR B 387 26.99 22.62 1.79
CA THR B 387 28.09 23.37 1.18
C THR B 387 29.40 23.13 1.95
N CYS B 388 29.32 23.13 3.29
CA CYS B 388 30.50 22.87 4.09
C CYS B 388 31.04 21.47 3.84
N GLN B 389 30.15 20.48 3.68
CA GLN B 389 30.60 19.13 3.34
C GLN B 389 31.19 19.10 1.93
N ILE B 390 30.65 19.90 1.01
CA ILE B 390 31.20 19.96 -0.34
C ILE B 390 32.65 20.43 -0.30
N LEU B 391 32.91 21.56 0.36
CA LEU B 391 34.29 22.04 0.39
C LEU B 391 35.15 21.22 1.35
N SER B 392 34.52 20.48 2.27
CA SER B 392 35.27 19.54 3.09
C SER B 392 35.82 18.39 2.24
N ALA B 393 34.98 17.85 1.36
CA ALA B 393 35.45 16.84 0.42
C ALA B 393 36.45 17.42 -0.56
N ILE B 394 36.21 18.66 -1.02
CA ILE B 394 37.11 19.28 -1.99
C ILE B 394 38.50 19.46 -1.38
N GLY B 395 38.57 20.06 -0.19
CA GLY B 395 39.84 20.31 0.46
C GLY B 395 40.56 19.10 0.99
N SER B 396 39.88 17.96 1.08
CA SER B 396 40.51 16.72 1.53
C SER B 396 41.33 16.04 0.43
N GLY B 397 41.52 16.72 -0.70
CA GLY B 397 42.29 16.17 -1.80
C GLY B 397 43.78 16.34 -1.63
N ASN B 398 44.21 17.56 -1.33
CA ASN B 398 45.62 17.87 -1.15
C ASN B 398 45.75 18.99 -0.13
N VAL B 399 46.99 19.33 0.22
CA VAL B 399 47.25 20.40 1.18
C VAL B 399 46.91 21.75 0.57
N GLU B 400 47.25 21.95 -0.71
CA GLU B 400 46.99 23.23 -1.36
C GLU B 400 45.49 23.49 -1.47
N ILE B 401 44.72 22.48 -1.88
CA ILE B 401 43.28 22.66 -1.99
C ILE B 401 42.66 22.85 -0.60
N PHE B 402 43.21 22.18 0.41
CA PHE B 402 42.75 22.41 1.77
C PHE B 402 42.99 23.85 2.20
N ASN B 403 44.16 24.39 1.88
CA ASN B 403 44.46 25.78 2.21
C ASN B 403 43.51 26.72 1.47
N LYS B 404 43.23 26.40 0.21
CA LYS B 404 42.25 27.17 -0.55
C LYS B 404 40.90 27.18 0.15
N VAL B 405 40.42 25.99 0.56
CA VAL B 405 39.13 25.88 1.21
C VAL B 405 39.11 26.66 2.52
N ILE B 406 40.18 26.54 3.30
CA ILE B 406 40.25 27.22 4.59
C ILE B 406 40.22 28.73 4.40
N SER B 407 41.09 29.25 3.52
CA SER B 407 41.15 30.68 3.30
C SER B 407 39.88 31.22 2.64
N SER B 408 39.12 30.35 1.97
CA SER B 408 37.89 30.78 1.33
C SER B 408 36.68 30.71 2.25
N THR B 409 36.69 29.87 3.28
CA THR B 409 35.52 29.69 4.12
C THR B 409 35.67 30.26 5.53
N PHE B 410 36.81 30.03 6.19
CA PHE B 410 36.97 30.53 7.55
C PHE B 410 36.74 32.04 7.69
N PRO B 411 37.25 32.90 6.81
CA PRO B 411 36.91 34.33 6.93
C PRO B 411 35.43 34.62 6.80
N LEU B 412 34.65 33.71 6.21
CA LEU B 412 33.22 33.96 6.05
C LEU B 412 32.46 33.75 7.36
N PHE B 413 32.83 32.74 8.14
CA PHE B 413 32.11 32.44 9.39
C PHE B 413 32.99 32.41 10.63
N LEU B 414 34.25 31.99 10.52
CA LEU B 414 35.09 31.79 11.70
C LEU B 414 35.46 33.14 12.31
N ILE B 415 34.48 33.74 12.98
CA ILE B 415 34.64 35.01 13.67
C ILE B 415 34.21 34.81 15.12
N ASN B 416 34.95 35.42 16.05
CA ASN B 416 34.62 35.27 17.47
C ASN B 416 33.20 35.74 17.73
N THR B 417 32.42 34.89 18.39
CA THR B 417 31.02 35.20 18.69
C THR B 417 30.54 34.30 19.82
N SER B 418 29.79 34.90 20.74
CA SER B 418 29.15 34.18 21.82
C SER B 418 27.66 33.98 21.62
N GLU B 419 27.08 34.58 20.58
CA GLU B 419 25.67 34.39 20.28
C GLU B 419 25.38 32.92 19.99
N VAL B 420 24.23 32.44 20.45
CA VAL B 420 23.91 31.03 20.30
C VAL B 420 23.88 30.63 18.83
N ALA B 421 23.25 31.44 17.98
CA ALA B 421 23.11 31.08 16.57
C ALA B 421 24.45 31.15 15.85
N LYS B 422 25.15 32.29 15.96
CA LYS B 422 26.41 32.45 15.24
C LYS B 422 27.45 31.45 15.71
N LEU B 423 27.60 31.29 17.03
CA LEU B 423 28.57 30.35 17.56
C LEU B 423 28.18 28.91 17.23
N LYS B 424 26.89 28.60 17.24
CA LYS B 424 26.45 27.24 16.91
C LYS B 424 26.74 26.91 15.45
N LEU B 425 26.44 27.83 14.53
CA LEU B 425 26.77 27.61 13.13
C LEU B 425 28.28 27.54 12.91
N LEU B 426 29.04 28.37 13.63
CA LEU B 426 30.50 28.28 13.55
C LEU B 426 30.98 26.90 13.98
N ILE B 427 30.44 26.38 15.08
CA ILE B 427 30.90 25.10 15.60
C ILE B 427 30.51 23.96 14.67
N MET B 428 29.29 24.01 14.13
CA MET B 428 28.86 22.92 13.25
C MET B 428 29.55 23.00 11.89
N ASN B 429 29.99 24.19 11.49
CA ASN B 429 30.87 24.30 10.33
C ASN B 429 32.24 23.69 10.63
N PHE B 430 32.85 24.07 11.74
CA PHE B 430 34.12 23.51 12.18
C PHE B 430 34.06 21.99 12.30
N SER B 431 32.88 21.45 12.60
CA SER B 431 32.70 20.00 12.65
C SER B 431 32.97 19.33 11.30
N PHE B 432 32.85 20.06 10.20
CA PHE B 432 33.19 19.51 8.89
C PHE B 432 34.64 19.78 8.49
N PHE B 433 35.20 20.91 8.93
CA PHE B 433 36.60 21.18 8.62
C PHE B 433 37.53 20.27 9.41
N VAL B 434 37.16 19.90 10.64
CA VAL B 434 37.94 18.91 11.35
C VAL B 434 37.91 17.58 10.61
N ASP B 435 36.78 17.23 10.02
CA ASP B 435 36.68 15.98 9.27
C ASP B 435 37.51 16.03 7.99
N SER B 436 37.48 17.18 7.30
CA SER B 436 38.32 17.34 6.12
C SER B 436 39.80 17.24 6.47
N TYR B 437 40.21 17.91 7.55
CA TYR B 437 41.59 17.83 8.01
C TYR B 437 41.97 16.40 8.36
N ILE B 438 41.06 15.68 9.05
CA ILE B 438 41.31 14.29 9.41
C ILE B 438 41.50 13.44 8.17
N ASP B 439 40.59 13.56 7.20
CA ASP B 439 40.65 12.73 6.00
C ASP B 439 41.90 13.05 5.19
N LEU B 440 42.35 14.31 5.22
CA LEU B 440 43.52 14.66 4.44
C LEU B 440 44.81 14.20 5.11
N PHE B 441 44.86 14.20 6.44
CA PHE B 441 46.12 14.00 7.15
C PHE B 441 46.17 12.70 7.96
N GLY B 442 45.23 12.50 8.89
CA GLY B 442 45.24 11.29 9.70
C GLY B 442 44.45 11.48 10.97
N ARG B 443 44.87 10.76 12.02
CA ARG B 443 44.32 10.88 13.36
C ARG B 443 45.39 10.50 14.39
N THR B 444 45.01 10.63 15.66
CA THR B 444 45.94 10.36 16.76
C THR B 444 46.33 8.90 16.84
N SER B 445 47.56 8.67 17.27
CA SER B 445 48.00 7.43 17.88
C SER B 445 48.75 7.79 19.15
N LYS B 446 48.83 6.83 20.07
CA LYS B 446 49.51 7.11 21.34
C LYS B 446 50.98 7.42 21.12
N GLU B 447 51.52 7.03 19.97
CA GLU B 447 52.87 7.44 19.60
C GLU B 447 52.90 8.76 18.84
N SER B 448 51.80 9.11 18.17
CA SER B 448 51.71 10.36 17.42
C SER B 448 50.93 11.43 18.18
N LEU B 449 51.07 11.46 19.50
CA LEU B 449 50.35 12.40 20.35
C LEU B 449 50.89 13.83 20.25
N GLY B 450 52.09 14.01 19.69
CA GLY B 450 52.69 15.32 19.56
C GLY B 450 53.19 15.63 18.17
N THR B 451 53.18 14.63 17.29
CA THR B 451 53.69 14.80 15.94
C THR B 451 52.69 15.54 15.07
N PRO B 452 53.04 16.69 14.51
CA PRO B 452 52.13 17.40 13.61
C PRO B 452 52.40 17.07 12.14
N VAL B 453 51.39 17.33 11.32
CA VAL B 453 51.47 17.12 9.89
C VAL B 453 52.28 18.27 9.28
N PRO B 454 52.90 18.08 8.10
CA PRO B 454 53.85 19.08 7.59
C PRO B 454 53.27 20.48 7.40
N ASN B 455 52.24 20.62 6.58
CA ASN B 455 51.72 21.94 6.27
C ASN B 455 50.21 21.87 6.08
N ASN B 456 49.56 23.00 6.33
CA ASN B 456 48.12 23.17 6.16
C ASN B 456 47.79 24.62 6.49
N LYS B 457 46.57 25.02 6.14
CA LYS B 457 46.07 26.35 6.51
C LYS B 457 45.36 26.36 7.84
N MET B 458 44.98 25.18 8.36
CA MET B 458 44.31 25.12 9.66
C MET B 458 45.27 25.46 10.79
N ALA B 459 46.57 25.22 10.59
CA ALA B 459 47.56 25.62 11.59
C ALA B 459 47.57 27.14 11.77
N GLU B 460 47.40 27.88 10.68
CA GLU B 460 47.31 29.33 10.77
C GLU B 460 46.03 29.75 11.50
N TYR B 461 45.00 28.92 11.44
CA TYR B 461 43.73 29.19 12.11
C TYR B 461 43.56 28.38 13.39
N LYS B 462 44.60 27.66 13.83
CA LYS B 462 44.46 26.81 15.00
C LYS B 462 44.23 27.64 16.27
N ASP B 463 44.91 28.78 16.39
CA ASP B 463 44.68 29.64 17.54
C ASP B 463 43.25 30.15 17.58
N GLU B 464 42.71 30.54 16.42
CA GLU B 464 41.35 31.06 16.37
C GLU B 464 40.32 30.01 16.75
N ILE B 465 40.47 28.78 16.23
CA ILE B 465 39.52 27.72 16.55
C ILE B 465 39.64 27.32 18.02
N ILE B 466 40.87 27.28 18.53
CA ILE B 466 41.07 26.98 19.96
C ILE B 466 40.38 28.03 20.82
N MET B 467 40.57 29.31 20.48
CA MET B 467 39.96 30.39 21.25
C MET B 467 38.44 30.34 21.18
N ILE B 468 37.89 30.12 19.97
CA ILE B 468 36.44 30.12 19.84
C ILE B 468 35.82 28.93 20.57
N LEU B 469 36.49 27.77 20.54
CA LEU B 469 36.00 26.63 21.31
C LEU B 469 36.10 26.89 22.80
N SER B 470 37.19 27.51 23.24
CA SER B 470 37.36 27.78 24.66
C SER B 470 36.30 28.73 25.18
N MET B 471 35.97 29.76 24.39
CA MET B 471 34.94 30.69 24.82
C MET B 471 33.55 30.11 24.57
N ALA B 472 33.43 29.08 23.72
CA ALA B 472 32.15 28.44 23.50
C ALA B 472 31.78 27.51 24.65
N LEU B 473 32.78 26.79 25.19
CA LEU B 473 32.52 25.96 26.36
C LEU B 473 32.56 26.79 27.64
N THR B 474 33.69 27.44 27.91
CA THR B 474 33.86 28.24 29.12
C THR B 474 33.81 29.73 28.78
N ARG B 475 33.80 30.55 29.83
CA ARG B 475 33.47 31.97 29.74
C ARG B 475 32.16 32.13 28.94
N SER B 476 31.20 31.27 29.29
CA SER B 476 29.88 31.24 28.67
C SER B 476 28.84 30.93 29.74
N SER B 477 27.59 31.28 29.44
CA SER B 477 26.51 31.09 30.40
C SER B 477 26.24 29.62 30.64
N LYS B 478 25.75 29.30 31.84
CA LYS B 478 25.49 27.92 32.24
C LYS B 478 24.26 27.32 31.59
N ALA B 479 23.43 28.14 30.92
CA ALA B 479 22.22 27.64 30.29
C ALA B 479 22.46 27.06 28.91
N GLU B 480 23.69 27.09 28.40
CA GLU B 480 24.01 26.60 27.07
C GLU B 480 24.15 25.08 27.12
N VAL B 481 23.15 24.38 26.59
CA VAL B 481 23.25 22.93 26.46
C VAL B 481 23.83 22.53 25.10
N THR B 482 23.23 22.99 24.01
CA THR B 482 23.74 22.64 22.68
C THR B 482 25.09 23.27 22.43
N ILE B 483 25.27 24.53 22.84
CA ILE B 483 26.54 25.21 22.62
C ILE B 483 27.67 24.49 23.33
N ARG B 484 27.49 24.14 24.60
CA ARG B 484 28.57 23.49 25.35
C ARG B 484 28.76 22.04 24.93
N THR B 485 27.68 21.37 24.55
CA THR B 485 27.82 20.01 24.03
C THR B 485 28.63 20.01 22.74
N LEU B 486 28.27 20.88 21.80
CA LEU B 486 29.05 21.00 20.57
C LEU B 486 30.47 21.47 20.86
N SER B 487 30.64 22.29 21.90
CA SER B 487 31.96 22.78 22.27
C SER B 487 32.86 21.65 22.71
N VAL B 488 32.38 20.81 23.64
CA VAL B 488 33.19 19.68 24.10
C VAL B 488 33.37 18.67 22.98
N ILE B 489 32.36 18.51 22.11
CA ILE B 489 32.49 17.57 21.00
C ILE B 489 33.59 18.02 20.04
N GLN B 490 33.61 19.31 19.70
CA GLN B 490 34.65 19.80 18.80
C GLN B 490 36.00 19.85 19.49
N PHE B 491 36.03 20.09 20.80
CA PHE B 491 37.28 19.95 21.54
C PHE B 491 37.84 18.54 21.41
N THR B 492 36.99 17.54 21.64
CA THR B 492 37.43 16.15 21.54
C THR B 492 37.86 15.80 20.11
N LYS B 493 37.08 16.25 19.11
CA LYS B 493 37.42 15.96 17.72
C LYS B 493 38.73 16.63 17.32
N MET B 494 38.99 17.84 17.83
CA MET B 494 40.24 18.50 17.51
C MET B 494 41.41 17.84 18.22
N ILE B 495 41.18 17.30 19.42
CA ILE B 495 42.17 16.46 20.08
C ILE B 495 42.47 15.23 19.25
N LYS B 496 41.45 14.71 18.55
CA LYS B 496 41.60 13.44 17.84
C LYS B 496 42.59 13.55 16.68
N MET B 497 43.12 14.73 16.40
CA MET B 497 44.16 14.82 15.39
C MET B 497 45.55 14.55 15.93
N LYS B 498 46.30 13.79 15.15
CA LYS B 498 47.66 13.39 15.46
C LYS B 498 48.53 14.61 15.78
N GLY B 499 48.92 14.71 17.05
CA GLY B 499 49.85 15.71 17.53
C GLY B 499 49.72 17.12 16.97
N PHE B 500 48.49 17.57 16.74
CA PHE B 500 48.26 18.93 16.25
C PHE B 500 47.96 19.90 17.38
N LEU B 501 47.67 19.41 18.57
CA LEU B 501 47.46 20.23 19.75
C LEU B 501 48.46 19.82 20.81
N THR B 502 49.12 20.81 21.43
CA THR B 502 50.14 20.56 22.41
C THR B 502 49.53 19.99 23.69
N PRO B 503 50.34 19.35 24.54
CA PRO B 503 49.83 18.91 25.85
C PRO B 503 49.27 20.05 26.68
N GLU B 504 49.73 21.29 26.46
CA GLU B 504 49.13 22.44 27.13
C GLU B 504 47.68 22.61 26.71
N GLU B 505 47.40 22.47 25.41
CA GLU B 505 46.03 22.62 24.93
C GLU B 505 45.11 21.56 25.52
N VAL B 506 45.55 20.30 25.53
CA VAL B 506 44.70 19.25 26.09
C VAL B 506 44.58 19.40 27.60
N SER B 507 45.61 19.93 28.26
CA SER B 507 45.50 20.22 29.69
C SER B 507 44.43 21.27 29.95
N LEU B 508 44.43 22.34 29.15
CA LEU B 508 43.41 23.36 29.27
C LEU B 508 42.03 22.79 29.00
N ILE B 509 41.93 21.90 28.01
CA ILE B 509 40.65 21.28 27.67
C ILE B 509 40.16 20.39 28.81
N ILE B 510 41.08 19.64 29.43
CA ILE B 510 40.73 18.80 30.57
C ILE B 510 40.24 19.65 31.73
N GLN B 511 40.94 20.76 32.00
CA GLN B 511 40.51 21.66 33.07
C GLN B 511 39.14 22.24 32.78
N TYR B 512 38.90 22.64 31.53
CA TYR B 512 37.58 23.14 31.14
C TYR B 512 36.51 22.09 31.38
N PHE B 513 36.75 20.86 30.92
CA PHE B 513 35.77 19.80 31.10
C PHE B 513 35.46 19.57 32.56
N THR B 514 36.51 19.46 33.39
CA THR B 514 36.32 19.18 34.82
C THR B 514 35.58 20.32 35.50
N GLU B 515 35.98 21.57 35.23
CA GLU B 515 35.32 22.69 35.88
C GLU B 515 33.85 22.77 35.47
N GLU B 516 33.57 22.60 34.17
CA GLU B 516 32.19 22.75 33.72
C GLU B 516 31.34 21.54 34.10
N ILE B 517 31.99 20.41 34.43
CA ILE B 517 31.22 19.25 34.83
C ILE B 517 30.94 19.26 36.33
N LEU B 518 31.83 19.84 37.14
CA LEU B 518 31.54 19.99 38.56
C LEU B 518 30.62 21.18 38.84
N THR B 519 30.75 22.25 38.06
CA THR B 519 29.90 23.42 38.29
C THR B 519 28.46 23.14 37.92
N ASP B 520 28.21 22.67 36.70
CA ASP B 520 26.87 22.49 36.20
C ASP B 520 26.41 21.04 36.34
N ASN B 521 25.17 20.87 36.84
CA ASN B 521 24.55 19.57 36.92
C ASN B 521 23.86 19.19 35.61
N ASN B 522 23.77 20.11 34.66
CA ASN B 522 23.03 19.85 33.44
C ASN B 522 23.60 18.62 32.75
N LYS B 523 22.81 17.55 32.78
CA LYS B 523 23.32 16.24 32.38
C LYS B 523 23.75 16.24 30.92
N ASN B 524 23.26 17.18 30.13
CA ASN B 524 23.82 17.39 28.79
C ASN B 524 25.30 17.71 28.87
N ILE B 525 25.64 18.85 29.48
CA ILE B 525 27.04 19.24 29.61
C ILE B 525 27.78 18.26 30.50
N TYR B 526 27.11 17.73 31.54
CA TYR B 526 27.73 16.75 32.42
C TYR B 526 28.23 15.55 31.64
N TYR B 527 27.35 14.89 30.90
CA TYR B 527 27.74 13.66 30.22
C TYR B 527 28.58 13.94 28.98
N ALA B 528 28.42 15.11 28.37
CA ALA B 528 29.29 15.48 27.26
C ALA B 528 30.72 15.70 27.74
N CYS B 529 30.88 16.34 28.90
CA CYS B 529 32.20 16.49 29.49
C CYS B 529 32.76 15.14 29.95
N LEU B 530 31.89 14.25 30.42
CA LEU B 530 32.33 12.90 30.73
C LEU B 530 32.87 12.20 29.48
N GLU B 531 32.16 12.32 28.36
CA GLU B 531 32.63 11.72 27.12
C GLU B 531 33.96 12.30 26.68
N GLY B 532 34.09 13.63 26.75
CA GLY B 532 35.35 14.27 26.39
C GLY B 532 36.50 13.82 27.27
N LEU B 533 36.27 13.77 28.59
CA LEU B 533 37.31 13.35 29.52
C LEU B 533 37.68 11.89 29.30
N LYS B 534 36.70 11.04 29.00
CA LYS B 534 37.00 9.63 28.75
C LYS B 534 37.80 9.46 27.46
N THR B 535 37.49 10.23 26.43
CA THR B 535 38.26 10.14 25.20
C THR B 535 39.68 10.66 25.42
N ILE B 536 39.83 11.73 26.19
CA ILE B 536 41.17 12.19 26.55
C ILE B 536 41.90 11.11 27.33
N SER B 537 41.20 10.43 28.23
CA SER B 537 41.82 9.36 29.01
C SER B 537 42.31 8.23 28.12
N GLU B 538 41.52 7.86 27.11
CA GLU B 538 41.95 6.81 26.19
C GLU B 538 42.99 7.31 25.20
N ILE B 539 43.19 8.62 25.07
CA ILE B 539 44.19 9.13 24.14
C ILE B 539 45.32 9.86 24.88
N TYR B 540 45.12 10.20 26.15
CA TYR B 540 46.11 10.89 26.97
C TYR B 540 46.00 10.34 28.39
N GLU B 541 46.87 9.39 28.73
CA GLU B 541 46.85 8.82 30.08
C GLU B 541 47.30 9.84 31.12
N ASP B 542 48.56 10.27 31.03
CA ASP B 542 49.14 11.11 32.06
C ASP B 542 48.44 12.46 32.16
N LEU B 543 47.99 13.01 31.03
CA LEU B 543 47.38 14.33 31.04
C LEU B 543 46.11 14.35 31.88
N VAL B 544 45.17 13.45 31.59
CA VAL B 544 43.93 13.42 32.33
C VAL B 544 44.19 13.02 33.78
N PHE B 545 45.07 12.03 34.00
CA PHE B 545 45.35 11.60 35.36
C PHE B 545 45.95 12.73 36.19
N GLU B 546 46.71 13.62 35.55
CA GLU B 546 47.36 14.70 36.28
C GLU B 546 46.39 15.84 36.57
N ILE B 547 45.65 16.29 35.57
CA ILE B 547 44.77 17.44 35.75
C ILE B 547 43.44 17.06 36.39
N SER B 548 42.67 16.16 35.76
CA SER B 548 41.32 15.92 36.24
C SER B 548 41.28 14.97 37.43
N LEU B 549 41.93 13.81 37.32
CA LEU B 549 41.79 12.78 38.33
C LEU B 549 42.38 13.23 39.67
N LYS B 550 43.57 13.82 39.65
CA LYS B 550 44.19 14.25 40.90
C LYS B 550 43.38 15.34 41.58
N LYS B 551 42.90 16.32 40.79
CA LYS B 551 42.06 17.37 41.36
C LYS B 551 40.80 16.77 41.98
N LEU B 552 40.13 15.87 41.26
CA LEU B 552 38.90 15.26 41.77
C LEU B 552 39.16 14.48 43.05
N LEU B 553 40.30 13.77 43.12
CA LEU B 553 40.68 13.11 44.36
C LEU B 553 40.99 14.11 45.45
N ASP B 554 41.36 15.34 45.09
CA ASP B 554 41.70 16.34 46.10
C ASP B 554 40.46 17.08 46.62
N LEU B 555 39.38 17.15 45.84
CA LEU B 555 38.18 17.83 46.31
C LEU B 555 37.60 17.18 47.57
N LEU B 556 37.65 15.86 47.64
CA LEU B 556 37.07 15.16 48.79
C LEU B 556 37.84 15.50 50.07
N PRO B 557 37.15 15.70 51.19
CA PRO B 557 37.82 16.17 52.42
C PRO B 557 38.24 15.04 53.34
N ASP B 558 38.73 15.42 54.52
CA ASP B 558 39.13 14.44 55.52
C ASP B 558 37.96 13.67 56.11
N CYS B 559 36.82 14.33 56.32
CA CYS B 559 35.67 13.74 56.99
C CYS B 559 34.56 13.48 55.99
N PHE B 560 33.77 12.44 56.27
CA PHE B 560 32.65 12.08 55.42
C PHE B 560 31.46 13.00 55.64
N GLU B 561 30.56 13.03 54.65
CA GLU B 561 29.31 13.80 54.71
C GLU B 561 29.59 15.30 54.80
N GLU B 562 30.44 15.76 53.89
CA GLU B 562 30.73 17.17 53.73
C GLU B 562 30.25 17.62 52.34
N LYS B 563 30.14 18.93 52.17
CA LYS B 563 29.77 19.52 50.89
C LYS B 563 31.06 19.77 50.11
N ILE B 564 31.19 19.08 48.98
CA ILE B 564 32.40 19.20 48.16
C ILE B 564 32.36 20.53 47.43
N ARG B 565 33.00 21.54 48.01
CA ARG B 565 32.89 22.92 47.53
C ARG B 565 33.80 23.07 46.32
N VAL B 566 33.22 22.94 45.12
CA VAL B 566 33.97 23.15 43.89
C VAL B 566 34.45 24.59 43.82
N ASN B 567 33.58 25.54 44.15
CA ASN B 567 33.91 26.95 44.12
C ASN B 567 33.12 27.65 45.22
N ASP B 568 32.98 28.97 45.11
CA ASP B 568 32.33 29.75 46.16
C ASP B 568 30.89 29.31 46.39
N GLU B 569 30.17 28.98 45.32
CA GLU B 569 28.76 28.61 45.43
C GLU B 569 28.46 27.16 45.07
N GLU B 570 28.81 26.72 43.87
CA GLU B 570 28.45 25.39 43.39
C GLU B 570 29.26 24.33 44.14
N ASN B 571 28.56 23.30 44.62
CA ASN B 571 29.18 22.19 45.32
C ASN B 571 28.56 20.88 44.83
N ILE B 572 29.36 19.82 44.86
CA ILE B 572 28.91 18.49 44.48
C ILE B 572 28.88 17.62 45.73
N HIS B 573 28.28 16.44 45.59
CA HIS B 573 28.17 15.53 46.71
C HIS B 573 29.51 14.82 46.96
N ILE B 574 29.62 14.22 48.15
CA ILE B 574 30.80 13.44 48.48
C ILE B 574 30.89 12.20 47.59
N GLU B 575 29.74 11.65 47.20
CA GLU B 575 29.72 10.50 46.31
C GLU B 575 29.90 10.89 44.85
N THR B 576 29.87 12.18 44.52
CA THR B 576 30.09 12.61 43.15
C THR B 576 31.50 12.26 42.67
N ILE B 577 32.50 12.45 43.55
CA ILE B 577 33.86 12.07 43.21
C ILE B 577 33.96 10.57 42.94
N LEU B 578 33.32 9.77 43.78
CA LEU B 578 33.32 8.32 43.58
C LEU B 578 32.67 7.94 42.26
N LYS B 579 31.54 8.58 41.94
CA LYS B 579 30.85 8.29 40.69
C LYS B 579 31.71 8.68 39.48
N ILE B 580 32.39 9.83 39.56
CA ILE B 580 33.26 10.25 38.47
C ILE B 580 34.42 9.27 38.31
N ILE B 581 34.99 8.81 39.43
CA ILE B 581 36.04 7.79 39.37
C ILE B 581 35.51 6.52 38.72
N LEU B 582 34.26 6.16 39.01
CA LEU B 582 33.67 4.98 38.40
C LEU B 582 33.45 5.19 36.90
N ASP B 583 33.24 6.44 36.48
CA ASP B 583 32.96 6.73 35.08
C ASP B 583 34.12 6.34 34.18
N PHE B 584 35.25 7.03 34.32
CA PHE B 584 36.44 6.72 33.53
C PHE B 584 37.42 5.91 34.38
N THR B 585 38.67 5.80 33.92
CA THR B 585 39.67 4.87 34.46
C THR B 585 39.25 3.41 34.32
N THR B 586 38.22 3.15 33.51
CA THR B 586 37.79 1.77 33.29
C THR B 586 38.72 1.03 32.34
N SER B 587 39.53 1.74 31.56
CA SER B 587 40.47 1.11 30.66
C SER B 587 41.81 1.83 30.62
N ARG B 588 42.10 2.66 31.62
CA ARG B 588 43.32 3.45 31.64
C ARG B 588 44.22 2.92 32.74
N HIS B 589 45.31 2.25 32.35
CA HIS B 589 46.13 1.50 33.29
C HIS B 589 46.70 2.40 34.39
N ILE B 590 47.37 3.48 34.01
CA ILE B 590 47.95 4.38 35.01
C ILE B 590 46.84 5.00 35.85
N LEU B 591 45.80 5.50 35.20
CA LEU B 591 44.68 6.10 35.92
C LEU B 591 44.07 5.12 36.90
N VAL B 592 43.78 3.90 36.45
CA VAL B 592 43.06 2.96 37.30
C VAL B 592 43.94 2.50 38.46
N LYS B 593 45.24 2.29 38.21
CA LYS B 593 46.12 1.83 39.27
C LYS B 593 46.32 2.90 40.33
N GLU B 594 46.62 4.13 39.90
CA GLU B 594 46.79 5.22 40.85
C GLU B 594 45.48 5.54 41.56
N SER B 595 44.35 5.36 40.87
CA SER B 595 43.06 5.57 41.50
C SER B 595 42.78 4.52 42.57
N ILE B 596 43.10 3.26 42.29
CA ILE B 596 42.94 2.22 43.30
C ILE B 596 43.80 2.54 44.52
N THR B 597 45.06 2.95 44.28
CA THR B 597 45.95 3.27 45.38
C THR B 597 45.41 4.43 46.21
N PHE B 598 44.96 5.50 45.55
CA PHE B 598 44.50 6.67 46.29
C PHE B 598 43.18 6.39 47.00
N LEU B 599 42.29 5.61 46.39
CA LEU B 599 41.04 5.26 47.05
C LEU B 599 41.29 4.37 48.26
N ALA B 600 42.28 3.48 48.18
CA ALA B 600 42.68 2.72 49.37
C ALA B 600 43.25 3.63 50.44
N THR B 601 44.07 4.61 50.04
CA THR B 601 44.62 5.57 50.99
C THR B 601 43.50 6.31 51.70
N LYS B 602 42.51 6.79 50.95
CA LYS B 602 41.41 7.52 51.56
C LYS B 602 40.51 6.61 52.39
N LEU B 603 40.36 5.35 51.98
CA LEU B 603 39.64 4.39 52.82
C LEU B 603 40.30 4.26 54.18
N ASN B 604 41.63 4.05 54.18
CA ASN B 604 42.38 3.98 55.42
C ASN B 604 42.24 5.27 56.23
N ARG B 605 42.33 6.42 55.56
CA ARG B 605 42.31 7.69 56.26
C ARG B 605 40.95 7.98 56.88
N VAL B 606 39.87 7.75 56.13
CA VAL B 606 38.53 8.02 56.63
C VAL B 606 38.13 6.99 57.67
N ALA B 607 38.83 5.85 57.72
CA ALA B 607 38.57 4.91 58.81
C ALA B 607 39.38 5.27 60.05
N LYS B 608 40.59 5.82 59.86
CA LYS B 608 41.47 6.07 61.00
C LYS B 608 41.19 7.42 61.63
N ILE B 609 41.37 8.51 60.88
CA ILE B 609 41.18 9.84 61.43
C ILE B 609 39.71 10.28 61.38
N SER B 610 38.86 9.57 60.64
CA SER B 610 37.44 9.84 60.61
C SER B 610 36.68 8.61 61.04
N LYS B 611 35.39 8.78 61.29
CA LYS B 611 34.51 7.68 61.71
C LYS B 611 33.33 7.63 60.74
N SER B 612 33.50 6.86 59.67
CA SER B 612 32.47 6.73 58.65
C SER B 612 32.32 5.27 58.24
N ARG B 613 31.10 4.91 57.82
CA ARG B 613 30.82 3.58 57.31
C ARG B 613 30.44 3.59 55.83
N GLU B 614 29.53 4.49 55.43
CA GLU B 614 29.07 4.50 54.04
C GLU B 614 30.18 4.96 53.10
N TYR B 615 31.06 5.85 53.57
CA TYR B 615 32.18 6.28 52.73
C TYR B 615 33.17 5.15 52.54
N CYS B 616 33.48 4.41 53.60
CA CYS B 616 34.35 3.25 53.47
C CYS B 616 33.73 2.21 52.55
N PHE B 617 32.43 1.97 52.71
CA PHE B 617 31.74 1.01 51.86
C PHE B 617 31.80 1.43 50.39
N LEU B 618 31.52 2.71 50.11
CA LEU B 618 31.54 3.18 48.74
C LEU B 618 32.94 3.13 48.16
N LEU B 619 33.95 3.45 48.97
CA LEU B 619 35.33 3.42 48.48
C LEU B 619 35.77 2.00 48.16
N ILE B 620 35.45 1.05 49.03
CA ILE B 620 35.86 -0.33 48.79
C ILE B 620 35.06 -0.92 47.63
N SER B 621 33.80 -0.48 47.46
CA SER B 621 33.02 -0.93 46.31
C SER B 621 33.56 -0.34 45.02
N THR B 622 34.06 0.90 45.06
CA THR B 622 34.70 1.49 43.89
C THR B 622 36.00 0.76 43.55
N ILE B 623 36.75 0.37 44.57
CA ILE B 623 37.95 -0.44 44.34
C ILE B 623 37.57 -1.77 43.68
N TYR B 624 36.53 -2.41 44.20
CA TYR B 624 36.03 -3.65 43.61
C TYR B 624 35.62 -3.44 42.15
N SER B 625 34.91 -2.35 41.86
CA SER B 625 34.43 -2.12 40.51
C SER B 625 35.58 -1.82 39.55
N LEU B 626 36.59 -1.08 40.00
CA LEU B 626 37.73 -0.80 39.14
C LEU B 626 38.57 -2.05 38.91
N PHE B 627 38.65 -2.94 39.91
CA PHE B 627 39.32 -4.22 39.68
C PHE B 627 38.54 -5.08 38.71
N ASN B 628 37.20 -5.05 38.79
CA ASN B 628 36.37 -5.85 37.89
C ASN B 628 36.45 -5.33 36.46
N ASN B 629 36.43 -4.01 36.28
CA ASN B 629 36.51 -3.43 34.95
C ASN B 629 37.82 -3.72 34.26
N ASN B 630 38.85 -4.11 35.03
CA ASN B 630 40.15 -4.47 34.48
C ASN B 630 40.32 -5.97 34.30
N ASN B 631 39.81 -6.78 35.23
CA ASN B 631 39.81 -8.22 35.04
C ASN B 631 38.87 -8.66 33.93
N GLN B 632 37.95 -7.79 33.50
CA GLN B 632 37.16 -8.03 32.30
C GLN B 632 37.98 -7.83 31.03
N ASN B 633 39.09 -7.11 31.11
CA ASN B 633 39.95 -6.86 29.96
C ASN B 633 41.28 -7.59 30.03
N GLU B 634 41.71 -7.98 31.24
CA GLU B 634 42.96 -8.72 31.47
C GLU B 634 44.20 -7.94 31.02
N ASN B 635 44.03 -6.67 30.63
CA ASN B 635 45.18 -5.86 30.20
C ASN B 635 45.23 -4.48 30.82
N VAL B 636 44.11 -3.95 31.34
CA VAL B 636 44.15 -2.64 32.00
C VAL B 636 45.01 -2.74 33.26
N LEU B 637 44.83 -3.80 34.03
CA LEU B 637 45.81 -4.26 35.02
C LEU B 637 46.34 -5.60 34.56
N ASN B 638 47.58 -5.61 34.07
CA ASN B 638 48.20 -6.86 33.64
C ASN B 638 48.49 -7.75 34.85
N GLU B 639 49.08 -8.91 34.58
CA GLU B 639 49.42 -9.83 35.66
C GLU B 639 50.39 -9.18 36.64
N GLU B 640 51.49 -8.64 36.13
CA GLU B 640 52.46 -7.97 36.99
C GLU B 640 51.92 -6.64 37.49
N ASP B 641 51.11 -5.95 36.68
CA ASP B 641 50.49 -4.70 37.15
C ASP B 641 49.54 -4.97 38.30
N ALA B 642 48.71 -6.02 38.18
CA ALA B 642 47.82 -6.38 39.27
C ALA B 642 48.61 -6.84 40.48
N LEU B 643 49.74 -7.53 40.27
CA LEU B 643 50.59 -7.92 41.40
C LEU B 643 51.14 -6.70 42.13
N ALA B 644 51.63 -5.71 41.39
CA ALA B 644 52.16 -4.51 42.02
C ALA B 644 51.07 -3.74 42.76
N LEU B 645 49.90 -3.61 42.14
CA LEU B 645 48.82 -2.89 42.80
C LEU B 645 48.33 -3.65 44.03
N LYS B 646 48.36 -4.98 43.98
CA LYS B 646 48.08 -5.79 45.15
C LYS B 646 49.09 -5.54 46.26
N ASN B 647 50.38 -5.54 45.92
CA ASN B 647 51.41 -5.28 46.92
C ASN B 647 51.26 -3.88 47.50
N ALA B 648 50.68 -2.95 46.73
CA ALA B 648 50.41 -1.62 47.24
C ALA B 648 49.20 -1.58 48.17
N ILE B 649 48.13 -2.31 47.84
CA ILE B 649 46.84 -2.12 48.50
C ILE B 649 46.66 -3.07 49.68
N GLU B 650 47.33 -4.22 49.63
CA GLU B 650 47.11 -5.26 50.63
C GLU B 650 47.62 -4.87 52.01
N PRO B 651 48.85 -4.37 52.19
CA PRO B 651 49.20 -3.84 53.52
C PRO B 651 48.30 -2.70 53.95
N LYS B 652 47.88 -1.86 53.00
CA LYS B 652 46.88 -0.83 53.26
C LYS B 652 45.52 -1.42 53.62
N LEU B 653 45.30 -2.70 53.33
CA LEU B 653 44.05 -3.37 53.69
C LEU B 653 44.13 -4.05 55.04
N PHE B 654 45.26 -4.68 55.39
CA PHE B 654 45.41 -5.20 56.75
C PHE B 654 45.58 -4.08 57.78
N GLU B 655 46.14 -2.93 57.41
CA GLU B 655 46.28 -1.87 58.39
C GLU B 655 44.93 -1.24 58.70
N ILE B 656 43.97 -1.35 57.78
CA ILE B 656 42.60 -0.92 58.06
C ILE B 656 41.78 -2.06 58.62
N ILE B 657 42.21 -3.31 58.43
CA ILE B 657 41.66 -4.42 59.18
C ILE B 657 41.93 -4.25 60.68
N THR B 658 43.16 -3.86 61.03
CA THR B 658 43.53 -3.74 62.43
C THR B 658 42.66 -2.71 63.15
N GLN B 659 42.46 -1.54 62.57
CA GLN B 659 41.59 -0.54 63.15
C GLN B 659 40.13 -0.90 62.83
N GLU B 660 39.23 -0.50 63.74
CA GLU B 660 37.85 -0.98 63.68
C GLU B 660 37.20 -0.62 62.35
N SER B 661 37.42 0.60 61.87
CA SER B 661 37.10 1.02 60.50
C SER B 661 35.61 0.76 60.22
N ALA B 662 35.29 0.49 58.96
CA ALA B 662 33.97 0.03 58.56
C ALA B 662 34.04 -1.26 57.76
N ILE B 663 35.23 -1.78 57.51
CA ILE B 663 35.38 -3.07 56.86
C ILE B 663 35.39 -4.21 57.87
N VAL B 664 35.79 -3.93 59.11
CA VAL B 664 35.66 -4.92 60.17
C VAL B 664 34.36 -4.70 60.94
N SER B 665 33.98 -3.44 61.14
CA SER B 665 32.70 -3.13 61.76
C SER B 665 31.52 -3.62 60.92
N ASP B 666 31.59 -3.45 59.60
CA ASP B 666 30.58 -3.96 58.69
C ASP B 666 31.15 -5.15 57.93
N ASN B 667 30.46 -6.29 58.02
CA ASN B 667 30.93 -7.49 57.33
C ASN B 667 30.70 -7.38 55.82
N TYR B 668 29.83 -6.46 55.40
CA TYR B 668 29.61 -6.26 53.96
C TYR B 668 30.85 -5.65 53.32
N ASN B 669 31.48 -4.69 53.99
CA ASN B 669 32.72 -4.14 53.48
C ASN B 669 33.84 -5.17 53.55
N LEU B 670 33.77 -6.09 54.51
CA LEU B 670 34.71 -7.19 54.55
C LEU B 670 34.52 -8.11 53.35
N THR B 671 33.27 -8.33 52.94
CA THR B 671 33.00 -9.12 51.75
C THR B 671 33.48 -8.40 50.49
N LEU B 672 33.35 -7.07 50.48
CA LEU B 672 33.90 -6.30 49.37
C LEU B 672 35.43 -6.41 49.33
N LEU B 673 36.07 -6.40 50.49
CA LEU B 673 37.51 -6.63 50.56
C LEU B 673 37.86 -8.03 50.06
N SER B 674 37.03 -9.02 50.40
CA SER B 674 37.24 -10.37 49.91
C SER B 674 37.14 -10.42 48.39
N ASN B 675 36.17 -9.71 47.81
CA ASN B 675 36.05 -9.64 46.37
C ASN B 675 37.26 -8.95 45.74
N VAL B 676 37.75 -7.88 46.38
CA VAL B 676 38.93 -7.18 45.87
C VAL B 676 40.14 -8.10 45.89
N LEU B 677 40.31 -8.85 46.98
CA LEU B 677 41.44 -9.78 47.08
C LEU B 677 41.31 -10.90 46.04
N PHE B 678 40.08 -11.41 45.85
CA PHE B 678 39.86 -12.44 44.84
C PHE B 678 40.20 -11.94 43.45
N PHE B 679 39.83 -10.69 43.15
CA PHE B 679 40.10 -10.13 41.83
C PHE B 679 41.59 -9.86 41.64
N THR B 680 42.26 -9.34 42.66
CA THR B 680 43.68 -9.01 42.54
C THR B 680 44.57 -10.24 42.59
N ASN B 681 44.13 -11.32 43.23
CA ASN B 681 44.85 -12.58 43.16
C ASN B 681 44.45 -13.42 41.96
N LEU B 682 43.32 -13.11 41.34
CA LEU B 682 42.94 -13.76 40.09
C LEU B 682 43.90 -13.35 38.97
N LYS B 683 44.37 -12.11 39.01
CA LYS B 683 45.43 -11.65 38.10
C LYS B 683 46.74 -11.64 38.87
N ILE B 684 47.28 -12.83 39.10
CA ILE B 684 48.60 -12.99 39.72
C ILE B 684 49.38 -14.01 38.91
N PRO B 685 50.65 -13.77 38.60
CA PRO B 685 51.44 -14.78 37.90
C PRO B 685 51.58 -16.04 38.75
N GLN B 686 51.53 -17.19 38.06
CA GLN B 686 51.56 -18.47 38.77
C GLN B 686 52.85 -18.68 39.54
N ALA B 687 53.99 -18.28 38.98
CA ALA B 687 55.25 -18.38 39.71
C ALA B 687 55.23 -17.57 40.98
N ALA B 688 54.44 -16.50 41.04
CA ALA B 688 54.27 -15.71 42.25
C ALA B 688 53.05 -16.13 43.07
N HIS B 689 52.20 -17.00 42.51
CA HIS B 689 51.09 -17.53 43.30
C HIS B 689 51.60 -18.36 44.47
N GLN B 690 52.47 -19.33 44.18
CA GLN B 690 52.81 -20.39 45.13
C GLN B 690 53.24 -19.82 46.48
N GLU B 691 54.32 -19.02 46.48
CA GLU B 691 54.78 -18.40 47.71
C GLU B 691 53.65 -17.67 48.42
N GLU B 692 52.93 -16.81 47.68
CA GLU B 692 51.77 -16.15 48.26
C GLU B 692 50.80 -17.17 48.82
N LEU B 693 50.43 -18.17 48.02
CA LEU B 693 49.64 -19.27 48.53
C LEU B 693 50.27 -19.87 49.77
N ASP B 694 51.57 -20.20 49.69
CA ASP B 694 52.28 -20.69 50.86
C ASP B 694 52.13 -19.72 52.03
N ARG B 695 52.36 -18.43 51.78
CA ARG B 695 52.16 -17.44 52.83
C ARG B 695 50.76 -17.56 53.41
N TYR B 696 49.74 -17.57 52.54
CA TYR B 696 48.38 -17.79 53.02
C TYR B 696 48.26 -19.15 53.68
N ASN B 697 48.84 -20.18 53.05
CA ASN B 697 48.81 -21.52 53.63
C ASN B 697 49.54 -21.54 54.97
N GLU B 698 50.43 -20.57 55.19
CA GLU B 698 51.07 -20.46 56.50
C GLU B 698 50.33 -19.48 57.40
N LEU B 699 49.70 -18.46 56.81
CA LEU B 699 49.11 -17.40 57.63
C LEU B 699 47.77 -17.84 58.21
N PHE B 700 47.03 -18.67 57.49
CA PHE B 700 45.68 -19.00 57.90
C PHE B 700 45.58 -20.37 58.57
N ILE B 701 46.46 -21.30 58.21
CA ILE B 701 46.30 -22.69 58.60
C ILE B 701 47.39 -23.11 59.58
N SER B 702 48.64 -23.01 59.15
CA SER B 702 49.73 -23.55 59.95
C SER B 702 50.05 -22.66 61.14
N GLU B 703 50.26 -21.36 60.90
CA GLU B 703 50.70 -20.44 61.93
C GLU B 703 50.04 -19.08 61.74
N GLY B 704 50.52 -18.11 62.50
CA GLY B 704 50.02 -16.75 62.40
C GLY B 704 49.08 -16.41 63.55
N LYS B 705 48.87 -15.10 63.72
CA LYS B 705 47.91 -14.64 64.73
C LYS B 705 46.51 -15.12 64.42
N ILE B 706 46.06 -14.95 63.17
CA ILE B 706 44.75 -15.43 62.78
C ILE B 706 44.81 -16.93 62.52
N ARG B 707 43.90 -17.67 63.16
CA ARG B 707 43.85 -19.13 63.04
C ARG B 707 42.40 -19.51 62.74
N ILE B 708 42.12 -19.78 61.47
CA ILE B 708 40.77 -20.17 61.06
C ILE B 708 40.44 -21.57 61.55
N LEU B 709 41.44 -22.37 61.89
CA LEU B 709 41.23 -23.74 62.32
C LEU B 709 41.00 -23.87 63.81
N ASP B 710 41.16 -22.79 64.57
CA ASP B 710 41.03 -22.82 66.02
C ASP B 710 39.93 -21.93 66.55
N THR B 711 39.84 -20.69 66.05
CA THR B 711 38.84 -19.74 66.52
C THR B 711 38.11 -19.13 65.33
N PRO B 712 36.78 -19.12 65.34
CA PRO B 712 36.05 -18.50 64.23
C PRO B 712 36.33 -17.01 64.15
N ASN B 713 36.44 -16.51 62.92
CA ASN B 713 36.70 -15.10 62.69
C ASN B 713 36.09 -14.70 61.34
N VAL B 714 35.64 -13.45 61.27
CA VAL B 714 34.96 -12.98 60.06
C VAL B 714 35.91 -12.93 58.88
N LEU B 715 37.16 -12.50 59.10
CA LEU B 715 38.11 -12.34 58.00
C LEU B 715 38.35 -13.65 57.28
N ALA B 716 38.01 -14.78 57.90
CA ALA B 716 38.14 -16.07 57.24
C ALA B 716 37.43 -16.10 55.90
N ILE B 717 36.31 -15.37 55.78
CA ILE B 717 35.58 -15.35 54.52
C ILE B 717 36.49 -14.90 53.39
N SER B 718 37.32 -13.88 53.65
CA SER B 718 38.26 -13.41 52.63
C SER B 718 39.18 -14.54 52.19
N TYR B 719 39.65 -15.35 53.14
CA TYR B 719 40.56 -16.44 52.79
C TYR B 719 39.91 -17.38 51.77
N ALA B 720 38.58 -17.55 51.87
CA ALA B 720 37.90 -18.35 50.86
C ALA B 720 38.12 -17.77 49.48
N LYS B 721 37.82 -16.47 49.30
CA LYS B 721 38.10 -15.81 48.04
C LYS B 721 39.60 -15.80 47.75
N ILE B 722 40.43 -15.95 48.78
CA ILE B 722 41.86 -16.08 48.56
C ILE B 722 42.18 -17.43 47.91
N LEU B 723 41.58 -18.51 48.42
CA LEU B 723 41.94 -19.83 47.94
C LEU B 723 41.43 -20.09 46.53
N SER B 724 40.22 -19.62 46.21
CA SER B 724 39.73 -19.73 44.84
C SER B 724 40.52 -18.86 43.86
N ALA B 725 41.18 -17.82 44.34
CA ALA B 725 41.97 -16.94 43.49
C ALA B 725 43.43 -17.34 43.43
N LEU B 726 43.98 -17.92 44.49
CA LEU B 726 45.33 -18.46 44.43
C LEU B 726 45.34 -19.73 43.58
N ASN B 727 46.54 -20.13 43.17
CA ASN B 727 46.67 -21.19 42.18
C ASN B 727 46.26 -22.53 42.73
N LYS B 728 45.72 -23.38 41.86
CA LYS B 728 45.36 -24.74 42.26
C LYS B 728 46.50 -25.72 41.99
N ASN B 729 47.01 -25.74 40.76
CA ASN B 729 48.06 -26.68 40.39
C ASN B 729 49.43 -26.16 40.83
N CYS B 730 49.47 -25.75 42.09
CA CYS B 730 50.70 -25.42 42.80
C CYS B 730 50.66 -26.08 44.17
N GLN B 731 51.85 -26.26 44.75
CA GLN B 731 52.00 -27.01 45.99
C GLN B 731 51.21 -26.33 47.10
N PHE B 732 50.09 -26.93 47.48
CA PHE B 732 49.25 -26.49 48.59
C PHE B 732 49.12 -27.67 49.54
N PRO B 733 50.19 -28.00 50.28
CA PRO B 733 50.19 -29.25 51.06
C PRO B 733 49.12 -29.32 52.12
N GLN B 734 48.78 -28.19 52.75
CA GLN B 734 47.77 -28.15 53.81
C GLN B 734 46.43 -27.74 53.22
N LYS B 735 45.76 -28.71 52.59
CA LYS B 735 44.41 -28.56 52.09
C LYS B 735 43.40 -29.47 52.77
N PHE B 736 43.77 -30.72 53.02
CA PHE B 736 42.88 -31.63 53.75
C PHE B 736 42.79 -31.24 55.21
N THR B 737 43.91 -30.80 55.80
CA THR B 737 43.92 -30.45 57.22
C THR B 737 43.08 -29.21 57.48
N VAL B 738 43.10 -28.23 56.58
CA VAL B 738 42.27 -27.04 56.78
C VAL B 738 40.80 -27.39 56.61
N LEU B 739 40.48 -28.31 55.70
CA LEU B 739 39.11 -28.78 55.56
C LEU B 739 38.63 -29.44 56.84
N PHE B 740 39.44 -30.33 57.40
CA PHE B 740 39.07 -30.99 58.65
C PHE B 740 38.97 -29.98 59.79
N GLY B 741 39.87 -28.99 59.81
CA GLY B 741 39.84 -28.00 60.88
C GLY B 741 38.61 -27.12 60.83
N THR B 742 38.22 -26.69 59.62
CA THR B 742 37.00 -25.88 59.52
C THR B 742 35.76 -26.71 59.78
N VAL B 743 35.79 -28.01 59.44
CA VAL B 743 34.68 -28.89 59.81
C VAL B 743 34.57 -28.97 61.33
N GLN B 744 35.69 -29.16 62.01
CA GLN B 744 35.68 -29.24 63.46
C GLN B 744 35.22 -27.93 64.10
N LEU B 745 35.67 -26.80 63.56
CA LEU B 745 35.26 -25.51 64.09
C LEU B 745 33.78 -25.26 63.87
N LEU B 746 33.25 -25.68 62.72
CA LEU B 746 31.82 -25.56 62.47
C LEU B 746 31.02 -26.45 63.41
N LYS B 747 31.56 -27.62 63.73
CA LYS B 747 30.87 -28.52 64.64
C LYS B 747 30.88 -28.00 66.08
N LYS B 748 31.99 -27.40 66.50
CA LYS B 748 32.14 -27.01 67.89
C LYS B 748 31.64 -25.59 68.14
N HIS B 749 32.13 -24.64 67.35
CA HIS B 749 31.93 -23.21 67.62
C HIS B 749 30.62 -22.67 67.03
N ALA B 750 29.77 -23.55 66.47
CA ALA B 750 28.58 -23.10 65.76
C ALA B 750 27.74 -22.10 66.56
N PRO B 751 27.43 -22.33 67.84
CA PRO B 751 26.66 -21.30 68.58
C PRO B 751 27.37 -19.96 68.66
N ARG B 752 28.69 -19.94 68.77
CA ARG B 752 29.44 -18.69 68.86
C ARG B 752 29.92 -18.19 67.51
N MET B 753 29.77 -18.99 66.46
CA MET B 753 30.05 -18.51 65.11
C MET B 753 28.97 -17.53 64.68
N THR B 754 29.41 -16.36 64.22
CA THR B 754 28.47 -15.39 63.67
C THR B 754 28.12 -15.80 62.23
N GLU B 755 27.19 -15.06 61.64
CA GLU B 755 26.74 -15.37 60.29
C GLU B 755 27.87 -15.22 59.28
N THR B 756 28.66 -14.14 59.37
CA THR B 756 29.76 -13.94 58.44
C THR B 756 30.82 -15.02 58.59
N GLU B 757 31.17 -15.37 59.83
CA GLU B 757 32.15 -16.42 60.07
C GLU B 757 31.68 -17.75 59.49
N LYS B 758 30.43 -18.13 59.79
CA LYS B 758 29.93 -19.43 59.33
C LYS B 758 29.83 -19.47 57.81
N LEU B 759 29.34 -18.38 57.20
CA LEU B 759 29.26 -18.35 55.74
C LEU B 759 30.64 -18.42 55.11
N GLY B 760 31.62 -17.73 55.71
CA GLY B 760 32.97 -17.80 55.17
C GLY B 760 33.58 -19.18 55.28
N TYR B 761 33.32 -19.87 56.40
CA TYR B 761 33.87 -21.21 56.57
C TYR B 761 33.17 -22.20 55.64
N LEU B 762 31.87 -22.01 55.39
CA LEU B 762 31.17 -22.85 54.41
C LEU B 762 31.71 -22.62 53.01
N GLU B 763 31.97 -21.36 52.64
CA GLU B 763 32.57 -21.09 51.35
C GLU B 763 33.96 -21.68 51.25
N LEU B 764 34.70 -21.67 52.36
CA LEU B 764 36.02 -22.31 52.40
C LEU B 764 35.89 -23.82 52.18
N LEU B 765 34.92 -24.44 52.85
CA LEU B 765 34.62 -25.85 52.60
C LEU B 765 34.40 -26.11 51.12
N LEU B 766 33.55 -25.30 50.49
CA LEU B 766 33.24 -25.47 49.08
C LEU B 766 34.49 -25.27 48.22
N VAL B 767 35.32 -24.29 48.56
CA VAL B 767 36.52 -23.99 47.77
C VAL B 767 37.49 -25.16 47.83
N LEU B 768 37.73 -25.70 49.03
CA LEU B 768 38.57 -26.89 49.13
C LEU B 768 37.97 -28.05 48.36
N SER B 769 36.66 -28.27 48.50
CA SER B 769 36.02 -29.43 47.86
C SER B 769 36.14 -29.36 46.34
N ASN B 770 35.99 -28.17 45.77
CA ASN B 770 36.01 -28.04 44.32
C ASN B 770 37.39 -27.76 43.75
N LYS B 771 38.35 -27.32 44.56
CA LYS B 771 39.65 -26.89 44.07
C LYS B 771 40.81 -27.75 44.56
N PHE B 772 41.02 -27.84 45.87
CA PHE B 772 42.25 -28.37 46.43
C PHE B 772 42.11 -29.82 46.88
N VAL B 773 41.20 -30.11 47.81
CA VAL B 773 41.06 -31.48 48.29
C VAL B 773 40.37 -32.31 47.22
N SER B 774 40.83 -33.54 47.06
CA SER B 774 40.21 -34.46 46.11
C SER B 774 38.95 -35.06 46.73
N GLU B 775 38.25 -35.86 45.92
CA GLU B 775 37.00 -36.45 46.37
C GLU B 775 37.20 -37.46 47.49
N LYS B 776 38.41 -38.04 47.58
CA LYS B 776 38.67 -39.04 48.62
C LYS B 776 38.62 -38.41 50.01
N ASP B 777 39.11 -37.18 50.15
CA ASP B 777 39.03 -36.52 51.45
C ASP B 777 37.59 -36.28 51.86
N VAL B 778 36.75 -35.85 50.94
CA VAL B 778 35.35 -35.60 51.25
C VAL B 778 34.65 -36.90 51.63
N ILE B 779 34.85 -37.96 50.83
CA ILE B 779 34.16 -39.20 51.10
C ILE B 779 34.68 -39.85 52.38
N GLY B 780 35.93 -39.58 52.75
CA GLY B 780 36.43 -40.03 54.04
C GLY B 780 35.94 -39.19 55.21
N LEU B 781 35.38 -38.02 54.93
CA LEU B 781 34.84 -37.13 55.94
C LEU B 781 33.36 -37.38 56.23
N PHE B 782 32.74 -38.34 55.54
CA PHE B 782 31.31 -38.59 55.67
C PHE B 782 30.98 -39.19 57.03
N ASP B 783 29.92 -38.67 57.64
CA ASP B 783 29.38 -39.24 58.88
C ASP B 783 27.89 -38.96 58.92
N TRP B 784 27.10 -39.96 58.51
CA TRP B 784 25.65 -39.87 58.50
C TRP B 784 24.99 -40.39 59.78
N LYS B 785 25.78 -40.83 60.75
CA LYS B 785 25.21 -41.36 61.98
C LYS B 785 24.56 -40.24 62.81
N ASP B 786 25.21 -39.09 62.88
CA ASP B 786 24.68 -37.95 63.63
C ASP B 786 23.79 -37.12 62.72
N LEU B 787 22.51 -37.01 63.07
CA LEU B 787 21.55 -36.24 62.30
C LEU B 787 21.47 -34.79 62.80
N SER B 788 22.64 -34.17 62.92
CA SER B 788 22.74 -32.82 63.44
C SER B 788 22.75 -31.79 62.31
N VAL B 789 22.42 -30.55 62.68
CA VAL B 789 22.34 -29.48 61.69
C VAL B 789 23.71 -29.22 61.08
N ILE B 790 24.75 -29.17 61.91
CA ILE B 790 26.09 -28.87 61.42
C ILE B 790 26.60 -29.97 60.50
N ASN B 791 26.32 -31.23 60.86
CA ASN B 791 26.74 -32.33 60.00
C ASN B 791 26.09 -32.24 58.63
N LEU B 792 24.79 -31.91 58.60
CA LEU B 792 24.10 -31.74 57.32
C LEU B 792 24.67 -30.57 56.53
N GLU B 793 24.99 -29.46 57.22
CA GLU B 793 25.63 -28.34 56.52
C GLU B 793 26.94 -28.76 55.87
N VAL B 794 27.77 -29.48 56.63
CA VAL B 794 29.08 -29.89 56.11
C VAL B 794 28.91 -30.83 54.91
N MET B 795 28.08 -31.86 55.06
CA MET B 795 27.91 -32.82 53.98
C MET B 795 27.29 -32.17 52.75
N VAL B 796 26.32 -31.27 52.95
CA VAL B 796 25.68 -30.61 51.80
C VAL B 796 26.67 -29.71 51.09
N TRP B 797 27.44 -28.91 51.83
CA TRP B 797 28.35 -27.98 51.18
C TRP B 797 29.57 -28.66 50.59
N LEU B 798 29.92 -29.87 51.03
CA LEU B 798 30.98 -30.61 50.37
C LEU B 798 30.45 -31.34 49.14
N THR B 799 29.35 -32.07 49.29
CA THR B 799 28.76 -32.77 48.15
C THR B 799 28.21 -31.80 47.12
N LYS B 800 28.08 -30.52 47.47
CA LYS B 800 27.78 -29.51 46.45
C LYS B 800 28.93 -29.33 45.49
N GLY B 801 30.16 -29.23 46.01
CA GLY B 801 31.32 -29.22 45.13
C GLY B 801 31.50 -30.55 44.42
N LEU B 802 31.14 -31.65 45.09
CA LEU B 802 31.16 -32.96 44.44
C LEU B 802 30.21 -33.01 43.25
N ILE B 803 28.99 -32.49 43.40
CA ILE B 803 28.07 -32.36 42.27
C ILE B 803 28.67 -31.43 41.22
N MET B 804 29.26 -30.33 41.67
CA MET B 804 29.95 -29.41 40.77
C MET B 804 31.11 -30.14 40.10
N GLN B 805 31.58 -31.24 40.70
CA GLN B 805 32.60 -32.09 40.12
C GLN B 805 32.02 -33.25 39.31
N ASN B 806 30.72 -33.52 39.43
CA ASN B 806 30.02 -34.51 38.59
C ASN B 806 30.57 -35.92 38.79
N SER B 807 30.36 -36.47 39.97
CA SER B 807 30.79 -37.84 40.25
C SER B 807 29.62 -38.71 40.73
N LEU B 808 29.89 -40.01 40.91
CA LEU B 808 28.89 -40.92 41.48
C LEU B 808 28.48 -40.50 42.88
N GLU B 809 29.46 -40.37 43.78
CA GLU B 809 29.16 -40.07 45.17
C GLU B 809 28.14 -38.96 45.28
N SER B 810 28.46 -37.78 44.76
CA SER B 810 27.53 -36.66 44.77
C SER B 810 26.15 -37.05 44.26
N SER B 811 26.09 -37.82 43.15
CA SER B 811 24.81 -38.24 42.62
C SER B 811 24.15 -39.30 43.48
N GLU B 812 24.96 -40.21 44.07
CA GLU B 812 24.44 -41.21 44.99
C GLU B 812 24.12 -40.62 46.35
N ILE B 813 25.00 -39.76 46.87
CA ILE B 813 24.68 -39.00 48.07
C ILE B 813 23.39 -38.19 47.88
N ALA B 814 23.13 -37.74 46.67
CA ALA B 814 21.86 -37.07 46.40
C ALA B 814 20.68 -37.98 46.71
N LYS B 815 20.72 -39.23 46.22
CA LYS B 815 19.66 -40.18 46.56
C LYS B 815 19.60 -40.42 48.06
N LYS B 816 20.77 -40.52 48.70
CA LYS B 816 20.81 -40.65 50.16
C LYS B 816 20.06 -39.51 50.81
N PHE B 817 20.29 -38.29 50.33
CA PHE B 817 19.62 -37.12 50.87
C PHE B 817 18.13 -37.22 50.67
N ILE B 818 17.70 -37.66 49.48
CA ILE B 818 16.28 -37.84 49.24
C ILE B 818 15.69 -38.77 50.28
N ASP B 819 16.35 -39.91 50.51
CA ASP B 819 15.84 -40.87 51.49
C ASP B 819 15.78 -40.25 52.87
N LEU B 820 16.84 -39.54 53.26
CA LEU B 820 16.89 -38.95 54.60
C LEU B 820 15.89 -37.81 54.72
N LEU B 821 15.43 -37.28 53.58
CA LEU B 821 14.46 -36.20 53.59
C LEU B 821 13.05 -36.72 53.88
N SER B 822 12.87 -38.04 53.82
CA SER B 822 11.61 -38.64 54.28
C SER B 822 11.47 -38.63 55.79
N ASN B 823 12.49 -38.16 56.51
CA ASN B 823 12.39 -38.05 57.96
C ASN B 823 11.52 -36.85 58.33
N GLU B 824 10.90 -36.93 59.51
CA GLU B 824 9.91 -35.93 59.88
C GLU B 824 10.57 -34.61 60.27
N GLU B 825 11.36 -34.62 61.34
CA GLU B 825 11.96 -33.38 61.84
C GLU B 825 13.30 -33.05 61.20
N ILE B 826 14.05 -34.04 60.73
CA ILE B 826 15.30 -33.79 60.04
C ILE B 826 15.13 -33.73 58.53
N GLY B 827 14.17 -34.46 57.98
CA GLY B 827 13.90 -34.34 56.56
C GLY B 827 13.38 -32.97 56.18
N SER B 828 12.67 -32.31 57.10
CA SER B 828 12.22 -30.94 56.85
C SER B 828 13.40 -29.98 56.77
N LEU B 829 14.32 -30.09 57.72
CA LEU B 829 15.52 -29.25 57.68
C LEU B 829 16.34 -29.52 56.42
N VAL B 830 16.46 -30.80 56.05
CA VAL B 830 17.19 -31.15 54.84
C VAL B 830 16.49 -30.58 53.61
N SER B 831 15.16 -30.61 53.58
CA SER B 831 14.44 -30.06 52.45
C SER B 831 14.63 -28.55 52.34
N LYS B 832 14.58 -27.84 53.48
CA LYS B 832 14.73 -26.39 53.45
C LYS B 832 16.18 -25.99 53.17
N LEU B 833 17.13 -26.86 53.49
CA LEU B 833 18.54 -26.60 53.21
C LEU B 833 18.98 -27.14 51.86
N PHE B 834 18.10 -27.90 51.18
CA PHE B 834 18.48 -28.64 49.98
C PHE B 834 18.73 -27.74 48.78
N GLU B 835 18.43 -26.44 48.89
CA GLU B 835 18.76 -25.49 47.83
C GLU B 835 20.26 -25.39 47.60
N VAL B 836 21.06 -25.63 48.65
CA VAL B 836 22.50 -25.37 48.57
C VAL B 836 23.14 -26.15 47.43
N PHE B 837 22.68 -27.37 47.19
CA PHE B 837 23.31 -28.22 46.18
C PHE B 837 23.35 -27.56 44.82
N VAL B 838 22.31 -26.81 44.48
CA VAL B 838 22.21 -26.12 43.20
C VAL B 838 22.12 -24.62 43.46
N MET B 839 23.24 -23.91 43.26
CA MET B 839 23.30 -22.46 43.28
C MET B 839 24.46 -22.02 42.41
N ASP B 840 24.49 -20.72 42.08
CA ASP B 840 25.68 -20.15 41.48
C ASP B 840 26.78 -20.01 42.52
N ILE B 841 28.01 -19.88 42.05
CA ILE B 841 29.16 -19.72 42.93
C ILE B 841 29.76 -18.32 42.90
N SER B 842 29.91 -17.70 41.74
CA SER B 842 30.51 -16.38 41.55
C SER B 842 31.98 -16.33 41.96
N SER B 843 32.53 -17.46 42.43
CA SER B 843 33.94 -17.54 42.79
C SER B 843 34.64 -18.77 42.23
N LEU B 844 33.91 -19.86 41.97
CA LEU B 844 34.46 -21.08 41.40
C LEU B 844 33.63 -21.50 40.19
N LYS B 845 33.95 -20.91 39.05
CA LYS B 845 33.52 -21.38 37.74
C LYS B 845 34.68 -21.23 36.78
N LYS B 846 34.50 -21.69 35.54
CA LYS B 846 35.55 -21.56 34.54
C LYS B 846 35.50 -20.12 34.02
N PHE B 847 35.95 -19.20 34.87
CA PHE B 847 35.94 -17.78 34.54
C PHE B 847 36.92 -17.51 33.39
N LYS B 848 36.63 -16.48 32.61
CA LYS B 848 37.57 -16.03 31.59
C LYS B 848 38.89 -15.64 32.23
N GLY B 849 39.99 -15.99 31.56
CA GLY B 849 41.28 -15.82 32.17
C GLY B 849 41.75 -17.08 32.87
N ILE B 850 41.41 -17.18 34.16
CA ILE B 850 41.79 -18.34 34.96
C ILE B 850 41.35 -19.63 34.28
N SER B 851 42.20 -20.65 34.36
CA SER B 851 41.87 -22.00 33.95
C SER B 851 42.09 -23.03 35.05
N TRP B 852 42.92 -22.72 36.04
CA TRP B 852 43.17 -23.53 37.21
C TRP B 852 42.22 -23.23 38.36
N ASN B 853 40.99 -22.80 38.04
CA ASN B 853 40.09 -22.34 39.09
C ASN B 853 39.59 -23.51 39.95
N ASN B 854 39.15 -24.59 39.30
CA ASN B 854 38.54 -25.71 40.02
C ASN B 854 38.41 -26.88 39.05
N ASN B 855 37.73 -27.94 39.51
CA ASN B 855 37.25 -29.01 38.65
C ASN B 855 35.84 -28.70 38.14
N VAL B 856 35.69 -27.60 37.41
CA VAL B 856 34.38 -27.05 37.06
C VAL B 856 33.63 -27.97 36.11
N LYS B 857 32.36 -28.23 36.43
CA LYS B 857 31.41 -28.89 35.54
C LYS B 857 30.10 -28.12 35.52
N ILE B 858 29.74 -27.61 34.34
CA ILE B 858 28.54 -26.80 34.22
C ILE B 858 27.29 -27.68 34.26
N LEU B 859 27.42 -28.96 33.92
CA LEU B 859 26.29 -29.88 33.87
C LEU B 859 25.81 -30.30 35.24
N TYR B 860 26.35 -29.73 36.32
CA TYR B 860 25.93 -30.16 37.65
C TYR B 860 24.45 -29.87 37.87
N LYS B 861 23.98 -28.68 37.51
CA LYS B 861 22.59 -28.31 37.74
C LYS B 861 21.64 -29.34 37.15
N GLN B 862 21.63 -29.46 35.83
CA GLN B 862 20.74 -30.39 35.15
C GLN B 862 20.88 -31.80 35.71
N LYS B 863 22.12 -32.28 35.86
CA LYS B 863 22.32 -33.63 36.36
C LYS B 863 21.66 -33.79 37.73
N PHE B 864 21.90 -32.84 38.62
CA PHE B 864 21.32 -32.92 39.95
C PHE B 864 19.80 -32.97 39.86
N PHE B 865 19.22 -32.15 38.98
CA PHE B 865 17.78 -32.20 38.82
C PHE B 865 17.33 -33.59 38.39
N GLY B 866 18.03 -34.15 37.39
CA GLY B 866 17.64 -35.46 36.90
C GLY B 866 17.82 -36.55 37.95
N ASP B 867 18.67 -36.28 38.95
CA ASP B 867 18.88 -37.27 40.00
C ASP B 867 17.89 -37.07 41.14
N ILE B 868 17.39 -35.85 41.30
CA ILE B 868 16.55 -35.51 42.44
C ILE B 868 15.06 -35.60 42.10
N PHE B 869 14.64 -34.80 41.12
CA PHE B 869 13.23 -34.69 40.76
C PHE B 869 12.48 -36.00 40.83
N GLN B 870 12.89 -36.98 40.02
CA GLN B 870 12.10 -38.19 39.87
C GLN B 870 11.81 -38.82 41.23
N THR B 871 12.85 -39.06 42.01
CA THR B 871 12.63 -39.70 43.29
C THR B 871 11.73 -38.85 44.17
N LEU B 872 12.00 -37.53 44.21
CA LEU B 872 11.14 -36.64 44.98
C LEU B 872 9.68 -36.79 44.61
N VAL B 873 9.37 -36.76 43.31
CA VAL B 873 7.96 -36.77 42.94
C VAL B 873 7.34 -38.12 43.29
N SER B 874 8.09 -39.20 43.10
CA SER B 874 7.57 -40.52 43.45
C SER B 874 7.27 -40.57 44.95
N ASN B 875 8.14 -39.94 45.74
CA ASN B 875 7.93 -39.93 47.18
C ASN B 875 6.74 -39.06 47.55
N TYR B 876 6.56 -37.94 46.84
CA TYR B 876 5.44 -37.06 47.18
C TYR B 876 4.11 -37.75 46.91
N LYS B 877 4.00 -38.40 45.75
CA LYS B 877 2.83 -39.20 45.45
C LYS B 877 2.72 -40.43 46.33
N ASN B 878 3.78 -40.78 47.07
CA ASN B 878 3.73 -41.86 48.05
C ASN B 878 3.88 -41.31 49.47
N THR B 879 3.14 -40.24 49.79
CA THR B 879 3.24 -39.58 51.09
C THR B 879 1.89 -39.00 51.47
N VAL B 880 1.67 -38.81 52.77
CA VAL B 880 0.33 -38.54 53.31
C VAL B 880 0.25 -37.18 54.01
N ASP B 881 1.26 -36.81 54.80
CA ASP B 881 1.04 -35.88 55.89
C ASP B 881 1.48 -34.46 55.54
N MET B 882 1.24 -33.54 56.49
CA MET B 882 1.78 -32.19 56.41
C MET B 882 3.28 -32.20 56.15
N THR B 883 4.05 -32.82 57.04
CA THR B 883 5.48 -32.59 57.11
C THR B 883 6.20 -33.14 55.89
N ILE B 884 6.03 -34.42 55.59
CA ILE B 884 6.90 -35.06 54.61
C ILE B 884 6.55 -34.57 53.20
N LYS B 885 5.26 -34.36 52.92
CA LYS B 885 4.87 -33.80 51.63
C LYS B 885 5.36 -32.36 51.49
N CYS B 886 5.26 -31.58 52.57
CA CYS B 886 5.81 -30.22 52.52
C CYS B 886 7.32 -30.25 52.26
N ASN B 887 8.00 -31.24 52.85
CA ASN B 887 9.44 -31.40 52.61
C ASN B 887 9.72 -31.70 51.14
N TYR B 888 8.94 -32.61 50.55
CA TYR B 888 9.17 -32.98 49.17
C TYR B 888 8.93 -31.79 48.24
N LEU B 889 7.85 -31.05 48.50
CA LEU B 889 7.56 -29.86 47.71
C LEU B 889 8.67 -28.83 47.83
N THR B 890 9.11 -28.54 49.07
CA THR B 890 10.15 -27.55 49.27
C THR B 890 11.46 -27.97 48.62
N ALA B 891 11.81 -29.26 48.72
CA ALA B 891 13.06 -29.73 48.15
C ALA B 891 13.05 -29.63 46.63
N LEU B 892 12.00 -30.16 46.00
CA LEU B 892 11.93 -30.10 44.55
C LEU B 892 11.87 -28.66 44.07
N SER B 893 11.19 -27.79 44.80
CA SER B 893 11.09 -26.38 44.41
C SER B 893 12.43 -25.68 44.55
N LEU B 894 13.15 -25.93 45.64
CA LEU B 894 14.45 -25.32 45.86
C LEU B 894 15.50 -25.86 44.90
N VAL B 895 15.24 -27.04 44.31
CA VAL B 895 16.13 -27.54 43.27
C VAL B 895 15.78 -26.92 41.92
N LEU B 896 14.49 -26.84 41.60
CA LEU B 896 14.06 -26.31 40.31
C LEU B 896 14.26 -24.81 40.22
N LYS B 897 14.35 -24.12 41.36
CA LYS B 897 14.47 -22.67 41.35
C LYS B 897 15.80 -22.21 40.74
N HIS B 898 16.87 -22.95 41.00
CA HIS B 898 18.18 -22.57 40.48
C HIS B 898 18.48 -23.17 39.11
N THR B 899 17.97 -24.37 38.83
CA THR B 899 18.09 -24.91 37.50
C THR B 899 17.13 -24.18 36.56
N PRO B 900 17.58 -23.81 35.37
CA PRO B 900 16.67 -23.16 34.41
C PRO B 900 15.52 -24.08 34.04
N SER B 901 14.30 -23.51 34.06
CA SER B 901 13.10 -24.31 33.85
C SER B 901 13.01 -24.84 32.42
N GLN B 902 13.45 -24.06 31.44
CA GLN B 902 13.39 -24.47 30.04
C GLN B 902 14.43 -25.54 29.69
N SER B 903 15.46 -25.70 30.51
CA SER B 903 16.48 -26.72 30.29
C SER B 903 16.08 -28.08 30.86
N VAL B 904 15.04 -28.13 31.67
CA VAL B 904 14.55 -29.36 32.25
C VAL B 904 13.14 -29.60 31.69
N GLY B 905 13.08 -30.32 30.59
CA GLY B 905 11.83 -30.53 29.87
C GLY B 905 11.14 -31.85 30.17
N PRO B 906 11.86 -32.97 30.06
CA PRO B 906 11.22 -34.27 30.33
C PRO B 906 10.63 -34.39 31.72
N PHE B 907 11.18 -33.67 32.69
CA PHE B 907 10.71 -33.74 34.06
C PHE B 907 9.47 -32.90 34.30
N ILE B 908 9.06 -32.07 33.32
CA ILE B 908 7.95 -31.14 33.54
C ILE B 908 6.65 -31.90 33.75
N ASN B 909 6.44 -32.99 33.00
CA ASN B 909 5.17 -33.70 33.05
C ASN B 909 4.89 -34.25 34.45
N ASP B 910 5.86 -34.96 35.02
CA ASP B 910 5.69 -35.45 36.39
C ASP B 910 5.80 -34.32 37.41
N LEU B 911 6.38 -33.19 37.01
CA LEU B 911 6.55 -32.04 37.90
C LEU B 911 5.26 -31.25 38.05
N PHE B 912 4.34 -31.37 37.09
CA PHE B 912 3.13 -30.55 37.09
C PHE B 912 2.34 -30.65 38.39
N PRO B 913 2.15 -31.83 39.01
CA PRO B 913 1.48 -31.83 40.33
C PRO B 913 2.20 -31.03 41.39
N LEU B 914 3.50 -31.29 41.60
CA LEU B 914 4.24 -30.49 42.57
C LEU B 914 4.43 -29.08 42.08
N LEU B 915 4.42 -28.88 40.77
CA LEU B 915 4.44 -27.52 40.21
C LEU B 915 3.23 -26.72 40.68
N LEU B 916 2.04 -27.32 40.58
CA LEU B 916 0.84 -26.68 41.07
C LEU B 916 0.86 -26.55 42.59
N GLN B 917 1.49 -27.51 43.26
CA GLN B 917 1.61 -27.46 44.72
C GLN B 917 2.45 -26.28 45.19
N ALA B 918 3.54 -25.97 44.47
CA ALA B 918 4.51 -24.98 44.93
C ALA B 918 4.03 -23.54 44.80
N LEU B 919 2.75 -23.31 44.48
CA LEU B 919 2.26 -21.96 44.25
C LEU B 919 1.75 -21.29 45.53
N ASP B 920 1.85 -21.94 46.68
CA ASP B 920 1.39 -21.37 47.96
C ASP B 920 2.39 -21.73 49.06
N MET B 921 3.37 -20.84 49.28
CA MET B 921 4.34 -21.01 50.35
C MET B 921 5.08 -19.68 50.54
N PRO B 922 5.65 -19.43 51.71
CA PRO B 922 6.11 -18.07 52.03
C PRO B 922 7.16 -17.49 51.09
N ASP B 923 8.16 -18.27 50.70
CA ASP B 923 9.30 -17.71 49.98
C ASP B 923 8.89 -17.24 48.59
N PRO B 924 9.04 -15.95 48.27
CA PRO B 924 8.77 -15.50 46.89
C PRO B 924 9.74 -16.09 45.89
N GLU B 925 10.84 -16.69 46.35
CA GLU B 925 11.80 -17.31 45.45
C GLU B 925 11.18 -18.53 44.76
N VAL B 926 10.61 -19.44 45.54
CA VAL B 926 9.90 -20.58 44.96
C VAL B 926 8.69 -20.10 44.18
N ARG B 927 8.08 -19.00 44.61
CA ARG B 927 6.94 -18.46 43.87
C ARG B 927 7.34 -18.05 42.45
N VAL B 928 8.36 -17.20 42.31
CA VAL B 928 8.83 -16.82 40.99
C VAL B 928 9.28 -18.04 40.20
N SER B 929 9.92 -19.01 40.86
CA SER B 929 10.41 -20.18 40.14
C SER B 929 9.25 -21.01 39.58
N ALA B 930 8.23 -21.27 40.40
CA ALA B 930 7.11 -22.09 39.95
C ALA B 930 6.25 -21.34 38.93
N LEU B 931 6.10 -20.02 39.10
CA LEU B 931 5.40 -19.23 38.08
C LEU B 931 6.12 -19.31 36.74
N GLU B 932 7.45 -19.18 36.74
CA GLU B 932 8.23 -19.36 35.51
C GLU B 932 8.03 -20.77 34.94
N THR B 933 7.95 -21.78 35.82
CA THR B 933 7.86 -23.14 35.33
C THR B 933 6.47 -23.42 34.75
N LEU B 934 5.40 -22.86 35.33
CA LEU B 934 4.10 -22.95 34.67
C LEU B 934 4.10 -22.19 33.36
N LYS B 935 4.79 -21.04 33.30
CA LYS B 935 4.92 -20.34 32.02
C LYS B 935 5.49 -21.26 30.95
N ASP B 936 6.62 -21.89 31.25
CA ASP B 936 7.24 -22.79 30.27
C ASP B 936 6.36 -23.99 29.97
N THR B 937 5.69 -24.53 30.99
CA THR B 937 4.83 -25.69 30.79
C THR B 937 3.67 -25.35 29.87
N THR B 938 2.92 -24.29 30.17
CA THR B 938 1.79 -23.90 29.35
C THR B 938 2.24 -23.45 27.97
N ASP B 939 3.48 -22.98 27.83
CA ASP B 939 4.02 -22.74 26.50
C ASP B 939 4.23 -24.05 25.75
N LYS B 940 4.67 -25.10 26.45
CA LYS B 940 4.89 -26.40 25.84
C LYS B 940 3.68 -27.32 25.98
N HIS B 941 3.31 -27.63 27.22
CA HIS B 941 2.18 -28.52 27.49
C HIS B 941 0.87 -27.74 27.40
N HIS B 942 -0.16 -28.40 26.85
CA HIS B 942 -1.49 -27.82 26.77
C HIS B 942 -2.57 -28.75 27.33
N THR B 943 -2.38 -30.06 27.24
CA THR B 943 -3.33 -30.99 27.84
C THR B 943 -3.36 -30.84 29.36
N LEU B 944 -2.19 -30.75 29.99
CA LEU B 944 -2.13 -30.50 31.42
C LEU B 944 -2.80 -29.19 31.78
N ILE B 945 -2.53 -28.14 30.99
CA ILE B 945 -3.10 -26.83 31.28
C ILE B 945 -4.61 -26.86 31.13
N THR B 946 -5.11 -27.49 30.07
CA THR B 946 -6.55 -27.54 29.85
C THR B 946 -7.24 -28.36 30.93
N GLU B 947 -6.61 -29.46 31.37
CA GLU B 947 -7.24 -30.30 32.39
C GLU B 947 -7.10 -29.71 33.79
N HIS B 948 -6.16 -28.78 33.98
CA HIS B 948 -5.86 -28.26 35.31
C HIS B 948 -6.16 -26.77 35.44
N VAL B 949 -6.78 -26.15 34.44
CA VAL B 949 -7.07 -24.71 34.52
C VAL B 949 -8.08 -24.41 35.63
N SER B 950 -9.12 -25.26 35.76
CA SER B 950 -10.13 -25.03 36.78
C SER B 950 -9.54 -25.09 38.19
N THR B 951 -8.37 -25.70 38.32
CA THR B 951 -7.64 -25.76 39.57
C THR B 951 -6.61 -24.64 39.71
N ILE B 952 -5.92 -24.30 38.62
CA ILE B 952 -4.83 -23.33 38.69
C ILE B 952 -5.37 -21.92 38.84
N VAL B 953 -6.50 -21.61 38.18
CA VAL B 953 -6.95 -20.21 38.10
C VAL B 953 -7.19 -19.59 39.47
N PRO B 954 -7.96 -20.20 40.39
CA PRO B 954 -8.13 -19.55 41.70
C PRO B 954 -6.85 -19.51 42.52
N LEU B 955 -5.93 -20.44 42.27
CA LEU B 955 -4.63 -20.39 42.94
C LEU B 955 -3.83 -19.19 42.47
N LEU B 956 -3.83 -18.93 41.16
CA LEU B 956 -3.20 -17.71 40.66
C LEU B 956 -3.93 -16.46 41.16
N LEU B 957 -5.24 -16.57 41.37
CA LEU B 957 -5.99 -15.46 41.94
C LEU B 957 -5.52 -15.14 43.35
N SER B 958 -5.37 -16.18 44.18
CA SER B 958 -4.84 -15.99 45.53
C SER B 958 -3.42 -15.47 45.50
N LEU B 959 -2.61 -15.91 44.53
CA LEU B 959 -1.29 -15.33 44.34
C LEU B 959 -1.36 -13.84 44.03
N SER B 960 -2.35 -13.43 43.22
CA SER B 960 -2.47 -12.02 42.86
C SER B 960 -3.03 -11.20 44.00
N LEU B 961 -3.70 -11.83 44.96
CA LEU B 961 -4.20 -11.09 46.11
C LEU B 961 -3.04 -10.60 46.97
N PRO B 962 -3.15 -9.40 47.54
CA PRO B 962 -2.15 -8.94 48.49
C PRO B 962 -2.12 -9.84 49.72
N HIS B 963 -0.92 -10.10 50.22
CA HIS B 963 -0.75 -11.04 51.33
C HIS B 963 0.59 -10.78 51.99
N LYS B 964 0.75 -11.33 53.19
CA LYS B 964 2.03 -11.28 53.87
C LYS B 964 3.11 -12.04 53.12
N TYR B 965 2.73 -12.88 52.16
CA TYR B 965 3.68 -13.64 51.35
C TYR B 965 3.67 -13.24 49.89
N ASN B 966 2.68 -12.48 49.44
CA ASN B 966 2.59 -12.05 48.06
C ASN B 966 3.22 -10.67 47.94
N SER B 967 4.47 -10.62 47.50
CA SER B 967 5.13 -9.36 47.25
C SER B 967 4.51 -8.70 46.02
N VAL B 968 4.82 -7.42 45.80
CA VAL B 968 4.32 -6.74 44.61
C VAL B 968 4.85 -7.43 43.35
N SER B 969 6.10 -7.88 43.40
CA SER B 969 6.65 -8.65 42.27
C SER B 969 5.92 -9.97 42.12
N VAL B 970 5.58 -10.62 43.23
CA VAL B 970 4.85 -11.89 43.17
C VAL B 970 3.50 -11.70 42.51
N ARG B 971 2.80 -10.62 42.86
CA ARG B 971 1.52 -10.32 42.23
C ARG B 971 1.69 -10.00 40.76
N LEU B 972 2.76 -9.28 40.40
CA LEU B 972 3.05 -9.01 39.00
C LEU B 972 3.26 -10.29 38.22
N ILE B 973 3.96 -11.26 38.83
CA ILE B 973 4.22 -12.52 38.15
C ILE B 973 2.94 -13.33 38.04
N ALA B 974 2.08 -13.26 39.05
CA ALA B 974 0.77 -13.88 38.96
C ALA B 974 -0.04 -13.29 37.82
N LEU B 975 0.07 -11.98 37.62
CA LEU B 975 -0.55 -11.34 36.46
C LEU B 975 0.01 -11.90 35.16
N GLN B 976 1.34 -12.04 35.08
CA GLN B 976 1.95 -12.54 33.86
C GLN B 976 1.52 -13.98 33.56
N LEU B 977 1.49 -14.83 34.58
CA LEU B 977 1.00 -16.19 34.39
C LEU B 977 -0.48 -16.23 34.05
N LEU B 978 -1.28 -15.34 34.63
CA LEU B 978 -2.68 -15.27 34.28
C LEU B 978 -2.84 -14.96 32.80
N GLU B 979 -2.07 -13.98 32.30
CA GLU B 979 -2.07 -13.67 30.88
C GLU B 979 -1.64 -14.85 30.03
N MET B 980 -0.57 -15.53 30.44
CA MET B 980 -0.03 -16.62 29.63
C MET B 980 -1.00 -17.80 29.57
N ILE B 981 -1.60 -18.16 30.71
CA ILE B 981 -2.53 -19.27 30.74
C ILE B 981 -3.84 -18.90 30.04
N THR B 982 -4.23 -17.63 30.07
CA THR B 982 -5.41 -17.22 29.33
C THR B 982 -5.16 -17.24 27.83
N THR B 983 -3.93 -16.93 27.42
CA THR B 983 -3.56 -17.03 26.01
C THR B 983 -3.53 -18.48 25.55
N VAL B 984 -2.97 -19.37 26.37
CA VAL B 984 -2.80 -20.77 25.95
C VAL B 984 -4.13 -21.51 26.01
N VAL B 985 -4.84 -21.40 27.13
CA VAL B 985 -6.13 -22.09 27.26
C VAL B 985 -7.09 -21.56 26.22
N PRO B 986 -7.85 -22.41 25.53
CA PRO B 986 -8.82 -21.92 24.55
C PRO B 986 -9.86 -21.00 25.19
N LEU B 987 -10.65 -20.35 24.34
CA LEU B 987 -11.58 -19.33 24.80
C LEU B 987 -12.69 -19.93 25.65
N ASN B 988 -12.93 -21.24 25.52
CA ASN B 988 -14.04 -21.87 26.24
C ASN B 988 -13.87 -21.73 27.76
N TYR B 989 -12.71 -22.12 28.28
CA TYR B 989 -12.48 -22.00 29.71
C TYR B 989 -12.15 -20.56 30.10
N CYS B 990 -11.54 -19.81 29.19
CA CYS B 990 -11.11 -18.45 29.51
C CYS B 990 -12.30 -17.51 29.69
N LEU B 991 -13.38 -17.74 28.93
CA LEU B 991 -14.61 -16.99 29.14
C LEU B 991 -15.19 -17.24 30.52
N SER B 992 -14.98 -18.44 31.08
CA SER B 992 -15.51 -18.76 32.40
C SER B 992 -14.65 -18.18 33.51
N TYR B 993 -13.48 -17.64 33.20
CA TYR B 993 -12.59 -17.12 34.23
C TYR B 993 -12.16 -15.69 33.92
N GLN B 994 -13.13 -14.84 33.58
CA GLN B 994 -12.88 -13.42 33.31
C GLN B 994 -13.25 -12.54 34.48
N ASP B 995 -14.42 -12.76 35.08
CA ASP B 995 -14.90 -11.85 36.13
C ASP B 995 -14.08 -11.96 37.40
N ASP B 996 -13.63 -13.17 37.74
CA ASP B 996 -12.86 -13.36 38.97
C ASP B 996 -11.55 -12.58 38.92
N VAL B 997 -10.86 -12.63 37.77
CA VAL B 997 -9.61 -11.88 37.63
C VAL B 997 -9.89 -10.39 37.63
N LEU B 998 -11.00 -9.99 36.99
CA LEU B 998 -11.34 -8.56 36.93
C LEU B 998 -11.70 -8.02 38.31
N SER B 999 -12.18 -8.88 39.20
CA SER B 999 -12.67 -8.41 40.49
C SER B 999 -11.60 -8.50 41.57
N ALA B 1000 -10.81 -9.57 41.57
CA ALA B 1000 -9.84 -9.81 42.64
C ALA B 1000 -8.48 -9.18 42.36
N LEU B 1001 -8.43 -8.11 41.58
CA LEU B 1001 -7.17 -7.44 41.25
C LEU B 1001 -7.11 -6.00 41.72
N ILE B 1002 -8.12 -5.52 42.45
CA ILE B 1002 -8.18 -4.09 42.77
C ILE B 1002 -7.04 -3.61 43.68
N PRO B 1003 -6.44 -4.44 44.55
CA PRO B 1003 -5.27 -3.97 45.27
C PRO B 1003 -3.96 -4.10 44.50
N VAL B 1004 -4.01 -4.49 43.24
CA VAL B 1004 -2.81 -4.68 42.44
C VAL B 1004 -2.60 -3.53 41.47
N LEU B 1005 -3.67 -3.00 40.87
CA LEU B 1005 -3.57 -1.77 40.11
C LEU B 1005 -3.68 -0.53 40.99
N SER B 1006 -3.54 -0.69 42.32
CA SER B 1006 -3.54 0.42 43.26
C SER B 1006 -2.55 0.20 44.40
N ASP B 1007 -1.57 -0.69 44.21
CA ASP B 1007 -0.61 -1.00 45.26
C ASP B 1007 0.50 0.04 45.31
N LYS B 1008 1.52 -0.23 46.12
CA LYS B 1008 2.56 0.76 46.39
C LYS B 1008 3.40 1.03 45.14
N LYS B 1009 3.88 -0.02 44.48
CA LYS B 1009 4.59 0.17 43.23
C LYS B 1009 3.59 0.45 42.11
N ARG B 1010 4.10 0.91 40.97
CA ARG B 1010 3.22 1.31 39.86
C ARG B 1010 3.43 0.49 38.60
N ILE B 1011 4.62 -0.12 38.42
CA ILE B 1011 4.73 -1.16 37.41
C ILE B 1011 3.75 -2.27 37.72
N ILE B 1012 3.59 -2.59 39.00
CA ILE B 1012 2.54 -3.50 39.42
C ILE B 1012 1.18 -2.93 39.03
N ARG B 1013 0.99 -1.63 39.26
CA ARG B 1013 -0.30 -1.01 38.93
C ARG B 1013 -0.53 -0.97 37.43
N LYS B 1014 0.49 -0.53 36.68
CA LYS B 1014 0.35 -0.46 35.22
C LYS B 1014 0.07 -1.83 34.63
N GLN B 1015 0.78 -2.86 35.10
CA GLN B 1015 0.61 -4.19 34.54
C GLN B 1015 -0.69 -4.82 35.01
N CYS B 1016 -1.19 -4.44 36.18
CA CYS B 1016 -2.51 -4.91 36.59
C CYS B 1016 -3.60 -4.24 35.77
N VAL B 1017 -3.44 -2.96 35.45
CA VAL B 1017 -4.35 -2.29 34.54
C VAL B 1017 -4.36 -3.00 33.19
N ASP B 1018 -3.17 -3.33 32.69
CA ASP B 1018 -3.08 -4.03 31.40
C ASP B 1018 -3.68 -5.43 31.48
N THR B 1019 -3.46 -6.14 32.59
CA THR B 1019 -4.03 -7.47 32.77
C THR B 1019 -5.56 -7.39 32.80
N ARG B 1020 -6.10 -6.43 33.55
CA ARG B 1020 -7.55 -6.25 33.61
C ARG B 1020 -8.11 -5.94 32.23
N GLN B 1021 -7.46 -5.03 31.50
CA GLN B 1021 -7.94 -4.65 30.18
C GLN B 1021 -7.89 -5.82 29.21
N VAL B 1022 -6.82 -6.61 29.25
CA VAL B 1022 -6.68 -7.73 28.32
C VAL B 1022 -7.69 -8.82 28.65
N TYR B 1023 -7.89 -9.08 29.95
CA TYR B 1023 -8.92 -10.03 30.35
C TYR B 1023 -10.30 -9.56 29.91
N TYR B 1024 -10.59 -8.28 30.05
CA TYR B 1024 -11.90 -7.76 29.65
C TYR B 1024 -12.09 -7.86 28.14
N GLU B 1025 -11.06 -7.53 27.36
CA GLU B 1025 -11.20 -7.59 25.91
C GLU B 1025 -11.25 -9.03 25.41
N LEU B 1026 -10.59 -9.96 26.10
CA LEU B 1026 -10.68 -11.35 25.71
C LEU B 1026 -12.04 -11.94 26.06
N GLY B 1027 -12.60 -11.55 27.20
CA GLY B 1027 -13.93 -12.03 27.56
C GLY B 1027 -15.02 -11.45 26.68
N GLN B 1028 -14.92 -10.15 26.36
CA GLN B 1028 -15.96 -9.50 25.58
C GLN B 1028 -15.96 -9.96 24.13
N ILE B 1029 -14.86 -10.54 23.66
CA ILE B 1029 -14.79 -11.04 22.29
C ILE B 1029 -14.84 -12.56 22.28
N ALA C 9 -73.28 -7.77 13.65
CA ALA C 9 -72.07 -7.64 12.85
C ALA C 9 -71.30 -8.96 12.80
N VAL C 10 -71.58 -9.75 11.76
CA VAL C 10 -70.83 -10.99 11.54
C VAL C 10 -69.38 -10.66 11.16
N VAL C 11 -69.15 -9.43 10.69
CA VAL C 11 -67.81 -9.00 10.33
C VAL C 11 -66.86 -9.17 11.51
N THR C 12 -67.36 -8.98 12.74
CA THR C 12 -66.57 -9.25 13.93
C THR C 12 -65.98 -10.64 13.91
N PHE C 13 -66.85 -11.66 13.83
CA PHE C 13 -66.39 -13.04 13.90
C PHE C 13 -65.54 -13.42 12.70
N MET C 14 -65.95 -12.98 11.50
CA MET C 14 -65.17 -13.37 10.33
C MET C 14 -63.76 -12.78 10.37
N ALA C 15 -63.62 -11.53 10.81
CA ALA C 15 -62.28 -10.98 10.97
C ALA C 15 -61.50 -11.70 12.06
N ASN C 16 -62.14 -11.93 13.21
CA ASN C 16 -61.49 -12.58 14.33
C ASN C 16 -61.00 -13.98 13.97
N LEU C 17 -61.67 -14.65 13.03
CA LEU C 17 -61.25 -15.99 12.66
C LEU C 17 -60.35 -15.99 11.43
N ASN C 18 -60.46 -14.97 10.58
CA ASN C 18 -59.69 -14.93 9.34
C ASN C 18 -58.35 -14.25 9.53
N ILE C 19 -58.11 -13.63 10.68
CA ILE C 19 -56.74 -13.18 10.97
C ILE C 19 -55.76 -14.35 10.96
N ASP C 20 -56.20 -15.54 11.32
CA ASP C 20 -55.33 -16.71 11.23
C ASP C 20 -54.95 -17.04 9.80
N ASP C 21 -55.73 -16.60 8.82
CA ASP C 21 -55.46 -16.85 7.42
C ASP C 21 -54.39 -15.93 6.85
N SER C 22 -53.66 -15.21 7.70
CA SER C 22 -52.55 -14.34 7.29
C SER C 22 -53.03 -13.25 6.33
N LYS C 23 -54.17 -12.65 6.67
CA LYS C 23 -54.69 -11.55 5.86
C LYS C 23 -54.10 -10.21 6.24
N ALA C 24 -53.44 -10.11 7.40
CA ALA C 24 -52.69 -8.92 7.83
C ALA C 24 -53.65 -7.75 7.95
N ASN C 25 -53.45 -6.65 7.21
CA ASN C 25 -54.29 -5.46 7.36
C ASN C 25 -55.65 -5.61 6.69
N GLU C 26 -55.81 -6.56 5.78
CA GLU C 26 -57.11 -6.75 5.13
C GLU C 26 -58.18 -7.11 6.15
N THR C 27 -57.85 -7.97 7.10
CA THR C 27 -58.80 -8.30 8.17
C THR C 27 -58.78 -7.26 9.28
N ALA C 28 -57.69 -6.49 9.41
CA ALA C 28 -57.66 -5.41 10.39
C ALA C 28 -58.65 -4.32 10.02
N SER C 29 -58.77 -4.03 8.72
CA SER C 29 -59.78 -3.07 8.27
C SER C 29 -61.19 -3.56 8.59
N THR C 30 -61.43 -4.86 8.45
CA THR C 30 -62.72 -5.42 8.80
C THR C 30 -62.97 -5.37 10.31
N VAL C 31 -61.90 -5.54 11.09
CA VAL C 31 -62.02 -5.37 12.55
C VAL C 31 -62.44 -3.95 12.88
N THR C 32 -61.81 -2.96 12.22
CA THR C 32 -62.19 -1.57 12.45
C THR C 32 -63.63 -1.31 12.03
N ASP C 33 -64.04 -1.87 10.90
CA ASP C 33 -65.43 -1.73 10.46
C ASP C 33 -66.39 -2.34 11.48
N SER C 34 -66.03 -3.49 12.03
CA SER C 34 -66.85 -4.12 13.06
C SER C 34 -66.95 -3.27 14.31
N ILE C 35 -65.83 -2.69 14.73
CA ILE C 35 -65.82 -1.81 15.90
C ILE C 35 -66.69 -0.59 15.64
N VAL C 36 -66.68 -0.08 14.40
CA VAL C 36 -67.55 1.03 14.05
C VAL C 36 -69.01 0.59 14.09
N HIS C 37 -69.29 -0.63 13.64
CA HIS C 37 -70.67 -1.11 13.55
C HIS C 37 -71.28 -1.29 14.94
N ARG C 38 -70.70 -2.17 15.75
CA ARG C 38 -71.36 -2.50 17.02
C ARG C 38 -70.88 -1.62 18.17
N SER C 39 -69.71 -1.01 18.03
CA SER C 39 -69.15 -0.06 19.01
C SER C 39 -68.89 -0.70 20.37
N ILE C 40 -69.07 -2.01 20.50
CA ILE C 40 -68.83 -2.70 21.77
C ILE C 40 -68.03 -3.96 21.51
N LYS C 41 -67.82 -4.29 20.23
CA LYS C 41 -67.21 -5.57 19.87
C LYS C 41 -65.70 -5.56 19.95
N LEU C 42 -65.07 -4.41 20.22
CA LEU C 42 -63.62 -4.37 20.35
C LEU C 42 -63.16 -5.22 21.53
N LEU C 43 -63.83 -5.08 22.68
CA LEU C 43 -63.46 -5.89 23.83
C LEU C 43 -63.76 -7.37 23.58
N GLU C 44 -64.87 -7.66 22.91
CA GLU C 44 -65.21 -9.04 22.62
C GLU C 44 -64.17 -9.69 21.70
N VAL C 45 -63.73 -8.97 20.66
CA VAL C 45 -62.76 -9.56 19.75
C VAL C 45 -61.40 -9.70 20.44
N VAL C 46 -61.01 -8.75 21.29
CA VAL C 46 -59.70 -8.90 21.95
C VAL C 46 -59.74 -10.04 22.96
N VAL C 47 -60.86 -10.23 23.66
CA VAL C 47 -60.90 -11.32 24.64
C VAL C 47 -61.07 -12.66 23.94
N ALA C 48 -61.69 -12.69 22.75
CA ALA C 48 -61.73 -13.93 21.97
C ALA C 48 -60.38 -14.22 21.35
N LEU C 49 -59.57 -13.19 21.12
CA LEU C 49 -58.19 -13.37 20.70
C LEU C 49 -57.27 -13.77 21.85
N LYS C 50 -57.66 -13.46 23.09
CA LYS C 50 -56.78 -13.73 24.23
C LYS C 50 -56.39 -15.19 24.30
N ASP C 51 -57.33 -16.10 24.12
CA ASP C 51 -57.03 -17.52 24.02
C ASP C 51 -56.77 -17.98 22.60
N TYR C 52 -56.88 -17.09 21.62
CA TYR C 52 -56.69 -17.48 20.23
C TYR C 52 -55.21 -17.61 19.90
N PHE C 53 -54.36 -16.78 20.53
CA PHE C 53 -52.92 -16.93 20.42
C PHE C 53 -52.35 -17.84 21.50
N LEU C 54 -53.18 -18.33 22.41
CA LEU C 54 -52.75 -19.27 23.42
C LEU C 54 -52.25 -20.59 22.83
N SER C 55 -52.70 -20.93 21.62
CA SER C 55 -52.23 -22.13 20.95
C SER C 55 -50.73 -22.01 20.66
N GLU C 56 -50.03 -23.14 20.82
CA GLU C 56 -48.57 -23.10 20.79
C GLU C 56 -48.04 -22.96 19.37
N ASN C 57 -48.79 -23.42 18.36
CA ASN C 57 -48.34 -23.35 16.99
C ASN C 57 -48.07 -21.90 16.58
N GLU C 58 -46.98 -21.70 15.85
CA GLU C 58 -46.47 -20.36 15.58
C GLU C 58 -47.45 -19.47 14.80
N VAL C 59 -48.10 -20.02 13.77
CA VAL C 59 -48.97 -19.20 12.93
C VAL C 59 -50.12 -18.63 13.74
N GLU C 60 -50.82 -19.50 14.48
CA GLU C 60 -51.96 -19.05 15.28
C GLU C 60 -51.55 -17.95 16.25
N ARG C 61 -50.51 -18.20 17.04
CA ARG C 61 -50.14 -17.26 18.08
C ARG C 61 -49.66 -15.94 17.50
N LYS C 62 -48.78 -15.99 16.49
CA LYS C 62 -48.22 -14.75 15.97
C LYS C 62 -49.28 -13.94 15.24
N LYS C 63 -50.18 -14.60 14.50
CA LYS C 63 -51.17 -13.85 13.73
C LYS C 63 -52.27 -13.31 14.63
N ALA C 64 -52.61 -14.02 15.71
CA ALA C 64 -53.52 -13.44 16.67
C ALA C 64 -52.88 -12.26 17.41
N LEU C 65 -51.60 -12.38 17.74
CA LEU C 65 -50.95 -11.32 18.50
C LEU C 65 -50.74 -10.06 17.67
N THR C 66 -50.39 -10.20 16.38
CA THR C 66 -50.19 -9.01 15.57
C THR C 66 -51.47 -8.20 15.42
N CYS C 67 -52.60 -8.88 15.19
CA CYS C 67 -53.86 -8.15 15.09
C CYS C 67 -54.30 -7.63 16.46
N LEU C 68 -54.02 -8.36 17.53
CA LEU C 68 -54.31 -7.84 18.86
C LEU C 68 -53.58 -6.53 19.10
N THR C 69 -52.28 -6.48 18.80
CA THR C 69 -51.53 -5.25 18.97
C THR C 69 -52.03 -4.15 18.04
N THR C 70 -52.34 -4.51 16.79
CA THR C 70 -52.80 -3.50 15.83
C THR C 70 -54.11 -2.86 16.27
N ILE C 71 -55.07 -3.68 16.71
CA ILE C 71 -56.37 -3.14 17.07
C ILE C 71 -56.34 -2.53 18.47
N LEU C 72 -55.36 -2.92 19.30
CA LEU C 72 -55.16 -2.22 20.57
C LEU C 72 -54.60 -0.82 20.35
N ALA C 73 -53.67 -0.69 19.40
CA ALA C 73 -53.22 0.64 18.99
C ALA C 73 -54.36 1.42 18.32
N LYS C 74 -55.27 0.71 17.65
CA LYS C 74 -56.43 1.34 17.05
C LYS C 74 -57.59 1.51 18.02
N THR C 75 -57.41 1.17 19.29
CA THR C 75 -58.46 1.31 20.30
C THR C 75 -57.94 2.10 21.49
N PRO C 76 -57.82 3.42 21.35
CA PRO C 76 -57.57 4.27 22.52
C PRO C 76 -58.84 4.88 23.11
N LYS C 77 -60.00 4.47 22.60
CA LYS C 77 -61.26 5.07 23.02
C LYS C 77 -61.63 4.66 24.43
N ASP C 78 -61.80 3.37 24.67
CA ASP C 78 -62.20 2.85 25.98
C ASP C 78 -61.13 1.86 26.44
N HIS C 79 -60.30 2.31 27.38
CA HIS C 79 -59.10 1.56 27.70
C HIS C 79 -58.66 1.97 29.10
N LEU C 80 -59.00 1.14 30.08
CA LEU C 80 -58.82 1.49 31.49
C LEU C 80 -57.39 1.22 31.95
N SER C 81 -57.01 1.88 33.04
CA SER C 81 -55.65 1.78 33.53
C SER C 81 -55.34 0.39 34.06
N LYS C 82 -56.22 -0.16 34.91
CA LYS C 82 -56.00 -1.52 35.40
C LYS C 82 -56.22 -2.55 34.29
N ASN C 83 -57.22 -2.29 33.42
CA ASN C 83 -57.36 -3.09 32.22
C ASN C 83 -56.11 -2.97 31.34
N GLU C 84 -55.52 -1.78 31.29
CA GLU C 84 -54.29 -1.58 30.57
C GLU C 84 -53.18 -2.47 31.11
N CYS C 85 -52.97 -2.43 32.43
CA CYS C 85 -51.95 -3.27 33.05
C CYS C 85 -52.19 -4.74 32.78
N SER C 86 -53.47 -5.16 32.82
CA SER C 86 -53.82 -6.52 32.46
C SER C 86 -53.51 -6.85 31.00
N VAL C 87 -53.58 -5.85 30.11
CA VAL C 87 -53.29 -6.10 28.71
C VAL C 87 -51.82 -6.47 28.51
N ILE C 88 -50.92 -5.78 29.21
CA ILE C 88 -49.49 -6.09 29.14
C ILE C 88 -49.13 -7.35 29.93
N PHE C 89 -50.06 -7.94 30.68
CA PHE C 89 -49.77 -9.24 31.29
C PHE C 89 -49.47 -10.29 30.22
N GLN C 90 -50.31 -10.37 29.19
CA GLN C 90 -50.06 -11.32 28.11
C GLN C 90 -48.86 -10.90 27.28
N PHE C 91 -48.60 -9.59 27.16
CA PHE C 91 -47.40 -9.13 26.47
C PHE C 91 -46.14 -9.66 27.15
N TYR C 92 -46.08 -9.52 28.48
CA TYR C 92 -44.97 -10.09 29.25
C TYR C 92 -44.89 -11.61 29.20
N GLN C 93 -46.01 -12.33 29.26
CA GLN C 93 -45.90 -13.78 29.21
C GLN C 93 -45.41 -14.24 27.84
N SER C 94 -45.83 -13.55 26.77
CA SER C 94 -45.32 -13.88 25.44
C SER C 94 -43.85 -13.52 25.30
N LYS C 95 -43.42 -12.40 25.89
CA LYS C 95 -41.99 -12.09 25.96
C LYS C 95 -41.22 -13.21 26.67
N LEU C 96 -41.78 -13.70 27.78
CA LEU C 96 -41.10 -14.72 28.57
C LEU C 96 -41.00 -16.05 27.82
N ASP C 97 -42.06 -16.44 27.12
CA ASP C 97 -42.08 -17.76 26.50
C ASP C 97 -41.10 -17.88 25.34
N ASP C 98 -41.29 -17.10 24.27
CA ASP C 98 -40.51 -17.27 23.06
C ASP C 98 -40.33 -15.94 22.34
N GLN C 99 -39.49 -15.95 21.31
CA GLN C 99 -39.32 -14.82 20.40
C GLN C 99 -40.08 -15.09 19.11
N ALA C 100 -39.94 -14.18 18.14
CA ALA C 100 -40.66 -14.16 16.87
C ALA C 100 -42.14 -13.89 17.03
N LEU C 101 -42.64 -13.84 18.28
CA LEU C 101 -43.93 -13.26 18.59
C LEU C 101 -43.75 -12.06 19.52
N ALA C 102 -42.57 -11.93 20.12
CA ALA C 102 -42.26 -10.79 20.98
C ALA C 102 -42.10 -9.50 20.19
N LYS C 103 -41.86 -9.59 18.88
CA LYS C 103 -41.74 -8.40 18.05
C LYS C 103 -43.07 -7.65 17.98
N GLU C 104 -44.17 -8.38 17.77
CA GLU C 104 -45.48 -7.76 17.76
C GLU C 104 -45.77 -7.12 19.12
N VAL C 105 -45.39 -7.79 20.20
CA VAL C 105 -45.41 -7.20 21.53
C VAL C 105 -44.58 -5.92 21.58
N LEU C 106 -43.50 -5.85 20.83
CA LEU C 106 -42.67 -4.65 20.83
C LEU C 106 -43.38 -3.48 20.15
N GLU C 107 -44.02 -3.72 19.00
CA GLU C 107 -44.81 -2.64 18.42
C GLU C 107 -45.98 -2.27 19.34
N GLY C 108 -46.56 -3.26 20.03
CA GLY C 108 -47.60 -2.94 20.99
C GLY C 108 -47.11 -2.05 22.11
N PHE C 109 -45.90 -2.31 22.62
CA PHE C 109 -45.32 -1.45 23.65
C PHE C 109 -45.03 -0.06 23.10
N ALA C 110 -44.47 0.01 21.89
CA ALA C 110 -44.15 1.30 21.30
C ALA C 110 -45.41 2.07 20.90
N ALA C 111 -46.56 1.38 20.88
CA ALA C 111 -47.82 2.07 20.63
C ALA C 111 -48.52 2.48 21.92
N LEU C 112 -48.40 1.66 22.97
CA LEU C 112 -49.04 1.98 24.25
C LEU C 112 -48.24 2.96 25.08
N ALA C 113 -46.93 3.07 24.84
CA ALA C 113 -46.13 4.06 25.58
C ALA C 113 -46.54 5.50 25.26
N PRO C 114 -46.73 5.91 24.00
CA PRO C 114 -47.10 7.32 23.74
C PRO C 114 -48.41 7.76 24.38
N MET C 115 -49.42 6.88 24.42
CA MET C 115 -50.72 7.30 24.91
C MET C 115 -50.66 7.57 26.42
N LYS C 116 -51.56 8.43 26.90
CA LYS C 116 -51.60 8.78 28.31
C LYS C 116 -52.16 7.66 29.17
N TYR C 117 -52.69 6.61 28.55
CA TYR C 117 -53.27 5.47 29.28
C TYR C 117 -52.15 4.56 29.78
N VAL C 118 -51.31 5.12 30.64
CA VAL C 118 -50.25 4.40 31.31
C VAL C 118 -50.36 4.69 32.80
N SER C 119 -50.71 3.66 33.57
CA SER C 119 -50.99 3.84 34.99
C SER C 119 -49.69 3.89 35.79
N ILE C 120 -49.83 4.25 37.08
CA ILE C 120 -48.70 4.17 37.99
C ILE C 120 -48.23 2.73 38.14
N ASN C 121 -49.17 1.79 38.28
CA ASN C 121 -48.84 0.38 38.26
C ASN C 121 -48.19 -0.02 36.95
N GLU C 122 -48.64 0.57 35.83
CA GLU C 122 -48.05 0.25 34.54
C GLU C 122 -46.63 0.77 34.41
N ILE C 123 -46.39 2.02 34.83
CA ILE C 123 -45.03 2.54 34.66
C ILE C 123 -44.06 1.75 35.53
N ALA C 124 -44.48 1.39 36.76
CA ALA C 124 -43.62 0.61 37.64
C ALA C 124 -43.40 -0.79 37.10
N GLN C 125 -44.48 -1.47 36.69
CA GLN C 125 -44.36 -2.81 36.15
C GLN C 125 -43.50 -2.81 34.90
N LEU C 126 -43.63 -1.78 34.06
CA LEU C 126 -42.71 -1.63 32.93
C LEU C 126 -41.27 -1.56 33.41
N LEU C 127 -40.93 -0.48 34.13
CA LEU C 127 -39.55 -0.22 34.50
C LEU C 127 -38.93 -1.37 35.29
N ARG C 128 -39.75 -2.28 35.83
CA ARG C 128 -39.18 -3.44 36.50
C ARG C 128 -39.07 -4.64 35.56
N LEU C 129 -40.18 -5.02 34.93
CA LEU C 129 -40.25 -6.36 34.37
C LEU C 129 -39.96 -6.37 32.87
N LEU C 130 -40.07 -5.24 32.17
CA LEU C 130 -39.77 -5.27 30.73
C LEU C 130 -38.31 -5.60 30.50
N LEU C 131 -37.45 -5.41 31.50
CA LEU C 131 -36.08 -5.91 31.47
C LEU C 131 -35.85 -7.07 32.43
N ASP C 132 -36.80 -7.37 33.32
CA ASP C 132 -36.65 -8.57 34.14
C ASP C 132 -36.68 -9.84 33.29
N ASN C 133 -37.76 -10.03 32.52
CA ASN C 133 -37.87 -11.26 31.74
C ASN C 133 -37.42 -11.05 30.29
N TYR C 134 -37.84 -9.94 29.67
CA TYR C 134 -37.57 -9.74 28.26
C TYR C 134 -36.11 -9.41 28.01
N GLN C 135 -35.47 -8.68 28.94
CA GLN C 135 -34.10 -8.17 28.77
C GLN C 135 -33.92 -7.57 27.38
N GLN C 136 -34.57 -6.42 27.17
CA GLN C 136 -34.75 -5.84 25.86
C GLN C 136 -33.42 -5.61 25.16
N GLY C 137 -33.45 -5.72 23.82
CA GLY C 137 -32.30 -5.39 23.00
C GLY C 137 -31.16 -6.39 23.01
N GLN C 138 -31.37 -7.58 23.57
CA GLN C 138 -30.27 -8.53 23.68
C GLN C 138 -30.22 -9.46 22.47
N HIS C 139 -31.35 -9.69 21.83
CA HIS C 139 -31.42 -10.73 20.80
C HIS C 139 -32.19 -10.22 19.58
N LEU C 140 -31.70 -10.63 18.40
CA LEU C 140 -32.38 -10.50 17.11
C LEU C 140 -32.46 -9.04 16.66
N ALA C 141 -32.39 -8.82 15.33
CA ALA C 141 -32.28 -7.47 14.80
C ALA C 141 -33.49 -6.61 15.14
N SER C 142 -34.69 -7.10 14.84
CA SER C 142 -35.90 -6.32 15.13
C SER C 142 -36.24 -6.37 16.61
N THR C 143 -36.00 -7.52 17.25
CA THR C 143 -36.29 -7.66 18.68
C THR C 143 -35.34 -6.83 19.53
N ARG C 144 -34.28 -6.28 18.90
CA ARG C 144 -33.44 -5.27 19.54
C ARG C 144 -33.69 -3.87 18.97
N LEU C 145 -34.28 -3.79 17.78
CA LEU C 145 -34.59 -2.50 17.17
C LEU C 145 -35.73 -1.81 17.89
N TRP C 146 -36.80 -2.55 18.18
CA TRP C 146 -37.99 -1.94 18.78
C TRP C 146 -37.86 -1.58 20.26
N PRO C 147 -37.08 -2.28 21.08
CA PRO C 147 -36.95 -1.84 22.48
C PRO C 147 -36.51 -0.39 22.64
N PHE C 148 -35.60 0.09 21.79
CA PHE C 148 -35.26 1.50 21.80
C PHE C 148 -36.50 2.36 21.55
N LYS C 149 -37.36 1.92 20.62
CA LYS C 149 -38.61 2.65 20.37
C LYS C 149 -39.47 2.69 21.62
N ILE C 150 -39.67 1.54 22.27
CA ILE C 150 -40.63 1.49 23.37
C ILE C 150 -40.12 2.33 24.54
N LEU C 151 -38.81 2.29 24.80
CA LEU C 151 -38.28 3.11 25.89
C LEU C 151 -38.23 4.59 25.52
N ARG C 152 -37.98 4.92 24.25
CA ARG C 152 -38.05 6.30 23.81
C ARG C 152 -39.44 6.87 24.02
N LYS C 153 -40.48 6.10 23.67
CA LYS C 153 -41.83 6.61 23.79
C LYS C 153 -42.31 6.64 25.24
N ILE C 154 -41.84 5.69 26.06
CA ILE C 154 -42.21 5.74 27.48
C ILE C 154 -41.48 6.88 28.17
N PHE C 155 -40.32 7.28 27.65
CA PHE C 155 -39.65 8.49 28.14
C PHE C 155 -40.39 9.74 27.70
N ASP C 156 -40.77 9.81 26.42
CA ASP C 156 -41.37 11.02 25.88
C ASP C 156 -42.84 11.16 26.25
N ARG C 157 -43.45 10.13 26.84
CA ARG C 157 -44.85 10.21 27.22
C ARG C 157 -45.07 11.18 28.37
N PHE C 158 -44.56 10.85 29.54
CA PHE C 158 -44.72 11.67 30.73
C PHE C 158 -43.44 11.74 31.55
N PHE C 159 -42.56 10.75 31.39
CA PHE C 159 -41.29 10.75 32.10
C PHE C 159 -40.39 11.89 31.66
N VAL C 160 -40.52 12.32 30.40
CA VAL C 160 -39.82 13.54 29.98
C VAL C 160 -40.36 14.72 30.77
N ASN C 161 -39.48 15.68 31.05
CA ASN C 161 -39.84 16.79 31.92
C ASN C 161 -40.68 17.84 31.18
N GLY C 162 -41.75 17.38 30.55
CA GLY C 162 -42.76 18.30 30.06
C GLY C 162 -43.73 18.70 31.15
N SER C 163 -44.04 17.77 32.04
CA SER C 163 -44.81 18.01 33.25
C SER C 163 -44.01 17.62 34.48
N SER C 164 -42.68 17.68 34.36
CA SER C 164 -41.72 17.29 35.40
C SER C 164 -41.95 15.82 35.71
N THR C 165 -41.74 15.39 36.96
CA THR C 165 -41.91 14.00 37.37
C THR C 165 -42.67 13.94 38.69
N GLU C 166 -43.79 14.67 38.77
CA GLU C 166 -44.53 14.77 40.02
C GLU C 166 -45.15 13.44 40.42
N GLN C 167 -45.40 12.55 39.45
CA GLN C 167 -45.87 11.21 39.77
C GLN C 167 -45.02 10.11 39.11
N VAL C 168 -44.00 10.48 38.33
CA VAL C 168 -43.02 9.51 37.83
C VAL C 168 -41.62 9.80 38.35
N LYS C 169 -41.49 10.31 39.58
CA LYS C 169 -40.17 10.58 40.13
C LYS C 169 -39.43 9.30 40.50
N ARG C 170 -40.13 8.17 40.51
CA ARG C 170 -39.49 6.90 40.87
C ARG C 170 -38.61 6.38 39.75
N ILE C 171 -38.98 6.65 38.50
CA ILE C 171 -38.34 6.01 37.36
C ILE C 171 -37.07 6.75 36.92
N ASN C 172 -36.78 7.92 37.51
CA ASN C 172 -35.64 8.72 37.06
C ASN C 172 -34.34 7.91 37.08
N ASP C 173 -33.87 7.59 38.29
CA ASP C 173 -32.60 6.89 38.46
C ASP C 173 -32.61 5.56 37.71
N LEU C 174 -33.63 4.74 37.93
CA LEU C 174 -33.62 3.40 37.38
C LEU C 174 -33.76 3.38 35.86
N PHE C 175 -34.31 4.45 35.28
CA PHE C 175 -34.36 4.54 33.83
C PHE C 175 -32.97 4.68 33.25
N ILE C 176 -32.07 5.33 33.99
CA ILE C 176 -30.67 5.39 33.55
C ILE C 176 -30.14 4.00 33.25
N GLU C 177 -30.18 3.11 34.24
CA GLU C 177 -29.56 1.80 34.04
C GLU C 177 -30.48 0.82 33.32
N THR C 178 -31.77 1.15 33.12
CA THR C 178 -32.57 0.29 32.26
C THR C 178 -32.35 0.65 30.80
N PHE C 179 -31.93 1.89 30.51
CA PHE C 179 -31.45 2.20 29.18
C PHE C 179 -30.04 1.66 28.96
N LEU C 180 -29.22 1.65 30.01
CA LEU C 180 -27.93 0.99 29.94
C LEU C 180 -28.04 -0.52 29.82
N HIS C 181 -29.12 -1.12 30.34
CA HIS C 181 -29.34 -2.56 30.18
C HIS C 181 -29.48 -2.93 28.72
N VAL C 182 -30.19 -2.11 27.95
CA VAL C 182 -30.39 -2.33 26.52
C VAL C 182 -29.26 -1.62 25.77
N ALA C 183 -28.13 -2.30 25.65
CA ALA C 183 -26.95 -1.70 25.04
C ALA C 183 -26.01 -2.81 24.62
N ASN C 184 -24.99 -2.44 23.84
CA ASN C 184 -23.89 -3.31 23.45
C ASN C 184 -24.37 -4.52 22.63
N GLY C 185 -25.57 -4.44 22.06
CA GLY C 185 -26.08 -5.53 21.25
C GLY C 185 -26.69 -5.04 19.95
N GLU C 186 -26.86 -3.74 19.82
CA GLU C 186 -27.45 -3.13 18.64
C GLU C 186 -26.35 -2.55 17.76
N LYS C 187 -26.31 -2.99 16.50
CA LYS C 187 -25.26 -2.59 15.57
C LYS C 187 -25.78 -1.85 14.35
N ASP C 188 -27.06 -2.04 13.99
CA ASP C 188 -27.62 -1.31 12.87
C ASP C 188 -27.65 0.19 13.18
N PRO C 189 -27.39 1.03 12.17
CA PRO C 189 -27.25 2.47 12.45
C PRO C 189 -28.49 3.11 13.05
N ARG C 190 -29.68 2.56 12.80
CA ARG C 190 -30.90 3.17 13.31
C ARG C 190 -30.95 3.07 14.84
N ASN C 191 -30.62 1.90 15.39
CA ASN C 191 -30.55 1.77 16.84
C ASN C 191 -29.46 2.66 17.42
N LEU C 192 -28.36 2.85 16.68
CA LEU C 192 -27.29 3.73 17.14
C LEU C 192 -27.81 5.15 17.27
N LEU C 193 -28.50 5.63 16.23
CA LEU C 193 -29.12 6.96 16.26
C LEU C 193 -30.12 7.06 17.42
N LEU C 194 -30.91 6.01 17.64
CA LEU C 194 -31.88 6.02 18.72
C LEU C 194 -31.19 6.16 20.07
N SER C 195 -30.14 5.37 20.30
CA SER C 195 -29.43 5.46 21.57
C SER C 195 -28.82 6.84 21.77
N PHE C 196 -28.29 7.43 20.69
CA PHE C 196 -27.70 8.76 20.79
C PHE C 196 -28.76 9.77 21.21
N ALA C 197 -29.92 9.75 20.55
CA ALA C 197 -30.99 10.70 20.88
C ALA C 197 -31.53 10.47 22.28
N LEU C 198 -31.64 9.21 22.70
CA LEU C 198 -32.09 8.93 24.06
C LEU C 198 -31.12 9.48 25.10
N ASN C 199 -29.81 9.33 24.88
CA ASN C 199 -28.86 9.93 25.82
C ASN C 199 -28.99 11.45 25.81
N LYS C 200 -29.07 12.04 24.62
CA LYS C 200 -29.21 13.49 24.48
C LYS C 200 -30.39 14.01 25.30
N SER C 201 -31.54 13.35 25.19
CA SER C 201 -32.72 13.85 25.89
C SER C 201 -32.70 13.47 27.38
N ILE C 202 -32.23 12.27 27.70
CA ILE C 202 -32.30 11.76 29.06
C ILE C 202 -31.29 12.47 29.97
N THR C 203 -30.31 13.16 29.38
CA THR C 203 -29.48 14.05 30.19
C THR C 203 -30.09 15.44 30.31
N SER C 204 -30.54 16.01 29.20
CA SER C 204 -30.90 17.42 29.17
C SER C 204 -32.29 17.68 29.72
N SER C 205 -33.31 17.03 29.17
CA SER C 205 -34.67 17.26 29.68
C SER C 205 -34.81 16.74 31.11
N LEU C 206 -34.23 15.58 31.38
CA LEU C 206 -34.39 14.90 32.66
C LEU C 206 -33.57 15.60 33.75
N GLN C 207 -34.13 15.65 34.95
CA GLN C 207 -33.44 16.18 36.11
C GLN C 207 -32.65 15.09 36.81
N ASN C 208 -31.99 15.48 37.91
CA ASN C 208 -31.19 14.61 38.80
C ASN C 208 -30.39 13.56 38.04
N VAL C 209 -29.87 13.93 36.87
CA VAL C 209 -28.98 13.04 36.13
C VAL C 209 -27.56 13.10 36.69
N GLU C 210 -27.21 14.20 37.34
CA GLU C 210 -25.88 14.34 37.92
C GLU C 210 -25.58 13.25 38.93
N ASN C 211 -26.58 12.76 39.66
CA ASN C 211 -26.36 11.66 40.60
C ASN C 211 -25.90 10.41 39.87
N PHE C 212 -26.40 10.19 38.66
CA PHE C 212 -26.09 8.99 37.88
C PHE C 212 -25.63 9.33 36.46
N LYS C 213 -24.69 10.27 36.34
CA LYS C 213 -24.22 10.71 35.03
C LYS C 213 -22.99 9.93 34.59
N GLU C 214 -22.50 10.25 33.39
CA GLU C 214 -21.24 9.77 32.83
C GLU C 214 -21.34 8.28 32.46
N ASP C 215 -22.42 7.61 32.86
CA ASP C 215 -22.64 6.22 32.45
C ASP C 215 -23.52 6.12 31.22
N LEU C 216 -24.31 7.16 30.94
CA LEU C 216 -25.14 7.19 29.74
C LEU C 216 -24.31 7.37 28.48
N PHE C 217 -23.08 7.86 28.60
CA PHE C 217 -22.21 7.96 27.44
C PHE C 217 -21.51 6.63 27.14
N ASP C 218 -21.68 5.63 28.02
CA ASP C 218 -21.06 4.33 27.78
C ASP C 218 -21.66 3.67 26.55
N VAL C 219 -22.98 3.64 26.46
CA VAL C 219 -23.65 3.05 25.29
C VAL C 219 -23.27 3.82 24.03
N LEU C 220 -23.15 5.14 24.13
CA LEU C 220 -22.79 5.95 22.98
C LEU C 220 -21.37 5.65 22.50
N PHE C 221 -20.41 5.62 23.43
CA PHE C 221 -19.03 5.33 23.07
C PHE C 221 -18.87 3.91 22.53
N CYS C 222 -19.62 2.96 23.08
CA CYS C 222 -19.62 1.61 22.52
C CYS C 222 -20.20 1.61 21.11
N TYR C 223 -21.24 2.41 20.88
CA TYR C 223 -21.81 2.54 19.54
C TYR C 223 -21.04 3.53 18.69
N PHE C 224 -20.15 4.32 19.28
CA PHE C 224 -19.38 5.29 18.52
C PHE C 224 -18.33 4.57 17.67
N PRO C 225 -18.17 4.97 16.39
CA PRO C 225 -17.20 4.33 15.50
C PRO C 225 -15.76 4.61 15.90
N ASP C 242 -19.59 9.33 8.96
CA ASP C 242 -20.88 8.68 8.82
C ASP C 242 -21.99 9.45 9.54
N LEU C 243 -23.11 8.78 9.78
CA LEU C 243 -24.29 9.38 10.39
C LEU C 243 -24.15 9.25 11.92
N LYS C 244 -23.23 10.04 12.46
CA LYS C 244 -22.97 10.04 13.90
C LYS C 244 -23.19 11.40 14.56
N THR C 245 -23.85 12.33 13.88
CA THR C 245 -24.04 13.66 14.46
C THR C 245 -25.02 13.65 15.62
N ALA C 246 -25.77 12.56 15.81
CA ALA C 246 -26.66 12.46 16.95
C ALA C 246 -25.88 12.32 18.25
N LEU C 247 -24.88 11.44 18.27
CA LEU C 247 -23.97 11.36 19.42
C LEU C 247 -23.32 12.71 19.68
N ARG C 248 -22.97 13.43 18.61
CA ARG C 248 -22.24 14.67 18.75
C ARG C 248 -23.14 15.77 19.31
N SER C 249 -24.42 15.77 18.93
CA SER C 249 -25.37 16.69 19.53
C SER C 249 -25.73 16.27 20.94
N ALA C 250 -25.60 14.98 21.25
CA ALA C 250 -25.85 14.50 22.61
C ALA C 250 -24.77 14.99 23.57
N ILE C 251 -23.50 14.78 23.21
CA ILE C 251 -22.40 15.18 24.10
C ILE C 251 -22.36 16.69 24.29
N THR C 252 -23.24 17.44 23.64
CA THR C 252 -23.33 18.88 23.74
C THR C 252 -24.72 19.33 24.18
N ALA C 253 -25.57 18.38 24.57
CA ALA C 253 -26.97 18.71 24.85
C ALA C 253 -27.11 19.58 26.09
N THR C 254 -26.44 19.20 27.17
CA THR C 254 -26.64 19.81 28.47
C THR C 254 -25.30 20.04 29.15
N PRO C 255 -25.20 21.02 30.05
CA PRO C 255 -23.95 21.22 30.80
C PRO C 255 -23.57 20.03 31.67
N LEU C 256 -24.45 19.02 31.78
CA LEU C 256 -24.07 17.80 32.47
C LEU C 256 -23.02 17.01 31.69
N PHE C 257 -23.05 17.03 30.37
CA PHE C 257 -21.90 16.55 29.61
C PHE C 257 -20.68 17.44 29.75
N ALA C 258 -20.80 18.60 30.40
CA ALA C 258 -19.62 19.42 30.66
C ALA C 258 -18.50 18.56 31.24
N GLU C 259 -18.68 18.07 32.47
CA GLU C 259 -17.72 17.14 33.06
C GLU C 259 -17.40 15.97 32.15
N ASP C 260 -18.37 15.51 31.36
CA ASP C 260 -18.12 14.47 30.38
C ASP C 260 -17.41 14.98 29.14
N ALA C 261 -17.86 16.11 28.57
CA ALA C 261 -17.41 16.50 27.23
C ALA C 261 -15.91 16.65 27.17
N TYR C 262 -15.35 17.59 27.96
CA TYR C 262 -13.91 17.76 28.00
C TYR C 262 -13.22 16.42 28.25
N SER C 263 -13.80 15.59 29.13
CA SER C 263 -13.26 14.29 29.49
C SER C 263 -12.86 13.48 28.26
N ASN C 264 -13.64 13.60 27.18
CA ASN C 264 -13.25 13.00 25.91
C ASN C 264 -12.71 14.05 24.94
N LEU C 265 -13.27 15.26 24.96
CA LEU C 265 -13.03 16.21 23.87
C LEU C 265 -11.57 16.62 23.79
N LEU C 266 -10.94 16.92 24.94
CA LEU C 266 -9.52 17.23 24.93
C LEU C 266 -8.72 16.08 24.32
N ASP C 267 -9.07 14.84 24.68
CA ASP C 267 -8.39 13.69 24.10
C ASP C 267 -8.55 13.68 22.58
N LYS C 268 -9.70 14.13 22.08
CA LYS C 268 -9.93 14.18 20.65
C LYS C 268 -9.15 15.29 19.96
N LEU C 269 -8.63 16.27 20.71
CA LEU C 269 -7.64 17.17 20.12
C LEU C 269 -6.35 16.43 19.78
N THR C 270 -6.08 15.31 20.46
CA THR C 270 -4.91 14.48 20.20
C THR C 270 -5.21 13.35 19.23
N ALA C 271 -6.43 13.26 18.72
CA ALA C 271 -6.78 12.19 17.80
C ALA C 271 -6.00 12.32 16.50
N SER C 272 -5.81 11.18 15.82
CA SER C 272 -5.04 11.19 14.59
C SER C 272 -5.92 11.38 13.36
N SER C 273 -7.04 10.67 13.27
CA SER C 273 -7.92 10.79 12.12
C SER C 273 -8.58 12.17 12.10
N PRO C 274 -8.49 12.91 11.00
CA PRO C 274 -9.02 14.29 10.99
C PRO C 274 -10.53 14.38 11.00
N VAL C 275 -11.24 13.32 10.61
CA VAL C 275 -12.70 13.39 10.58
C VAL C 275 -13.26 13.47 12.00
N VAL C 276 -12.76 12.63 12.91
CA VAL C 276 -13.21 12.72 14.29
C VAL C 276 -12.72 14.01 14.92
N LYS C 277 -11.56 14.50 14.50
CA LYS C 277 -11.07 15.79 15.01
C LYS C 277 -12.02 16.92 14.63
N ASN C 278 -12.46 16.94 13.36
CA ASN C 278 -13.39 17.98 12.93
C ASN C 278 -14.73 17.85 13.64
N ASP C 279 -15.26 16.62 13.72
CA ASP C 279 -16.54 16.43 14.39
C ASP C 279 -16.46 16.83 15.86
N THR C 280 -15.33 16.53 16.51
CA THR C 280 -15.20 16.87 17.92
C THR C 280 -14.94 18.37 18.10
N LEU C 281 -14.34 19.03 17.11
CA LEU C 281 -14.26 20.48 17.16
C LEU C 281 -15.64 21.11 17.04
N LEU C 282 -16.50 20.54 16.19
CA LEU C 282 -17.90 21.00 16.16
C LEU C 282 -18.58 20.77 17.51
N THR C 283 -18.35 19.60 18.12
CA THR C 283 -18.96 19.34 19.42
C THR C 283 -18.48 20.35 20.46
N LEU C 284 -17.18 20.65 20.47
CA LEU C 284 -16.67 21.69 21.36
C LEU C 284 -17.26 23.05 21.02
N LEU C 285 -17.60 23.27 19.75
CA LEU C 285 -18.29 24.50 19.38
C LEU C 285 -19.62 24.60 20.11
N GLU C 286 -20.47 23.56 19.99
CA GLU C 286 -21.73 23.59 20.74
C GLU C 286 -21.50 23.58 22.24
N CYS C 287 -20.40 23.00 22.71
CA CYS C 287 -20.10 22.95 24.13
C CYS C 287 -19.81 24.34 24.68
N VAL C 288 -18.82 25.02 24.11
CA VAL C 288 -18.53 26.40 24.46
C VAL C 288 -19.77 27.27 24.31
N ARG C 289 -20.62 26.95 23.34
CA ARG C 289 -21.83 27.73 23.15
C ARG C 289 -22.83 27.52 24.29
N LYS C 290 -22.99 26.29 24.77
CA LYS C 290 -24.07 25.96 25.70
C LYS C 290 -23.55 25.38 27.00
N PHE C 291 -22.32 25.74 27.39
CA PHE C 291 -21.85 25.47 28.75
C PHE C 291 -21.73 26.76 29.55
N GLY C 292 -22.51 27.77 29.18
CA GLY C 292 -22.46 29.04 29.88
C GLY C 292 -21.12 29.70 29.67
N GLY C 293 -20.70 30.47 30.68
CA GLY C 293 -19.42 31.13 30.63
C GLY C 293 -18.49 30.67 31.72
N SER C 294 -19.05 30.10 32.79
CA SER C 294 -18.24 29.67 33.93
C SER C 294 -17.27 28.56 33.52
N SER C 295 -17.75 27.58 32.75
CA SER C 295 -16.87 26.48 32.34
C SER C 295 -15.81 26.96 31.36
N ILE C 296 -16.18 27.81 30.41
CA ILE C 296 -15.19 28.33 29.48
C ILE C 296 -14.23 29.27 30.19
N LEU C 297 -14.73 30.04 31.17
CA LEU C 297 -13.85 30.87 31.96
C LEU C 297 -12.91 30.01 32.80
N GLU C 298 -13.34 28.79 33.14
CA GLU C 298 -12.53 27.80 33.84
C GLU C 298 -11.42 27.23 32.98
N ASN C 299 -11.75 26.88 31.74
CA ASN C 299 -10.85 26.09 30.89
C ASN C 299 -10.23 26.87 29.75
N TRP C 300 -10.31 28.22 29.77
CA TRP C 300 -9.81 29.00 28.65
C TRP C 300 -8.32 28.76 28.41
N THR C 301 -7.51 28.68 29.46
CA THR C 301 -6.06 28.56 29.26
C THR C 301 -5.70 27.20 28.66
N LEU C 302 -6.26 26.12 29.21
CA LEU C 302 -5.96 24.79 28.69
C LEU C 302 -6.51 24.63 27.28
N LEU C 303 -7.69 25.19 27.01
CA LEU C 303 -8.27 25.07 25.68
C LEU C 303 -7.45 25.85 24.66
N TRP C 304 -6.97 27.04 25.01
CA TRP C 304 -6.13 27.76 24.06
C TRP C 304 -4.79 27.06 23.86
N ASN C 305 -4.23 26.47 24.91
CA ASN C 305 -3.02 25.68 24.73
C ASN C 305 -3.26 24.54 23.74
N ALA C 306 -4.33 23.77 23.95
CA ALA C 306 -4.63 22.64 23.08
C ALA C 306 -4.92 23.09 21.65
N LEU C 307 -5.70 24.14 21.49
CA LEU C 307 -6.07 24.60 20.16
C LEU C 307 -4.89 25.25 19.44
N LYS C 308 -3.93 25.83 20.18
CA LYS C 308 -2.74 26.32 19.50
C LYS C 308 -1.84 25.16 19.09
N PHE C 309 -1.75 24.12 19.93
CA PHE C 309 -1.07 22.90 19.51
C PHE C 309 -1.70 22.33 18.24
N GLU C 310 -3.02 22.38 18.15
CA GLU C 310 -3.69 21.86 16.96
C GLU C 310 -3.56 22.81 15.77
N ILE C 311 -3.42 24.11 16.04
CA ILE C 311 -3.09 25.08 14.99
C ILE C 311 -1.76 24.69 14.36
N MET C 312 -0.75 24.44 15.20
CA MET C 312 0.51 23.91 14.69
C MET C 312 0.34 22.54 14.05
N GLN C 313 -0.65 21.77 14.51
CA GLN C 313 -0.92 20.47 13.89
C GLN C 313 -1.57 20.62 12.53
N ASN C 314 -2.54 21.52 12.42
CA ASN C 314 -3.26 21.72 11.17
C ASN C 314 -3.22 23.18 10.74
N TYR C 338 -14.82 20.96 4.90
CA TYR C 338 -14.62 21.47 6.25
C TYR C 338 -13.46 20.77 6.93
N THR C 339 -12.32 21.45 7.02
CA THR C 339 -11.12 20.87 7.61
C THR C 339 -11.15 21.05 9.13
N ASN C 340 -10.01 20.81 9.77
CA ASN C 340 -9.90 21.04 11.21
C ASN C 340 -9.49 22.49 11.52
N TYR C 341 -8.85 23.16 10.56
CA TYR C 341 -8.29 24.48 10.84
C TYR C 341 -9.39 25.53 11.00
N ASP C 342 -10.35 25.56 10.08
CA ASP C 342 -11.47 26.49 10.23
C ASP C 342 -12.29 26.16 11.47
N ALA C 343 -12.43 24.87 11.79
CA ALA C 343 -13.17 24.47 12.98
C ALA C 343 -12.48 24.97 14.24
N CYS C 344 -11.15 24.88 14.30
CA CYS C 344 -10.46 25.33 15.51
C CYS C 344 -10.39 26.85 15.58
N LEU C 345 -10.33 27.54 14.44
CA LEU C 345 -10.47 29.00 14.46
C LEU C 345 -11.85 29.40 14.97
N LYS C 346 -12.90 28.70 14.57
CA LYS C 346 -14.22 28.99 15.12
C LYS C 346 -14.29 28.66 16.61
N ILE C 347 -13.59 27.60 17.04
CA ILE C 347 -13.49 27.30 18.47
C ILE C 347 -12.87 28.48 19.22
N ILE C 348 -11.75 28.98 18.72
CA ILE C 348 -11.07 30.11 19.37
C ILE C 348 -11.97 31.34 19.37
N ASN C 349 -12.66 31.59 18.25
CA ASN C 349 -13.53 32.76 18.16
C ASN C 349 -14.68 32.67 19.17
N LEU C 350 -15.37 31.54 19.21
CA LEU C 350 -16.49 31.41 20.14
C LEU C 350 -16.02 31.41 21.58
N MET C 351 -14.84 30.84 21.86
CA MET C 351 -14.32 30.86 23.22
C MET C 351 -13.98 32.27 23.67
N ALA C 352 -13.32 33.04 22.80
CA ALA C 352 -13.04 34.44 23.11
C ALA C 352 -14.32 35.22 23.30
N LEU C 353 -15.33 34.97 22.45
CA LEU C 353 -16.60 35.67 22.58
C LEU C 353 -17.32 35.29 23.88
N GLN C 354 -17.21 34.02 24.28
CA GLN C 354 -17.84 33.58 25.51
C GLN C 354 -17.20 34.22 26.73
N LEU C 355 -15.87 34.28 26.77
CA LEU C 355 -15.22 35.02 27.84
C LEU C 355 -15.59 36.50 27.82
N TYR C 356 -15.64 37.10 26.62
CA TYR C 356 -15.95 38.53 26.55
C TYR C 356 -17.37 38.82 27.03
N ASN C 357 -18.34 38.03 26.60
CA ASN C 357 -19.72 38.25 27.01
C ASN C 357 -19.94 37.89 28.47
N PHE C 358 -19.21 36.90 28.98
CA PHE C 358 -19.40 36.46 30.35
C PHE C 358 -18.68 37.38 31.34
N ASP C 359 -17.37 37.57 31.14
CA ASP C 359 -16.59 38.42 32.02
C ASP C 359 -15.45 39.05 31.24
N LYS C 360 -15.48 40.38 31.13
CA LYS C 360 -14.41 41.10 30.43
C LYS C 360 -13.06 40.85 31.06
N VAL C 361 -13.03 40.52 32.36
CA VAL C 361 -11.77 40.21 33.01
C VAL C 361 -11.15 38.94 32.42
N SER C 362 -11.96 37.90 32.21
CA SER C 362 -11.43 36.67 31.65
C SER C 362 -10.98 36.86 30.20
N PHE C 363 -11.76 37.58 29.41
CA PHE C 363 -11.36 37.82 28.03
C PHE C 363 -10.11 38.69 27.97
N GLU C 364 -9.96 39.60 28.93
CA GLU C 364 -8.74 40.42 28.98
C GLU C 364 -7.54 39.57 29.37
N LYS C 365 -7.71 38.65 30.32
CA LYS C 365 -6.64 37.72 30.65
C LYS C 365 -6.26 36.87 29.44
N PHE C 366 -7.26 36.37 28.73
CA PHE C 366 -7.01 35.65 27.48
C PHE C 366 -6.24 36.49 26.48
N PHE C 367 -6.67 37.73 26.27
CA PHE C 367 -6.04 38.58 25.27
C PHE C 367 -4.60 38.90 25.65
N THR C 368 -4.36 39.18 26.93
CA THR C 368 -3.00 39.50 27.35
C THR C 368 -2.11 38.27 27.32
N HIS C 369 -2.65 37.07 27.58
CA HIS C 369 -1.85 35.86 27.43
C HIS C 369 -1.49 35.61 25.97
N VAL C 370 -2.47 35.77 25.08
CA VAL C 370 -2.21 35.58 23.65
C VAL C 370 -1.19 36.58 23.17
N LEU C 371 -1.31 37.85 23.61
CA LEU C 371 -0.33 38.86 23.22
C LEU C 371 1.05 38.53 23.77
N ASP C 372 1.16 38.17 25.05
CA ASP C 372 2.45 37.84 25.62
C ASP C 372 3.11 36.67 24.91
N GLU C 373 2.30 35.73 24.39
CA GLU C 373 2.89 34.57 23.73
C GLU C 373 3.19 34.82 22.26
N LEU C 374 2.44 35.69 21.60
CA LEU C 374 2.54 35.80 20.15
C LEU C 374 3.00 37.15 19.64
N LYS C 375 3.32 38.09 20.53
CA LYS C 375 3.71 39.43 20.08
C LYS C 375 4.97 39.45 19.23
N PRO C 376 6.03 38.71 19.55
CA PRO C 376 7.15 38.62 18.61
C PRO C 376 6.75 38.08 17.26
N ASN C 377 5.78 37.16 17.20
CA ASN C 377 5.33 36.63 15.92
C ASN C 377 4.71 37.73 15.07
N PHE C 378 3.87 38.59 15.67
CA PHE C 378 3.25 39.66 14.91
C PHE C 378 4.25 40.74 14.53
N LYS C 379 5.12 41.12 15.48
CA LYS C 379 6.04 42.23 15.21
C LYS C 379 7.13 41.82 14.23
N TYR C 380 7.58 40.57 14.29
CA TYR C 380 8.64 40.09 13.42
C TYR C 380 8.03 39.56 12.12
N GLU C 381 8.83 38.81 11.37
CA GLU C 381 8.40 38.17 10.12
C GLU C 381 8.37 36.65 10.28
N LYS C 382 7.94 36.17 11.45
CA LYS C 382 7.83 34.75 11.73
C LYS C 382 6.41 34.41 12.17
N ASP C 383 5.85 33.34 11.59
CA ASP C 383 4.56 32.80 11.98
C ASP C 383 3.45 33.86 11.93
N LEU C 384 3.43 34.63 10.85
CA LEU C 384 2.39 35.66 10.73
C LEU C 384 1.06 35.06 10.31
N LYS C 385 1.08 34.00 9.50
CA LYS C 385 -0.17 33.44 9.00
C LYS C 385 -1.06 32.95 10.14
N GLN C 386 -0.56 32.02 10.96
CA GLN C 386 -1.38 31.41 11.99
C GLN C 386 -1.82 32.42 13.04
N THR C 387 -0.88 33.23 13.54
CA THR C 387 -1.21 34.17 14.60
C THR C 387 -2.13 35.28 14.10
N CYS C 388 -1.86 35.78 12.89
CA CYS C 388 -2.71 36.82 12.30
C CYS C 388 -4.12 36.29 12.06
N GLN C 389 -4.24 35.04 11.61
CA GLN C 389 -5.56 34.43 11.48
C GLN C 389 -6.23 34.25 12.83
N ILE C 390 -5.45 33.94 13.86
CA ILE C 390 -6.01 33.79 15.20
C ILE C 390 -6.65 35.09 15.67
N LEU C 391 -5.91 36.20 15.58
CA LEU C 391 -6.50 37.46 16.03
C LEU C 391 -7.50 38.01 15.01
N SER C 392 -7.45 37.53 13.77
CA SER C 392 -8.49 37.87 12.81
C SER C 392 -9.82 37.24 13.20
N ALA C 393 -9.79 35.98 13.61
CA ALA C 393 -11.00 35.34 14.12
C ALA C 393 -11.43 35.96 15.44
N ILE C 394 -10.46 36.30 16.30
CA ILE C 394 -10.79 36.89 17.60
C ILE C 394 -11.50 38.22 17.42
N GLY C 395 -10.92 39.12 16.61
CA GLY C 395 -11.48 40.43 16.38
C GLY C 395 -12.74 40.47 15.57
N SER C 396 -13.09 39.38 14.89
CA SER C 396 -14.32 39.30 14.11
C SER C 396 -15.55 39.03 14.99
N GLY C 397 -15.39 39.09 16.30
CA GLY C 397 -16.50 38.84 17.21
C GLY C 397 -17.35 40.08 17.43
N ASN C 398 -16.72 41.21 17.75
CA ASN C 398 -17.43 42.45 18.00
C ASN C 398 -16.53 43.61 17.58
N VAL C 399 -17.08 44.82 17.66
CA VAL C 399 -16.32 46.02 17.29
C VAL C 399 -15.23 46.29 18.31
N GLU C 400 -15.54 46.11 19.60
CA GLU C 400 -14.55 46.38 20.64
C GLU C 400 -13.38 45.43 20.55
N ILE C 401 -13.65 44.13 20.34
CA ILE C 401 -12.56 43.16 20.22
C ILE C 401 -11.76 43.43 18.94
N PHE C 402 -12.45 43.85 17.88
CA PHE C 402 -11.74 44.22 16.66
C PHE C 402 -10.79 45.40 16.91
N ASN C 403 -11.26 46.41 17.65
CA ASN C 403 -10.41 47.53 17.98
C ASN C 403 -9.23 47.10 18.84
N LYS C 404 -9.47 46.18 19.78
CA LYS C 404 -8.39 45.61 20.57
C LYS C 404 -7.34 44.95 19.67
N VAL C 405 -7.80 44.12 18.73
CA VAL C 405 -6.89 43.41 17.84
C VAL C 405 -6.10 44.39 16.98
N ILE C 406 -6.78 45.41 16.45
CA ILE C 406 -6.11 46.39 15.60
C ILE C 406 -5.04 47.14 16.38
N SER C 407 -5.41 47.68 17.54
CA SER C 407 -4.47 48.45 18.35
C SER C 407 -3.35 47.58 18.88
N SER C 408 -3.56 46.27 18.97
CA SER C 408 -2.53 45.37 19.47
C SER C 408 -1.59 44.87 18.38
N THR C 409 -2.04 44.83 17.12
CA THR C 409 -1.21 44.25 16.06
C THR C 409 -0.68 45.28 15.07
N PHE C 410 -1.50 46.23 14.63
CA PHE C 410 -1.01 47.21 13.64
C PHE C 410 0.24 47.95 14.08
N PRO C 411 0.36 48.43 15.33
CA PRO C 411 1.64 49.06 15.73
C PRO C 411 2.83 48.12 15.66
N LEU C 412 2.61 46.80 15.65
CA LEU C 412 3.72 45.87 15.61
C LEU C 412 4.31 45.76 14.21
N PHE C 413 3.48 45.79 13.17
CA PHE C 413 3.96 45.62 11.81
C PHE C 413 3.56 46.75 10.85
N LEU C 414 2.38 47.37 11.04
CA LEU C 414 1.87 48.34 10.07
C LEU C 414 2.69 49.62 10.15
N ILE C 415 3.90 49.55 9.60
CA ILE C 415 4.82 50.68 9.53
C ILE C 415 5.22 50.86 8.08
N ASN C 416 5.31 52.12 7.64
CA ASN C 416 5.67 52.41 6.26
C ASN C 416 7.01 51.78 5.92
N THR C 417 7.04 51.02 4.83
CA THR C 417 8.26 50.34 4.41
C THR C 417 8.14 49.96 2.94
N SER C 418 9.25 50.14 2.21
CA SER C 418 9.34 49.74 0.82
C SER C 418 10.19 48.49 0.62
N GLU C 419 10.82 47.99 1.68
CA GLU C 419 11.59 46.76 1.58
C GLU C 419 10.68 45.60 1.17
N VAL C 420 11.20 44.70 0.34
CA VAL C 420 10.39 43.61 -0.16
C VAL C 420 9.87 42.75 0.98
N ALA C 421 10.73 42.41 1.94
CA ALA C 421 10.33 41.51 3.02
C ALA C 421 9.35 42.19 3.96
N LYS C 422 9.70 43.38 4.47
CA LYS C 422 8.84 44.06 5.43
C LYS C 422 7.50 44.42 4.82
N LEU C 423 7.51 44.99 3.61
CA LEU C 423 6.26 45.37 2.95
C LEU C 423 5.44 44.13 2.58
N LYS C 424 6.10 43.05 2.18
CA LYS C 424 5.37 41.83 1.84
C LYS C 424 4.69 41.23 3.06
N LEU C 425 5.40 41.16 4.19
CA LEU C 425 4.77 40.67 5.42
C LEU C 425 3.66 41.61 5.89
N LEU C 426 3.85 42.93 5.75
CA LEU C 426 2.79 43.87 6.07
C LEU C 426 1.55 43.60 5.22
N ILE C 427 1.73 43.38 3.92
CA ILE C 427 0.61 43.20 3.02
C ILE C 427 -0.11 41.88 3.32
N MET C 428 0.66 40.82 3.58
CA MET C 428 0.03 39.52 3.83
C MET C 428 -0.62 39.50 5.21
N ASN C 429 -0.13 40.32 6.15
CA ASN C 429 -0.85 40.52 7.41
C ASN C 429 -2.18 41.25 7.16
N PHE C 430 -2.11 42.37 6.44
CA PHE C 430 -3.30 43.13 6.09
C PHE C 430 -4.32 42.28 5.35
N SER C 431 -3.87 41.26 4.63
CA SER C 431 -4.77 40.33 3.96
C SER C 431 -5.66 39.57 4.94
N PHE C 432 -5.25 39.45 6.20
CA PHE C 432 -6.10 38.83 7.20
C PHE C 432 -6.95 39.83 7.96
N PHE C 433 -6.46 41.05 8.14
CA PHE C 433 -7.27 42.06 8.81
C PHE C 433 -8.41 42.54 7.93
N VAL C 434 -8.21 42.57 6.61
CA VAL C 434 -9.34 42.87 5.73
C VAL C 434 -10.40 41.78 5.84
N ASP C 435 -9.97 40.53 6.00
CA ASP C 435 -10.92 39.44 6.14
C ASP C 435 -11.66 39.52 7.47
N SER C 436 -10.95 39.85 8.55
CA SER C 436 -11.61 40.04 9.84
C SER C 436 -12.63 41.18 9.77
N TYR C 437 -12.24 42.30 9.18
CA TYR C 437 -13.15 43.43 9.01
C TYR C 437 -14.36 43.03 8.19
N ILE C 438 -14.15 42.27 7.11
CA ILE C 438 -15.25 41.80 6.27
C ILE C 438 -16.20 40.93 7.07
N ASP C 439 -15.66 39.95 7.79
CA ASP C 439 -16.50 39.02 8.53
C ASP C 439 -17.26 39.74 9.63
N LEU C 440 -16.67 40.78 10.21
CA LEU C 440 -17.34 41.49 11.29
C LEU C 440 -18.43 42.42 10.76
N PHE C 441 -18.22 43.01 9.59
CA PHE C 441 -19.10 44.08 9.14
C PHE C 441 -19.91 43.72 7.90
N GLY C 442 -19.28 43.34 6.80
CA GLY C 442 -20.01 42.99 5.59
C GLY C 442 -19.11 43.08 4.37
N ARG C 443 -19.73 43.41 3.23
CA ARG C 443 -19.05 43.66 1.97
C ARG C 443 -19.87 44.61 1.11
N THR C 444 -19.30 44.96 -0.05
CA THR C 444 -19.93 45.92 -0.94
C THR C 444 -21.23 45.40 -1.53
N SER C 445 -22.14 46.33 -1.75
CA SER C 445 -23.23 46.19 -2.71
C SER C 445 -23.26 47.46 -3.54
N LYS C 446 -23.84 47.35 -4.74
CA LYS C 446 -23.88 48.51 -5.62
C LYS C 446 -24.70 49.65 -5.01
N GLU C 447 -25.54 49.33 -4.02
CA GLU C 447 -26.23 50.37 -3.25
C GLU C 447 -25.43 50.81 -2.04
N SER C 448 -24.55 49.95 -1.52
CA SER C 448 -23.72 50.28 -0.36
C SER C 448 -22.30 50.66 -0.76
N LEU C 449 -22.15 51.33 -1.90
CA LEU C 449 -20.84 51.71 -2.42
C LEU C 449 -20.21 52.87 -1.63
N GLY C 450 -20.99 53.58 -0.82
CA GLY C 450 -20.48 54.70 -0.05
C GLY C 450 -20.84 54.65 1.41
N THR C 451 -21.69 53.69 1.78
CA THR C 451 -22.16 53.59 3.16
C THR C 451 -21.09 52.94 4.03
N PRO C 452 -20.60 53.61 5.08
CA PRO C 452 -19.64 52.98 5.98
C PRO C 452 -20.30 52.37 7.20
N VAL C 453 -19.57 51.46 7.84
CA VAL C 453 -20.03 50.79 9.05
C VAL C 453 -19.86 51.77 10.22
N PRO C 454 -20.63 51.60 11.32
CA PRO C 454 -20.63 52.63 12.37
C PRO C 454 -19.28 52.94 12.99
N ASN C 455 -18.62 51.93 13.57
CA ASN C 455 -17.37 52.20 14.28
C ASN C 455 -16.44 51.00 14.12
N ASN C 456 -15.14 51.29 14.22
CA ASN C 456 -14.07 50.31 14.14
C ASN C 456 -12.75 51.04 14.38
N LYS C 457 -11.69 50.26 14.60
CA LYS C 457 -10.36 50.81 14.71
C LYS C 457 -9.63 50.87 13.38
N MET C 458 -10.12 50.15 12.37
CA MET C 458 -9.50 50.19 11.06
C MET C 458 -9.71 51.54 10.38
N ALA C 459 -10.79 52.25 10.72
CA ALA C 459 -11.00 53.58 10.18
C ALA C 459 -9.90 54.53 10.64
N GLU C 460 -9.45 54.38 11.89
CA GLU C 460 -8.33 55.17 12.38
C GLU C 460 -7.05 54.82 11.65
N TYR C 461 -6.94 53.59 11.15
CA TYR C 461 -5.77 53.13 10.41
C TYR C 461 -6.02 53.09 8.90
N LYS C 462 -7.16 53.61 8.43
CA LYS C 462 -7.48 53.51 7.01
C LYS C 462 -6.51 54.35 6.17
N ASP C 463 -6.12 55.53 6.67
CA ASP C 463 -5.16 56.34 5.95
C ASP C 463 -3.82 55.64 5.83
N GLU C 464 -3.38 54.98 6.91
CA GLU C 464 -2.08 54.30 6.88
C GLU C 464 -2.09 53.13 5.92
N ILE C 465 -3.15 52.32 5.91
CA ILE C 465 -3.20 51.18 5.00
C ILE C 465 -3.33 51.67 3.56
N ILE C 466 -4.09 52.73 3.33
CA ILE C 466 -4.20 53.28 1.98
C ILE C 466 -2.83 53.77 1.50
N MET C 467 -2.10 54.48 2.35
CA MET C 467 -0.79 54.99 1.99
C MET C 467 0.20 53.86 1.72
N ILE C 468 0.20 52.83 2.59
CA ILE C 468 1.16 51.75 2.42
C ILE C 468 0.85 50.96 1.15
N LEU C 469 -0.44 50.75 0.86
CA LEU C 469 -0.79 50.07 -0.40
C LEU C 469 -0.42 50.92 -1.60
N SER C 470 -0.62 52.24 -1.52
CA SER C 470 -0.31 53.11 -2.65
C SER C 470 1.18 53.11 -2.93
N MET C 471 2.00 53.13 -1.87
CA MET C 471 3.45 53.10 -2.09
C MET C 471 3.93 51.69 -2.40
N ALA C 472 3.12 50.68 -2.08
CA ALA C 472 3.50 49.31 -2.40
C ALA C 472 3.27 49.00 -3.87
N LEU C 473 2.19 49.52 -4.44
CA LEU C 473 1.97 49.36 -5.87
C LEU C 473 2.75 50.41 -6.67
N THR C 474 2.50 51.69 -6.42
CA THR C 474 3.16 52.76 -7.13
C THR C 474 4.20 53.44 -6.24
N ARG C 475 4.98 54.34 -6.84
CA ARG C 475 6.21 54.87 -6.24
C ARG C 475 7.06 53.70 -5.75
N SER C 476 7.16 52.68 -6.60
CA SER C 476 7.92 51.47 -6.32
C SER C 476 8.59 51.02 -7.60
N SER C 477 9.64 50.20 -7.45
CA SER C 477 10.40 49.73 -8.60
C SER C 477 9.57 48.80 -9.47
N LYS C 478 9.88 48.78 -10.78
CA LYS C 478 9.14 47.98 -11.74
C LYS C 478 9.44 46.49 -11.65
N ALA C 479 10.47 46.09 -10.89
CA ALA C 479 10.83 44.69 -10.78
C ALA C 479 10.02 43.94 -9.73
N GLU C 480 9.11 44.63 -9.03
CA GLU C 480 8.32 44.00 -7.97
C GLU C 480 7.14 43.26 -8.61
N VAL C 481 7.23 41.93 -8.62
CA VAL C 481 6.10 41.13 -9.08
C VAL C 481 5.19 40.74 -7.91
N THR C 482 5.74 40.12 -6.86
CA THR C 482 4.92 39.71 -5.72
C THR C 482 4.40 40.93 -4.97
N ILE C 483 5.25 41.95 -4.80
CA ILE C 483 4.85 43.14 -4.06
C ILE C 483 3.69 43.82 -4.76
N ARG C 484 3.77 44.03 -6.07
CA ARG C 484 2.71 44.74 -6.77
C ARG C 484 1.47 43.87 -6.95
N THR C 485 1.65 42.56 -7.12
CA THR C 485 0.50 41.67 -7.18
C THR C 485 -0.27 41.70 -5.87
N LEU C 486 0.43 41.55 -4.74
CA LEU C 486 -0.22 41.65 -3.44
C LEU C 486 -0.79 43.04 -3.21
N SER C 487 -0.15 44.06 -3.78
CA SER C 487 -0.63 45.43 -3.64
C SER C 487 -1.97 45.61 -4.31
N VAL C 488 -2.09 45.19 -5.57
CA VAL C 488 -3.36 45.31 -6.27
C VAL C 488 -4.40 44.38 -5.66
N ILE C 489 -3.98 43.22 -5.14
CA ILE C 489 -4.94 42.31 -4.51
C ILE C 489 -5.52 42.94 -3.26
N GLN C 490 -4.68 43.55 -2.43
CA GLN C 490 -5.19 44.18 -1.21
C GLN C 490 -5.95 45.46 -1.53
N PHE C 491 -5.56 46.16 -2.60
CA PHE C 491 -6.38 47.28 -3.07
C PHE C 491 -7.79 46.82 -3.40
N THR C 492 -7.90 45.74 -4.18
CA THR C 492 -9.21 45.22 -4.57
C THR C 492 -9.98 44.73 -3.35
N LYS C 493 -9.31 44.01 -2.44
CA LYS C 493 -9.99 43.50 -1.24
C LYS C 493 -10.46 44.63 -0.35
N MET C 494 -9.70 45.72 -0.26
CA MET C 494 -10.12 46.85 0.55
C MET C 494 -11.27 47.59 -0.13
N ILE C 495 -11.29 47.63 -1.46
CA ILE C 495 -12.44 48.14 -2.19
C ILE C 495 -13.67 47.29 -1.89
N LYS C 496 -13.47 45.98 -1.68
CA LYS C 496 -14.60 45.07 -1.53
C LYS C 496 -15.40 45.34 -0.25
N MET C 497 -14.95 46.28 0.57
CA MET C 497 -15.77 46.63 1.73
C MET C 497 -16.81 47.70 1.42
N LYS C 498 -18.01 47.46 1.96
CA LYS C 498 -19.16 48.32 1.80
C LYS C 498 -18.82 49.76 2.18
N GLY C 499 -18.79 50.63 1.17
CA GLY C 499 -18.62 52.06 1.35
C GLY C 499 -17.63 52.53 2.39
N PHE C 500 -16.51 51.83 2.53
CA PHE C 500 -15.47 52.24 3.47
C PHE C 500 -14.37 53.05 2.80
N LEU C 501 -14.33 53.05 1.47
CA LEU C 501 -13.39 53.88 0.72
C LEU C 501 -14.18 54.81 -0.20
N THR C 502 -13.80 56.08 -0.21
CA THR C 502 -14.52 57.08 -0.99
C THR C 502 -14.29 56.87 -2.48
N PRO C 503 -15.16 57.43 -3.32
CA PRO C 503 -14.89 57.37 -4.77
C PRO C 503 -13.55 57.96 -5.17
N GLU C 504 -13.03 58.91 -4.38
CA GLU C 504 -11.68 59.42 -4.63
C GLU C 504 -10.64 58.31 -4.49
N GLU C 505 -10.78 57.49 -3.44
CA GLU C 505 -9.83 56.41 -3.22
C GLU C 505 -9.86 55.39 -4.36
N VAL C 506 -11.06 55.00 -4.79
CA VAL C 506 -11.13 54.04 -5.88
C VAL C 506 -10.69 54.68 -7.19
N SER C 507 -10.89 55.98 -7.36
CA SER C 507 -10.37 56.66 -8.55
C SER C 507 -8.84 56.62 -8.57
N LEU C 508 -8.22 56.89 -7.42
CA LEU C 508 -6.77 56.79 -7.31
C LEU C 508 -6.28 55.37 -7.59
N ILE C 509 -7.03 54.38 -7.08
CA ILE C 509 -6.67 52.98 -7.30
C ILE C 509 -6.78 52.61 -8.77
N ILE C 510 -7.83 53.10 -9.44
CA ILE C 510 -7.99 52.86 -10.87
C ILE C 510 -6.85 53.49 -11.65
N GLN C 511 -6.49 54.72 -11.31
CA GLN C 511 -5.38 55.38 -11.99
C GLN C 511 -4.07 54.63 -11.76
N TYR C 512 -3.85 54.15 -10.54
CA TYR C 512 -2.66 53.35 -10.25
C TYR C 512 -2.63 52.08 -11.10
N PHE C 513 -3.76 51.36 -11.16
CA PHE C 513 -3.82 50.14 -11.94
C PHE C 513 -3.54 50.41 -13.41
N THR C 514 -4.18 51.44 -13.97
CA THR C 514 -4.00 51.74 -15.39
C THR C 514 -2.57 52.16 -15.69
N GLU C 515 -2.00 53.04 -14.86
CA GLU C 515 -0.63 53.48 -15.11
C GLU C 515 0.34 52.32 -15.01
N GLU C 516 0.20 51.47 -13.99
CA GLU C 516 1.16 50.39 -13.80
C GLU C 516 0.93 49.26 -14.80
N ILE C 517 -0.24 49.22 -15.42
CA ILE C 517 -0.49 48.18 -16.42
C ILE C 517 -0.03 48.62 -17.80
N LEU C 518 -0.09 49.92 -18.11
CA LEU C 518 0.46 50.39 -19.37
C LEU C 518 1.98 50.54 -19.33
N THR C 519 2.53 50.91 -18.16
CA THR C 519 3.98 51.08 -18.07
C THR C 519 4.69 49.75 -18.14
N ASP C 520 4.32 48.79 -17.30
CA ASP C 520 5.01 47.52 -17.20
C ASP C 520 4.31 46.44 -18.01
N ASN C 521 5.12 45.68 -18.76
CA ASN C 521 4.61 44.52 -19.50
C ASN C 521 4.59 43.27 -18.63
N ASN C 522 5.14 43.33 -17.42
CA ASN C 522 5.25 42.16 -16.58
C ASN C 522 3.87 41.56 -16.36
N LYS C 523 3.64 40.41 -16.98
CA LYS C 523 2.29 39.86 -17.05
C LYS C 523 1.75 39.54 -15.67
N ASN C 524 2.62 39.41 -14.68
CA ASN C 524 2.16 39.35 -13.29
C ASN C 524 1.40 40.62 -12.93
N ILE C 525 2.09 41.76 -12.94
CA ILE C 525 1.44 43.03 -12.61
C ILE C 525 0.39 43.37 -13.66
N TYR C 526 0.65 43.04 -14.92
CA TYR C 526 -0.32 43.29 -15.99
C TYR C 526 -1.67 42.62 -15.67
N TYR C 527 -1.66 41.31 -15.46
CA TYR C 527 -2.92 40.60 -15.29
C TYR C 527 -3.50 40.83 -13.89
N ALA C 528 -2.67 41.12 -12.90
CA ALA C 528 -3.19 41.49 -11.59
C ALA C 528 -3.91 42.82 -11.64
N CYS C 529 -3.36 43.79 -12.38
CA CYS C 529 -4.05 45.07 -12.58
C CYS C 529 -5.31 44.87 -13.42
N LEU C 530 -5.28 43.95 -14.38
CA LEU C 530 -6.49 43.62 -15.12
C LEU C 530 -7.58 43.09 -14.18
N GLU C 531 -7.20 42.18 -13.27
CA GLU C 531 -8.16 41.64 -12.31
C GLU C 531 -8.72 42.74 -11.41
N GLY C 532 -7.84 43.62 -10.91
CA GLY C 532 -8.30 44.71 -10.08
C GLY C 532 -9.24 45.64 -10.82
N LEU C 533 -8.90 46.01 -12.06
CA LEU C 533 -9.75 46.90 -12.84
C LEU C 533 -11.08 46.24 -13.17
N LYS C 534 -11.08 44.93 -13.44
CA LYS C 534 -12.33 44.24 -13.73
C LYS C 534 -13.22 44.16 -12.50
N THR C 535 -12.63 43.94 -11.32
CA THR C 535 -13.43 43.92 -10.10
C THR C 535 -13.99 45.31 -9.79
N ILE C 536 -13.19 46.36 -10.03
CA ILE C 536 -13.71 47.71 -9.88
C ILE C 536 -14.84 47.95 -10.87
N SER C 537 -14.71 47.44 -12.10
CA SER C 537 -15.75 47.60 -13.10
C SER C 537 -17.04 46.92 -12.66
N GLU C 538 -16.94 45.73 -12.08
CA GLU C 538 -18.14 45.06 -11.59
C GLU C 538 -18.66 45.65 -10.30
N ILE C 539 -17.89 46.50 -9.61
CA ILE C 539 -18.36 47.10 -8.37
C ILE C 539 -18.47 48.62 -8.50
N TYR C 540 -17.88 49.19 -9.54
CA TYR C 540 -17.92 50.64 -9.79
C TYR C 540 -17.99 50.85 -11.30
N GLU C 541 -19.20 51.06 -11.82
CA GLU C 541 -19.37 51.29 -13.25
C GLU C 541 -18.76 52.63 -13.67
N ASP C 542 -19.32 53.73 -13.16
CA ASP C 542 -18.93 55.05 -13.62
C ASP C 542 -17.48 55.36 -13.30
N LEU C 543 -16.98 54.88 -12.16
CA LEU C 543 -15.61 55.21 -11.76
C LEU C 543 -14.60 54.68 -12.76
N VAL C 544 -14.65 53.37 -13.04
CA VAL C 544 -13.70 52.79 -13.98
C VAL C 544 -13.92 53.36 -15.38
N PHE C 545 -15.18 53.51 -15.80
CA PHE C 545 -15.45 54.04 -17.13
C PHE C 545 -14.91 55.46 -17.29
N GLU C 546 -14.89 56.23 -16.20
CA GLU C 546 -14.43 57.61 -16.29
C GLU C 546 -12.91 57.69 -16.28
N ILE C 547 -12.26 57.01 -15.34
CA ILE C 547 -10.81 57.13 -15.23
C ILE C 547 -10.08 56.22 -16.22
N SER C 548 -10.30 54.91 -16.18
CA SER C 548 -9.48 54.01 -16.97
C SER C 548 -9.91 53.94 -18.43
N LEU C 549 -11.20 53.70 -18.66
CA LEU C 549 -11.68 53.44 -20.02
C LEU C 549 -11.53 54.66 -20.91
N LYS C 550 -11.92 55.84 -20.41
CA LYS C 550 -11.82 57.06 -21.22
C LYS C 550 -10.37 57.39 -21.54
N LYS C 551 -9.49 57.29 -20.55
CA LYS C 551 -8.07 57.51 -20.79
C LYS C 551 -7.53 56.55 -21.85
N LEU C 552 -7.84 55.26 -21.71
CA LEU C 552 -7.36 54.26 -22.66
C LEU C 552 -7.87 54.54 -24.06
N LEU C 553 -9.14 54.97 -24.17
CA LEU C 553 -9.66 55.38 -25.47
C LEU C 553 -8.96 56.63 -25.98
N ASP C 554 -8.40 57.44 -25.09
CA ASP C 554 -7.73 58.67 -25.51
C ASP C 554 -6.29 58.43 -25.93
N LEU C 555 -5.64 57.38 -25.42
CA LEU C 555 -4.25 57.12 -25.80
C LEU C 555 -4.12 56.87 -27.30
N LEU C 556 -5.08 56.18 -27.91
CA LEU C 556 -4.98 55.86 -29.32
C LEU C 556 -5.04 57.13 -30.17
N PRO C 557 -4.24 57.23 -31.24
CA PRO C 557 -4.15 58.48 -31.99
C PRO C 557 -5.08 58.52 -33.20
N ASP C 558 -4.93 59.58 -33.99
CA ASP C 558 -5.74 59.74 -35.20
C ASP C 558 -5.39 58.71 -36.27
N CYS C 559 -4.12 58.38 -36.42
CA CYS C 559 -3.65 57.50 -37.49
C CYS C 559 -3.24 56.14 -36.94
N PHE C 560 -3.40 55.12 -37.77
CA PHE C 560 -3.06 53.77 -37.38
C PHE C 560 -1.54 53.55 -37.45
N GLU C 561 -1.08 52.51 -36.74
CA GLU C 561 0.32 52.09 -36.73
C GLU C 561 1.21 53.18 -36.15
N GLU C 562 0.82 53.66 -34.97
CA GLU C 562 1.59 54.60 -34.19
C GLU C 562 2.01 53.93 -32.88
N LYS C 563 3.00 54.53 -32.22
CA LYS C 563 3.44 54.06 -30.90
C LYS C 563 2.61 54.79 -29.85
N ILE C 564 1.84 54.02 -29.09
CA ILE C 564 0.96 54.59 -28.07
C ILE C 564 1.82 55.01 -26.89
N ARG C 565 2.21 56.28 -26.86
CA ARG C 565 3.18 56.78 -25.89
C ARG C 565 2.46 57.01 -24.57
N VAL C 566 2.57 56.02 -23.68
CA VAL C 566 1.99 56.15 -22.34
C VAL C 566 2.68 57.28 -21.60
N ASN C 567 4.00 57.36 -21.68
CA ASN C 567 4.79 58.38 -21.01
C ASN C 567 6.01 58.67 -21.88
N ASP C 568 7.03 59.28 -21.27
CA ASP C 568 8.20 59.70 -22.01
C ASP C 568 8.91 58.53 -22.69
N GLU C 569 8.97 57.38 -22.02
CA GLU C 569 9.68 56.23 -22.56
C GLU C 569 8.78 55.04 -22.88
N GLU C 570 8.03 54.53 -21.91
CA GLU C 570 7.23 53.32 -22.10
C GLU C 570 6.07 53.61 -23.04
N ASN C 571 5.89 52.73 -24.02
CA ASN C 571 4.80 52.82 -24.98
C ASN C 571 4.19 51.44 -25.19
N ILE C 572 2.90 51.41 -25.49
CA ILE C 572 2.19 50.18 -25.79
C ILE C 572 1.80 50.18 -27.26
N HIS C 573 1.34 49.03 -27.73
CA HIS C 573 0.96 48.91 -29.13
C HIS C 573 -0.41 49.54 -29.37
N ILE C 574 -0.71 49.79 -30.64
CA ILE C 574 -2.02 50.32 -31.02
C ILE C 574 -3.11 49.30 -30.70
N GLU C 575 -2.80 48.01 -30.82
CA GLU C 575 -3.76 46.96 -30.50
C GLU C 575 -3.86 46.70 -29.00
N THR C 576 -2.96 47.29 -28.20
CA THR C 576 -3.05 47.10 -26.75
C THR C 576 -4.33 47.71 -26.18
N ILE C 577 -4.73 48.87 -26.69
CA ILE C 577 -5.97 49.49 -26.25
C ILE C 577 -7.15 48.59 -26.60
N LEU C 578 -7.15 48.03 -27.82
CA LEU C 578 -8.23 47.13 -28.22
C LEU C 578 -8.28 45.89 -27.34
N LYS C 579 -7.11 45.32 -27.02
CA LYS C 579 -7.07 44.15 -26.16
C LYS C 579 -7.57 44.47 -24.75
N ILE C 580 -7.22 45.63 -24.23
CA ILE C 580 -7.69 46.03 -22.90
C ILE C 580 -9.20 46.23 -22.92
N ILE C 581 -9.72 46.83 -23.99
CA ILE C 581 -11.17 46.97 -24.14
C ILE C 581 -11.83 45.61 -24.18
N LEU C 582 -11.20 44.64 -24.85
CA LEU C 582 -11.74 43.28 -24.89
C LEU C 582 -11.69 42.63 -23.52
N ASP C 583 -10.73 43.01 -22.68
CA ASP C 583 -10.57 42.39 -21.38
C ASP C 583 -11.80 42.61 -20.49
N PHE C 584 -12.04 43.86 -20.11
CA PHE C 584 -13.21 44.18 -19.29
C PHE C 584 -14.31 44.78 -20.18
N THR C 585 -15.31 45.40 -19.56
CA THR C 585 -16.56 45.81 -20.22
C THR C 585 -17.34 44.62 -20.76
N THR C 586 -16.97 43.40 -20.36
CA THR C 586 -17.70 42.22 -20.81
C THR C 586 -19.03 42.06 -20.08
N SER C 587 -19.20 42.71 -18.93
CA SER C 587 -20.45 42.63 -18.19
C SER C 587 -20.85 43.98 -17.60
N ARG C 588 -20.28 45.08 -18.09
CA ARG C 588 -20.53 46.41 -17.53
C ARG C 588 -21.34 47.21 -18.55
N HIS C 589 -22.62 47.42 -18.25
CA HIS C 589 -23.55 47.97 -19.23
C HIS C 589 -23.10 49.34 -19.74
N ILE C 590 -22.86 50.28 -18.82
CA ILE C 590 -22.43 51.61 -19.23
C ILE C 590 -21.10 51.54 -19.95
N LEU C 591 -20.14 50.82 -19.36
CA LEU C 591 -18.83 50.67 -19.99
C LEU C 591 -18.95 50.09 -21.40
N VAL C 592 -19.69 49.00 -21.55
CA VAL C 592 -19.74 48.32 -22.84
C VAL C 592 -20.47 49.17 -23.88
N LYS C 593 -21.53 49.86 -23.48
CA LYS C 593 -22.29 50.66 -24.43
C LYS C 593 -21.46 51.86 -24.90
N GLU C 594 -20.87 52.59 -23.95
CA GLU C 594 -20.05 53.73 -24.33
C GLU C 594 -18.80 53.28 -25.10
N SER C 595 -18.28 52.09 -24.77
CA SER C 595 -17.15 51.57 -25.51
C SER C 595 -17.53 51.23 -26.95
N ILE C 596 -18.70 50.62 -27.14
CA ILE C 596 -19.15 50.33 -28.50
C ILE C 596 -19.30 51.63 -29.28
N THR C 597 -19.90 52.65 -28.65
CA THR C 597 -20.09 53.93 -29.32
C THR C 597 -18.75 54.56 -29.69
N PHE C 598 -17.79 54.56 -28.77
CA PHE C 598 -16.51 55.22 -29.04
C PHE C 598 -15.70 54.43 -30.06
N LEU C 599 -15.77 53.10 -30.02
CA LEU C 599 -15.05 52.30 -31.00
C LEU C 599 -15.65 52.48 -32.39
N ALA C 600 -16.97 52.63 -32.47
CA ALA C 600 -17.58 52.97 -33.76
C ALA C 600 -17.13 54.35 -34.23
N THR C 601 -17.07 55.31 -33.31
CA THR C 601 -16.58 56.65 -33.65
C THR C 601 -15.17 56.59 -34.21
N LYS C 602 -14.28 55.84 -33.54
CA LYS C 602 -12.91 55.74 -34.01
C LYS C 602 -12.81 54.93 -35.30
N LEU C 603 -13.67 53.94 -35.48
CA LEU C 603 -13.74 53.24 -36.77
C LEU C 603 -14.04 54.21 -37.90
N ASN C 604 -15.09 55.02 -37.72
CA ASN C 604 -15.44 56.04 -38.70
C ASN C 604 -14.28 57.00 -38.92
N ARG C 605 -13.64 57.44 -37.84
CA ARG C 605 -12.59 58.46 -37.95
C ARG C 605 -11.36 57.90 -38.66
N VAL C 606 -10.92 56.70 -38.31
CA VAL C 606 -9.73 56.12 -38.92
C VAL C 606 -10.02 55.69 -40.34
N ALA C 607 -11.29 55.56 -40.71
CA ALA C 607 -11.60 55.30 -42.11
C ALA C 607 -11.69 56.59 -42.91
N LYS C 608 -12.15 57.68 -42.27
CA LYS C 608 -12.36 58.92 -43.01
C LYS C 608 -11.10 59.77 -43.08
N ILE C 609 -10.58 60.20 -41.93
CA ILE C 609 -9.39 61.05 -41.91
C ILE C 609 -8.10 60.23 -41.99
N SER C 610 -8.16 58.92 -41.80
CA SER C 610 -7.00 58.06 -41.94
C SER C 610 -7.31 57.00 -42.98
N LYS C 611 -6.26 56.29 -43.40
CA LYS C 611 -6.38 55.22 -44.39
C LYS C 611 -5.78 53.96 -43.79
N SER C 612 -6.63 53.18 -43.12
CA SER C 612 -6.20 51.95 -42.46
C SER C 612 -7.21 50.84 -42.72
N ARG C 613 -6.71 49.61 -42.74
CA ARG C 613 -7.55 48.42 -42.88
C ARG C 613 -7.54 47.55 -41.64
N GLU C 614 -6.36 47.24 -41.11
CA GLU C 614 -6.28 46.35 -39.96
C GLU C 614 -6.87 47.00 -38.71
N TYR C 615 -6.74 48.32 -38.59
CA TYR C 615 -7.33 49.00 -37.44
C TYR C 615 -8.86 48.98 -37.52
N CYS C 616 -9.41 49.23 -38.71
CA CYS C 616 -10.85 49.12 -38.89
C CYS C 616 -11.33 47.71 -38.63
N PHE C 617 -10.59 46.72 -39.12
CA PHE C 617 -10.96 45.32 -38.89
C PHE C 617 -10.95 44.99 -37.40
N LEU C 618 -9.90 45.40 -36.69
CA LEU C 618 -9.80 45.10 -35.27
C LEU C 618 -10.89 45.82 -34.48
N LEU C 619 -11.21 47.06 -34.87
CA LEU C 619 -12.24 47.81 -34.17
C LEU C 619 -13.62 47.18 -34.37
N ILE C 620 -13.94 46.79 -35.60
CA ILE C 620 -15.24 46.19 -35.86
C ILE C 620 -15.31 44.80 -35.24
N SER C 621 -14.18 44.09 -35.16
CA SER C 621 -14.16 42.80 -34.48
C SER C 621 -14.33 42.97 -32.97
N THR C 622 -13.77 44.04 -32.41
CA THR C 622 -13.99 44.33 -31.00
C THR C 622 -15.45 44.69 -30.73
N ILE C 623 -16.07 45.44 -31.64
CA ILE C 623 -17.50 45.73 -31.52
C ILE C 623 -18.30 44.43 -31.55
N TYR C 624 -17.97 43.55 -32.49
CA TYR C 624 -18.62 42.23 -32.56
C TYR C 624 -18.44 41.45 -31.27
N SER C 625 -17.23 41.45 -30.71
CA SER C 625 -16.96 40.67 -29.50
C SER C 625 -17.70 41.25 -28.29
N LEU C 626 -17.77 42.58 -28.19
CA LEU C 626 -18.49 43.19 -27.08
C LEU C 626 -20.00 42.96 -27.21
N PHE C 627 -20.51 42.94 -28.44
CA PHE C 627 -21.92 42.58 -28.63
C PHE C 627 -22.18 41.13 -28.27
N ASN C 628 -21.24 40.24 -28.61
CA ASN C 628 -21.39 38.83 -28.30
C ASN C 628 -21.33 38.57 -26.80
N ASN C 629 -20.40 39.23 -26.10
CA ASN C 629 -20.26 39.06 -24.66
C ASN C 629 -21.49 39.54 -23.90
N ASN C 630 -22.33 40.35 -24.53
CA ASN C 630 -23.56 40.83 -23.93
C ASN C 630 -24.78 40.04 -24.35
N ASN C 631 -24.85 39.60 -25.61
CA ASN C 631 -25.91 38.71 -26.02
C ASN C 631 -25.78 37.32 -25.40
N GLN C 632 -24.61 36.99 -24.85
CA GLN C 632 -24.46 35.79 -24.04
C GLN C 632 -25.09 35.95 -22.66
N ASN C 633 -25.31 37.18 -22.21
CA ASN C 633 -25.91 37.44 -20.91
C ASN C 633 -27.32 37.99 -21.01
N GLU C 634 -27.69 38.60 -22.15
CA GLU C 634 -29.02 39.15 -22.40
C GLU C 634 -29.38 40.28 -21.43
N ASN C 635 -28.43 40.72 -20.61
CA ASN C 635 -28.70 41.80 -19.67
C ASN C 635 -27.64 42.90 -19.65
N VAL C 636 -26.42 42.63 -20.11
CA VAL C 636 -25.40 43.67 -20.17
C VAL C 636 -25.83 44.75 -21.16
N LEU C 637 -26.33 44.34 -22.31
CA LEU C 637 -27.15 45.19 -23.17
C LEU C 637 -28.56 44.60 -23.21
N ASN C 638 -29.49 45.27 -22.53
CA ASN C 638 -30.87 44.83 -22.52
C ASN C 638 -31.49 45.03 -23.91
N GLU C 639 -32.77 44.67 -24.01
CA GLU C 639 -33.47 44.83 -25.28
C GLU C 639 -33.49 46.30 -25.70
N GLU C 640 -33.95 47.18 -24.79
CA GLU C 640 -33.98 48.60 -25.09
C GLU C 640 -32.57 49.19 -25.11
N ASP C 641 -31.66 48.68 -24.27
CA ASP C 641 -30.28 49.14 -24.31
C ASP C 641 -29.62 48.80 -25.64
N ALA C 642 -29.84 47.57 -26.11
CA ALA C 642 -29.30 47.20 -27.42
C ALA C 642 -29.96 48.00 -28.53
N LEU C 643 -31.25 48.32 -28.38
CA LEU C 643 -31.91 49.16 -29.38
C LEU C 643 -31.29 50.55 -29.43
N ALA C 644 -31.04 51.15 -28.26
CA ALA C 644 -30.44 52.48 -28.23
C ALA C 644 -29.02 52.46 -28.79
N LEU C 645 -28.24 51.44 -28.44
CA LEU C 645 -26.88 51.37 -28.94
C LEU C 645 -26.88 51.11 -30.45
N LYS C 646 -27.86 50.34 -30.94
CA LYS C 646 -28.05 50.18 -32.38
C LYS C 646 -28.37 51.50 -33.05
N ASN C 647 -29.29 52.27 -32.47
CA ASN C 647 -29.63 53.57 -33.06
C ASN C 647 -28.43 54.51 -33.04
N ALA C 648 -27.52 54.30 -32.09
CA ALA C 648 -26.28 55.08 -32.07
C ALA C 648 -25.28 54.64 -33.13
N ILE C 649 -25.12 53.32 -33.33
CA ILE C 649 -24.00 52.80 -34.11
C ILE C 649 -24.36 52.64 -35.58
N GLU C 650 -25.64 52.43 -35.87
CA GLU C 650 -26.07 52.10 -37.23
C GLU C 650 -25.90 53.26 -38.20
N PRO C 651 -26.33 54.49 -37.90
CA PRO C 651 -25.98 55.60 -38.79
C PRO C 651 -24.48 55.78 -38.90
N LYS C 652 -23.75 55.58 -37.80
CA LYS C 652 -22.29 55.56 -37.82
C LYS C 652 -21.73 54.42 -38.64
N LEU C 653 -22.55 53.41 -38.96
CA LEU C 653 -22.12 52.31 -39.80
C LEU C 653 -22.43 52.54 -41.27
N PHE C 654 -23.58 53.12 -41.60
CA PHE C 654 -23.83 53.51 -43.00
C PHE C 654 -22.96 54.69 -43.44
N GLU C 655 -22.58 55.58 -42.51
CA GLU C 655 -21.74 56.70 -42.93
C GLU C 655 -20.33 56.24 -43.23
N ILE C 656 -19.92 55.11 -42.64
CA ILE C 656 -18.63 54.52 -42.99
C ILE C 656 -18.79 53.50 -44.13
N ILE C 657 -20.02 53.04 -44.38
CA ILE C 657 -20.31 52.32 -45.61
C ILE C 657 -20.10 53.24 -46.82
N THR C 658 -20.60 54.48 -46.72
CA THR C 658 -20.52 55.39 -47.85
C THR C 658 -19.08 55.67 -48.26
N GLN C 659 -18.21 55.95 -47.29
CA GLN C 659 -16.80 56.14 -47.59
C GLN C 659 -16.12 54.78 -47.75
N GLU C 660 -15.07 54.75 -48.58
CA GLU C 660 -14.49 53.48 -48.99
C GLU C 660 -14.02 52.66 -47.79
N SER C 661 -13.39 53.32 -46.83
CA SER C 661 -13.10 52.74 -45.50
C SER C 661 -12.32 51.43 -45.66
N ALA C 662 -12.52 50.52 -44.71
CA ALA C 662 -12.02 49.16 -44.81
C ALA C 662 -13.12 48.14 -44.60
N ILE C 663 -14.35 48.58 -44.35
CA ILE C 663 -15.48 47.68 -44.26
C ILE C 663 -16.14 47.46 -45.63
N VAL C 664 -15.98 48.43 -46.54
CA VAL C 664 -16.43 48.21 -47.91
C VAL C 664 -15.26 47.74 -48.77
N SER C 665 -14.07 48.28 -48.51
CA SER C 665 -12.87 47.81 -49.20
C SER C 665 -12.56 46.35 -48.89
N ASP C 666 -12.71 45.93 -47.63
CA ASP C 666 -12.55 44.55 -47.22
C ASP C 666 -13.92 43.95 -46.92
N ASN C 667 -14.25 42.86 -47.60
CA ASN C 667 -15.53 42.22 -47.37
C ASN C 667 -15.57 41.48 -46.04
N TYR C 668 -14.39 41.20 -45.46
CA TYR C 668 -14.35 40.57 -44.15
C TYR C 668 -14.86 41.52 -43.08
N ASN C 669 -14.48 42.79 -43.16
CA ASN C 669 -15.02 43.77 -42.22
C ASN C 669 -16.50 44.01 -42.48
N LEU C 670 -16.94 43.84 -43.73
CA LEU C 670 -18.37 43.89 -44.01
C LEU C 670 -19.10 42.72 -43.36
N THR C 671 -18.48 41.54 -43.34
CA THR C 671 -19.08 40.40 -42.65
C THR C 671 -19.10 40.63 -41.14
N LEU C 672 -18.06 41.29 -40.62
CA LEU C 672 -18.07 41.65 -39.20
C LEU C 672 -19.20 42.64 -38.90
N LEU C 673 -19.42 43.60 -39.81
CA LEU C 673 -20.56 44.51 -39.67
C LEU C 673 -21.87 43.75 -39.72
N SER C 674 -21.96 42.75 -40.59
CA SER C 674 -23.16 41.91 -40.66
C SER C 674 -23.39 41.18 -39.35
N ASN C 675 -22.32 40.66 -38.75
CA ASN C 675 -22.43 40.00 -37.45
C ASN C 675 -22.87 40.98 -36.37
N VAL C 676 -22.32 42.21 -36.41
CA VAL C 676 -22.72 43.22 -35.43
C VAL C 676 -24.19 43.57 -35.57
N LEU C 677 -24.66 43.72 -36.82
CA LEU C 677 -26.06 44.02 -37.05
C LEU C 677 -26.95 42.86 -36.61
N PHE C 678 -26.52 41.63 -36.89
CA PHE C 678 -27.29 40.46 -36.46
C PHE C 678 -27.39 40.39 -34.95
N PHE C 679 -26.30 40.72 -34.24
CA PHE C 679 -26.32 40.67 -32.79
C PHE C 679 -27.16 41.81 -32.21
N THR C 680 -27.06 43.01 -32.77
CA THR C 680 -27.81 44.14 -32.23
C THR C 680 -29.29 44.10 -32.60
N ASN C 681 -29.65 43.43 -33.70
CA ASN C 681 -31.05 43.20 -34.01
C ASN C 681 -31.59 41.93 -33.36
N LEU C 682 -30.70 41.05 -32.91
CA LEU C 682 -31.13 39.89 -32.13
C LEU C 682 -31.68 40.33 -30.78
N LYS C 683 -31.11 41.38 -30.22
CA LYS C 683 -31.64 42.01 -29.00
C LYS C 683 -32.40 43.27 -29.42
N ILE C 684 -33.58 43.07 -30.00
CA ILE C 684 -34.48 44.17 -30.36
C ILE C 684 -35.88 43.80 -29.88
N PRO C 685 -36.61 44.70 -29.25
CA PRO C 685 -38.00 44.40 -28.88
C PRO C 685 -38.85 44.13 -30.12
N GLN C 686 -39.75 43.15 -29.99
CA GLN C 686 -40.56 42.74 -31.13
C GLN C 686 -41.46 43.85 -31.64
N ALA C 687 -42.05 44.65 -30.74
CA ALA C 687 -42.84 45.79 -31.17
C ALA C 687 -42.02 46.79 -31.99
N ALA C 688 -40.72 46.86 -31.76
CA ALA C 688 -39.82 47.69 -32.55
C ALA C 688 -39.18 46.94 -33.71
N HIS C 689 -39.31 45.61 -33.74
CA HIS C 689 -38.80 44.85 -34.89
C HIS C 689 -39.54 45.23 -36.15
N GLN C 690 -40.87 45.16 -36.12
CA GLN C 690 -41.69 45.21 -37.32
C GLN C 690 -41.34 46.41 -38.20
N GLU C 691 -41.50 47.61 -37.66
CA GLU C 691 -41.16 48.82 -38.42
C GLU C 691 -39.75 48.73 -38.97
N GLU C 692 -38.78 48.40 -38.12
CA GLU C 692 -37.42 48.20 -38.59
C GLU C 692 -37.40 47.17 -39.71
N LEU C 693 -37.99 46.00 -39.48
CA LEU C 693 -38.16 45.03 -40.54
C LEU C 693 -38.81 45.67 -41.76
N ASP C 694 -39.93 46.36 -41.56
CA ASP C 694 -40.56 47.07 -42.66
C ASP C 694 -39.57 48.00 -43.34
N ARG C 695 -38.84 48.80 -42.54
CA ARG C 695 -37.82 49.66 -43.11
C ARG C 695 -36.86 48.85 -43.97
N TYR C 696 -36.32 47.76 -43.40
CA TYR C 696 -35.48 46.88 -44.19
C TYR C 696 -36.26 46.30 -45.36
N ASN C 697 -37.49 45.85 -45.10
CA ASN C 697 -38.33 45.31 -46.16
C ASN C 697 -38.60 46.38 -47.21
N GLU C 698 -38.48 47.66 -46.84
CA GLU C 698 -38.61 48.72 -47.84
C GLU C 698 -37.26 49.13 -48.39
N LEU C 699 -36.20 49.02 -47.58
CA LEU C 699 -34.90 49.54 -47.99
C LEU C 699 -34.20 48.60 -48.96
N PHE C 700 -34.43 47.29 -48.81
CA PHE C 700 -33.67 46.32 -49.59
C PHE C 700 -34.46 45.75 -50.75
N ILE C 701 -35.79 45.70 -50.63
CA ILE C 701 -36.61 44.96 -51.57
C ILE C 701 -37.47 45.90 -52.40
N SER C 702 -38.33 46.66 -51.73
CA SER C 702 -39.32 47.47 -52.44
C SER C 702 -38.69 48.70 -53.08
N GLU C 703 -37.95 49.48 -52.29
CA GLU C 703 -37.42 50.75 -52.75
C GLU C 703 -36.03 50.97 -52.16
N GLY C 704 -35.52 52.19 -52.33
CA GLY C 704 -34.23 52.56 -51.79
C GLY C 704 -33.16 52.58 -52.87
N LYS C 705 -32.04 53.25 -52.54
CA LYS C 705 -30.89 53.26 -53.44
C LYS C 705 -30.34 51.86 -53.64
N ILE C 706 -30.14 51.12 -52.56
CA ILE C 706 -29.66 49.75 -52.66
C ILE C 706 -30.81 48.83 -53.03
N ARG C 707 -30.62 48.04 -54.08
CA ARG C 707 -31.63 47.12 -54.59
C ARG C 707 -30.98 45.75 -54.76
N ILE C 708 -31.20 44.87 -53.79
CA ILE C 708 -30.64 43.52 -53.88
C ILE C 708 -31.33 42.70 -54.94
N LEU C 709 -32.53 43.09 -55.37
CA LEU C 709 -33.29 42.34 -56.35
C LEU C 709 -32.96 42.73 -57.78
N ASP C 710 -32.17 43.78 -57.98
CA ASP C 710 -31.86 44.28 -59.31
C ASP C 710 -30.37 44.24 -59.64
N THR C 711 -29.51 44.65 -58.72
CA THR C 711 -28.08 44.71 -58.95
C THR C 711 -27.37 44.03 -57.79
N PRO C 712 -26.45 43.10 -58.06
CA PRO C 712 -25.71 42.47 -56.96
C PRO C 712 -24.84 43.48 -56.23
N ASN C 713 -24.77 43.32 -54.91
CA ASN C 713 -23.97 44.21 -54.07
C ASN C 713 -23.51 43.44 -52.85
N VAL C 714 -22.32 43.80 -52.36
CA VAL C 714 -21.73 43.08 -51.24
C VAL C 714 -22.55 43.29 -49.96
N LEU C 715 -23.05 44.51 -49.74
CA LEU C 715 -23.76 44.81 -48.51
C LEU C 715 -24.99 43.93 -48.33
N ALA C 716 -25.46 43.31 -49.42
CA ALA C 716 -26.59 42.38 -49.34
C ALA C 716 -26.35 41.30 -48.30
N ILE C 717 -25.09 40.88 -48.12
CA ILE C 717 -24.80 39.85 -47.13
C ILE C 717 -25.29 40.27 -45.75
N SER C 718 -25.08 41.55 -45.40
CA SER C 718 -25.54 42.05 -44.12
C SER C 718 -27.05 41.87 -43.99
N TYR C 719 -27.79 42.15 -45.08
CA TYR C 719 -29.24 42.01 -45.03
C TYR C 719 -29.65 40.60 -44.64
N ALA C 720 -28.86 39.60 -45.05
CA ALA C 720 -29.15 38.23 -44.62
C ALA C 720 -29.12 38.15 -43.09
N LYS C 721 -28.02 38.60 -42.49
CA LYS C 721 -27.94 38.65 -41.04
C LYS C 721 -29.01 39.58 -40.46
N ILE C 722 -29.50 40.52 -41.28
CA ILE C 722 -30.61 41.36 -40.85
C ILE C 722 -31.89 40.56 -40.75
N LEU C 723 -32.17 39.73 -41.77
CA LEU C 723 -33.44 39.03 -41.80
C LEU C 723 -33.53 37.92 -40.76
N SER C 724 -32.43 37.21 -40.52
CA SER C 724 -32.42 36.22 -39.44
C SER C 724 -32.48 36.85 -38.07
N ALA C 725 -32.10 38.12 -37.93
CA ALA C 725 -32.16 38.82 -36.66
C ALA C 725 -33.45 39.61 -36.47
N LEU C 726 -34.05 40.11 -37.54
CA LEU C 726 -35.36 40.72 -37.44
C LEU C 726 -36.43 39.65 -37.19
N ASN C 727 -37.59 40.10 -36.75
CA ASN C 727 -38.61 39.17 -36.25
C ASN C 727 -39.20 38.35 -37.39
N LYS C 728 -39.59 37.11 -37.06
CA LYS C 728 -40.25 36.25 -38.05
C LYS C 728 -41.76 36.40 -37.97
N ASN C 729 -42.33 36.23 -36.78
CA ASN C 729 -43.79 36.28 -36.62
C ASN C 729 -44.27 37.73 -36.51
N CYS C 730 -43.79 38.52 -37.46
CA CYS C 730 -44.26 39.87 -37.71
C CYS C 730 -44.47 40.04 -39.21
N GLN C 731 -45.30 41.03 -39.56
CA GLN C 731 -45.73 41.22 -40.95
C GLN C 731 -44.52 41.53 -41.82
N PHE C 732 -44.12 40.55 -42.63
CA PHE C 732 -43.05 40.68 -43.60
C PHE C 732 -43.64 40.31 -44.95
N PRO C 733 -44.47 41.19 -45.53
CA PRO C 733 -45.23 40.81 -46.73
C PRO C 733 -44.37 40.45 -47.92
N GLN C 734 -43.22 41.11 -48.09
CA GLN C 734 -42.34 40.88 -49.23
C GLN C 734 -41.23 39.91 -48.82
N LYS C 735 -41.58 38.62 -48.78
CA LYS C 735 -40.64 37.54 -48.54
C LYS C 735 -40.49 36.61 -49.73
N PHE C 736 -41.59 36.25 -50.38
CA PHE C 736 -41.51 35.42 -51.57
C PHE C 736 -40.92 36.19 -52.74
N THR C 737 -41.27 37.48 -52.86
CA THR C 737 -40.78 38.28 -53.98
C THR C 737 -39.28 38.52 -53.89
N VAL C 738 -38.75 38.69 -52.67
CA VAL C 738 -37.30 38.87 -52.54
C VAL C 738 -36.58 37.56 -52.83
N LEU C 739 -37.18 36.43 -52.46
CA LEU C 739 -36.61 35.13 -52.79
C LEU C 739 -36.53 34.95 -54.31
N PHE C 740 -37.63 35.26 -55.00
CA PHE C 740 -37.63 35.15 -56.46
C PHE C 740 -36.64 36.13 -57.09
N GLY C 741 -36.55 37.34 -56.53
CA GLY C 741 -35.63 38.32 -57.08
C GLY C 741 -34.18 37.93 -56.93
N THR C 742 -33.81 37.40 -55.75
CA THR C 742 -32.43 36.96 -55.57
C THR C 742 -32.14 35.71 -56.40
N VAL C 743 -33.14 34.86 -56.61
CA VAL C 743 -32.95 33.73 -57.52
C VAL C 743 -32.67 34.24 -58.94
N GLN C 744 -33.45 35.22 -59.40
CA GLN C 744 -33.26 35.78 -60.73
C GLN C 744 -31.91 36.46 -60.86
N LEU C 745 -31.49 37.19 -59.82
CA LEU C 745 -30.20 37.87 -59.85
C LEU C 745 -29.06 36.87 -59.86
N LEU C 746 -29.19 35.76 -59.11
CA LEU C 746 -28.18 34.73 -59.12
C LEU C 746 -28.12 34.05 -60.48
N LYS C 747 -29.27 33.89 -61.14
CA LYS C 747 -29.29 33.27 -62.47
C LYS C 747 -28.67 34.18 -63.52
N LYS C 748 -28.92 35.49 -63.42
CA LYS C 748 -28.50 36.41 -64.48
C LYS C 748 -27.11 36.96 -64.22
N HIS C 749 -26.89 37.52 -63.03
CA HIS C 749 -25.69 38.29 -62.73
C HIS C 749 -24.53 37.43 -62.25
N ALA C 750 -24.67 36.10 -62.29
CA ALA C 750 -23.65 35.22 -61.71
C ALA C 750 -22.24 35.51 -62.19
N PRO C 751 -21.97 35.72 -63.49
CA PRO C 751 -20.59 36.07 -63.88
C PRO C 751 -20.10 37.36 -63.26
N ARG C 752 -20.96 38.36 -63.09
CA ARG C 752 -20.55 39.64 -62.50
C ARG C 752 -20.75 39.69 -61.01
N MET C 753 -21.41 38.70 -60.42
CA MET C 753 -21.48 38.59 -58.98
C MET C 753 -20.13 38.22 -58.40
N THR C 754 -19.67 38.99 -57.43
CA THR C 754 -18.44 38.65 -56.74
C THR C 754 -18.73 37.56 -55.69
N GLU C 755 -17.67 37.07 -55.06
CA GLU C 755 -17.82 36.01 -54.07
C GLU C 755 -18.66 36.48 -52.88
N THR C 756 -18.41 37.68 -52.37
CA THR C 756 -19.17 38.18 -51.23
C THR C 756 -20.63 38.38 -51.59
N GLU C 757 -20.90 38.95 -52.77
CA GLU C 757 -22.28 39.15 -53.19
C GLU C 757 -23.01 37.82 -53.33
N LYS C 758 -22.39 36.84 -54.00
CA LYS C 758 -23.05 35.56 -54.22
C LYS C 758 -23.27 34.82 -52.90
N LEU C 759 -22.28 34.84 -52.02
CA LEU C 759 -22.44 34.18 -50.72
C LEU C 759 -23.54 34.86 -49.90
N GLY C 760 -23.61 36.19 -49.95
CA GLY C 760 -24.66 36.89 -49.24
C GLY C 760 -26.04 36.57 -49.77
N TYR C 761 -26.17 36.47 -51.10
CA TYR C 761 -27.48 36.16 -51.69
C TYR C 761 -27.87 34.72 -51.40
N LEU C 762 -26.89 33.80 -51.37
CA LEU C 762 -27.19 32.43 -50.98
C LEU C 762 -27.63 32.34 -49.52
N GLU C 763 -26.97 33.08 -48.64
CA GLU C 763 -27.39 33.12 -47.25
C GLU C 763 -28.78 33.73 -47.12
N LEU C 764 -29.08 34.73 -47.96
CA LEU C 764 -30.43 35.30 -47.98
C LEU C 764 -31.46 34.27 -48.43
N LEU C 765 -31.13 33.50 -49.47
CA LEU C 765 -31.98 32.39 -49.88
C LEU C 765 -32.27 31.46 -48.71
N LEU C 766 -31.22 31.06 -48.00
CA LEU C 766 -31.38 30.15 -46.87
C LEU C 766 -32.23 30.77 -45.78
N VAL C 767 -32.03 32.07 -45.51
CA VAL C 767 -32.77 32.75 -44.45
C VAL C 767 -34.26 32.80 -44.77
N LEU C 768 -34.59 33.16 -46.02
CA LEU C 768 -35.99 33.13 -46.42
C LEU C 768 -36.56 31.72 -46.32
N SER C 769 -35.80 30.73 -46.80
CA SER C 769 -36.30 29.35 -46.83
C SER C 769 -36.60 28.83 -45.43
N ASN C 770 -35.75 29.16 -44.46
CA ASN C 770 -35.91 28.64 -43.11
C ASN C 770 -36.75 29.53 -42.20
N LYS C 771 -36.95 30.80 -42.56
CA LYS C 771 -37.60 31.76 -41.68
C LYS C 771 -38.91 32.30 -42.24
N PHE C 772 -38.89 32.95 -43.40
CA PHE C 772 -40.02 33.74 -43.87
C PHE C 772 -40.87 33.00 -44.89
N VAL C 773 -40.31 32.59 -46.02
CA VAL C 773 -41.11 31.92 -47.02
C VAL C 773 -41.42 30.50 -46.56
N SER C 774 -42.64 30.06 -46.81
CA SER C 774 -43.03 28.71 -46.47
C SER C 774 -42.51 27.73 -47.52
N GLU C 775 -42.75 26.44 -47.26
CA GLU C 775 -42.24 25.41 -48.16
C GLU C 775 -42.91 25.46 -49.53
N LYS C 776 -44.12 26.02 -49.60
CA LYS C 776 -44.84 26.06 -50.87
C LYS C 776 -44.12 26.97 -51.88
N ASP C 777 -43.54 28.07 -51.40
CA ASP C 777 -42.80 28.96 -52.29
C ASP C 777 -41.58 28.24 -52.87
N VAL C 778 -40.86 27.50 -52.03
CA VAL C 778 -39.67 26.78 -52.49
C VAL C 778 -40.07 25.70 -53.50
N ILE C 779 -41.09 24.92 -53.17
CA ILE C 779 -41.47 23.83 -54.07
C ILE C 779 -42.06 24.37 -55.37
N GLY C 780 -42.65 25.56 -55.34
CA GLY C 780 -43.10 26.19 -56.57
C GLY C 780 -41.97 26.81 -57.36
N LEU C 781 -40.79 26.97 -56.74
CA LEU C 781 -39.63 27.53 -57.41
C LEU C 781 -38.75 26.46 -58.06
N PHE C 782 -39.13 25.19 -57.96
CA PHE C 782 -38.32 24.09 -58.46
C PHE C 782 -38.28 24.08 -59.98
N ASP C 783 -37.09 23.89 -60.54
CA ASP C 783 -36.92 23.70 -61.98
C ASP C 783 -35.70 22.82 -62.20
N TRP C 784 -35.94 21.53 -62.41
CA TRP C 784 -34.90 20.54 -62.65
C TRP C 784 -34.62 20.32 -64.14
N LYS C 785 -35.30 21.04 -65.02
CA LYS C 785 -35.07 20.85 -66.46
C LYS C 785 -33.70 21.38 -66.87
N ASP C 786 -33.29 22.52 -66.33
CA ASP C 786 -31.99 23.11 -66.64
C ASP C 786 -30.95 22.57 -65.67
N LEU C 787 -29.95 21.89 -66.20
CA LEU C 787 -28.88 21.31 -65.40
C LEU C 787 -27.71 22.28 -65.27
N SER C 788 -28.04 23.52 -64.88
CA SER C 788 -27.05 24.58 -64.78
C SER C 788 -26.51 24.70 -63.36
N VAL C 789 -25.34 25.32 -63.24
CA VAL C 789 -24.69 25.46 -61.94
C VAL C 789 -25.54 26.32 -61.01
N ILE C 790 -26.06 27.44 -61.53
CA ILE C 790 -26.84 28.35 -60.70
C ILE C 790 -28.13 27.69 -60.22
N ASN C 791 -28.78 26.93 -61.11
CA ASN C 791 -30.00 26.23 -60.71
C ASN C 791 -29.72 25.25 -59.58
N LEU C 792 -28.61 24.51 -59.68
CA LEU C 792 -28.25 23.59 -58.61
C LEU C 792 -27.94 24.33 -57.33
N GLU C 793 -27.24 25.46 -57.41
CA GLU C 793 -26.99 26.26 -56.21
C GLU C 793 -28.29 26.67 -55.54
N VAL C 794 -29.25 27.17 -56.33
CA VAL C 794 -30.51 27.63 -55.77
C VAL C 794 -31.26 26.48 -55.12
N MET C 795 -31.42 25.38 -55.84
CA MET C 795 -32.18 24.26 -55.30
C MET C 795 -31.50 23.67 -54.07
N VAL C 796 -30.17 23.58 -54.07
CA VAL C 796 -29.47 23.02 -52.92
C VAL C 796 -29.61 23.93 -51.72
N TRP C 797 -29.43 25.24 -51.90
CA TRP C 797 -29.49 26.14 -50.75
C TRP C 797 -30.92 26.37 -50.24
N LEU C 798 -31.93 26.12 -51.07
CA LEU C 798 -33.30 26.16 -50.56
C LEU C 798 -33.68 24.85 -49.87
N THR C 799 -33.43 23.72 -50.52
CA THR C 799 -33.73 22.44 -49.91
C THR C 799 -32.83 22.16 -48.71
N LYS C 800 -31.77 22.95 -48.53
CA LYS C 800 -31.01 22.88 -47.29
C LYS C 800 -31.83 23.39 -46.12
N GLY C 801 -32.50 24.54 -46.29
CA GLY C 801 -33.43 24.99 -45.27
C GLY C 801 -34.62 24.07 -45.14
N LEU C 802 -35.06 23.47 -46.26
CA LEU C 802 -36.11 22.46 -46.20
C LEU C 802 -35.72 21.26 -45.35
N ILE C 803 -34.49 20.76 -45.52
CA ILE C 803 -33.97 19.72 -44.65
C ILE C 803 -33.89 20.21 -43.23
N MET C 804 -33.42 21.45 -43.05
CA MET C 804 -33.40 22.08 -41.74
C MET C 804 -34.82 22.21 -41.20
N GLN C 805 -35.82 22.17 -42.08
CA GLN C 805 -37.22 22.16 -41.71
C GLN C 805 -37.79 20.75 -41.58
N ASN C 806 -37.08 19.72 -42.06
CA ASN C 806 -37.46 18.33 -41.85
C ASN C 806 -38.81 17.98 -42.48
N SER C 807 -38.85 18.02 -43.81
CA SER C 807 -40.07 17.66 -44.53
C SER C 807 -39.81 16.55 -45.55
N LEU C 808 -40.90 16.07 -46.18
CA LEU C 808 -40.78 15.09 -47.25
C LEU C 808 -39.96 15.63 -48.42
N GLU C 809 -40.38 16.77 -48.97
CA GLU C 809 -39.72 17.31 -50.15
C GLU C 809 -38.22 17.27 -50.02
N SER C 810 -37.68 17.94 -49.00
CA SER C 810 -36.24 17.92 -48.74
C SER C 810 -35.69 16.51 -48.72
N SER C 811 -36.37 15.58 -48.06
CA SER C 811 -35.90 14.21 -48.01
C SER C 811 -36.06 13.50 -49.35
N GLU C 812 -37.16 13.79 -50.07
CA GLU C 812 -37.37 13.25 -51.41
C GLU C 812 -36.49 13.94 -52.45
N ILE C 813 -36.38 15.26 -52.38
CA ILE C 813 -35.41 15.98 -53.21
C ILE C 813 -34.01 15.45 -52.98
N ALA C 814 -33.71 15.01 -51.76
CA ALA C 814 -32.41 14.37 -51.51
C ALA C 814 -32.22 13.15 -52.39
N LYS C 815 -33.21 12.26 -52.46
CA LYS C 815 -33.12 11.12 -53.37
C LYS C 815 -33.00 11.58 -54.81
N LYS C 816 -33.76 12.62 -55.17
CA LYS C 816 -33.62 13.17 -56.52
C LYS C 816 -32.19 13.56 -56.79
N PHE C 817 -31.55 14.22 -55.82
CA PHE C 817 -30.16 14.65 -55.97
C PHE C 817 -29.26 13.45 -56.12
N ILE C 818 -29.49 12.40 -55.33
CA ILE C 818 -28.70 11.18 -55.47
C ILE C 818 -28.78 10.68 -56.90
N ASP C 819 -30.00 10.60 -57.44
CA ASP C 819 -30.18 10.10 -58.80
C ASP C 819 -29.45 10.99 -59.80
N LEU C 820 -29.61 12.30 -59.64
CA LEU C 820 -28.98 13.23 -60.58
C LEU C 820 -27.47 13.24 -60.42
N LEU C 821 -26.98 12.74 -59.29
CA LEU C 821 -25.54 12.67 -59.06
C LEU C 821 -24.92 11.50 -59.81
N SER C 822 -25.73 10.58 -60.33
CA SER C 822 -25.24 9.55 -61.23
C SER C 822 -24.88 10.10 -62.61
N ASN C 823 -25.11 11.39 -62.86
CA ASN C 823 -24.70 11.99 -64.11
C ASN C 823 -23.20 12.21 -64.14
N GLU C 824 -22.63 12.21 -65.35
CA GLU C 824 -21.17 12.25 -65.47
C GLU C 824 -20.61 13.63 -65.15
N GLU C 825 -20.97 14.63 -65.94
CA GLU C 825 -20.41 15.97 -65.78
C GLU C 825 -21.18 16.83 -64.79
N ILE C 826 -22.49 16.61 -64.63
CA ILE C 826 -23.28 17.34 -63.65
C ILE C 826 -23.38 16.62 -62.32
N GLY C 827 -23.35 15.29 -62.32
CA GLY C 827 -23.31 14.56 -61.05
C GLY C 827 -22.05 14.83 -60.27
N SER C 828 -20.95 15.09 -60.97
CA SER C 828 -19.70 15.44 -60.28
C SER C 828 -19.83 16.78 -59.58
N LEU C 829 -20.38 17.78 -60.28
CA LEU C 829 -20.59 19.08 -59.66
C LEU C 829 -21.56 18.98 -58.49
N VAL C 830 -22.62 18.18 -58.65
CA VAL C 830 -23.57 17.99 -57.57
C VAL C 830 -22.90 17.32 -56.38
N SER C 831 -22.02 16.34 -56.64
CA SER C 831 -21.33 15.67 -55.55
C SER C 831 -20.40 16.62 -54.80
N LYS C 832 -19.66 17.45 -55.54
CA LYS C 832 -18.74 18.38 -54.89
C LYS C 832 -19.47 19.51 -54.18
N LEU C 833 -20.70 19.83 -54.62
CA LEU C 833 -21.51 20.85 -53.98
C LEU C 833 -22.43 20.29 -52.91
N PHE C 834 -22.50 18.96 -52.79
CA PHE C 834 -23.48 18.29 -51.95
C PHE C 834 -23.22 18.48 -50.47
N GLU C 835 -22.07 19.04 -50.10
CA GLU C 835 -21.80 19.38 -48.70
C GLU C 835 -22.77 20.40 -48.15
N VAL C 836 -23.32 21.27 -49.02
CA VAL C 836 -24.12 22.40 -48.56
C VAL C 836 -25.29 21.94 -47.72
N PHE C 837 -25.90 20.81 -48.10
CA PHE C 837 -27.11 20.34 -47.42
C PHE C 837 -26.90 20.18 -45.93
N VAL C 838 -25.71 19.73 -45.54
CA VAL C 838 -25.38 19.51 -44.13
C VAL C 838 -24.19 20.42 -43.77
N MET C 839 -24.48 21.51 -43.09
CA MET C 839 -23.48 22.40 -42.50
C MET C 839 -24.11 23.10 -41.31
N ASP C 840 -23.26 23.72 -40.48
CA ASP C 840 -23.75 24.64 -39.47
C ASP C 840 -24.22 25.94 -40.12
N ILE C 841 -25.04 26.69 -39.38
CA ILE C 841 -25.56 27.95 -39.89
C ILE C 841 -24.97 29.17 -39.18
N SER C 842 -24.83 29.13 -37.85
CA SER C 842 -24.33 30.22 -37.02
C SER C 842 -25.22 31.46 -37.06
N SER C 843 -26.32 31.41 -37.82
CA SER C 843 -27.27 32.51 -37.90
C SER C 843 -28.71 32.06 -37.76
N LEU C 844 -29.04 30.83 -38.13
CA LEU C 844 -30.39 30.28 -38.00
C LEU C 844 -30.34 28.95 -37.26
N LYS C 845 -30.32 29.02 -35.93
CA LYS C 845 -30.60 27.90 -35.05
C LYS C 845 -31.44 28.41 -33.89
N LYS C 846 -31.86 27.49 -33.03
CA LYS C 846 -32.65 27.89 -31.86
C LYS C 846 -31.68 28.46 -30.83
N PHE C 847 -31.17 29.66 -31.12
CA PHE C 847 -30.21 30.32 -30.24
C PHE C 847 -30.88 30.68 -28.92
N LYS C 848 -30.08 30.74 -27.85
CA LYS C 848 -30.57 31.23 -26.58
C LYS C 848 -31.07 32.66 -26.71
N GLY C 849 -32.19 32.95 -26.04
CA GLY C 849 -32.85 34.21 -26.25
C GLY C 849 -33.94 34.11 -27.30
N ILE C 850 -33.56 34.37 -28.55
CA ILE C 850 -34.51 34.31 -29.66
C ILE C 850 -35.24 32.98 -29.67
N SER C 851 -36.53 33.04 -29.98
CA SER C 851 -37.35 31.85 -30.24
C SER C 851 -38.05 31.90 -31.58
N TRP C 852 -38.21 33.08 -32.17
CA TRP C 852 -38.77 33.28 -33.50
C TRP C 852 -37.70 33.25 -34.59
N ASN C 853 -36.62 32.51 -34.38
CA ASN C 853 -35.50 32.56 -35.32
C ASN C 853 -35.85 31.91 -36.65
N ASN C 854 -36.43 30.71 -36.61
CA ASN C 854 -36.71 29.95 -37.82
C ASN C 854 -37.61 28.78 -37.47
N ASN C 855 -37.83 27.89 -38.45
CA ASN C 855 -38.42 26.57 -38.21
C ASN C 855 -37.34 25.55 -37.90
N VAL C 856 -36.56 25.76 -36.84
CA VAL C 856 -35.35 25.00 -36.59
C VAL C 856 -35.66 23.55 -36.25
N LYS C 857 -34.93 22.64 -36.90
CA LYS C 857 -34.92 21.22 -36.57
C LYS C 857 -33.48 20.72 -36.50
N ILE C 858 -33.07 20.27 -35.32
CA ILE C 858 -31.69 19.82 -35.13
C ILE C 858 -31.47 18.45 -35.77
N LEU C 859 -32.53 17.68 -35.95
CA LEU C 859 -32.44 16.34 -36.52
C LEU C 859 -32.17 16.32 -38.01
N TYR C 860 -31.95 17.49 -38.62
CA TYR C 860 -31.73 17.51 -40.07
C TYR C 860 -30.49 16.71 -40.45
N LYS C 861 -29.38 16.91 -39.74
CA LYS C 861 -28.13 16.24 -40.08
C LYS C 861 -28.33 14.73 -40.17
N GLN C 862 -28.65 14.10 -39.04
CA GLN C 862 -28.81 12.65 -39.00
C GLN C 862 -29.82 12.18 -40.04
N LYS C 863 -30.97 12.85 -40.11
CA LYS C 863 -31.99 12.44 -41.08
C LYS C 863 -31.43 12.45 -42.49
N PHE C 864 -30.75 13.54 -42.84
CA PHE C 864 -30.19 13.64 -44.17
C PHE C 864 -29.21 12.52 -44.43
N PHE C 865 -28.39 12.19 -43.43
CA PHE C 865 -27.46 11.07 -43.60
C PHE C 865 -28.24 9.79 -43.87
N GLY C 866 -29.28 9.54 -43.07
CA GLY C 866 -30.05 8.31 -43.25
C GLY C 866 -30.76 8.26 -44.58
N ASP C 867 -30.98 9.43 -45.20
CA ASP C 867 -31.64 9.47 -46.49
C ASP C 867 -30.62 9.36 -47.63
N ILE C 868 -29.39 9.76 -47.38
CA ILE C 868 -28.38 9.84 -48.42
C ILE C 868 -27.50 8.60 -48.46
N PHE C 869 -26.81 8.35 -47.34
CA PHE C 869 -25.82 7.27 -47.26
C PHE C 869 -26.24 6.01 -48.01
N GLN C 870 -27.36 5.40 -47.60
CA GLN C 870 -27.72 4.09 -48.12
C GLN C 870 -27.74 4.10 -49.64
N THR C 871 -28.49 5.04 -50.23
CA THR C 871 -28.58 5.05 -51.68
C THR C 871 -27.20 5.27 -52.29
N LEU C 872 -26.44 6.22 -51.74
CA LEU C 872 -25.09 6.46 -52.23
C LEU C 872 -24.27 5.17 -52.27
N VAL C 873 -24.26 4.42 -51.16
CA VAL C 873 -23.37 3.26 -51.11
C VAL C 873 -23.86 2.21 -52.10
N SER C 874 -25.18 2.03 -52.22
CA SER C 874 -25.69 1.08 -53.18
C SER C 874 -25.27 1.46 -54.59
N ASN C 875 -25.28 2.76 -54.87
CA ASN C 875 -24.89 3.23 -56.18
C ASN C 875 -23.39 3.05 -56.40
N TYR C 876 -22.58 3.25 -55.36
CA TYR C 876 -21.13 3.11 -55.53
C TYR C 876 -20.79 1.66 -55.83
N LYS C 877 -21.37 0.73 -55.09
CA LYS C 877 -21.21 -0.69 -55.38
C LYS C 877 -21.86 -1.10 -56.68
N ASN C 878 -22.69 -0.23 -57.27
CA ASN C 878 -23.26 -0.46 -58.60
C ASN C 878 -22.72 0.54 -59.60
N THR C 879 -21.41 0.78 -59.60
CA THR C 879 -20.78 1.76 -60.47
C THR C 879 -19.38 1.29 -60.85
N VAL C 880 -18.87 1.79 -61.98
CA VAL C 880 -17.68 1.24 -62.63
C VAL C 880 -16.54 2.24 -62.70
N ASP C 881 -16.83 3.49 -63.06
CA ASP C 881 -15.81 4.33 -63.69
C ASP C 881 -15.16 5.30 -62.72
N MET C 882 -14.18 6.06 -63.24
CA MET C 882 -13.60 7.18 -62.51
C MET C 882 -14.66 8.11 -61.97
N THR C 883 -15.47 8.68 -62.86
CA THR C 883 -16.27 9.85 -62.55
C THR C 883 -17.35 9.54 -61.54
N ILE C 884 -18.22 8.56 -61.83
CA ILE C 884 -19.43 8.40 -61.03
C ILE C 884 -19.08 7.84 -59.65
N LYS C 885 -18.11 6.93 -59.58
CA LYS C 885 -17.66 6.43 -58.28
C LYS C 885 -16.98 7.54 -57.48
N CYS C 886 -16.18 8.37 -58.13
CA CYS C 886 -15.60 9.51 -57.42
C CYS C 886 -16.68 10.44 -56.90
N ASN C 887 -17.75 10.62 -57.69
CA ASN C 887 -18.88 11.43 -57.25
C ASN C 887 -19.53 10.84 -56.01
N TYR C 888 -19.76 9.53 -56.01
CA TYR C 888 -20.42 8.90 -54.88
C TYR C 888 -19.55 9.02 -53.62
N LEU C 889 -18.25 8.78 -53.77
CA LEU C 889 -17.34 8.93 -52.64
C LEU C 889 -17.34 10.35 -52.11
N THR C 890 -17.22 11.34 -53.00
CA THR C 890 -17.17 12.73 -52.57
C THR C 890 -18.48 13.14 -51.90
N ALA C 891 -19.62 12.70 -52.44
CA ALA C 891 -20.90 13.08 -51.86
C ALA C 891 -21.08 12.49 -50.48
N LEU C 892 -20.85 11.17 -50.34
CA LEU C 892 -21.02 10.55 -49.03
C LEU C 892 -20.03 11.12 -48.02
N SER C 893 -18.82 11.45 -48.48
CA SER C 893 -17.82 12.01 -47.57
C SER C 893 -18.20 13.42 -47.14
N LEU C 894 -18.68 14.25 -48.07
CA LEU C 894 -19.08 15.60 -47.75
C LEU C 894 -20.35 15.62 -46.90
N VAL C 895 -21.12 14.54 -46.90
CA VAL C 895 -22.26 14.45 -46.00
C VAL C 895 -21.82 13.97 -44.62
N LEU C 896 -20.93 12.97 -44.57
CA LEU C 896 -20.48 12.42 -43.30
C LEU C 896 -19.56 13.39 -42.56
N LYS C 897 -18.93 14.32 -43.28
CA LYS C 897 -17.98 15.22 -42.64
C LYS C 897 -18.66 16.17 -41.66
N HIS C 898 -19.87 16.61 -41.97
CA HIS C 898 -20.58 17.54 -41.08
C HIS C 898 -21.44 16.83 -40.05
N THR C 899 -22.00 15.68 -40.39
CA THR C 899 -22.70 14.89 -39.39
C THR C 899 -21.69 14.23 -38.46
N PRO C 900 -21.93 14.26 -37.15
CA PRO C 900 -21.01 13.59 -36.23
C PRO C 900 -20.95 12.10 -36.50
N SER C 901 -19.72 11.57 -36.53
CA SER C 901 -19.51 10.17 -36.90
C SER C 901 -20.07 9.20 -35.87
N GLN C 902 -19.98 9.55 -34.59
CA GLN C 902 -20.49 8.68 -33.52
C GLN C 902 -22.00 8.67 -33.44
N SER C 903 -22.69 9.65 -34.02
CA SER C 903 -24.14 9.70 -34.03
C SER C 903 -24.74 8.88 -35.17
N VAL C 904 -23.93 8.45 -36.12
CA VAL C 904 -24.38 7.65 -37.25
C VAL C 904 -23.69 6.29 -37.12
N GLY C 905 -24.36 5.36 -36.45
CA GLY C 905 -23.79 4.06 -36.15
C GLY C 905 -24.21 2.95 -37.09
N PRO C 906 -25.51 2.77 -37.31
CA PRO C 906 -25.96 1.69 -38.20
C PRO C 906 -25.41 1.79 -39.60
N PHE C 907 -25.11 3.00 -40.07
CA PHE C 907 -24.59 3.21 -41.42
C PHE C 907 -23.11 2.90 -41.54
N ILE C 908 -22.41 2.69 -40.42
CA ILE C 908 -20.95 2.51 -40.46
C ILE C 908 -20.57 1.25 -41.22
N ASN C 909 -21.34 0.17 -41.04
CA ASN C 909 -20.98 -1.11 -41.62
C ASN C 909 -20.95 -1.04 -43.15
N ASP C 910 -22.01 -0.51 -43.76
CA ASP C 910 -22.02 -0.33 -45.20
C ASP C 910 -21.11 0.81 -45.63
N LEU C 911 -20.76 1.70 -44.69
CA LEU C 911 -19.90 2.84 -44.99
C LEU C 911 -18.44 2.45 -45.07
N PHE C 912 -18.07 1.33 -44.45
CA PHE C 912 -16.66 0.93 -44.36
C PHE C 912 -15.96 0.87 -45.72
N PRO C 913 -16.57 0.33 -46.78
CA PRO C 913 -15.90 0.40 -48.09
C PRO C 913 -15.63 1.83 -48.57
N LEU C 914 -16.67 2.67 -48.60
CA LEU C 914 -16.43 4.06 -48.99
C LEU C 914 -15.63 4.80 -47.94
N LEU C 915 -15.70 4.34 -46.69
CA LEU C 915 -14.85 4.90 -45.65
C LEU C 915 -13.38 4.70 -45.97
N LEU C 916 -13.02 3.48 -46.37
CA LEU C 916 -11.65 3.20 -46.79
C LEU C 916 -11.31 3.93 -48.08
N GLN C 917 -12.30 4.11 -48.96
CA GLN C 917 -12.10 4.83 -50.21
C GLN C 917 -11.75 6.29 -49.97
N ALA C 918 -12.39 6.94 -48.99
CA ALA C 918 -12.26 8.38 -48.79
C ALA C 918 -10.93 8.80 -48.20
N LEU C 919 -9.95 7.89 -48.07
CA LEU C 919 -8.69 8.22 -47.43
C LEU C 919 -7.65 8.78 -48.39
N ASP C 920 -7.98 8.97 -49.66
CA ASP C 920 -7.04 9.51 -50.65
C ASP C 920 -7.78 10.47 -51.58
N MET C 921 -7.78 11.75 -51.23
CA MET C 921 -8.38 12.79 -52.05
C MET C 921 -7.90 14.15 -51.52
N PRO C 922 -7.90 15.19 -52.36
CA PRO C 922 -7.18 16.43 -52.00
C PRO C 922 -7.65 17.10 -50.71
N ASP C 923 -8.95 17.20 -50.47
CA ASP C 923 -9.44 18.03 -49.37
C ASP C 923 -9.07 17.43 -48.03
N PRO C 924 -8.30 18.13 -47.19
CA PRO C 924 -8.04 17.61 -45.83
C PRO C 924 -9.30 17.53 -44.98
N GLU C 925 -10.38 18.17 -45.42
CA GLU C 925 -11.64 18.10 -44.66
C GLU C 925 -12.20 16.69 -44.67
N VAL C 926 -12.34 16.09 -45.86
CA VAL C 926 -12.77 14.71 -45.95
C VAL C 926 -11.74 13.79 -45.29
N ARG C 927 -10.46 14.17 -45.36
CA ARG C 927 -9.43 13.37 -44.71
C ARG C 927 -9.66 13.29 -43.21
N VAL C 928 -9.76 14.42 -42.53
CA VAL C 928 -10.03 14.41 -41.09
C VAL C 928 -11.36 13.72 -40.79
N SER C 929 -12.36 13.89 -41.64
CA SER C 929 -13.65 13.26 -41.37
C SER C 929 -13.56 11.74 -41.45
N ALA C 930 -12.91 11.22 -42.50
CA ALA C 930 -12.81 9.77 -42.66
C ALA C 930 -11.88 9.17 -41.62
N LEU C 931 -10.80 9.87 -41.27
CA LEU C 931 -9.94 9.40 -40.18
C LEU C 931 -10.70 9.31 -38.87
N GLU C 932 -11.52 10.32 -38.55
CA GLU C 932 -12.39 10.24 -37.38
C GLU C 932 -13.35 9.06 -37.48
N THR C 933 -13.88 8.80 -38.68
CA THR C 933 -14.87 7.75 -38.82
C THR C 933 -14.23 6.37 -38.69
N LEU C 934 -13.00 6.19 -39.19
CA LEU C 934 -12.30 4.94 -38.92
C LEU C 934 -11.96 4.81 -37.44
N LYS C 935 -11.64 5.93 -36.78
CA LYS C 935 -11.44 5.88 -35.34
C LYS C 935 -12.67 5.31 -34.63
N ASP C 936 -13.84 5.87 -34.92
CA ASP C 936 -15.07 5.41 -34.29
C ASP C 936 -15.38 3.96 -34.69
N THR C 937 -15.14 3.61 -35.95
CA THR C 937 -15.42 2.25 -36.42
C THR C 937 -14.55 1.24 -35.69
N THR C 938 -13.23 1.45 -35.69
CA THR C 938 -12.33 0.52 -35.03
C THR C 938 -12.54 0.52 -33.52
N ASP C 939 -13.07 1.61 -32.96
CA ASP C 939 -13.50 1.56 -31.56
C ASP C 939 -14.70 0.64 -31.39
N LYS C 940 -15.63 0.67 -32.34
CA LYS C 940 -16.82 -0.18 -32.29
C LYS C 940 -16.64 -1.50 -33.04
N HIS C 941 -16.39 -1.43 -34.34
CA HIS C 941 -16.21 -2.61 -35.17
C HIS C 941 -14.77 -3.13 -35.03
N HIS C 942 -14.65 -4.46 -35.02
CA HIS C 942 -13.35 -5.10 -34.99
C HIS C 942 -13.18 -6.17 -36.08
N THR C 943 -14.27 -6.82 -36.50
CA THR C 943 -14.18 -7.77 -37.60
C THR C 943 -13.79 -7.06 -38.90
N LEU C 944 -14.42 -5.91 -39.18
CA LEU C 944 -14.04 -5.13 -40.35
C LEU C 944 -12.58 -4.71 -40.27
N ILE C 945 -12.14 -4.25 -39.09
CA ILE C 945 -10.77 -3.79 -38.92
C ILE C 945 -9.79 -4.94 -39.11
N THR C 946 -10.09 -6.10 -38.52
CA THR C 946 -9.18 -7.23 -38.65
C THR C 946 -9.12 -7.73 -40.09
N GLU C 947 -10.25 -7.73 -40.79
CA GLU C 947 -10.26 -8.22 -42.16
C GLU C 947 -9.69 -7.20 -43.14
N HIS C 948 -9.63 -5.93 -42.75
CA HIS C 948 -9.23 -4.86 -43.65
C HIS C 948 -7.94 -4.17 -43.24
N VAL C 949 -7.25 -4.67 -42.22
CA VAL C 949 -6.01 -4.03 -41.76
C VAL C 949 -4.93 -4.11 -42.83
N SER C 950 -4.80 -5.26 -43.50
CA SER C 950 -3.77 -5.42 -44.53
C SER C 950 -3.97 -4.45 -45.68
N THR C 951 -5.18 -3.91 -45.81
CA THR C 951 -5.50 -2.90 -46.81
C THR C 951 -5.38 -1.48 -46.26
N ILE C 952 -5.79 -1.26 -45.02
CA ILE C 952 -5.82 0.09 -44.47
C ILE C 952 -4.42 0.58 -44.13
N VAL C 953 -3.55 -0.32 -43.65
CA VAL C 953 -2.26 0.12 -43.11
C VAL C 953 -1.42 0.88 -44.11
N PRO C 954 -1.18 0.39 -45.33
CA PRO C 954 -0.36 1.19 -46.27
C PRO C 954 -1.07 2.45 -46.72
N LEU C 955 -2.40 2.47 -46.70
CA LEU C 955 -3.13 3.69 -47.01
C LEU C 955 -2.89 4.75 -45.94
N LEU C 956 -2.93 4.35 -44.66
CA LEU C 956 -2.56 5.27 -43.60
C LEU C 956 -1.10 5.68 -43.69
N LEU C 957 -0.26 4.78 -44.19
CA LEU C 957 1.15 5.13 -44.39
C LEU C 957 1.30 6.23 -45.43
N SER C 958 0.60 6.09 -46.56
CA SER C 958 0.61 7.14 -47.58
C SER C 958 0.01 8.43 -47.06
N LEU C 959 -1.02 8.35 -46.20
CA LEU C 959 -1.54 9.53 -45.52
C LEU C 959 -0.47 10.19 -44.66
N SER C 960 0.34 9.39 -43.97
CA SER C 960 1.37 9.95 -43.09
C SER C 960 2.54 10.51 -43.89
N LEU C 961 2.71 10.08 -45.13
CA LEU C 961 3.77 10.63 -45.96
C LEU C 961 3.49 12.09 -46.30
N PRO C 962 4.52 12.93 -46.35
CA PRO C 962 4.32 14.31 -46.81
C PRO C 962 3.87 14.33 -48.26
N HIS C 963 2.95 15.24 -48.57
CA HIS C 963 2.37 15.28 -49.89
C HIS C 963 1.75 16.66 -50.11
N LYS C 964 1.45 16.96 -51.37
CA LYS C 964 0.75 18.19 -51.70
C LYS C 964 -0.66 18.20 -51.11
N TYR C 965 -1.17 17.05 -50.68
CA TYR C 965 -2.49 16.95 -50.09
C TYR C 965 -2.45 16.55 -48.62
N ASN C 966 -1.31 16.09 -48.11
CA ASN C 966 -1.18 15.69 -46.72
C ASN C 966 -0.64 16.88 -45.92
N SER C 967 -1.54 17.61 -45.26
CA SER C 967 -1.12 18.68 -44.39
C SER C 967 -0.43 18.10 -43.15
N VAL C 968 0.23 18.96 -42.38
CA VAL C 968 0.84 18.49 -41.14
C VAL C 968 -0.22 17.95 -40.19
N SER C 969 -1.39 18.59 -40.15
CA SER C 969 -2.49 18.07 -39.36
C SER C 969 -2.97 16.73 -39.91
N VAL C 970 -3.02 16.59 -41.23
CA VAL C 970 -3.44 15.33 -41.84
C VAL C 970 -2.50 14.21 -41.44
N ARG C 971 -1.19 14.48 -41.46
CA ARG C 971 -0.22 13.47 -41.04
C ARG C 971 -0.36 13.16 -39.56
N LEU C 972 -0.64 14.17 -38.74
CA LEU C 972 -0.87 13.95 -37.33
C LEU C 972 -2.07 13.03 -37.11
N ILE C 973 -3.13 13.23 -37.89
CA ILE C 973 -4.32 12.41 -37.75
C ILE C 973 -4.06 11.00 -38.24
N ALA C 974 -3.25 10.87 -39.29
CA ALA C 974 -2.83 9.54 -39.73
C ALA C 974 -2.05 8.83 -38.63
N LEU C 975 -1.21 9.57 -37.90
CA LEU C 975 -0.54 9.01 -36.73
C LEU C 975 -1.54 8.53 -35.69
N GLN C 976 -2.56 9.36 -35.41
CA GLN C 976 -3.55 8.99 -34.40
C GLN C 976 -4.33 7.75 -34.80
N LEU C 977 -4.74 7.67 -36.07
CA LEU C 977 -5.42 6.47 -36.55
C LEU C 977 -4.49 5.26 -36.55
N LEU C 978 -3.22 5.45 -36.88
CA LEU C 978 -2.28 4.34 -36.81
C LEU C 978 -2.20 3.79 -35.40
N GLU C 979 -2.12 4.69 -34.41
CA GLU C 979 -2.13 4.26 -33.02
C GLU C 979 -3.41 3.53 -32.66
N MET C 980 -4.56 4.08 -33.07
CA MET C 980 -5.83 3.49 -32.69
C MET C 980 -6.03 2.12 -33.31
N ILE C 981 -5.69 1.97 -34.60
CA ILE C 981 -5.84 0.69 -35.27
C ILE C 981 -4.82 -0.31 -34.75
N THR C 982 -3.63 0.14 -34.34
CA THR C 982 -2.67 -0.78 -33.75
C THR C 982 -3.12 -1.23 -32.38
N THR C 983 -3.80 -0.36 -31.64
CA THR C 983 -4.35 -0.76 -30.35
C THR C 983 -5.50 -1.75 -30.52
N VAL C 984 -6.38 -1.52 -31.50
CA VAL C 984 -7.55 -2.36 -31.66
C VAL C 984 -7.17 -3.71 -32.29
N VAL C 985 -6.42 -3.67 -33.38
CA VAL C 985 -6.02 -4.92 -34.04
C VAL C 985 -5.17 -5.74 -33.09
N PRO C 986 -5.39 -7.05 -32.98
CA PRO C 986 -4.54 -7.87 -32.10
C PRO C 986 -3.07 -7.81 -32.51
N LEU C 987 -2.22 -8.35 -31.64
CA LEU C 987 -0.78 -8.24 -31.83
C LEU C 987 -0.31 -9.00 -33.06
N ASN C 988 -1.10 -9.97 -33.52
CA ASN C 988 -0.68 -10.81 -34.64
C ASN C 988 -0.43 -9.98 -35.90
N TYR C 989 -1.41 -9.16 -36.29
CA TYR C 989 -1.22 -8.32 -37.47
C TYR C 989 -0.36 -7.10 -37.16
N CYS C 990 -0.39 -6.63 -35.92
CA CYS C 990 0.34 -5.42 -35.57
C CYS C 990 1.85 -5.67 -35.60
N LEU C 991 2.29 -6.87 -35.23
CA LEU C 991 3.69 -7.23 -35.36
C LEU C 991 4.14 -7.20 -36.81
N SER C 992 3.25 -7.50 -37.75
CA SER C 992 3.60 -7.49 -39.15
C SER C 992 3.63 -6.09 -39.75
N TYR C 993 3.16 -5.08 -39.00
CA TYR C 993 3.11 -3.73 -39.54
C TYR C 993 3.79 -2.74 -38.59
N GLN C 994 4.99 -3.08 -38.13
CA GLN C 994 5.79 -2.23 -37.27
C GLN C 994 6.87 -1.48 -38.03
N ASP C 995 7.62 -2.18 -38.89
CA ASP C 995 8.77 -1.57 -39.55
C ASP C 995 8.35 -0.52 -40.56
N ASP C 996 7.23 -0.74 -41.27
CA ASP C 996 6.79 0.22 -42.28
C ASP C 996 6.44 1.55 -41.66
N VAL C 997 5.74 1.54 -40.52
CA VAL C 997 5.41 2.79 -39.83
C VAL C 997 6.67 3.43 -39.28
N LEU C 998 7.60 2.62 -38.77
CA LEU C 998 8.84 3.16 -38.21
C LEU C 998 9.71 3.80 -39.30
N SER C 999 9.58 3.33 -40.54
CA SER C 999 10.47 3.80 -41.60
C SER C 999 9.85 4.97 -42.37
N ALA C 1000 8.55 4.91 -42.66
CA ALA C 1000 7.91 5.91 -43.49
C ALA C 1000 7.39 7.12 -42.72
N LEU C 1001 8.00 7.44 -41.57
CA LEU C 1001 7.56 8.56 -40.76
C LEU C 1001 8.63 9.62 -40.57
N ILE C 1002 9.78 9.50 -41.24
CA ILE C 1002 10.90 10.39 -40.96
C ILE C 1002 10.62 11.85 -41.34
N PRO C 1003 9.78 12.17 -42.33
CA PRO C 1003 9.44 13.58 -42.55
C PRO C 1003 8.34 14.10 -41.65
N VAL C 1004 7.87 13.31 -40.69
CA VAL C 1004 6.77 13.70 -39.81
C VAL C 1004 7.29 14.11 -38.43
N LEU C 1005 8.29 13.39 -37.92
CA LEU C 1005 8.98 13.85 -36.71
C LEU C 1005 10.08 14.86 -37.01
N SER C 1006 10.11 15.42 -38.23
CA SER C 1006 11.06 16.44 -38.62
C SER C 1006 10.42 17.49 -39.52
N ASP C 1007 9.10 17.60 -39.52
CA ASP C 1007 8.41 18.55 -40.38
C ASP C 1007 8.41 19.95 -39.78
N LYS C 1008 7.65 20.85 -40.41
CA LYS C 1008 7.70 22.26 -40.03
C LYS C 1008 7.12 22.49 -38.64
N LYS C 1009 5.93 21.96 -38.38
CA LYS C 1009 5.37 22.03 -37.05
C LYS C 1009 6.06 21.01 -36.14
N ARG C 1010 5.84 21.15 -34.83
CA ARG C 1010 6.52 20.31 -33.86
C ARG C 1010 5.58 19.45 -33.03
N ILE C 1011 4.32 19.87 -32.87
CA ILE C 1011 3.32 18.93 -32.37
C ILE C 1011 3.25 17.74 -33.30
N ILE C 1012 3.35 17.98 -34.61
CA ILE C 1012 3.47 16.89 -35.56
C ILE C 1012 4.74 16.09 -35.25
N ARG C 1013 5.84 16.79 -34.98
CA ARG C 1013 7.09 16.11 -34.69
C ARG C 1013 7.03 15.34 -33.37
N LYS C 1014 6.52 15.98 -32.32
CA LYS C 1014 6.42 15.31 -31.03
C LYS C 1014 5.52 14.09 -31.11
N GLN C 1015 4.38 14.21 -31.81
CA GLN C 1015 3.45 13.10 -31.89
C GLN C 1015 3.96 12.01 -32.82
N CYS C 1016 4.78 12.37 -33.81
CA CYS C 1016 5.40 11.34 -34.63
C CYS C 1016 6.48 10.60 -33.85
N VAL C 1017 7.23 11.31 -33.01
CA VAL C 1017 8.17 10.66 -32.12
C VAL C 1017 7.44 9.68 -31.20
N ASP C 1018 6.31 10.12 -30.65
CA ASP C 1018 5.52 9.26 -29.77
C ASP C 1018 4.96 8.07 -30.53
N THR C 1019 4.48 8.29 -31.75
CA THR C 1019 3.96 7.20 -32.57
C THR C 1019 5.04 6.18 -32.89
N ARG C 1020 6.23 6.65 -33.28
CA ARG C 1020 7.35 5.76 -33.55
C ARG C 1020 7.73 4.97 -32.30
N GLN C 1021 7.81 5.64 -31.15
CA GLN C 1021 8.18 4.95 -29.92
C GLN C 1021 7.14 3.91 -29.52
N VAL C 1022 5.85 4.24 -29.66
CA VAL C 1022 4.81 3.31 -29.25
C VAL C 1022 4.76 2.11 -30.20
N TYR C 1023 4.94 2.37 -31.50
CA TYR C 1023 5.03 1.27 -32.46
C TYR C 1023 6.21 0.37 -32.15
N TYR C 1024 7.37 0.96 -31.81
CA TYR C 1024 8.55 0.16 -31.51
C TYR C 1024 8.34 -0.67 -30.25
N GLU C 1025 7.75 -0.08 -29.20
CA GLU C 1025 7.55 -0.82 -27.97
C GLU C 1025 6.48 -1.88 -28.11
N LEU C 1026 5.48 -1.65 -28.98
CA LEU C 1026 4.46 -2.67 -29.22
C LEU C 1026 5.03 -3.83 -30.04
N GLY C 1027 5.89 -3.52 -31.02
CA GLY C 1027 6.51 -4.58 -31.80
C GLY C 1027 7.52 -5.39 -30.99
N GLN C 1028 8.32 -4.72 -30.17
CA GLN C 1028 9.35 -5.41 -29.41
C GLN C 1028 8.77 -6.28 -28.32
N ILE C 1029 7.54 -6.03 -27.90
CA ILE C 1029 6.89 -6.84 -26.87
C ILE C 1029 5.83 -7.75 -27.50
N ALA D 9 47.92 -40.99 8.86
CA ALA D 9 46.98 -39.97 8.44
C ALA D 9 46.02 -39.61 9.56
N VAL D 10 46.38 -38.58 10.33
CA VAL D 10 45.49 -38.07 11.37
C VAL D 10 44.27 -37.40 10.73
N VAL D 11 44.39 -37.03 9.45
CA VAL D 11 43.27 -36.42 8.73
C VAL D 11 42.06 -37.34 8.78
N THR D 12 42.28 -38.66 8.76
CA THR D 12 41.19 -39.61 8.92
C THR D 12 40.36 -39.30 10.18
N PHE D 13 41.01 -39.32 11.34
CA PHE D 13 40.31 -39.13 12.60
C PHE D 13 39.73 -37.74 12.72
N MET D 14 40.48 -36.71 12.30
CA MET D 14 39.96 -35.35 12.45
C MET D 14 38.72 -35.14 11.60
N ALA D 15 38.70 -35.67 10.36
CA ALA D 15 37.49 -35.59 9.56
C ALA D 15 36.35 -36.38 10.16
N ASN D 16 36.65 -37.62 10.60
CA ASN D 16 35.62 -38.49 11.16
C ASN D 16 34.98 -37.89 12.41
N LEU D 17 35.73 -37.05 13.14
CA LEU D 17 35.17 -36.45 14.35
C LEU D 17 34.61 -35.05 14.09
N ASN D 18 35.12 -34.36 13.05
CA ASN D 18 34.69 -33.00 12.78
C ASN D 18 33.48 -32.95 11.86
N ILE D 19 33.09 -34.08 11.26
CA ILE D 19 31.81 -34.11 10.57
C ILE D 19 30.66 -33.73 11.49
N ASP D 20 30.77 -34.06 12.78
CA ASP D 20 29.74 -33.66 13.73
C ASP D 20 29.66 -32.15 13.90
N ASP D 21 30.73 -31.43 13.57
CA ASP D 21 30.76 -29.98 13.67
C ASP D 21 30.05 -29.28 12.52
N SER D 22 29.29 -30.03 11.71
CA SER D 22 28.50 -29.46 10.61
C SER D 22 29.38 -28.75 9.59
N LYS D 23 30.50 -29.41 9.25
CA LYS D 23 31.40 -28.87 8.24
C LYS D 23 30.99 -29.25 6.82
N ALA D 24 30.10 -30.23 6.67
CA ALA D 24 29.50 -30.60 5.38
C ALA D 24 30.61 -31.05 4.44
N ASN D 25 30.79 -30.42 3.28
CA ASN D 25 31.78 -30.88 2.30
C ASN D 25 33.21 -30.52 2.68
N GLU D 26 33.42 -29.58 3.60
CA GLU D 26 34.77 -29.22 4.01
C GLU D 26 35.48 -30.40 4.64
N THR D 27 34.77 -31.16 5.48
CA THR D 27 35.35 -32.37 6.05
C THR D 27 35.26 -33.56 5.10
N ALA D 28 34.33 -33.52 4.13
CA ALA D 28 34.26 -34.58 3.13
C ALA D 28 35.50 -34.56 2.25
N SER D 29 35.99 -33.37 1.91
CA SER D 29 37.24 -33.26 1.15
C SER D 29 38.40 -33.83 1.94
N THR D 30 38.42 -33.61 3.26
CA THR D 30 39.48 -34.18 4.09
C THR D 30 39.35 -35.70 4.18
N VAL D 31 38.11 -36.20 4.17
CA VAL D 31 37.91 -37.65 4.12
C VAL D 31 38.50 -38.22 2.84
N THR D 32 38.24 -37.55 1.71
CA THR D 32 38.80 -38.01 0.44
C THR D 32 40.32 -37.96 0.46
N ASP D 33 40.89 -36.88 1.02
CA ASP D 33 42.34 -36.79 1.14
C ASP D 33 42.89 -37.93 2.00
N SER D 34 42.20 -38.26 3.08
CA SER D 34 42.60 -39.37 3.93
C SER D 34 42.57 -40.69 3.19
N ILE D 35 41.50 -40.92 2.41
CA ILE D 35 41.38 -42.14 1.63
C ILE D 35 42.49 -42.21 0.59
N VAL D 36 42.87 -41.07 0.03
CA VAL D 36 44.00 -41.04 -0.90
C VAL D 36 45.30 -41.36 -0.16
N HIS D 37 45.45 -40.85 1.06
CA HIS D 37 46.69 -41.03 1.80
C HIS D 37 46.91 -42.49 2.19
N ARG D 38 45.99 -43.06 2.98
CA ARG D 38 46.25 -44.40 3.52
C ARG D 38 45.67 -45.50 2.63
N SER D 39 44.71 -45.17 1.77
CA SER D 39 44.13 -46.09 0.80
C SER D 39 43.42 -47.28 1.44
N ILE D 40 43.32 -47.30 2.77
CA ILE D 40 42.65 -48.40 3.47
C ILE D 40 41.72 -47.84 4.53
N LYS D 41 41.77 -46.52 4.73
CA LYS D 41 41.04 -45.90 5.83
C LYS D 41 39.58 -45.63 5.51
N LEU D 42 39.13 -45.88 4.27
CA LEU D 42 37.72 -45.68 3.94
C LEU D 42 36.84 -46.63 4.75
N LEU D 43 37.23 -47.90 4.82
CA LEU D 43 36.44 -48.86 5.61
C LEU D 43 36.52 -48.51 7.09
N GLU D 44 37.69 -48.08 7.57
CA GLU D 44 37.82 -47.73 8.97
C GLU D 44 36.94 -46.54 9.34
N VAL D 45 36.90 -45.51 8.48
CA VAL D 45 36.08 -44.35 8.79
C VAL D 45 34.60 -44.70 8.70
N VAL D 46 34.19 -45.54 7.73
CA VAL D 46 32.77 -45.86 7.66
C VAL D 46 32.34 -46.73 8.83
N VAL D 47 33.21 -47.64 9.30
CA VAL D 47 32.81 -48.46 10.43
C VAL D 47 32.89 -47.68 11.74
N ALA D 48 33.76 -46.68 11.81
CA ALA D 48 33.75 -45.81 12.99
C ALA D 48 32.56 -44.86 12.97
N LEU D 49 32.05 -44.56 11.77
CA LEU D 49 30.79 -43.83 11.64
C LEU D 49 29.57 -44.69 11.90
N LYS D 50 29.69 -46.02 11.77
CA LYS D 50 28.54 -46.90 11.91
C LYS D 50 27.86 -46.72 13.26
N ASP D 51 28.65 -46.64 14.34
CA ASP D 51 28.11 -46.34 15.65
C ASP D 51 28.13 -44.84 15.96
N TYR D 52 28.63 -44.02 15.04
CA TYR D 52 28.71 -42.59 15.31
C TYR D 52 27.36 -41.92 15.11
N PHE D 53 26.56 -42.44 14.17
CA PHE D 53 25.17 -41.98 14.01
C PHE D 53 24.21 -42.80 14.85
N LEU D 54 24.69 -43.82 15.56
CA LEU D 54 23.85 -44.61 16.44
C LEU D 54 23.29 -43.78 17.58
N SER D 55 23.95 -42.68 17.95
CA SER D 55 23.42 -41.79 18.97
C SER D 55 22.09 -41.18 18.54
N GLU D 56 21.18 -41.06 19.50
CA GLU D 56 19.80 -40.69 19.16
C GLU D 56 19.67 -39.21 18.82
N ASN D 57 20.54 -38.37 19.37
CA ASN D 57 20.46 -36.93 19.12
C ASN D 57 20.57 -36.64 17.63
N GLU D 58 19.75 -35.70 17.15
CA GLU D 58 19.58 -35.48 15.73
C GLU D 58 20.86 -35.04 15.03
N VAL D 59 21.63 -34.13 15.63
CA VAL D 59 22.81 -33.59 14.96
C VAL D 59 23.82 -34.71 14.69
N GLU D 60 24.15 -35.48 15.73
CA GLU D 60 25.12 -36.57 15.58
C GLU D 60 24.70 -37.53 14.47
N ARG D 61 23.47 -38.04 14.55
CA ARG D 61 23.04 -39.07 13.61
C ARG D 61 22.96 -38.53 12.18
N LYS D 62 22.37 -37.36 12.00
CA LYS D 62 22.20 -36.85 10.64
C LYS D 62 23.53 -36.46 10.03
N LYS D 63 24.44 -35.88 10.81
CA LYS D 63 25.71 -35.44 10.23
C LYS D 63 26.64 -36.62 9.99
N ALA D 64 26.56 -37.66 10.82
CA ALA D 64 27.31 -38.87 10.50
C ALA D 64 26.75 -39.56 9.26
N LEU D 65 25.42 -39.58 9.12
CA LEU D 65 24.82 -40.28 8.00
C LEU D 65 25.05 -39.57 6.68
N THR D 66 25.01 -38.23 6.68
CA THR D 66 25.23 -37.52 5.41
C THR D 66 26.64 -37.75 4.89
N CYS D 67 27.64 -37.71 5.77
CA CYS D 67 29.00 -37.98 5.31
C CYS D 67 29.18 -39.46 4.97
N LEU D 68 28.52 -40.36 5.70
CA LEU D 68 28.57 -41.77 5.33
C LEU D 68 28.07 -41.97 3.91
N THR D 69 26.91 -41.40 3.58
CA THR D 69 26.38 -41.52 2.22
C THR D 69 27.30 -40.85 1.20
N THR D 70 27.83 -39.68 1.53
CA THR D 70 28.68 -38.96 0.59
C THR D 70 29.93 -39.75 0.26
N ILE D 71 30.59 -40.31 1.29
CA ILE D 71 31.85 -41.01 1.05
C ILE D 71 31.59 -42.42 0.52
N LEU D 72 30.39 -42.96 0.75
CA LEU D 72 30.02 -44.22 0.12
C LEU D 72 29.81 -44.02 -1.38
N ALA D 73 29.17 -42.91 -1.77
CA ALA D 73 29.09 -42.55 -3.17
C ALA D 73 30.47 -42.25 -3.73
N LYS D 74 31.37 -41.73 -2.90
CA LYS D 74 32.74 -41.47 -3.31
C LYS D 74 33.64 -42.69 -3.18
N THR D 75 33.11 -43.85 -2.80
CA THR D 75 33.89 -45.08 -2.66
C THR D 75 33.25 -46.21 -3.48
N PRO D 76 33.41 -46.19 -4.79
CA PRO D 76 33.04 -47.35 -5.62
C PRO D 76 34.23 -48.27 -5.91
N LYS D 77 35.38 -47.98 -5.30
CA LYS D 77 36.59 -48.74 -5.60
C LYS D 77 36.52 -50.16 -5.05
N ASP D 78 36.39 -50.28 -3.73
CA ASP D 78 36.36 -51.58 -3.06
C ASP D 78 35.05 -51.69 -2.30
N HIS D 79 34.11 -52.45 -2.83
CA HIS D 79 32.75 -52.41 -2.34
C HIS D 79 32.07 -53.71 -2.75
N LEU D 80 32.00 -54.65 -1.80
CA LEU D 80 31.55 -56.01 -2.09
C LEU D 80 30.04 -56.11 -2.10
N SER D 81 29.53 -57.15 -2.76
CA SER D 81 28.09 -57.31 -2.92
C SER D 81 27.41 -57.61 -1.58
N LYS D 82 27.94 -58.57 -0.81
CA LYS D 82 27.36 -58.84 0.50
C LYS D 82 27.65 -57.71 1.47
N ASN D 83 28.85 -57.12 1.39
CA ASN D 83 29.13 -55.89 2.13
C ASN D 83 28.17 -54.78 1.70
N GLU D 84 27.85 -54.74 0.40
CA GLU D 84 26.89 -53.77 -0.10
C GLU D 84 25.53 -53.94 0.58
N CYS D 85 25.02 -55.18 0.58
CA CYS D 85 23.74 -55.46 1.22
C CYS D 85 23.77 -55.10 2.70
N SER D 86 24.90 -55.38 3.36
CA SER D 86 25.07 -54.97 4.76
C SER D 86 25.07 -53.45 4.92
N VAL D 87 25.52 -52.72 3.91
CA VAL D 87 25.55 -51.26 4.00
C VAL D 87 24.13 -50.70 4.05
N ILE D 88 23.23 -51.24 3.23
CA ILE D 88 21.83 -50.82 3.24
C ILE D 88 21.05 -51.37 4.45
N PHE D 89 21.65 -52.24 5.26
CA PHE D 89 20.98 -52.63 6.50
C PHE D 89 20.76 -51.42 7.40
N GLN D 90 21.80 -50.60 7.60
CA GLN D 90 21.64 -49.40 8.39
C GLN D 90 20.77 -48.36 7.70
N PHE D 91 20.81 -48.32 6.36
CA PHE D 91 19.92 -47.44 5.62
C PHE D 91 18.46 -47.76 5.91
N TYR D 92 18.09 -49.05 5.85
CA TYR D 92 16.75 -49.48 6.22
C TYR D 92 16.40 -49.26 7.69
N GLN D 93 17.32 -49.49 8.62
CA GLN D 93 16.95 -49.25 10.01
C GLN D 93 16.75 -47.76 10.28
N SER D 94 17.52 -46.90 9.63
CA SER D 94 17.30 -45.47 9.76
C SER D 94 15.99 -45.03 9.09
N LYS D 95 15.65 -45.64 7.95
CA LYS D 95 14.33 -45.41 7.36
C LYS D 95 13.23 -45.81 8.34
N LEU D 96 13.39 -46.95 9.00
CA LEU D 96 12.36 -47.45 9.90
C LEU D 96 12.21 -46.56 11.13
N ASP D 97 13.32 -46.08 11.69
CA ASP D 97 13.24 -45.35 12.95
C ASP D 97 12.56 -43.98 12.79
N ASP D 98 13.14 -43.08 12.01
CA ASP D 98 12.67 -41.71 11.94
C ASP D 98 12.92 -41.12 10.55
N GLN D 99 12.36 -39.92 10.33
CA GLN D 99 12.63 -39.14 9.14
C GLN D 99 13.61 -38.02 9.48
N ALA D 100 13.89 -37.16 8.50
CA ALA D 100 14.88 -36.08 8.56
C ALA D 100 16.31 -36.61 8.61
N LEU D 101 16.48 -37.93 8.74
CA LEU D 101 17.75 -38.59 8.46
C LEU D 101 17.58 -39.57 7.30
N ALA D 102 16.33 -39.91 6.97
CA ALA D 102 16.04 -40.78 5.84
C ALA D 102 16.32 -40.12 4.50
N LYS D 103 16.39 -38.79 4.47
CA LYS D 103 16.70 -38.10 3.22
C LYS D 103 18.12 -38.41 2.76
N GLU D 104 19.08 -38.36 3.69
CA GLU D 104 20.45 -38.72 3.36
C GLU D 104 20.52 -40.17 2.88
N VAL D 105 19.76 -41.06 3.51
CA VAL D 105 19.57 -42.41 3.02
C VAL D 105 19.02 -42.43 1.61
N LEU D 106 18.17 -41.45 1.26
CA LEU D 106 17.61 -41.39 -0.08
C LEU D 106 18.67 -41.02 -1.11
N GLU D 107 19.51 -40.03 -0.81
CA GLU D 107 20.61 -39.76 -1.74
C GLU D 107 21.57 -40.95 -1.80
N GLY D 108 21.77 -41.64 -0.68
CA GLY D 108 22.58 -42.85 -0.71
C GLY D 108 22.01 -43.91 -1.63
N PHE D 109 20.68 -44.11 -1.58
CA PHE D 109 20.04 -45.06 -2.48
C PHE D 109 20.15 -44.61 -3.93
N ALA D 110 19.94 -43.32 -4.19
CA ALA D 110 20.01 -42.82 -5.56
C ALA D 110 21.45 -42.80 -6.07
N ALA D 111 22.42 -42.97 -5.16
CA ALA D 111 23.81 -43.08 -5.59
C ALA D 111 24.23 -44.53 -5.77
N LEU D 112 23.72 -45.43 -4.93
CA LEU D 112 24.09 -46.84 -5.03
C LEU D 112 23.30 -47.59 -6.10
N ALA D 113 22.13 -47.08 -6.49
CA ALA D 113 21.38 -47.70 -7.58
C ALA D 113 22.11 -47.65 -8.92
N PRO D 114 22.68 -46.51 -9.36
CA PRO D 114 23.35 -46.50 -10.67
C PRO D 114 24.52 -47.45 -10.79
N MET D 115 25.31 -47.63 -9.73
CA MET D 115 26.51 -48.45 -9.85
C MET D 115 26.15 -49.92 -10.03
N LYS D 116 27.04 -50.67 -10.65
CA LYS D 116 26.80 -52.09 -10.90
C LYS D 116 26.92 -52.93 -9.64
N TYR D 117 27.38 -52.33 -8.53
CA TYR D 117 27.54 -53.05 -7.28
C TYR D 117 26.19 -53.18 -6.57
N VAL D 118 25.29 -53.89 -7.25
CA VAL D 118 23.97 -54.22 -6.71
C VAL D 118 23.76 -55.72 -6.88
N SER D 119 23.73 -56.44 -5.76
CA SER D 119 23.68 -57.89 -5.79
C SER D 119 22.26 -58.38 -6.06
N ILE D 120 22.15 -59.69 -6.31
CA ILE D 120 20.84 -60.32 -6.41
C ILE D 120 20.08 -60.20 -5.09
N ASN D 121 20.77 -60.44 -3.98
CA ASN D 121 20.20 -60.20 -2.66
C ASN D 121 19.83 -58.74 -2.48
N GLU D 122 20.64 -57.83 -3.03
CA GLU D 122 20.33 -56.41 -2.92
C GLU D 122 19.11 -56.02 -3.74
N ILE D 123 19.00 -56.51 -4.97
CA ILE D 123 17.85 -56.10 -5.77
C ILE D 123 16.57 -56.64 -5.15
N ALA D 124 16.61 -57.87 -4.64
CA ALA D 124 15.43 -58.45 -4.00
C ALA D 124 15.08 -57.73 -2.71
N GLN D 125 16.09 -57.50 -1.85
CA GLN D 125 15.85 -56.81 -0.60
C GLN D 125 15.34 -55.40 -0.85
N LEU D 126 15.85 -54.73 -1.88
CA LEU D 126 15.28 -53.44 -2.28
C LEU D 126 13.81 -53.59 -2.62
N LEU D 127 13.51 -54.33 -3.70
CA LEU D 127 12.15 -54.42 -4.21
C LEU D 127 11.16 -54.90 -3.18
N ARG D 128 11.64 -55.51 -2.09
CA ARG D 128 10.72 -55.91 -1.03
C ARG D 128 10.62 -54.85 0.06
N LEU D 129 11.75 -54.45 0.62
CA LEU D 129 11.71 -53.77 1.91
C LEU D 129 11.80 -52.26 1.78
N LEU D 130 12.29 -51.72 0.65
CA LEU D 130 12.33 -50.27 0.53
C LEU D 130 10.93 -49.67 0.54
N LEU D 131 9.92 -50.48 0.23
CA LEU D 131 8.53 -50.09 0.44
C LEU D 131 7.86 -50.82 1.58
N ASP D 132 8.49 -51.87 2.13
CA ASP D 132 7.93 -52.51 3.31
C ASP D 132 7.93 -51.55 4.51
N ASN D 133 9.10 -51.03 4.87
CA ASN D 133 9.16 -50.16 6.05
C ASN D 133 9.13 -48.68 5.66
N TYR D 134 9.89 -48.30 4.63
CA TYR D 134 10.01 -46.89 4.28
C TYR D 134 8.73 -46.36 3.65
N GLN D 135 8.04 -47.18 2.86
CA GLN D 135 6.87 -46.78 2.07
C GLN D 135 7.15 -45.45 1.36
N GLN D 136 8.03 -45.52 0.37
CA GLN D 136 8.63 -44.35 -0.25
C GLN D 136 7.58 -43.39 -0.78
N GLY D 137 7.90 -42.10 -0.75
CA GLY D 137 7.07 -41.09 -1.37
C GLY D 137 5.81 -40.73 -0.62
N GLN D 138 5.64 -41.19 0.62
CA GLN D 138 4.40 -40.94 1.33
C GLN D 138 4.46 -39.67 2.16
N HIS D 139 5.65 -39.27 2.58
CA HIS D 139 5.78 -38.17 3.53
C HIS D 139 6.90 -37.22 3.13
N LEU D 140 6.65 -35.93 3.35
CA LEU D 140 7.63 -34.85 3.29
C LEU D 140 8.08 -34.58 1.86
N ALA D 141 8.37 -33.31 1.55
CA ALA D 141 8.65 -32.92 0.17
C ALA D 141 9.88 -33.61 -0.40
N SER D 142 11.01 -33.53 0.31
CA SER D 142 12.23 -34.17 -0.18
C SER D 142 12.19 -35.68 0.03
N THR D 143 11.59 -36.13 1.13
CA THR D 143 11.49 -37.55 1.42
C THR D 143 10.54 -38.25 0.46
N ARG D 144 9.78 -37.47 -0.33
CA ARG D 144 9.02 -38.00 -1.45
C ARG D 144 9.65 -37.66 -2.80
N LEU D 145 10.52 -36.64 -2.83
CA LEU D 145 11.20 -36.26 -4.06
C LEU D 145 12.25 -37.29 -4.46
N TRP D 146 13.06 -37.73 -3.50
CA TRP D 146 14.16 -38.65 -3.81
C TRP D 146 13.75 -40.09 -4.10
N PRO D 147 12.67 -40.64 -3.53
CA PRO D 147 12.28 -42.01 -3.91
C PRO D 147 12.10 -42.21 -5.39
N PHE D 148 11.53 -41.23 -6.10
CA PHE D 148 11.47 -41.33 -7.56
C PHE D 148 12.86 -41.44 -8.15
N LYS D 149 13.83 -40.70 -7.61
CA LYS D 149 15.20 -40.82 -8.07
C LYS D 149 15.74 -42.23 -7.86
N ILE D 150 15.56 -42.78 -6.65
CA ILE D 150 16.19 -44.06 -6.34
C ILE D 150 15.59 -45.17 -7.20
N LEU D 151 14.27 -45.11 -7.42
CA LEU D 151 13.65 -46.14 -8.25
C LEU D 151 13.97 -45.94 -9.72
N ARG D 152 14.09 -44.68 -10.17
CA ARG D 152 14.53 -44.41 -11.54
C ARG D 152 15.92 -44.99 -11.79
N LYS D 153 16.84 -44.81 -10.85
CA LYS D 153 18.19 -45.28 -11.06
C LYS D 153 18.29 -46.79 -10.90
N ILE D 154 17.48 -47.38 -10.03
CA ILE D 154 17.50 -48.85 -9.92
C ILE D 154 16.85 -49.48 -11.15
N PHE D 155 15.94 -48.75 -11.80
CA PHE D 155 15.41 -49.20 -13.08
C PHE D 155 16.46 -49.08 -14.18
N ASP D 156 17.14 -47.93 -14.25
CA ASP D 156 18.06 -47.67 -15.34
C ASP D 156 19.40 -48.39 -15.16
N ARG D 157 19.65 -48.97 -13.99
CA ARG D 157 20.91 -49.67 -13.75
C ARG D 157 21.02 -50.93 -14.58
N PHE D 158 20.19 -51.92 -14.29
CA PHE D 158 20.20 -53.20 -14.99
C PHE D 158 18.80 -53.71 -15.27
N PHE D 159 17.82 -53.25 -14.50
CA PHE D 159 16.43 -53.65 -14.71
C PHE D 159 15.90 -53.14 -16.05
N VAL D 160 16.40 -52.00 -16.53
CA VAL D 160 16.07 -51.56 -17.87
C VAL D 160 16.61 -52.58 -18.86
N ASN D 161 15.89 -52.75 -19.98
CA ASN D 161 16.22 -53.80 -20.93
C ASN D 161 17.39 -53.38 -21.82
N GLY D 162 18.49 -52.96 -21.19
CA GLY D 162 19.73 -52.82 -21.91
C GLY D 162 20.47 -54.13 -22.04
N SER D 163 20.38 -54.96 -21.00
CA SER D 163 20.86 -56.34 -21.02
C SER D 163 19.72 -57.31 -20.73
N SER D 164 18.51 -56.89 -21.07
CA SER D 164 17.26 -57.64 -20.82
C SER D 164 17.12 -57.84 -19.31
N THR D 165 16.55 -58.95 -18.86
CA THR D 165 16.36 -59.25 -17.45
C THR D 165 16.76 -60.69 -17.15
N GLU D 166 17.94 -61.09 -17.64
CA GLU D 166 18.35 -62.49 -17.50
C GLU D 166 18.59 -62.86 -16.04
N GLN D 167 18.90 -61.88 -15.18
CA GLN D 167 19.02 -62.15 -13.76
C GLN D 167 18.17 -61.22 -12.91
N VAL D 168 17.46 -60.27 -13.52
CA VAL D 168 16.46 -59.46 -12.80
C VAL D 168 15.06 -59.67 -13.35
N LYS D 169 14.74 -60.89 -13.79
CA LYS D 169 13.39 -61.16 -14.30
C LYS D 169 12.37 -61.22 -13.18
N ARG D 170 12.81 -61.26 -11.93
CA ARG D 170 11.89 -61.32 -10.80
C ARG D 170 11.22 -59.98 -10.54
N ILE D 171 11.93 -58.88 -10.81
CA ILE D 171 11.47 -57.57 -10.39
C ILE D 171 10.51 -56.95 -11.39
N ASN D 172 10.30 -57.57 -12.56
CA ASN D 172 9.47 -56.97 -13.60
C ASN D 172 8.08 -56.60 -13.08
N ASP D 173 7.29 -57.63 -12.78
CA ASP D 173 5.90 -57.44 -12.36
C ASP D 173 5.84 -56.57 -11.11
N LEU D 174 6.61 -56.93 -10.08
CA LEU D 174 6.49 -56.24 -8.80
C LEU D 174 6.98 -54.81 -8.86
N PHE D 175 7.85 -54.48 -9.81
CA PHE D 175 8.26 -53.09 -9.98
C PHE D 175 7.10 -52.24 -10.44
N ILE D 176 6.19 -52.81 -11.22
CA ILE D 176 4.98 -52.09 -11.60
C ILE D 176 4.28 -51.52 -10.35
N GLU D 177 3.90 -52.40 -9.42
CA GLU D 177 3.14 -51.92 -8.28
C GLU D 177 4.00 -51.33 -7.17
N THR D 178 5.33 -51.47 -7.25
CA THR D 178 6.15 -50.72 -6.29
C THR D 178 6.36 -49.28 -6.77
N PHE D 179 6.26 -49.06 -8.09
CA PHE D 179 6.18 -47.68 -8.58
C PHE D 179 4.79 -47.11 -8.35
N LEU D 180 3.76 -47.93 -8.45
CA LEU D 180 2.41 -47.50 -8.07
C LEU D 180 2.28 -47.25 -6.57
N HIS D 181 3.06 -47.93 -5.75
CA HIS D 181 3.05 -47.67 -4.31
C HIS D 181 3.47 -46.25 -4.00
N VAL D 182 4.47 -45.74 -4.70
CA VAL D 182 4.98 -44.39 -4.54
C VAL D 182 4.22 -43.48 -5.50
N ALA D 183 3.04 -43.04 -5.08
CA ALA D 183 2.17 -42.24 -5.94
C ALA D 183 1.16 -41.51 -5.07
N ASN D 184 0.46 -40.57 -5.70
CA ASN D 184 -0.66 -39.85 -5.09
C ASN D 184 -0.23 -39.03 -3.88
N GLY D 185 1.06 -38.76 -3.74
CA GLY D 185 1.55 -37.97 -2.62
C GLY D 185 2.53 -36.91 -3.04
N GLU D 186 2.97 -36.96 -4.30
CA GLU D 186 3.92 -36.01 -4.83
C GLU D 186 3.20 -34.96 -5.67
N LYS D 187 3.39 -33.70 -5.32
CA LYS D 187 2.69 -32.60 -5.99
C LYS D 187 3.63 -31.62 -6.68
N ASP D 188 4.88 -31.53 -6.26
CA ASP D 188 5.83 -30.66 -6.92
C ASP D 188 6.06 -31.12 -8.36
N PRO D 189 6.22 -30.19 -9.30
CA PRO D 189 6.28 -30.57 -10.72
C PRO D 189 7.44 -31.50 -11.05
N ARG D 190 8.53 -31.47 -10.28
CA ARG D 190 9.68 -32.31 -10.59
C ARG D 190 9.34 -33.78 -10.40
N ASN D 191 8.68 -34.12 -9.29
CA ASN D 191 8.22 -35.50 -9.09
C ASN D 191 7.21 -35.90 -10.15
N LEU D 192 6.38 -34.96 -10.60
CA LEU D 192 5.43 -35.26 -11.65
C LEU D 192 6.14 -35.65 -12.93
N LEU D 193 7.16 -34.86 -13.32
CA LEU D 193 7.97 -35.18 -14.48
C LEU D 193 8.66 -36.52 -14.32
N LEU D 194 9.17 -36.80 -13.11
CA LEU D 194 9.83 -38.07 -12.85
C LEU D 194 8.88 -39.24 -13.05
N SER D 195 7.68 -39.15 -12.48
CA SER D 195 6.70 -40.21 -12.63
C SER D 195 6.34 -40.42 -14.11
N PHE D 196 6.20 -39.32 -14.85
CA PHE D 196 5.87 -39.43 -16.26
C PHE D 196 6.96 -40.18 -17.02
N ALA D 197 8.22 -39.80 -16.78
CA ALA D 197 9.34 -40.45 -17.47
C ALA D 197 9.46 -41.91 -17.06
N LEU D 198 9.24 -42.21 -15.77
CA LEU D 198 9.27 -43.59 -15.32
C LEU D 198 8.20 -44.44 -16.00
N ASN D 199 6.98 -43.92 -16.13
CA ASN D 199 5.97 -44.68 -16.87
C ASN D 199 6.37 -44.87 -18.32
N LYS D 200 6.85 -43.78 -18.95
CA LYS D 200 7.29 -43.85 -20.35
C LYS D 200 8.30 -44.96 -20.57
N SER D 201 9.31 -45.04 -19.70
CA SER D 201 10.36 -46.04 -19.88
C SER D 201 9.91 -47.43 -19.44
N ILE D 202 9.15 -47.51 -18.34
CA ILE D 202 8.80 -48.80 -17.75
C ILE D 202 7.75 -49.52 -18.59
N THR D 203 7.09 -48.80 -19.51
CA THR D 203 6.26 -49.50 -20.49
C THR D 203 7.08 -49.90 -21.71
N SER D 204 7.88 -48.99 -22.25
CA SER D 204 8.49 -49.19 -23.55
C SER D 204 9.73 -50.07 -23.49
N SER D 205 10.72 -49.70 -22.68
CA SER D 205 11.92 -50.52 -22.59
C SER D 205 11.62 -51.87 -21.96
N LEU D 206 10.78 -51.89 -20.94
CA LEU D 206 10.50 -53.09 -20.17
C LEU D 206 9.59 -54.03 -20.94
N GLN D 207 9.84 -55.33 -20.81
CA GLN D 207 9.00 -56.36 -21.40
C GLN D 207 7.87 -56.73 -20.45
N ASN D 208 7.06 -57.69 -20.90
CA ASN D 208 5.91 -58.27 -20.18
C ASN D 208 5.15 -57.25 -19.35
N VAL D 209 4.99 -56.03 -19.89
CA VAL D 209 4.17 -55.02 -19.25
C VAL D 209 2.69 -55.26 -19.56
N GLU D 210 2.40 -55.93 -20.68
CA GLU D 210 1.02 -56.21 -21.05
C GLU D 210 0.28 -56.99 -19.99
N ASN D 211 0.98 -57.87 -19.26
CA ASN D 211 0.33 -58.61 -18.18
C ASN D 211 -0.17 -57.68 -17.09
N PHE D 212 0.56 -56.59 -16.85
CA PHE D 212 0.24 -55.63 -15.79
C PHE D 212 0.20 -54.19 -16.31
N LYS D 213 -0.49 -53.96 -17.42
CA LYS D 213 -0.53 -52.64 -18.02
C LYS D 213 -1.75 -51.85 -17.55
N GLU D 214 -1.87 -50.62 -18.04
CA GLU D 214 -3.01 -49.74 -17.85
C GLU D 214 -3.11 -49.24 -16.40
N ASP D 215 -2.31 -49.80 -15.49
CA ASP D 215 -2.25 -49.29 -14.13
C ASP D 215 -1.13 -48.30 -13.92
N LEU D 216 -0.12 -48.32 -14.78
CA LEU D 216 0.96 -47.35 -14.72
C LEU D 216 0.52 -45.95 -15.14
N PHE D 217 -0.60 -45.85 -15.86
CA PHE D 217 -1.13 -44.53 -16.21
C PHE D 217 -1.96 -43.96 -15.07
N ASP D 218 -2.20 -44.73 -14.03
CA ASP D 218 -2.98 -44.23 -12.89
C ASP D 218 -2.24 -43.09 -12.19
N VAL D 219 -0.95 -43.30 -11.90
CA VAL D 219 -0.15 -42.26 -11.25
C VAL D 219 -0.05 -41.04 -12.16
N LEU D 220 0.04 -41.25 -13.47
CA LEU D 220 0.13 -40.13 -14.41
C LEU D 220 -1.16 -39.32 -14.43
N PHE D 221 -2.31 -40.00 -14.54
CA PHE D 221 -3.59 -39.31 -14.56
C PHE D 221 -3.87 -38.60 -13.25
N CYS D 222 -3.47 -39.19 -12.13
CA CYS D 222 -3.59 -38.51 -10.84
C CYS D 222 -2.69 -37.28 -10.81
N TYR D 223 -1.49 -37.38 -11.38
CA TYR D 223 -0.61 -36.22 -11.48
C TYR D 223 -0.95 -35.33 -12.66
N PHE D 224 -1.79 -35.79 -13.58
CA PHE D 224 -2.15 -34.98 -14.73
C PHE D 224 -3.08 -33.84 -14.29
N PRO D 225 -2.86 -32.61 -14.79
CA PRO D 225 -3.68 -31.45 -14.42
C PRO D 225 -5.10 -31.55 -14.97
N ASP D 242 1.11 -26.20 -19.21
CA ASP D 242 2.25 -26.28 -18.31
C ASP D 242 3.28 -27.32 -18.79
N LEU D 243 4.16 -27.72 -17.89
CA LEU D 243 5.25 -28.66 -18.20
C LEU D 243 4.73 -30.08 -18.02
N LYS D 244 3.86 -30.49 -18.94
CA LYS D 244 3.27 -31.82 -18.91
C LYS D 244 3.58 -32.65 -20.14
N THR D 245 4.54 -32.25 -20.96
CA THR D 245 4.82 -32.99 -22.19
C THR D 245 5.46 -34.34 -21.90
N ALA D 246 5.93 -34.57 -20.67
CA ALA D 246 6.50 -35.87 -20.33
C ALA D 246 5.41 -36.94 -20.27
N LEU D 247 4.29 -36.64 -19.61
CA LEU D 247 3.13 -37.53 -19.66
C LEU D 247 2.70 -37.79 -21.10
N ARG D 248 2.75 -36.74 -21.92
CA ARG D 248 2.26 -36.86 -23.29
C ARG D 248 3.18 -37.71 -24.14
N SER D 249 4.49 -37.64 -23.89
CA SER D 249 5.43 -38.53 -24.56
C SER D 249 5.34 -39.94 -23.99
N ALA D 250 4.91 -40.06 -22.74
CA ALA D 250 4.73 -41.38 -22.14
C ALA D 250 3.56 -42.13 -22.78
N ILE D 251 2.40 -41.47 -22.86
CA ILE D 251 1.21 -42.12 -23.43
C ILE D 251 1.40 -42.46 -24.90
N THR D 252 2.55 -42.11 -25.48
CA THR D 252 2.87 -42.38 -26.87
C THR D 252 4.17 -43.17 -27.00
N ALA D 253 4.71 -43.64 -25.87
CA ALA D 253 6.04 -44.25 -25.90
C ALA D 253 6.03 -45.59 -26.63
N THR D 254 5.06 -46.45 -26.33
CA THR D 254 5.04 -47.82 -26.80
C THR D 254 3.65 -48.19 -27.27
N PRO D 255 3.52 -49.14 -28.20
CA PRO D 255 2.18 -49.61 -28.60
C PRO D 255 1.39 -50.23 -27.47
N LEU D 256 2.01 -50.44 -26.30
CA LEU D 256 1.26 -50.89 -25.13
C LEU D 256 0.29 -49.82 -24.63
N PHE D 257 0.66 -48.53 -24.72
CA PHE D 257 -0.34 -47.49 -24.53
C PHE D 257 -1.37 -47.45 -25.65
N ALA D 258 -1.20 -48.23 -26.72
CA ALA D 258 -2.24 -48.30 -27.74
C ALA D 258 -3.60 -48.52 -27.11
N GLU D 259 -3.82 -49.69 -26.51
CA GLU D 259 -5.05 -49.97 -25.77
C GLU D 259 -5.35 -48.88 -24.75
N ASP D 260 -4.32 -48.28 -24.15
CA ASP D 260 -4.51 -47.16 -23.23
C ASP D 260 -4.79 -45.85 -23.96
N ALA D 261 -4.02 -45.53 -25.00
CA ALA D 261 -4.05 -44.17 -25.57
C ALA D 261 -5.45 -43.80 -26.03
N TYR D 262 -5.98 -44.53 -26.99
CA TYR D 262 -7.34 -44.27 -27.46
C TYR D 262 -8.30 -44.21 -26.28
N SER D 263 -8.12 -45.11 -25.30
CA SER D 263 -8.97 -45.18 -24.11
C SER D 263 -9.20 -43.82 -23.48
N ASN D 264 -8.18 -42.97 -23.51
CA ASN D 264 -8.34 -41.59 -23.08
C ASN D 264 -8.43 -40.63 -24.27
N LEU D 265 -7.67 -40.91 -25.34
CA LEU D 265 -7.47 -39.90 -26.37
C LEU D 265 -8.76 -39.55 -27.09
N LEU D 266 -9.57 -40.54 -27.44
CA LEU D 266 -10.87 -40.24 -28.03
C LEU D 266 -11.70 -39.36 -27.12
N ASP D 267 -11.68 -39.65 -25.81
CA ASP D 267 -12.41 -38.80 -24.86
C ASP D 267 -11.89 -37.37 -24.91
N LYS D 268 -10.59 -37.20 -25.15
CA LYS D 268 -10.02 -35.87 -25.23
C LYS D 268 -10.38 -35.14 -26.52
N LEU D 269 -10.88 -35.85 -27.53
CA LEU D 269 -11.51 -35.15 -28.66
C LEU D 269 -12.80 -34.46 -28.22
N THR D 270 -13.42 -34.94 -27.15
CA THR D 270 -14.63 -34.34 -26.59
C THR D 270 -14.33 -33.34 -25.48
N ALA D 271 -13.05 -33.10 -25.17
CA ALA D 271 -12.69 -32.18 -24.10
C ALA D 271 -13.10 -30.76 -24.47
N SER D 272 -13.33 -29.94 -23.45
CA SER D 272 -13.76 -28.57 -23.68
C SER D 272 -12.59 -27.60 -23.77
N SER D 273 -11.63 -27.70 -22.85
CA SER D 273 -10.50 -26.79 -22.86
C SER D 273 -9.61 -27.07 -24.06
N PRO D 274 -9.28 -26.06 -24.87
CA PRO D 274 -8.53 -26.32 -26.11
C PRO D 274 -7.07 -26.68 -25.88
N VAL D 275 -6.50 -26.35 -24.72
CA VAL D 275 -5.09 -26.66 -24.49
C VAL D 275 -4.88 -28.16 -24.37
N VAL D 276 -5.74 -28.84 -23.60
CA VAL D 276 -5.62 -30.29 -23.50
C VAL D 276 -6.01 -30.93 -24.83
N LYS D 277 -6.92 -30.31 -25.59
CA LYS D 277 -7.26 -30.83 -26.90
C LYS D 277 -6.05 -30.80 -27.83
N ASN D 278 -5.33 -29.68 -27.85
CA ASN D 278 -4.14 -29.58 -28.69
C ASN D 278 -3.05 -30.55 -28.24
N ASP D 279 -2.80 -30.62 -26.93
CA ASP D 279 -1.79 -31.54 -26.43
C ASP D 279 -2.14 -32.98 -26.76
N THR D 280 -3.43 -33.33 -26.66
CA THR D 280 -3.84 -34.70 -26.95
C THR D 280 -3.84 -34.99 -28.44
N LEU D 281 -4.06 -33.95 -29.27
CA LEU D 281 -3.87 -34.14 -30.70
C LEU D 281 -2.41 -34.40 -31.04
N LEU D 282 -1.49 -33.72 -30.36
CA LEU D 282 -0.07 -34.05 -30.52
C LEU D 282 0.21 -35.48 -30.06
N THR D 283 -0.37 -35.90 -28.94
CA THR D 283 -0.16 -37.27 -28.48
C THR D 283 -0.68 -38.27 -29.50
N LEU D 284 -1.86 -38.02 -30.07
CA LEU D 284 -2.37 -38.88 -31.13
C LEU D 284 -1.47 -38.83 -32.36
N LEU D 285 -0.79 -37.70 -32.58
CA LEU D 285 0.18 -37.63 -33.66
C LEU D 285 1.29 -38.65 -33.44
N GLU D 286 1.92 -38.62 -32.26
CA GLU D 286 2.95 -39.62 -31.99
C GLU D 286 2.37 -41.02 -31.92
N CYS D 287 1.10 -41.16 -31.56
CA CYS D 287 0.46 -42.47 -31.49
C CYS D 287 0.31 -43.08 -32.87
N VAL D 288 -0.36 -42.37 -33.77
CA VAL D 288 -0.49 -42.81 -35.17
C VAL D 288 0.89 -43.03 -35.76
N ARG D 289 1.89 -42.25 -35.33
CA ARG D 289 3.24 -42.43 -35.85
C ARG D 289 3.88 -43.73 -35.38
N LYS D 290 3.68 -44.10 -34.11
CA LYS D 290 4.42 -45.20 -33.51
C LYS D 290 3.50 -46.29 -32.97
N PHE D 291 2.31 -46.43 -33.54
CA PHE D 291 1.48 -47.61 -33.30
C PHE D 291 1.41 -48.49 -34.54
N GLY D 292 2.44 -48.43 -35.38
CA GLY D 292 2.44 -49.22 -36.60
C GLY D 292 1.35 -48.79 -37.54
N GLY D 293 0.85 -49.75 -38.32
CA GLY D 293 -0.24 -49.49 -39.23
C GLY D 293 -1.48 -50.29 -38.91
N SER D 294 -1.30 -51.39 -38.16
CA SER D 294 -2.43 -52.26 -37.84
C SER D 294 -3.46 -51.54 -36.97
N SER D 295 -3.01 -50.78 -35.98
CA SER D 295 -3.94 -50.07 -35.11
C SER D 295 -4.63 -48.93 -35.85
N ILE D 296 -3.88 -48.19 -36.67
CA ILE D 296 -4.50 -47.12 -37.43
C ILE D 296 -5.41 -47.70 -38.50
N LEU D 297 -5.03 -48.83 -39.10
CA LEU D 297 -5.91 -49.50 -40.04
C LEU D 297 -7.17 -50.00 -39.34
N GLU D 298 -7.08 -50.30 -38.04
CA GLU D 298 -8.20 -50.69 -37.19
C GLU D 298 -9.15 -49.54 -36.92
N ASN D 299 -8.61 -48.37 -36.60
CA ASN D 299 -9.40 -47.27 -36.05
C ASN D 299 -9.57 -46.11 -37.02
N TRP D 300 -9.25 -46.30 -38.30
CA TRP D 300 -9.31 -45.18 -39.25
C TRP D 300 -10.71 -44.57 -39.33
N THR D 301 -11.75 -45.41 -39.36
CA THR D 301 -13.10 -44.88 -39.55
C THR D 301 -13.57 -44.08 -38.34
N LEU D 302 -13.36 -44.61 -37.13
CA LEU D 302 -13.77 -43.90 -35.93
C LEU D 302 -12.93 -42.65 -35.73
N LEU D 303 -11.63 -42.71 -36.06
CA LEU D 303 -10.79 -41.53 -35.91
C LEU D 303 -11.17 -40.44 -36.89
N TRP D 304 -11.50 -40.81 -38.13
CA TRP D 304 -11.93 -39.78 -39.08
C TRP D 304 -13.28 -39.20 -38.69
N ASN D 305 -14.18 -40.03 -38.16
CA ASN D 305 -15.44 -39.50 -37.65
C ASN D 305 -15.19 -38.47 -36.54
N ALA D 306 -14.36 -38.84 -35.56
CA ALA D 306 -14.09 -37.93 -34.44
C ALA D 306 -13.37 -36.67 -34.89
N LEU D 307 -12.39 -36.81 -35.79
CA LEU D 307 -11.64 -35.64 -36.23
C LEU D 307 -12.45 -34.75 -37.15
N LYS D 308 -13.44 -35.30 -37.87
CA LYS D 308 -14.34 -34.44 -38.64
C LYS D 308 -15.30 -33.71 -37.71
N PHE D 309 -15.77 -34.39 -36.66
CA PHE D 309 -16.55 -33.71 -35.63
C PHE D 309 -15.76 -32.56 -35.03
N GLU D 310 -14.46 -32.77 -34.81
CA GLU D 310 -13.63 -31.71 -34.23
C GLU D 310 -13.30 -30.64 -35.27
N ILE D 311 -13.24 -31.00 -36.55
CA ILE D 311 -13.14 -30.03 -37.63
C ILE D 311 -14.31 -29.06 -37.56
N MET D 312 -15.53 -29.62 -37.47
CA MET D 312 -16.70 -28.78 -37.26
C MET D 312 -16.64 -28.06 -35.91
N GLN D 313 -15.94 -28.64 -34.92
CA GLN D 313 -15.80 -27.97 -33.63
C GLN D 313 -14.81 -26.80 -33.74
N ASN D 314 -13.69 -27.02 -34.42
CA ASN D 314 -12.67 -26.00 -34.54
C ASN D 314 -12.32 -25.73 -36.00
N TYR D 338 -0.28 -22.45 -31.79
CA TYR D 338 -0.70 -23.77 -32.25
C TYR D 338 -2.11 -24.09 -31.76
N THR D 339 -3.09 -23.99 -32.65
CA THR D 339 -4.48 -24.23 -32.31
C THR D 339 -4.78 -25.73 -32.38
N ASN D 340 -6.08 -26.07 -32.35
CA ASN D 340 -6.48 -27.46 -32.51
C ASN D 340 -6.67 -27.81 -33.98
N TYR D 341 -6.92 -26.82 -34.84
CA TYR D 341 -7.28 -27.11 -36.23
C TYR D 341 -6.08 -27.63 -37.01
N ASP D 342 -4.94 -26.95 -36.90
CA ASP D 342 -3.74 -27.45 -37.57
C ASP D 342 -3.31 -28.79 -37.00
N ALA D 343 -3.49 -28.99 -35.69
CA ALA D 343 -3.16 -30.28 -35.08
C ALA D 343 -4.02 -31.40 -35.64
N CYS D 344 -5.32 -31.15 -35.81
CA CYS D 344 -6.19 -32.20 -36.33
C CYS D 344 -5.99 -32.42 -37.82
N LEU D 345 -5.64 -31.37 -38.57
CA LEU D 345 -5.24 -31.58 -39.96
C LEU D 345 -3.99 -32.43 -40.05
N LYS D 346 -3.02 -32.21 -39.16
CA LYS D 346 -1.83 -33.07 -39.14
C LYS D 346 -2.19 -34.49 -38.71
N ILE D 347 -3.16 -34.64 -37.81
CA ILE D 347 -3.65 -35.97 -37.45
C ILE D 347 -4.20 -36.68 -38.68
N ILE D 348 -5.05 -35.99 -39.44
CA ILE D 348 -5.65 -36.59 -40.62
C ILE D 348 -4.57 -36.93 -41.64
N ASN D 349 -3.59 -36.03 -41.82
CA ASN D 349 -2.52 -36.26 -42.78
C ASN D 349 -1.69 -37.49 -42.41
N LEU D 350 -1.25 -37.56 -41.15
CA LEU D 350 -0.44 -38.70 -40.72
C LEU D 350 -1.24 -40.00 -40.75
N MET D 351 -2.53 -39.94 -40.42
CA MET D 351 -3.35 -41.14 -40.46
C MET D 351 -3.52 -41.65 -41.89
N ALA D 352 -3.81 -40.73 -42.82
CA ALA D 352 -3.88 -41.13 -44.23
C ALA D 352 -2.55 -41.70 -44.71
N LEU D 353 -1.44 -41.06 -44.31
CA LEU D 353 -0.13 -41.55 -44.72
C LEU D 353 0.16 -42.92 -44.13
N GLN D 354 -0.27 -43.15 -42.89
CA GLN D 354 -0.04 -44.44 -42.24
C GLN D 354 -0.83 -45.54 -42.94
N LEU D 355 -2.09 -45.29 -43.27
CA LEU D 355 -2.84 -46.26 -44.06
C LEU D 355 -2.20 -46.48 -45.42
N TYR D 356 -1.75 -45.40 -46.09
CA TYR D 356 -1.17 -45.55 -47.42
C TYR D 356 0.11 -46.37 -47.39
N ASN D 357 1.00 -46.08 -46.43
CA ASN D 357 2.25 -46.82 -46.34
C ASN D 357 2.03 -48.24 -45.84
N PHE D 358 1.03 -48.46 -45.00
CA PHE D 358 0.80 -49.79 -44.44
C PHE D 358 0.04 -50.67 -45.43
N ASP D 359 -1.11 -50.22 -45.91
CA ASP D 359 -1.91 -50.99 -46.85
C ASP D 359 -2.70 -50.03 -47.75
N LYS D 360 -2.39 -50.08 -49.05
CA LYS D 360 -3.09 -49.24 -50.00
C LYS D 360 -4.59 -49.52 -50.01
N VAL D 361 -4.99 -50.73 -49.60
CA VAL D 361 -6.40 -51.05 -49.52
C VAL D 361 -7.09 -50.20 -48.46
N SER D 362 -6.47 -50.07 -47.29
CA SER D 362 -7.06 -49.26 -46.22
C SER D 362 -7.11 -47.80 -46.58
N PHE D 363 -6.03 -47.27 -47.18
CA PHE D 363 -6.04 -45.88 -47.58
C PHE D 363 -7.05 -45.64 -48.68
N GLU D 364 -7.26 -46.63 -49.55
CA GLU D 364 -8.27 -46.49 -50.59
C GLU D 364 -9.67 -46.51 -50.00
N LYS D 365 -9.90 -47.36 -49.00
CA LYS D 365 -11.18 -47.35 -48.29
C LYS D 365 -11.41 -45.99 -47.61
N PHE D 366 -10.38 -45.47 -46.96
CA PHE D 366 -10.46 -44.13 -46.39
C PHE D 366 -10.79 -43.08 -47.43
N PHE D 367 -10.09 -43.11 -48.57
CA PHE D 367 -10.29 -42.08 -49.58
C PHE D 367 -11.69 -42.17 -50.17
N THR D 368 -12.19 -43.39 -50.42
CA THR D 368 -13.52 -43.51 -50.98
C THR D 368 -14.59 -43.14 -49.97
N HIS D 369 -14.36 -43.40 -48.67
CA HIS D 369 -15.32 -42.94 -47.66
C HIS D 369 -15.35 -41.42 -47.59
N VAL D 370 -14.17 -40.80 -47.58
CA VAL D 370 -14.10 -39.34 -47.54
C VAL D 370 -14.77 -38.74 -48.77
N LEU D 371 -14.54 -39.34 -49.94
CA LEU D 371 -15.19 -38.85 -51.15
C LEU D 371 -16.70 -39.02 -51.09
N ASP D 372 -17.17 -40.20 -50.68
CA ASP D 372 -18.61 -40.43 -50.59
C ASP D 372 -19.27 -39.47 -49.62
N GLU D 373 -18.55 -39.05 -48.58
CA GLU D 373 -19.17 -38.16 -47.60
C GLU D 373 -19.05 -36.69 -47.99
N LEU D 374 -18.02 -36.31 -48.74
CA LEU D 374 -17.74 -34.89 -48.94
C LEU D 374 -17.80 -34.44 -50.40
N LYS D 375 -18.14 -35.34 -51.33
CA LYS D 375 -18.15 -34.96 -52.74
C LYS D 375 -19.15 -33.85 -53.06
N PRO D 376 -20.39 -33.85 -52.55
CA PRO D 376 -21.24 -32.68 -52.75
C PRO D 376 -20.63 -31.39 -52.22
N ASN D 377 -19.86 -31.46 -51.12
CA ASN D 377 -19.21 -30.27 -50.60
C ASN D 377 -18.22 -29.70 -51.59
N PHE D 378 -17.41 -30.56 -52.22
CA PHE D 378 -16.43 -30.07 -53.19
C PHE D 378 -17.10 -29.60 -54.47
N LYS D 379 -18.08 -30.36 -54.97
CA LYS D 379 -18.69 -30.02 -56.24
C LYS D 379 -19.56 -28.77 -56.13
N TYR D 380 -20.23 -28.60 -55.00
CA TYR D 380 -21.12 -27.46 -54.80
C TYR D 380 -20.33 -26.28 -54.24
N GLU D 381 -21.04 -25.29 -53.72
CA GLU D 381 -20.45 -24.13 -53.07
C GLU D 381 -20.75 -24.12 -51.58
N LYS D 382 -20.71 -25.29 -50.95
CA LYS D 382 -20.94 -25.45 -49.52
C LYS D 382 -19.76 -26.15 -48.88
N ASP D 383 -19.29 -25.59 -47.75
CA ASP D 383 -18.24 -26.21 -46.92
C ASP D 383 -16.99 -26.53 -47.74
N LEU D 384 -16.54 -25.57 -48.55
CA LEU D 384 -15.35 -25.78 -49.34
C LEU D 384 -14.09 -25.62 -48.52
N LYS D 385 -14.10 -24.73 -47.53
CA LYS D 385 -12.90 -24.46 -46.75
C LYS D 385 -12.41 -25.71 -46.03
N GLN D 386 -13.27 -26.28 -45.17
CA GLN D 386 -12.85 -27.41 -44.34
C GLN D 386 -12.50 -28.62 -45.18
N THR D 387 -13.36 -28.99 -46.12
CA THR D 387 -13.13 -30.19 -46.92
C THR D 387 -11.93 -30.02 -47.84
N CYS D 388 -11.80 -28.85 -48.46
CA CYS D 388 -10.66 -28.58 -49.34
C CYS D 388 -9.36 -28.62 -48.54
N GLN D 389 -9.36 -28.08 -47.32
CA GLN D 389 -8.17 -28.17 -46.48
C GLN D 389 -7.91 -29.61 -46.06
N ILE D 390 -8.96 -30.41 -45.86
CA ILE D 390 -8.78 -31.81 -45.51
C ILE D 390 -8.04 -32.55 -46.63
N LEU D 391 -8.51 -32.42 -47.87
CA LEU D 391 -7.83 -33.12 -48.95
C LEU D 391 -6.53 -32.42 -49.34
N SER D 392 -6.37 -31.16 -48.96
CA SER D 392 -5.07 -30.49 -49.14
C SER D 392 -4.02 -31.11 -48.23
N ALA D 393 -4.37 -31.37 -46.97
CA ALA D 393 -3.47 -32.05 -46.06
C ALA D 393 -3.27 -33.50 -46.50
N ILE D 394 -4.34 -34.15 -46.99
CA ILE D 394 -4.22 -35.54 -47.42
C ILE D 394 -3.26 -35.67 -48.58
N GLY D 395 -3.45 -34.86 -49.62
CA GLY D 395 -2.62 -34.91 -50.80
C GLY D 395 -1.21 -34.41 -50.63
N SER D 396 -0.92 -33.71 -49.54
CA SER D 396 0.42 -33.23 -49.25
C SER D 396 1.33 -34.32 -48.69
N GLY D 397 0.87 -35.56 -48.69
CA GLY D 397 1.66 -36.66 -48.17
C GLY D 397 2.65 -37.21 -49.19
N ASN D 398 2.18 -37.50 -50.40
CA ASN D 398 3.03 -38.02 -51.45
C ASN D 398 2.49 -37.54 -52.79
N VAL D 399 3.23 -37.87 -53.86
CA VAL D 399 2.82 -37.47 -55.20
C VAL D 399 1.58 -38.25 -55.64
N GLU D 400 1.53 -39.54 -55.32
CA GLU D 400 0.38 -40.36 -55.72
C GLU D 400 -0.90 -39.91 -55.04
N ILE D 401 -0.83 -39.63 -53.73
CA ILE D 401 -2.01 -39.16 -53.02
C ILE D 401 -2.41 -37.77 -53.52
N PHE D 402 -1.43 -36.93 -53.86
CA PHE D 402 -1.73 -35.64 -54.45
C PHE D 402 -2.47 -35.79 -55.77
N ASN D 403 -2.02 -36.73 -56.61
CA ASN D 403 -2.70 -36.98 -57.87
C ASN D 403 -4.11 -37.49 -57.63
N LYS D 404 -4.28 -38.35 -56.63
CA LYS D 404 -5.61 -38.82 -56.25
C LYS D 404 -6.51 -37.64 -55.88
N VAL D 405 -6.00 -36.75 -55.02
CA VAL D 405 -6.79 -35.59 -54.57
C VAL D 405 -7.15 -34.69 -55.75
N ILE D 406 -6.19 -34.45 -56.64
CA ILE D 406 -6.43 -33.57 -57.78
C ILE D 406 -7.50 -34.17 -58.69
N SER D 407 -7.32 -35.44 -59.07
CA SER D 407 -8.27 -36.08 -59.97
C SER D 407 -9.64 -36.26 -59.32
N SER D 408 -9.70 -36.26 -57.98
CA SER D 408 -10.97 -36.41 -57.29
C SER D 408 -11.69 -35.09 -57.06
N THR D 409 -10.97 -33.96 -57.00
CA THR D 409 -11.61 -32.69 -56.68
C THR D 409 -11.68 -31.73 -57.84
N PHE D 410 -10.62 -31.58 -58.64
CA PHE D 410 -10.66 -30.62 -59.74
C PHE D 410 -11.82 -30.85 -60.70
N PRO D 411 -12.15 -32.08 -61.13
CA PRO D 411 -13.34 -32.24 -61.98
C PRO D 411 -14.63 -31.80 -61.31
N LEU D 412 -14.66 -31.71 -59.98
CA LEU D 412 -15.89 -31.32 -59.29
C LEU D 412 -16.14 -29.81 -59.40
N PHE D 413 -15.08 -29.00 -59.32
CA PHE D 413 -15.24 -27.55 -59.34
C PHE D 413 -14.42 -26.85 -60.41
N LEU D 414 -13.24 -27.36 -60.76
CA LEU D 414 -12.33 -26.64 -61.66
C LEU D 414 -12.89 -26.67 -63.08
N ILE D 415 -13.92 -25.85 -63.29
CA ILE D 415 -14.57 -25.70 -64.59
C ILE D 415 -14.57 -24.22 -64.95
N ASN D 416 -14.31 -23.92 -66.21
CA ASN D 416 -14.26 -22.52 -66.64
C ASN D 416 -15.59 -21.83 -66.33
N THR D 417 -15.48 -20.69 -65.66
CA THR D 417 -16.67 -19.93 -65.28
C THR D 417 -16.27 -18.49 -64.97
N SER D 418 -17.12 -17.55 -65.43
CA SER D 418 -16.94 -16.15 -65.14
C SER D 418 -17.93 -15.63 -64.10
N GLU D 419 -18.89 -16.45 -63.68
CA GLU D 419 -19.82 -16.05 -62.63
C GLU D 419 -19.07 -15.74 -61.34
N VAL D 420 -19.54 -14.73 -60.63
CA VAL D 420 -18.84 -14.30 -59.42
C VAL D 420 -18.79 -15.43 -58.39
N ALA D 421 -19.91 -16.12 -58.18
CA ALA D 421 -19.95 -17.17 -57.16
C ALA D 421 -19.11 -18.38 -57.58
N LYS D 422 -19.35 -18.92 -58.77
CA LYS D 422 -18.64 -20.10 -59.21
C LYS D 422 -17.15 -19.86 -59.32
N LEU D 423 -16.76 -18.74 -59.95
CA LEU D 423 -15.35 -18.43 -60.09
C LEU D 423 -14.70 -18.12 -58.75
N LYS D 424 -15.43 -17.47 -57.85
CA LYS D 424 -14.88 -17.17 -56.53
C LYS D 424 -14.64 -18.45 -55.72
N LEU D 425 -15.60 -19.38 -55.73
CA LEU D 425 -15.38 -20.65 -55.06
C LEU D 425 -14.27 -21.45 -55.71
N LEU D 426 -14.18 -21.41 -57.05
CA LEU D 426 -13.06 -22.07 -57.73
C LEU D 426 -11.73 -21.50 -57.27
N ILE D 427 -11.64 -20.18 -57.17
CA ILE D 427 -10.37 -19.55 -56.81
C ILE D 427 -10.01 -19.84 -55.36
N MET D 428 -11.00 -19.81 -54.46
CA MET D 428 -10.70 -20.07 -53.05
C MET D 428 -10.42 -21.54 -52.81
N ASN D 429 -10.96 -22.43 -53.65
CA ASN D 429 -10.54 -23.83 -53.62
C ASN D 429 -9.10 -23.97 -54.08
N PHE D 430 -8.77 -23.38 -55.23
CA PHE D 430 -7.41 -23.38 -55.76
C PHE D 430 -6.42 -22.81 -54.76
N SER D 431 -6.86 -21.89 -53.90
CA SER D 431 -6.02 -21.36 -52.83
C SER D 431 -5.54 -22.42 -51.86
N PHE D 432 -6.26 -23.54 -51.75
CA PHE D 432 -5.81 -24.64 -50.89
C PHE D 432 -5.01 -25.67 -51.66
N PHE D 433 -5.30 -25.87 -52.94
CA PHE D 433 -4.49 -26.80 -53.73
C PHE D 433 -3.10 -26.26 -54.01
N VAL D 434 -2.97 -24.94 -54.16
CA VAL D 434 -1.63 -24.36 -54.28
C VAL D 434 -0.85 -24.59 -52.99
N ASP D 435 -1.53 -24.52 -51.84
CA ASP D 435 -0.85 -24.75 -50.57
C ASP D 435 -0.46 -26.22 -50.40
N SER D 436 -1.33 -27.13 -50.83
CA SER D 436 -0.98 -28.55 -50.79
C SER D 436 0.21 -28.85 -51.69
N TYR D 437 0.20 -28.29 -52.92
CA TYR D 437 1.31 -28.47 -53.83
C TYR D 437 2.60 -27.89 -53.24
N ILE D 438 2.51 -26.72 -52.61
CA ILE D 438 3.68 -26.10 -51.98
C ILE D 438 4.23 -26.99 -50.88
N ASP D 439 3.36 -27.47 -49.99
CA ASP D 439 3.80 -28.28 -48.87
C ASP D 439 4.40 -29.59 -49.35
N LEU D 440 3.88 -30.13 -50.45
CA LEU D 440 4.38 -31.41 -50.94
C LEU D 440 5.73 -31.25 -51.65
N PHE D 441 5.94 -30.12 -52.35
CA PHE D 441 7.07 -29.99 -53.24
C PHE D 441 8.08 -28.94 -52.79
N GLY D 442 7.67 -27.69 -52.61
CA GLY D 442 8.59 -26.65 -52.21
C GLY D 442 8.05 -25.28 -52.55
N ARG D 443 8.98 -24.35 -52.79
CA ARG D 443 8.68 -23.00 -53.26
C ARG D 443 9.85 -22.45 -54.09
N THR D 444 9.65 -21.25 -54.61
CA THR D 444 10.64 -20.62 -55.47
C THR D 444 11.93 -20.28 -54.73
N SER D 445 13.04 -20.38 -55.46
CA SER D 445 14.27 -19.69 -55.15
C SER D 445 14.73 -19.02 -56.44
N LYS D 446 15.57 -17.98 -56.29
CA LYS D 446 16.02 -17.26 -57.48
C LYS D 446 16.87 -18.17 -58.37
N GLU D 447 17.38 -19.27 -57.82
CA GLU D 447 18.03 -20.28 -58.65
C GLU D 447 17.06 -21.33 -59.18
N SER D 448 15.94 -21.54 -58.50
CA SER D 448 14.93 -22.51 -58.91
C SER D 448 13.74 -21.84 -59.60
N LEU D 449 14.00 -20.77 -60.35
CA LEU D 449 12.95 -20.03 -61.03
C LEU D 449 12.38 -20.76 -62.24
N GLY D 450 13.05 -21.79 -62.72
CA GLY D 450 12.59 -22.55 -63.87
C GLY D 450 12.57 -24.04 -63.66
N THR D 451 13.12 -24.50 -62.53
CA THR D 451 13.21 -25.92 -62.24
C THR D 451 11.85 -26.46 -61.78
N PRO D 452 11.26 -27.42 -62.47
CA PRO D 452 10.00 -28.02 -62.01
C PRO D 452 10.23 -29.28 -61.19
N VAL D 453 9.21 -29.64 -60.42
CA VAL D 453 9.23 -30.85 -59.60
C VAL D 453 8.97 -32.04 -60.51
N PRO D 454 9.39 -33.27 -60.13
CA PRO D 454 9.34 -34.39 -61.08
C PRO D 454 7.96 -34.72 -61.62
N ASN D 455 7.00 -35.03 -60.74
CA ASN D 455 5.69 -35.46 -61.21
C ASN D 455 4.62 -34.96 -60.25
N ASN D 456 3.42 -34.80 -60.80
CA ASN D 456 2.24 -34.38 -60.06
C ASN D 456 1.06 -34.38 -61.02
N LYS D 457 -0.14 -34.29 -60.46
CA LYS D 457 -1.35 -34.16 -61.28
C LYS D 457 -1.70 -32.71 -61.57
N MET D 458 -1.13 -31.76 -60.82
CA MET D 458 -1.40 -30.35 -61.07
C MET D 458 -0.78 -29.88 -62.38
N ALA D 459 0.30 -30.53 -62.82
CA ALA D 459 0.88 -30.21 -64.12
C ALA D 459 -0.11 -30.51 -65.25
N GLU D 460 -0.87 -31.60 -65.12
CA GLU D 460 -1.91 -31.90 -66.09
C GLU D 460 -3.02 -30.86 -66.06
N TYR D 461 -3.22 -30.22 -64.91
CA TYR D 461 -4.23 -29.19 -64.75
C TYR D 461 -3.65 -27.78 -64.74
N LYS D 462 -2.36 -27.64 -65.04
CA LYS D 462 -1.73 -26.32 -64.98
C LYS D 462 -2.29 -25.39 -66.04
N ASP D 463 -2.55 -25.91 -67.24
CA ASP D 463 -3.14 -25.08 -68.28
C ASP D 463 -4.52 -24.60 -67.88
N GLU D 464 -5.33 -25.46 -67.26
CA GLU D 464 -6.68 -25.08 -66.86
C GLU D 464 -6.66 -24.02 -65.78
N ILE D 465 -5.80 -24.17 -64.77
CA ILE D 465 -5.74 -23.18 -63.70
C ILE D 465 -5.18 -21.85 -64.23
N ILE D 466 -4.20 -21.91 -65.13
CA ILE D 466 -3.67 -20.70 -65.74
C ILE D 466 -4.76 -19.98 -66.51
N MET D 467 -5.53 -20.72 -67.32
CA MET D 467 -6.61 -20.13 -68.10
C MET D 467 -7.69 -19.52 -67.21
N ILE D 468 -8.09 -20.25 -66.16
CA ILE D 468 -9.16 -19.75 -65.31
C ILE D 468 -8.71 -18.51 -64.55
N LEU D 469 -7.46 -18.48 -64.10
CA LEU D 469 -6.94 -17.29 -63.44
C LEU D 469 -6.85 -16.12 -64.42
N SER D 470 -6.42 -16.40 -65.66
CA SER D 470 -6.29 -15.33 -66.63
C SER D 470 -7.63 -14.71 -66.97
N MET D 471 -8.67 -15.55 -67.09
CA MET D 471 -9.99 -15.01 -67.38
C MET D 471 -10.65 -14.47 -66.12
N ALA D 472 -10.14 -14.84 -64.93
CA ALA D 472 -10.68 -14.30 -63.69
C ALA D 472 -10.16 -12.89 -63.44
N LEU D 473 -8.90 -12.64 -63.76
CA LEU D 473 -8.37 -11.28 -63.64
C LEU D 473 -8.73 -10.45 -64.87
N THR D 474 -8.31 -10.89 -66.06
CA THR D 474 -8.57 -10.16 -67.29
C THR D 474 -9.65 -10.86 -68.11
N ARG D 475 -10.07 -10.21 -69.18
CA ARG D 475 -11.29 -10.56 -69.92
C ARG D 475 -12.44 -10.73 -68.92
N SER D 476 -12.52 -9.77 -68.00
CA SER D 476 -13.54 -9.74 -66.96
C SER D 476 -13.95 -8.29 -66.73
N SER D 477 -15.14 -8.12 -66.13
CA SER D 477 -15.67 -6.78 -65.91
C SER D 477 -14.84 -6.02 -64.89
N LYS D 478 -14.83 -4.69 -65.01
CA LYS D 478 -14.03 -3.84 -64.13
C LYS D 478 -14.62 -3.70 -62.74
N ALA D 479 -15.86 -4.16 -62.51
CA ALA D 479 -16.48 -4.03 -61.21
C ALA D 479 -16.10 -5.15 -60.25
N GLU D 480 -15.29 -6.11 -60.68
CA GLU D 480 -14.90 -7.25 -59.85
C GLU D 480 -13.77 -6.81 -58.92
N VAL D 481 -14.10 -6.65 -57.64
CA VAL D 481 -13.06 -6.36 -56.66
C VAL D 481 -12.56 -7.65 -56.00
N THR D 482 -13.44 -8.49 -55.45
CA THR D 482 -13.01 -9.73 -54.82
C THR D 482 -12.49 -10.71 -55.86
N ILE D 483 -13.14 -10.79 -57.01
CA ILE D 483 -12.71 -11.71 -58.05
C ILE D 483 -11.31 -11.39 -58.53
N ARG D 484 -11.04 -10.12 -58.82
CA ARG D 484 -9.72 -9.75 -59.34
C ARG D 484 -8.66 -9.77 -58.25
N THR D 485 -9.03 -9.42 -57.01
CA THR D 485 -8.09 -9.53 -55.91
C THR D 485 -7.67 -10.97 -55.70
N LEU D 486 -8.63 -11.89 -55.63
CA LEU D 486 -8.31 -13.30 -55.51
C LEU D 486 -7.56 -13.80 -56.74
N SER D 487 -7.85 -13.22 -57.91
CA SER D 487 -7.17 -13.61 -59.14
C SER D 487 -5.70 -13.29 -59.07
N VAL D 488 -5.36 -12.04 -58.71
CA VAL D 488 -3.96 -11.66 -58.61
C VAL D 488 -3.28 -12.40 -57.46
N ILE D 489 -4.02 -12.67 -56.38
CA ILE D 489 -3.44 -13.39 -55.25
C ILE D 489 -3.07 -14.82 -55.67
N GLN D 490 -3.96 -15.50 -56.39
CA GLN D 490 -3.66 -16.85 -56.82
C GLN D 490 -2.61 -16.86 -57.93
N PHE D 491 -2.59 -15.81 -58.77
CA PHE D 491 -1.49 -15.65 -59.72
C PHE D 491 -0.15 -15.61 -58.99
N THR D 492 -0.06 -14.75 -57.98
CA THR D 492 1.19 -14.62 -57.21
C THR D 492 1.54 -15.92 -56.50
N LYS D 493 0.55 -16.57 -55.89
CA LYS D 493 0.80 -17.83 -55.18
C LYS D 493 1.26 -18.92 -56.13
N MET D 494 0.70 -18.94 -57.35
CA MET D 494 1.12 -19.95 -58.31
C MET D 494 2.52 -19.64 -58.84
N ILE D 495 2.86 -18.35 -58.95
CA ILE D 495 4.23 -17.96 -59.25
C ILE D 495 5.17 -18.44 -58.15
N LYS D 496 4.69 -18.46 -56.91
CA LYS D 496 5.55 -18.76 -55.77
C LYS D 496 6.06 -20.20 -55.80
N MET D 497 5.60 -21.01 -56.75
CA MET D 497 6.16 -22.35 -56.86
C MET D 497 7.43 -22.40 -57.70
N LYS D 498 8.40 -23.16 -57.19
CA LYS D 498 9.70 -23.36 -57.81
C LYS D 498 9.55 -23.80 -59.26
N GLY D 499 9.92 -22.91 -60.18
CA GLY D 499 9.99 -23.20 -61.60
C GLY D 499 8.88 -24.03 -62.20
N PHE D 500 7.65 -23.84 -61.73
CA PHE D 500 6.51 -24.56 -62.29
C PHE D 500 5.78 -23.76 -63.35
N LEU D 501 6.06 -22.47 -63.45
CA LEU D 501 5.51 -21.61 -64.48
C LEU D 501 6.65 -21.01 -65.29
N THR D 502 6.53 -21.05 -66.61
CA THR D 502 7.58 -20.56 -67.48
C THR D 502 7.69 -19.04 -67.42
N PRO D 503 8.82 -18.47 -67.84
CA PRO D 503 8.91 -17.01 -67.92
C PRO D 503 7.84 -16.39 -68.80
N GLU D 504 7.32 -17.13 -69.78
CA GLU D 504 6.20 -16.64 -70.57
C GLU D 504 4.96 -16.43 -69.71
N GLU D 505 4.69 -17.38 -68.80
CA GLU D 505 3.52 -17.27 -67.93
C GLU D 505 3.65 -16.05 -67.01
N VAL D 506 4.82 -15.87 -66.39
CA VAL D 506 4.98 -14.72 -65.50
C VAL D 506 5.00 -13.43 -66.30
N SER D 507 5.46 -13.45 -67.54
CA SER D 507 5.38 -12.26 -68.39
C SER D 507 3.93 -11.89 -68.67
N LEU D 508 3.10 -12.89 -68.98
CA LEU D 508 1.68 -12.65 -69.19
C LEU D 508 1.02 -12.13 -67.91
N ILE D 509 1.43 -12.67 -66.76
CA ILE D 509 0.87 -12.23 -65.49
C ILE D 509 1.27 -10.80 -65.20
N ILE D 510 2.51 -10.43 -65.49
CA ILE D 510 2.98 -9.06 -65.31
C ILE D 510 2.20 -8.12 -66.20
N GLN D 511 2.00 -8.50 -67.47
CA GLN D 511 1.22 -7.67 -68.37
C GLN D 511 -0.21 -7.50 -67.89
N TYR D 512 -0.81 -8.59 -67.40
CA TYR D 512 -2.17 -8.51 -66.85
C TYR D 512 -2.22 -7.55 -65.67
N PHE D 513 -1.26 -7.67 -64.74
CA PHE D 513 -1.24 -6.79 -63.57
C PHE D 513 -1.11 -5.34 -64.00
N THR D 514 -0.17 -5.05 -64.89
CA THR D 514 0.06 -3.67 -65.31
C THR D 514 -1.16 -3.10 -66.03
N GLU D 515 -1.73 -3.86 -66.95
CA GLU D 515 -2.89 -3.37 -67.68
C GLU D 515 -4.05 -3.11 -66.74
N GLU D 516 -4.33 -4.05 -65.83
CA GLU D 516 -5.50 -3.89 -64.96
C GLU D 516 -5.24 -2.86 -63.87
N ILE D 517 -3.98 -2.52 -63.62
CA ILE D 517 -3.69 -1.50 -62.61
C ILE D 517 -3.72 -0.10 -63.23
N LEU D 518 -3.35 0.04 -64.50
CA LEU D 518 -3.47 1.35 -65.15
C LEU D 518 -4.91 1.62 -65.61
N THR D 519 -5.64 0.58 -66.02
CA THR D 519 -7.01 0.80 -66.48
C THR D 519 -7.93 1.17 -65.32
N ASP D 520 -7.94 0.37 -64.26
CA ASP D 520 -8.87 0.56 -63.16
C ASP D 520 -8.21 1.31 -62.01
N ASN D 521 -8.93 2.30 -61.47
CA ASN D 521 -8.50 3.02 -60.28
C ASN D 521 -8.91 2.31 -59.01
N ASN D 522 -9.72 1.26 -59.12
CA ASN D 522 -10.24 0.60 -57.93
C ASN D 522 -9.09 0.13 -57.06
N LYS D 523 -8.94 0.81 -55.92
CA LYS D 523 -7.74 0.64 -55.09
C LYS D 523 -7.61 -0.79 -54.61
N ASN D 524 -8.71 -1.55 -54.58
CA ASN D 524 -8.62 -2.99 -54.37
C ASN D 524 -7.74 -3.64 -55.42
N ILE D 525 -8.19 -3.59 -56.67
CA ILE D 525 -7.42 -4.19 -57.77
C ILE D 525 -6.10 -3.46 -57.94
N TYR D 526 -6.10 -2.14 -57.74
CA TYR D 526 -4.87 -1.36 -57.84
C TYR D 526 -3.79 -1.88 -56.90
N TYR D 527 -4.10 -1.95 -55.61
CA TYR D 527 -3.07 -2.33 -54.65
C TYR D 527 -2.80 -3.83 -54.67
N ALA D 528 -3.79 -4.63 -55.08
CA ALA D 528 -3.55 -6.06 -55.24
C ALA D 528 -2.59 -6.32 -56.40
N CYS D 529 -2.76 -5.58 -57.51
CA CYS D 529 -1.82 -5.68 -58.61
C CYS D 529 -0.45 -5.13 -58.22
N LEU D 530 -0.43 -4.09 -57.38
CA LEU D 530 0.86 -3.62 -56.85
C LEU D 530 1.55 -4.71 -56.06
N GLU D 531 0.81 -5.41 -55.19
CA GLU D 531 1.39 -6.50 -54.41
C GLU D 531 1.91 -7.61 -55.31
N GLY D 532 1.12 -8.00 -56.32
CA GLY D 532 1.56 -9.02 -57.24
C GLY D 532 2.82 -8.62 -58.01
N LEU D 533 2.85 -7.39 -58.50
CA LEU D 533 4.01 -6.90 -59.24
C LEU D 533 5.24 -6.82 -58.34
N LYS D 534 5.06 -6.43 -57.08
CA LYS D 534 6.19 -6.35 -56.17
C LYS D 534 6.73 -7.73 -55.84
N THR D 535 5.84 -8.71 -55.67
CA THR D 535 6.30 -10.08 -55.42
C THR D 535 7.02 -10.64 -56.64
N ILE D 536 6.51 -10.36 -57.83
CA ILE D 536 7.23 -10.75 -59.04
C ILE D 536 8.58 -10.08 -59.10
N SER D 537 8.65 -8.81 -58.70
CA SER D 537 9.92 -8.09 -58.70
C SER D 537 10.92 -8.73 -57.75
N GLU D 538 10.45 -9.15 -56.57
CA GLU D 538 11.35 -9.81 -55.64
C GLU D 538 11.65 -11.25 -56.03
N ILE D 539 10.90 -11.83 -56.97
CA ILE D 539 11.16 -13.20 -57.40
C ILE D 539 11.59 -13.26 -58.86
N TYR D 540 11.39 -12.18 -59.61
CA TYR D 540 11.75 -12.11 -61.02
C TYR D 540 12.22 -10.68 -61.30
N GLU D 541 13.53 -10.48 -61.29
CA GLU D 541 14.09 -9.16 -61.57
C GLU D 541 13.86 -8.75 -63.02
N ASP D 542 14.48 -9.49 -63.95
CA ASP D 542 14.47 -9.10 -65.36
C ASP D 542 13.07 -9.11 -65.94
N LEU D 543 12.22 -10.06 -65.51
CA LEU D 543 10.89 -10.17 -66.09
C LEU D 543 10.06 -8.92 -65.83
N VAL D 544 9.94 -8.52 -64.57
CA VAL D 544 9.15 -7.33 -64.25
C VAL D 544 9.80 -6.09 -64.85
N PHE D 545 11.13 -5.98 -64.75
CA PHE D 545 11.81 -4.81 -65.29
C PHE D 545 11.60 -4.68 -66.81
N GLU D 546 11.47 -5.81 -67.50
CA GLU D 546 11.31 -5.78 -68.94
C GLU D 546 9.88 -5.46 -69.34
N ILE D 547 8.90 -6.14 -68.75
CA ILE D 547 7.51 -5.94 -69.15
C ILE D 547 6.89 -4.72 -68.48
N SER D 548 6.85 -4.67 -67.15
CA SER D 548 6.08 -3.61 -66.49
C SER D 548 6.84 -2.30 -66.43
N LEU D 549 8.08 -2.33 -65.93
CA LEU D 549 8.81 -1.09 -65.67
C LEU D 549 9.11 -0.33 -66.95
N LYS D 550 9.57 -1.03 -67.98
CA LYS D 550 9.91 -0.35 -69.24
C LYS D 550 8.66 0.25 -69.88
N LYS D 551 7.56 -0.51 -69.90
CA LYS D 551 6.31 0.04 -70.43
C LYS D 551 5.89 1.28 -69.67
N LEU D 552 5.90 1.21 -68.33
CA LEU D 552 5.49 2.35 -67.52
C LEU D 552 6.37 3.56 -67.76
N LEU D 553 7.67 3.34 -67.93
CA LEU D 553 8.57 4.44 -68.30
C LEU D 553 8.26 4.95 -69.70
N ASP D 554 7.67 4.12 -70.55
CA ASP D 554 7.36 4.55 -71.91
C ASP D 554 6.03 5.31 -72.01
N LEU D 555 5.09 5.07 -71.09
CA LEU D 555 3.82 5.78 -71.14
C LEU D 555 4.01 7.29 -71.02
N LEU D 556 4.94 7.74 -70.18
CA LEU D 556 5.13 9.16 -69.97
C LEU D 556 5.63 9.83 -71.25
N PRO D 557 5.14 11.03 -71.58
CA PRO D 557 5.47 11.65 -72.86
C PRO D 557 6.66 12.60 -72.79
N ASP D 558 6.92 13.29 -73.90
CA ASP D 558 8.00 14.26 -73.96
C ASP D 558 7.74 15.49 -73.09
N CYS D 559 6.50 15.96 -73.04
CA CYS D 559 6.15 17.20 -72.35
C CYS D 559 5.38 16.89 -71.07
N PHE D 560 5.54 17.78 -70.09
CA PHE D 560 4.86 17.61 -68.81
C PHE D 560 3.40 18.06 -68.91
N GLU D 561 2.60 17.58 -67.96
CA GLU D 561 1.18 17.93 -67.83
C GLU D 561 0.39 17.45 -69.04
N GLU D 562 0.57 16.17 -69.36
CA GLU D 562 -0.18 15.49 -70.39
C GLU D 562 -1.02 14.38 -69.75
N LYS D 563 -2.01 13.90 -70.49
CA LYS D 563 -2.84 12.78 -70.04
C LYS D 563 -2.17 11.50 -70.51
N ILE D 564 -1.76 10.66 -69.57
CA ILE D 564 -1.06 9.42 -69.88
C ILE D 564 -2.08 8.43 -70.40
N ARG D 565 -2.23 8.36 -71.72
CA ARG D 565 -3.30 7.58 -72.35
C ARG D 565 -2.89 6.12 -72.35
N VAL D 566 -3.38 5.38 -71.34
CA VAL D 566 -3.13 3.94 -71.28
C VAL D 566 -3.76 3.24 -72.48
N ASN D 567 -4.99 3.62 -72.83
CA ASN D 567 -5.71 3.05 -73.94
C ASN D 567 -6.61 4.13 -74.54
N ASP D 568 -7.62 3.70 -75.31
CA ASP D 568 -8.48 4.65 -76.01
C ASP D 568 -9.20 5.58 -75.04
N GLU D 569 -9.64 5.07 -73.89
CA GLU D 569 -10.40 5.88 -72.94
C GLU D 569 -9.68 6.11 -71.63
N GLU D 570 -9.29 5.06 -70.91
CA GLU D 570 -8.73 5.20 -69.58
C GLU D 570 -7.32 5.81 -69.67
N ASN D 571 -7.08 6.81 -68.84
CA ASN D 571 -5.80 7.48 -68.75
C ASN D 571 -5.42 7.71 -67.30
N ILE D 572 -4.12 7.70 -67.02
CA ILE D 572 -3.61 7.96 -65.68
C ILE D 572 -2.88 9.29 -65.70
N HIS D 573 -2.54 9.78 -64.51
CA HIS D 573 -1.86 11.06 -64.39
C HIS D 573 -0.38 10.92 -64.75
N ILE D 574 0.26 12.06 -65.00
CA ILE D 574 1.69 12.06 -65.28
C ILE D 574 2.47 11.63 -64.04
N GLU D 575 1.95 11.95 -62.84
CA GLU D 575 2.60 11.53 -61.61
C GLU D 575 2.29 10.09 -61.24
N THR D 576 1.34 9.45 -61.95
CA THR D 576 1.03 8.05 -61.66
C THR D 576 2.23 7.15 -61.95
N ILE D 577 2.95 7.42 -63.04
CA ILE D 577 4.15 6.65 -63.35
C ILE D 577 5.19 6.82 -62.26
N LEU D 578 5.38 8.05 -61.78
CA LEU D 578 6.34 8.31 -60.71
C LEU D 578 5.93 7.57 -59.43
N LYS D 579 4.64 7.59 -59.11
CA LYS D 579 4.18 6.89 -57.91
C LYS D 579 4.37 5.38 -58.03
N ILE D 580 4.13 4.82 -59.22
CA ILE D 580 4.33 3.39 -59.43
C ILE D 580 5.81 3.04 -59.30
N ILE D 581 6.68 3.90 -59.86
CA ILE D 581 8.12 3.70 -59.70
C ILE D 581 8.51 3.73 -58.23
N LEU D 582 7.88 4.63 -57.46
CA LEU D 582 8.15 4.70 -56.03
C LEU D 582 7.66 3.45 -55.31
N ASP D 583 6.61 2.82 -55.83
CA ASP D 583 6.03 1.65 -55.18
C ASP D 583 7.02 0.49 -55.10
N PHE D 584 7.40 -0.07 -56.24
CA PHE D 584 8.37 -1.15 -56.27
C PHE D 584 9.74 -0.60 -56.68
N THR D 585 10.66 -1.49 -57.04
CA THR D 585 12.08 -1.19 -57.22
C THR D 585 12.74 -0.71 -55.93
N THR D 586 12.07 -0.88 -54.79
CA THR D 586 12.65 -0.48 -53.51
C THR D 586 13.70 -1.47 -53.04
N SER D 587 13.71 -2.69 -53.57
CA SER D 587 14.70 -3.68 -53.19
C SER D 587 15.19 -4.49 -54.38
N ARG D 588 14.97 -4.02 -55.61
CA ARG D 588 15.33 -4.74 -56.82
C ARG D 588 16.49 -4.02 -57.49
N HIS D 589 17.68 -4.64 -57.42
CA HIS D 589 18.91 -3.95 -57.83
C HIS D 589 18.86 -3.50 -59.28
N ILE D 590 18.58 -4.43 -60.20
CA ILE D 590 18.52 -4.08 -61.61
C ILE D 590 17.41 -3.08 -61.87
N LEU D 591 16.22 -3.35 -61.32
CA LEU D 591 15.10 -2.44 -61.48
C LEU D 591 15.45 -1.04 -60.97
N VAL D 592 15.99 -0.95 -59.76
CA VAL D 592 16.21 0.37 -59.17
C VAL D 592 17.32 1.12 -59.91
N LYS D 593 18.37 0.41 -60.34
CA LYS D 593 19.46 1.09 -61.03
C LYS D 593 19.02 1.59 -62.40
N GLU D 594 18.36 0.73 -63.17
CA GLU D 594 17.87 1.16 -64.48
C GLU D 594 16.80 2.23 -64.34
N SER D 595 16.00 2.17 -63.28
CA SER D 595 15.00 3.20 -63.04
C SER D 595 15.65 4.53 -62.72
N ILE D 596 16.70 4.53 -61.90
CA ILE D 596 17.40 5.77 -61.60
C ILE D 596 17.97 6.35 -62.88
N THR D 597 18.58 5.50 -63.71
CA THR D 597 19.16 5.96 -64.97
C THR D 597 18.10 6.56 -65.88
N PHE D 598 16.96 5.88 -66.03
CA PHE D 598 15.93 6.36 -66.95
C PHE D 598 15.25 7.61 -66.41
N LEU D 599 15.05 7.70 -65.09
CA LEU D 599 14.47 8.90 -64.52
C LEU D 599 15.40 10.09 -64.65
N ALA D 600 16.72 9.86 -64.54
CA ALA D 600 17.66 10.93 -64.82
C ALA D 600 17.61 11.34 -66.30
N THR D 601 17.51 10.36 -67.19
CA THR D 601 17.38 10.66 -68.61
C THR D 601 16.15 11.52 -68.88
N LYS D 602 15.01 11.16 -68.29
CA LYS D 602 13.80 11.93 -68.49
C LYS D 602 13.86 13.29 -67.81
N LEU D 603 14.55 13.38 -66.67
CA LEU D 603 14.78 14.68 -66.05
C LEU D 603 15.53 15.60 -67.00
N ASN D 604 16.63 15.10 -67.57
CA ASN D 604 17.40 15.87 -68.55
C ASN D 604 16.53 16.24 -69.76
N ARG D 605 15.73 15.29 -70.24
CA ARG D 605 14.96 15.52 -71.46
C ARG D 605 13.85 16.55 -71.22
N VAL D 606 13.13 16.43 -70.11
CA VAL D 606 12.02 17.35 -69.83
C VAL D 606 12.56 18.72 -69.43
N ALA D 607 13.85 18.79 -69.06
CA ALA D 607 14.44 20.12 -68.83
C ALA D 607 14.95 20.73 -70.12
N LYS D 608 15.43 19.90 -71.05
CA LYS D 608 16.04 20.42 -72.27
C LYS D 608 15.01 20.68 -73.36
N ILE D 609 14.32 19.65 -73.81
CA ILE D 609 13.35 19.80 -74.88
C ILE D 609 11.99 20.26 -74.37
N SER D 610 11.75 20.20 -73.06
CA SER D 610 10.52 20.69 -72.47
C SER D 610 10.87 21.74 -71.43
N LYS D 611 9.84 22.45 -70.97
CA LYS D 611 9.99 23.51 -69.97
C LYS D 611 9.04 23.19 -68.82
N SER D 612 9.54 22.44 -67.85
CA SER D 612 8.75 22.03 -66.70
C SER D 612 9.57 22.18 -65.42
N ARG D 613 8.87 22.44 -64.32
CA ARG D 613 9.49 22.51 -63.01
C ARG D 613 9.01 21.41 -62.07
N GLU D 614 7.70 21.19 -61.98
CA GLU D 614 7.17 20.19 -61.06
C GLU D 614 7.55 18.78 -61.49
N TYR D 615 7.65 18.54 -62.80
CA TYR D 615 8.06 17.23 -63.28
C TYR D 615 9.53 16.97 -62.95
N CYS D 616 10.38 17.96 -63.15
CA CYS D 616 11.79 17.82 -62.77
C CYS D 616 11.92 17.61 -61.27
N PHE D 617 11.14 18.37 -60.48
CA PHE D 617 11.18 18.21 -59.02
C PHE D 617 10.75 16.81 -58.61
N LEU D 618 9.65 16.31 -59.19
CA LEU D 618 9.16 14.98 -58.83
C LEU D 618 10.15 13.91 -59.27
N LEU D 619 10.77 14.08 -60.43
CA LEU D 619 11.73 13.08 -60.90
C LEU D 619 12.97 13.05 -60.02
N ILE D 620 13.49 14.20 -59.65
CA ILE D 620 14.69 14.22 -58.80
C ILE D 620 14.35 13.75 -57.39
N SER D 621 13.12 14.00 -56.93
CA SER D 621 12.69 13.49 -55.63
C SER D 621 12.53 11.98 -55.67
N THR D 622 12.05 11.44 -56.80
CA THR D 622 11.97 9.99 -56.96
C THR D 622 13.36 9.37 -56.99
N ILE D 623 14.31 10.03 -57.65
CA ILE D 623 15.70 9.56 -57.63
C ILE D 623 16.23 9.54 -56.20
N TYR D 624 15.97 10.62 -55.46
CA TYR D 624 16.37 10.69 -54.05
C TYR D 624 15.74 9.56 -53.24
N SER D 625 14.46 9.29 -53.45
CA SER D 625 13.76 8.26 -52.68
C SER D 625 14.28 6.87 -53.02
N LEU D 626 14.57 6.61 -54.29
CA LEU D 626 15.10 5.30 -54.67
C LEU D 626 16.52 5.12 -54.15
N PHE D 627 17.31 6.20 -54.10
CA PHE D 627 18.62 6.10 -53.48
C PHE D 627 18.51 5.85 -51.98
N ASN D 628 17.53 6.48 -51.32
CA ASN D 628 17.34 6.31 -49.88
C ASN D 628 16.86 4.89 -49.56
N ASN D 629 15.94 4.36 -50.36
CA ASN D 629 15.43 3.01 -50.13
C ASN D 629 16.50 1.95 -50.30
N ASN D 630 17.61 2.29 -50.97
CA ASN D 630 18.73 1.37 -51.14
C ASN D 630 19.84 1.58 -50.14
N ASN D 631 20.13 2.83 -49.77
CA ASN D 631 21.08 3.09 -48.69
C ASN D 631 20.54 2.67 -47.34
N GLN D 632 19.22 2.43 -47.23
CA GLN D 632 18.67 1.82 -46.03
C GLN D 632 18.96 0.32 -45.97
N ASN D 633 19.29 -0.29 -47.10
CA ASN D 633 19.59 -1.71 -47.16
C ASN D 633 21.07 -2.00 -47.42
N GLU D 634 21.81 -1.05 -47.98
CA GLU D 634 23.23 -1.17 -48.28
C GLU D 634 23.55 -2.30 -49.24
N ASN D 635 22.54 -2.94 -49.82
CA ASN D 635 22.76 -4.02 -50.77
C ASN D 635 21.95 -3.91 -52.05
N VAL D 636 20.85 -3.17 -52.07
CA VAL D 636 20.09 -2.99 -53.31
C VAL D 636 20.94 -2.25 -54.33
N LEU D 637 21.62 -1.20 -53.89
CA LEU D 637 22.76 -0.63 -54.60
C LEU D 637 24.01 -0.87 -53.75
N ASN D 638 24.85 -1.80 -54.16
CA ASN D 638 26.08 -2.07 -53.44
C ASN D 638 27.04 -0.90 -53.60
N GLU D 639 28.23 -1.04 -52.99
CA GLU D 639 29.23 0.02 -53.08
C GLU D 639 29.63 0.25 -54.54
N GLU D 640 30.01 -0.81 -55.24
CA GLU D 640 30.37 -0.69 -56.65
C GLU D 640 29.14 -0.41 -57.52
N ASP D 641 27.98 -0.96 -57.14
CA ASP D 641 26.76 -0.67 -57.89
C ASP D 641 26.39 0.80 -57.77
N ALA D 642 26.48 1.35 -56.56
CA ALA D 642 26.23 2.77 -56.37
C ALA D 642 27.26 3.61 -57.09
N LEU D 643 28.52 3.14 -57.14
CA LEU D 643 29.54 3.87 -57.87
C LEU D 643 29.23 3.90 -59.37
N ALA D 644 28.81 2.77 -59.93
CA ALA D 644 28.48 2.73 -61.36
C ALA D 644 27.26 3.59 -61.67
N LEU D 645 26.25 3.54 -60.80
CA LEU D 645 25.06 4.35 -61.05
C LEU D 645 25.37 5.83 -60.88
N LYS D 646 26.28 6.16 -59.96
CA LYS D 646 26.79 7.53 -59.84
C LYS D 646 27.49 7.97 -61.12
N ASN D 647 28.38 7.12 -61.65
CA ASN D 647 29.08 7.47 -62.88
C ASN D 647 28.11 7.63 -64.04
N ALA D 648 26.97 6.93 -63.96
CA ALA D 648 25.94 7.10 -64.99
C ALA D 648 25.16 8.41 -64.82
N ILE D 649 24.81 8.78 -63.59
CA ILE D 649 23.83 9.84 -63.34
C ILE D 649 24.51 11.20 -63.20
N GLU D 650 25.76 11.21 -62.75
CA GLU D 650 26.43 12.47 -62.43
C GLU D 650 26.72 13.33 -63.66
N PRO D 651 27.29 12.80 -64.75
CA PRO D 651 27.37 13.64 -65.96
C PRO D 651 26.00 14.06 -66.46
N LYS D 652 25.01 13.17 -66.34
CA LYS D 652 23.62 13.52 -66.63
C LYS D 652 23.08 14.57 -65.67
N LEU D 653 23.75 14.80 -64.54
CA LEU D 653 23.34 15.83 -63.60
C LEU D 653 24.03 17.17 -63.85
N PHE D 654 25.31 17.16 -64.20
CA PHE D 654 25.95 18.41 -64.61
C PHE D 654 25.45 18.91 -65.96
N GLU D 655 25.04 18.01 -66.87
CA GLU D 655 24.56 18.47 -68.16
C GLU D 655 23.19 19.13 -68.02
N ILE D 656 22.45 18.77 -66.97
CA ILE D 656 21.19 19.47 -66.67
C ILE D 656 21.43 20.65 -65.72
N ILE D 657 22.57 20.66 -65.02
CA ILE D 657 23.01 21.87 -64.34
C ILE D 657 23.29 22.97 -65.34
N THR D 658 23.95 22.64 -66.45
CA THR D 658 24.34 23.65 -67.43
C THR D 658 23.11 24.35 -68.02
N GLN D 659 22.10 23.58 -68.41
CA GLN D 659 20.86 24.15 -68.91
C GLN D 659 20.00 24.61 -67.74
N GLU D 660 19.20 25.65 -67.97
CA GLU D 660 18.50 26.32 -66.87
C GLU D 660 17.62 25.35 -66.10
N SER D 661 16.90 24.49 -66.81
CA SER D 661 16.20 23.34 -66.23
C SER D 661 15.26 23.80 -65.12
N ALA D 662 15.05 22.94 -64.13
CA ALA D 662 14.34 23.29 -62.91
C ALA D 662 15.15 22.96 -61.67
N ILE D 663 16.34 22.38 -61.83
CA ILE D 663 17.23 22.14 -60.70
C ILE D 663 18.14 23.34 -60.45
N VAL D 664 18.40 24.16 -61.48
CA VAL D 664 19.11 25.41 -61.27
C VAL D 664 18.11 26.55 -61.10
N SER D 665 17.01 26.51 -61.85
CA SER D 665 15.96 27.50 -61.68
C SER D 665 15.32 27.42 -60.30
N ASP D 666 15.08 26.21 -59.79
CA ASP D 666 14.57 26.01 -58.45
C ASP D 666 15.69 25.47 -57.57
N ASN D 667 15.97 26.17 -56.46
CA ASN D 667 17.02 25.73 -55.56
C ASN D 667 16.58 24.51 -54.76
N TYR D 668 15.28 24.24 -54.69
CA TYR D 668 14.80 23.05 -54.00
C TYR D 668 15.20 21.79 -54.76
N ASN D 669 15.10 21.82 -56.09
CA ASN D 669 15.56 20.70 -56.88
C ASN D 669 17.09 20.58 -56.81
N LEU D 670 17.77 21.71 -56.63
CA LEU D 670 19.21 21.66 -56.40
C LEU D 670 19.53 20.98 -55.08
N THR D 671 18.72 21.24 -54.05
CA THR D 671 18.91 20.55 -52.77
C THR D 671 18.60 19.07 -52.90
N LEU D 672 17.61 18.71 -53.72
CA LEU D 672 17.35 17.31 -53.99
C LEU D 672 18.53 16.66 -54.72
N LEU D 673 19.14 17.37 -55.65
CA LEU D 673 20.36 16.89 -56.30
C LEU D 673 21.49 16.73 -55.28
N SER D 674 21.59 17.66 -54.34
CA SER D 674 22.59 17.54 -53.28
C SER D 674 22.36 16.30 -52.44
N ASN D 675 21.09 16.02 -52.12
CA ASN D 675 20.77 14.80 -51.38
C ASN D 675 21.11 13.56 -52.18
N VAL D 676 20.83 13.57 -53.48
CA VAL D 676 21.14 12.44 -54.35
C VAL D 676 22.66 12.20 -54.38
N LEU D 677 23.43 13.29 -54.51
CA LEU D 677 24.88 13.17 -54.52
C LEU D 677 25.40 12.67 -53.18
N PHE D 678 24.83 13.17 -52.09
CA PHE D 678 25.23 12.71 -50.76
C PHE D 678 24.95 11.22 -50.59
N PHE D 679 23.81 10.75 -51.09
CA PHE D 679 23.46 9.34 -50.95
C PHE D 679 24.33 8.47 -51.84
N THR D 680 24.61 8.91 -53.07
CA THR D 680 25.39 8.10 -53.99
C THR D 680 26.88 8.12 -53.68
N ASN D 681 27.38 9.17 -53.00
CA ASN D 681 28.74 9.19 -52.51
C ASN D 681 28.85 8.57 -51.12
N LEU D 682 27.73 8.44 -50.42
CA LEU D 682 27.75 7.71 -49.15
C LEU D 682 28.02 6.23 -49.38
N LYS D 683 27.53 5.69 -50.49
CA LYS D 683 27.87 4.33 -50.92
C LYS D 683 28.92 4.43 -52.03
N ILE D 684 30.15 4.74 -51.62
CA ILE D 684 31.30 4.77 -52.53
C ILE D 684 32.44 4.05 -51.85
N PRO D 685 33.16 3.17 -52.55
CA PRO D 685 34.34 2.53 -51.94
C PRO D 685 35.39 3.56 -51.58
N GLN D 686 36.04 3.34 -50.43
CA GLN D 686 37.01 4.31 -49.92
C GLN D 686 38.20 4.48 -50.86
N ALA D 687 38.69 3.40 -51.46
CA ALA D 687 39.76 3.51 -52.44
C ALA D 687 39.37 4.38 -53.62
N ALA D 688 38.08 4.44 -53.96
CA ALA D 688 37.58 5.32 -55.00
C ALA D 688 37.09 6.66 -54.47
N HIS D 689 36.98 6.82 -53.14
CA HIS D 689 36.64 8.11 -52.58
C HIS D 689 37.71 9.14 -52.87
N GLN D 690 38.96 8.81 -52.53
CA GLN D 690 40.04 9.79 -52.48
C GLN D 690 40.14 10.58 -53.77
N GLU D 691 40.40 9.89 -54.89
CA GLU D 691 40.48 10.57 -56.17
C GLU D 691 39.25 11.44 -56.42
N GLU D 692 38.05 10.87 -56.25
CA GLU D 692 36.83 11.65 -56.36
C GLU D 692 36.90 12.86 -55.43
N LEU D 693 37.19 12.61 -54.15
CA LEU D 693 37.42 13.72 -53.22
C LEU D 693 38.45 14.67 -53.79
N ASP D 694 39.61 14.16 -54.22
CA ASP D 694 40.61 15.00 -54.85
C ASP D 694 40.00 15.79 -56.01
N ARG D 695 39.27 15.09 -56.89
CA ARG D 695 38.59 15.79 -57.97
C ARG D 695 37.72 16.91 -57.43
N TYR D 696 36.88 16.60 -56.45
CA TYR D 696 36.09 17.65 -55.80
C TYR D 696 37.02 18.67 -55.15
N ASN D 697 38.04 18.19 -54.44
CA ASN D 697 39.01 19.09 -53.82
C ASN D 697 39.71 19.93 -54.85
N GLU D 698 39.74 19.47 -56.11
CA GLU D 698 40.31 20.27 -57.17
C GLU D 698 39.23 21.07 -57.90
N LEU D 699 38.01 20.54 -57.95
CA LEU D 699 36.97 21.18 -58.76
C LEU D 699 36.36 22.38 -58.04
N PHE D 700 36.29 22.32 -56.71
CA PHE D 700 35.57 23.35 -55.97
C PHE D 700 36.51 24.35 -55.31
N ILE D 701 37.74 23.94 -54.98
CA ILE D 701 38.60 24.76 -54.14
C ILE D 701 39.80 25.26 -54.93
N SER D 702 40.60 24.33 -55.46
CA SER D 702 41.87 24.71 -56.08
C SER D 702 41.65 25.34 -57.46
N GLU D 703 40.91 24.66 -58.33
CA GLU D 703 40.74 25.09 -59.71
C GLU D 703 39.32 24.80 -60.17
N GLY D 704 39.10 24.95 -61.47
CA GLY D 704 37.82 24.68 -62.07
C GLY D 704 37.06 25.97 -62.38
N LYS D 705 36.03 25.82 -63.23
CA LYS D 705 35.16 26.95 -63.54
C LYS D 705 34.43 27.43 -62.30
N ILE D 706 33.83 26.51 -61.55
CA ILE D 706 33.13 26.86 -60.32
C ILE D 706 34.15 27.05 -59.21
N ARG D 707 34.08 28.21 -58.54
CA ARG D 707 35.01 28.55 -57.46
C ARG D 707 34.18 29.02 -56.28
N ILE D 708 33.98 28.13 -55.30
CA ILE D 708 33.21 28.48 -54.11
C ILE D 708 33.98 29.45 -53.22
N LEU D 709 35.29 29.55 -53.39
CA LEU D 709 36.12 30.41 -52.55
C LEU D 709 36.22 31.82 -53.09
N ASP D 710 35.72 32.09 -54.29
CA ASP D 710 35.84 33.39 -54.92
C ASP D 710 34.49 34.05 -55.21
N THR D 711 33.53 33.30 -55.75
CA THR D 711 32.23 33.85 -56.10
C THR D 711 31.14 32.96 -55.51
N PRO D 712 30.16 33.52 -54.81
CA PRO D 712 29.06 32.70 -54.28
C PRO D 712 28.26 32.07 -55.41
N ASN D 713 27.84 30.83 -55.19
CA ASN D 713 27.04 30.10 -56.17
C ASN D 713 26.16 29.10 -55.44
N VAL D 714 24.98 28.86 -56.01
CA VAL D 714 24.01 27.98 -55.35
C VAL D 714 24.52 26.54 -55.32
N LEU D 715 25.16 26.08 -56.39
CA LEU D 715 25.61 24.69 -56.46
C LEU D 715 26.57 24.35 -55.34
N ALA D 716 27.17 25.36 -54.70
CA ALA D 716 28.04 25.13 -53.56
C ALA D 716 27.36 24.28 -52.49
N ILE D 717 26.05 24.44 -52.33
CA ILE D 717 25.34 23.66 -51.31
C ILE D 717 25.55 22.16 -51.55
N SER D 718 25.50 21.75 -52.82
CA SER D 718 25.73 20.34 -53.13
C SER D 718 27.10 19.89 -52.64
N TYR D 719 28.12 20.75 -52.82
CA TYR D 719 29.47 20.38 -52.39
C TYR D 719 29.49 20.08 -50.90
N ALA D 720 28.66 20.76 -50.12
CA ALA D 720 28.56 20.42 -48.70
C ALA D 720 28.16 18.97 -48.53
N LYS D 721 27.04 18.58 -49.16
CA LYS D 721 26.63 17.18 -49.13
C LYS D 721 27.67 16.29 -49.79
N ILE D 722 28.52 16.86 -50.65
CA ILE D 722 29.63 16.10 -51.22
C ILE D 722 30.67 15.81 -50.16
N LEU D 723 31.03 16.82 -49.36
CA LEU D 723 32.13 16.64 -48.42
C LEU D 723 31.74 15.73 -47.25
N SER D 724 30.51 15.82 -46.76
CA SER D 724 30.04 14.90 -45.74
C SER D 724 29.90 13.48 -46.26
N ALA D 725 29.74 13.30 -47.58
CA ALA D 725 29.62 11.97 -48.17
C ALA D 725 30.94 11.41 -48.66
N LEU D 726 31.87 12.27 -49.09
CA LEU D 726 33.21 11.79 -49.42
C LEU D 726 33.96 11.44 -48.13
N ASN D 727 35.05 10.70 -48.30
CA ASN D 727 35.73 10.09 -47.16
C ASN D 727 36.41 11.15 -46.29
N LYS D 728 36.46 10.87 -44.98
CA LYS D 728 37.18 11.77 -44.08
C LYS D 728 38.63 11.34 -43.89
N ASN D 729 38.85 10.08 -43.54
CA ASN D 729 40.21 9.59 -43.28
C ASN D 729 40.91 9.22 -44.59
N CYS D 730 40.83 10.16 -45.52
CA CYS D 730 41.59 10.16 -46.76
C CYS D 730 42.19 11.55 -46.98
N GLN D 731 43.24 11.60 -47.79
CA GLN D 731 44.02 12.81 -47.98
C GLN D 731 43.14 13.89 -48.57
N PHE D 732 42.77 14.87 -47.75
CA PHE D 732 42.01 16.05 -48.15
C PHE D 732 42.84 17.26 -47.76
N PRO D 733 43.93 17.54 -48.48
CA PRO D 733 44.88 18.57 -48.02
C PRO D 733 44.27 19.96 -47.93
N GLN D 734 43.34 20.31 -48.82
CA GLN D 734 42.74 21.64 -48.83
C GLN D 734 41.40 21.58 -48.09
N LYS D 735 41.49 21.61 -46.76
CA LYS D 735 40.32 21.71 -45.89
C LYS D 735 40.31 22.99 -45.07
N PHE D 736 41.45 23.42 -44.54
CA PHE D 736 41.50 24.68 -43.81
C PHE D 736 41.36 25.86 -44.76
N THR D 737 41.96 25.76 -45.95
CA THR D 737 41.92 26.86 -46.90
C THR D 737 40.51 27.09 -47.43
N VAL D 738 39.74 26.01 -47.65
CA VAL D 738 38.37 26.18 -48.11
C VAL D 738 37.51 26.78 -47.00
N LEU D 739 37.78 26.40 -45.75
CA LEU D 739 37.07 26.99 -44.62
C LEU D 739 37.33 28.50 -44.55
N PHE D 740 38.61 28.89 -44.66
CA PHE D 740 38.94 30.31 -44.65
C PHE D 740 38.33 31.03 -45.84
N GLY D 741 38.33 30.39 -47.01
CA GLY D 741 37.78 31.02 -48.20
C GLY D 741 36.28 31.24 -48.11
N THR D 742 35.55 30.25 -47.60
CA THR D 742 34.12 30.43 -47.44
C THR D 742 33.80 31.42 -46.33
N VAL D 743 34.64 31.50 -45.30
CA VAL D 743 34.49 32.56 -44.29
C VAL D 743 34.65 33.92 -44.93
N GLN D 744 35.68 34.09 -45.75
CA GLN D 744 35.93 35.36 -46.42
C GLN D 744 34.79 35.71 -47.38
N LEU D 745 34.28 34.72 -48.12
CA LEU D 745 33.19 34.98 -49.04
C LEU D 745 31.91 35.35 -48.29
N LEU D 746 31.66 34.71 -47.15
CA LEU D 746 30.51 35.07 -46.35
C LEU D 746 30.65 36.47 -45.78
N LYS D 747 31.87 36.86 -45.43
CA LYS D 747 32.09 38.20 -44.90
C LYS D 747 31.93 39.27 -45.98
N LYS D 748 32.40 38.98 -47.19
CA LYS D 748 32.42 40.00 -48.23
C LYS D 748 31.14 40.01 -49.06
N HIS D 749 30.74 38.84 -49.57
CA HIS D 749 29.67 38.73 -50.56
C HIS D 749 28.29 38.63 -49.92
N ALA D 750 28.19 38.77 -48.60
CA ALA D 750 26.92 38.54 -47.91
C ALA D 750 25.73 39.29 -48.53
N PRO D 751 25.83 40.58 -48.85
CA PRO D 751 24.68 41.23 -49.50
C PRO D 751 24.30 40.61 -50.83
N ARG D 752 25.27 40.14 -51.62
CA ARG D 752 24.98 39.53 -52.92
C ARG D 752 24.81 38.02 -52.84
N MET D 753 25.11 37.42 -51.70
CA MET D 753 24.81 36.01 -51.50
C MET D 753 23.31 35.81 -51.37
N THR D 754 22.78 34.88 -52.16
CA THR D 754 21.38 34.53 -52.03
C THR D 754 21.21 33.57 -50.86
N GLU D 755 19.95 33.24 -50.57
CA GLU D 755 19.66 32.36 -49.43
C GLU D 755 20.26 30.98 -49.64
N THR D 756 20.11 30.41 -50.84
CA THR D 756 20.65 29.08 -51.10
C THR D 756 22.17 29.07 -51.01
N GLU D 757 22.82 30.09 -51.59
CA GLU D 757 24.27 30.19 -51.52
C GLU D 757 24.76 30.28 -50.08
N LYS D 758 24.15 31.18 -49.30
CA LYS D 758 24.60 31.38 -47.92
C LYS D 758 24.34 30.14 -47.07
N LEU D 759 23.19 29.50 -47.24
CA LEU D 759 22.91 28.28 -46.50
C LEU D 759 23.88 27.16 -46.88
N GLY D 760 24.20 27.06 -48.17
CA GLY D 760 25.17 26.04 -48.58
C GLY D 760 26.55 26.29 -48.02
N TYR D 761 26.97 27.56 -47.98
CA TYR D 761 28.30 27.86 -47.44
C TYR D 761 28.34 27.66 -45.93
N LEU D 762 27.23 27.94 -45.24
CA LEU D 762 27.16 27.65 -43.80
C LEU D 762 27.21 26.15 -43.54
N GLU D 763 26.50 25.36 -44.35
CA GLU D 763 26.57 23.91 -44.21
C GLU D 763 27.98 23.42 -44.52
N LEU D 764 28.66 24.05 -45.48
CA LEU D 764 30.05 23.70 -45.77
C LEU D 764 30.96 24.02 -44.58
N LEU D 765 30.75 25.18 -43.96
CA LEU D 765 31.46 25.51 -42.71
C LEU D 765 31.27 24.42 -41.68
N LEU D 766 30.02 24.01 -41.47
CA LEU D 766 29.73 22.97 -40.47
C LEU D 766 30.39 21.65 -40.84
N VAL D 767 30.38 21.30 -42.13
CA VAL D 767 30.96 20.03 -42.58
C VAL D 767 32.45 20.01 -42.35
N LEU D 768 33.15 21.10 -42.70
CA LEU D 768 34.58 21.17 -42.41
C LEU D 768 34.82 21.10 -40.91
N SER D 769 34.04 21.84 -40.12
CA SER D 769 34.26 21.90 -38.68
C SER D 769 34.11 20.54 -38.02
N ASN D 770 33.12 19.76 -38.47
CA ASN D 770 32.85 18.46 -37.84
C ASN D 770 33.60 17.31 -38.48
N LYS D 771 34.11 17.47 -39.70
CA LYS D 771 34.70 16.37 -40.45
C LYS D 771 36.19 16.55 -40.74
N PHE D 772 36.56 17.62 -41.45
CA PHE D 772 37.90 17.73 -42.02
C PHE D 772 38.83 18.60 -41.19
N VAL D 773 38.49 19.87 -40.97
CA VAL D 773 39.37 20.73 -40.20
C VAL D 773 39.28 20.37 -38.73
N SER D 774 40.43 20.39 -38.07
CA SER D 774 40.47 20.11 -36.64
C SER D 774 40.03 21.35 -35.86
N GLU D 775 39.97 21.19 -34.53
CA GLU D 775 39.50 22.28 -33.69
C GLU D 775 40.48 23.45 -33.67
N LYS D 776 41.76 23.19 -33.97
CA LYS D 776 42.75 24.26 -33.95
C LYS D 776 42.48 25.28 -35.04
N ASP D 777 42.02 24.84 -36.21
CA ASP D 777 41.70 25.78 -37.28
C ASP D 777 40.54 26.69 -36.87
N VAL D 778 39.51 26.12 -36.24
CA VAL D 778 38.36 26.91 -35.81
C VAL D 778 38.78 27.90 -34.74
N ILE D 779 39.54 27.45 -33.74
CA ILE D 779 39.91 28.35 -32.65
C ILE D 779 40.89 29.41 -33.14
N GLY D 780 41.67 29.12 -34.18
CA GLY D 780 42.50 30.14 -34.78
C GLY D 780 41.73 31.11 -35.66
N LEU D 781 40.49 30.75 -36.03
CA LEU D 781 39.65 31.59 -36.85
C LEU D 781 38.78 32.54 -36.03
N PHE D 782 38.87 32.50 -34.70
CA PHE D 782 38.02 33.28 -33.82
C PHE D 782 38.36 34.77 -33.91
N ASP D 783 37.32 35.59 -34.01
CA ASP D 783 37.46 37.05 -33.95
C ASP D 783 36.20 37.63 -33.35
N TRP D 784 36.24 37.91 -32.05
CA TRP D 784 35.12 38.49 -31.31
C TRP D 784 35.17 40.01 -31.25
N LYS D 785 36.17 40.65 -31.87
CA LYS D 785 36.25 42.10 -31.81
C LYS D 785 35.15 42.75 -32.63
N ASP D 786 34.84 42.20 -33.81
CA ASP D 786 33.79 42.73 -34.66
C ASP D 786 32.47 42.08 -34.29
N LEU D 787 31.51 42.90 -33.87
CA LEU D 787 30.19 42.42 -33.47
C LEU D 787 29.23 42.46 -34.67
N SER D 788 29.67 41.88 -35.78
CA SER D 788 28.91 41.89 -37.01
C SER D 788 28.08 40.62 -37.15
N VAL D 789 27.04 40.70 -37.99
CA VAL D 789 26.14 39.57 -38.18
C VAL D 789 26.88 38.40 -38.79
N ILE D 790 27.71 38.65 -39.80
CA ILE D 790 28.43 37.57 -40.49
C ILE D 790 29.42 36.90 -39.55
N ASN D 791 30.12 37.69 -38.72
CA ASN D 791 31.05 37.10 -37.77
C ASN D 791 30.32 36.18 -36.80
N LEU D 792 29.15 36.60 -36.31
CA LEU D 792 28.37 35.75 -35.42
C LEU D 792 27.90 34.50 -36.13
N GLU D 793 27.47 34.62 -37.39
CA GLU D 793 27.09 33.42 -38.14
C GLU D 793 28.24 32.43 -38.24
N VAL D 794 29.44 32.94 -38.58
CA VAL D 794 30.59 32.06 -38.74
C VAL D 794 30.94 31.38 -37.42
N MET D 795 31.05 32.16 -36.35
CA MET D 795 31.44 31.59 -35.06
C MET D 795 30.39 30.61 -34.55
N VAL D 796 29.10 30.92 -34.74
CA VAL D 796 28.05 30.03 -34.28
C VAL D 796 28.06 28.73 -35.07
N TRP D 797 28.17 28.80 -36.39
CA TRP D 797 28.13 27.58 -37.19
C TRP D 797 29.41 26.75 -37.08
N LEU D 798 30.52 27.35 -36.67
CA LEU D 798 31.71 26.54 -36.40
C LEU D 798 31.66 25.93 -35.01
N THR D 799 31.37 26.74 -34.00
CA THR D 799 31.26 26.23 -32.65
C THR D 799 30.08 25.29 -32.49
N LYS D 800 29.17 25.26 -33.46
CA LYS D 800 28.13 24.24 -33.48
C LYS D 800 28.73 22.86 -33.74
N GLY D 801 29.62 22.75 -34.73
CA GLY D 801 30.35 21.51 -34.92
C GLY D 801 31.27 21.22 -33.76
N LEU D 802 31.84 22.26 -33.16
CA LEU D 802 32.65 22.09 -31.96
C LEU D 802 31.84 21.47 -30.81
N ILE D 803 30.62 21.97 -30.58
CA ILE D 803 29.73 21.36 -29.61
C ILE D 803 29.39 19.93 -30.03
N MET D 804 29.13 19.75 -31.33
CA MET D 804 28.91 18.42 -31.87
C MET D 804 30.16 17.55 -31.67
N GLN D 805 31.31 18.20 -31.48
CA GLN D 805 32.56 17.51 -31.16
C GLN D 805 32.81 17.40 -29.66
N ASN D 806 32.06 18.15 -28.83
CA ASN D 806 32.10 18.00 -27.36
C ASN D 806 33.47 18.36 -26.80
N SER D 807 33.86 19.64 -26.90
CA SER D 807 35.12 20.08 -26.34
C SER D 807 34.91 21.26 -25.37
N LEU D 808 36.01 21.67 -24.72
CA LEU D 808 35.97 22.85 -23.85
C LEU D 808 35.57 24.09 -24.61
N GLU D 809 36.31 24.41 -25.68
CA GLU D 809 36.08 25.65 -26.41
C GLU D 809 34.60 25.86 -26.67
N SER D 810 33.97 24.92 -27.38
CA SER D 810 32.54 25.00 -27.64
C SER D 810 31.74 25.26 -26.38
N SER D 811 32.06 24.56 -25.29
CA SER D 811 31.33 24.78 -24.04
C SER D 811 31.70 26.11 -23.40
N GLU D 812 32.96 26.53 -23.50
CA GLU D 812 33.39 27.83 -23.01
C GLU D 812 32.93 28.96 -23.92
N ILE D 813 33.06 28.77 -25.23
CA ILE D 813 32.47 29.72 -26.18
C ILE D 813 30.97 29.87 -25.93
N ALA D 814 30.31 28.80 -25.50
CA ALA D 814 28.90 28.92 -25.13
C ALA D 814 28.70 29.96 -24.04
N LYS D 815 29.49 29.89 -22.96
CA LYS D 815 29.41 30.91 -21.93
C LYS D 815 29.73 32.28 -22.48
N LYS D 816 30.74 32.36 -23.37
CA LYS D 816 31.05 33.63 -24.01
C LYS D 816 29.82 34.18 -24.71
N PHE D 817 29.10 33.31 -25.43
CA PHE D 817 27.89 33.71 -26.14
C PHE D 817 26.84 34.21 -25.16
N ILE D 818 26.68 33.50 -24.04
CA ILE D 818 25.73 33.94 -23.03
C ILE D 818 26.06 35.36 -22.60
N ASP D 819 27.34 35.61 -22.30
CA ASP D 819 27.74 36.94 -21.86
C ASP D 819 27.47 37.98 -22.94
N LEU D 820 27.81 37.66 -24.19
CA LEU D 820 27.62 38.61 -25.28
C LEU D 820 26.14 38.80 -25.58
N LEU D 821 25.30 37.86 -25.12
CA LEU D 821 23.86 37.96 -25.34
C LEU D 821 23.23 38.96 -24.38
N SER D 822 23.97 39.38 -23.35
CA SER D 822 23.53 40.47 -22.49
C SER D 822 23.61 41.83 -23.18
N ASN D 823 24.13 41.88 -24.41
CA ASN D 823 24.17 43.12 -25.16
C ASN D 823 22.78 43.46 -25.69
N GLU D 824 22.54 44.76 -25.87
CA GLU D 824 21.19 45.20 -26.22
C GLU D 824 20.84 44.86 -27.67
N GLU D 825 21.56 45.45 -28.62
CA GLU D 825 21.23 45.28 -30.03
C GLU D 825 21.89 44.05 -30.65
N ILE D 826 23.04 43.62 -30.15
CA ILE D 826 23.71 42.42 -30.65
C ILE D 826 23.33 41.19 -29.84
N GLY D 827 23.06 41.33 -28.55
CA GLY D 827 22.59 40.19 -27.78
C GLY D 827 21.24 39.69 -28.24
N SER D 828 20.41 40.59 -28.78
CA SER D 828 19.12 40.17 -29.33
C SER D 828 19.33 39.31 -30.58
N LEU D 829 20.19 39.76 -31.48
CA LEU D 829 20.49 38.98 -32.67
C LEU D 829 21.11 37.64 -32.29
N VAL D 830 22.01 37.64 -31.31
CA VAL D 830 22.62 36.39 -30.86
C VAL D 830 21.57 35.46 -30.26
N SER D 831 20.62 36.01 -29.51
CA SER D 831 19.57 35.19 -28.92
C SER D 831 18.68 34.58 -30.01
N LYS D 832 18.31 35.36 -31.01
CA LYS D 832 17.44 34.84 -32.07
C LYS D 832 18.19 33.88 -32.98
N LEU D 833 19.51 33.99 -33.07
CA LEU D 833 20.32 33.08 -33.86
C LEU D 833 20.84 31.90 -33.05
N PHE D 834 20.62 31.91 -31.73
CA PHE D 834 21.24 30.95 -30.83
C PHE D 834 20.66 29.55 -30.98
N GLU D 835 19.57 29.39 -31.74
CA GLU D 835 19.05 28.06 -32.03
C GLU D 835 20.04 27.20 -32.81
N VAL D 836 20.92 27.82 -33.59
CA VAL D 836 21.78 27.07 -34.51
C VAL D 836 22.61 26.05 -33.76
N PHE D 837 23.08 26.40 -32.55
CA PHE D 837 23.97 25.52 -31.81
C PHE D 837 23.38 24.14 -31.61
N VAL D 838 22.08 24.07 -31.38
CA VAL D 838 21.37 22.82 -31.17
C VAL D 838 20.32 22.63 -32.26
N MET D 839 20.64 21.78 -33.24
CA MET D 839 19.71 21.36 -34.28
C MET D 839 20.14 19.98 -34.76
N ASP D 840 19.26 19.30 -35.49
CA ASP D 840 19.65 18.11 -36.22
C ASP D 840 20.50 18.49 -37.44
N ILE D 841 21.24 17.53 -37.94
CA ILE D 841 22.09 17.75 -39.11
C ILE D 841 21.59 17.07 -40.37
N SER D 842 21.12 15.82 -40.28
CA SER D 842 20.64 15.01 -41.41
C SER D 842 21.73 14.72 -42.43
N SER D 843 22.95 15.21 -42.21
CA SER D 843 24.09 14.96 -43.08
C SER D 843 25.34 14.54 -42.34
N LEU D 844 25.51 14.95 -41.09
CA LEU D 844 26.67 14.59 -40.27
C LEU D 844 26.19 14.02 -38.94
N LYS D 845 25.87 12.74 -38.94
CA LYS D 845 25.70 11.95 -37.73
C LYS D 845 26.32 10.58 -37.97
N LYS D 846 26.35 9.74 -36.95
CA LYS D 846 26.87 8.39 -37.11
C LYS D 846 25.81 7.54 -37.80
N PHE D 847 25.63 7.81 -39.09
CA PHE D 847 24.63 7.11 -39.88
C PHE D 847 25.00 5.64 -40.01
N LYS D 848 24.00 4.79 -40.17
CA LYS D 848 24.24 3.39 -40.47
C LYS D 848 25.03 3.25 -41.77
N GLY D 849 25.97 2.32 -41.78
CA GLY D 849 26.89 2.24 -42.90
C GLY D 849 28.16 3.02 -42.64
N ILE D 850 28.16 4.29 -43.05
CA ILE D 850 29.32 5.15 -42.86
C ILE D 850 29.77 5.14 -41.40
N SER D 851 31.09 5.15 -41.21
CA SER D 851 31.70 5.33 -39.91
C SER D 851 32.71 6.47 -39.88
N TRP D 852 33.23 6.88 -41.04
CA TRP D 852 34.11 8.02 -41.20
C TRP D 852 33.36 9.32 -41.45
N ASN D 853 32.14 9.44 -40.94
CA ASN D 853 31.31 10.60 -41.29
C ASN D 853 31.84 11.88 -40.65
N ASN D 854 32.16 11.84 -39.36
CA ASN D 854 32.58 13.03 -38.64
C ASN D 854 33.14 12.61 -37.28
N ASN D 855 33.42 13.60 -36.43
CA ASN D 855 33.67 13.39 -35.01
C ASN D 855 32.37 13.45 -34.20
N VAL D 856 31.42 12.56 -34.51
CA VAL D 856 30.06 12.67 -34.01
C VAL D 856 30.01 12.43 -32.50
N LYS D 857 29.30 13.33 -31.81
CA LYS D 857 28.95 13.16 -30.40
C LYS D 857 27.47 13.48 -30.20
N ILE D 858 26.71 12.46 -29.77
CA ILE D 858 25.26 12.63 -29.61
C ILE D 858 24.95 13.46 -28.37
N LEU D 859 25.86 13.48 -27.39
CA LEU D 859 25.66 14.20 -26.14
C LEU D 859 25.77 15.71 -26.28
N TYR D 860 25.92 16.22 -27.50
CA TYR D 860 26.07 17.66 -27.65
C TYR D 860 24.83 18.40 -27.15
N LYS D 861 23.64 17.93 -27.54
CA LYS D 861 22.41 18.62 -27.14
C LYS D 861 22.34 18.83 -25.64
N GLN D 862 22.25 17.72 -24.89
CA GLN D 862 22.12 17.80 -23.44
C GLN D 862 23.24 18.63 -22.84
N LYS D 863 24.49 18.38 -23.25
CA LYS D 863 25.61 19.12 -22.70
C LYS D 863 25.43 20.61 -22.92
N PHE D 864 25.07 20.99 -24.13
CA PHE D 864 24.87 22.40 -24.44
C PHE D 864 23.79 22.99 -23.55
N PHE D 865 22.71 22.25 -23.35
CA PHE D 865 21.66 22.73 -22.46
C PHE D 865 22.22 22.95 -21.06
N GLY D 866 22.97 21.98 -20.54
CA GLY D 866 23.51 22.10 -19.20
C GLY D 866 24.51 23.24 -19.09
N ASP D 867 25.09 23.66 -20.23
CA ASP D 867 26.04 24.77 -20.19
C ASP D 867 25.33 26.11 -20.37
N ILE D 868 24.16 26.10 -21.01
CA ILE D 868 23.46 27.33 -21.37
C ILE D 868 22.40 27.69 -20.33
N PHE D 869 21.42 26.80 -20.15
CA PHE D 869 20.27 27.06 -19.29
C PHE D 869 20.63 27.82 -18.03
N GLN D 870 21.47 27.24 -17.18
CA GLN D 870 21.70 27.80 -15.86
C GLN D 870 22.08 29.27 -15.96
N THR D 871 23.11 29.57 -16.74
CA THR D 871 23.56 30.95 -16.83
C THR D 871 22.44 31.83 -17.36
N LEU D 872 21.75 31.37 -18.42
CA LEU D 872 20.63 32.13 -18.95
C LEU D 872 19.62 32.47 -17.87
N VAL D 873 19.20 31.49 -17.08
CA VAL D 873 18.13 31.77 -16.12
C VAL D 873 18.63 32.73 -15.06
N SER D 874 19.89 32.57 -14.62
CA SER D 874 20.43 33.49 -13.63
C SER D 874 20.45 34.90 -14.18
N ASN D 875 20.76 35.02 -15.47
CA ASN D 875 20.79 36.35 -16.09
C ASN D 875 19.39 36.91 -16.22
N TYR D 876 18.40 36.06 -16.54
CA TYR D 876 17.05 36.56 -16.70
C TYR D 876 16.51 37.09 -15.37
N LYS D 877 16.72 36.34 -14.30
CA LYS D 877 16.36 36.81 -12.98
C LYS D 877 17.22 37.98 -12.52
N ASN D 878 18.32 38.26 -13.22
CA ASN D 878 19.14 39.44 -12.96
C ASN D 878 19.06 40.43 -14.11
N THR D 879 17.85 40.70 -14.61
CA THR D 879 17.65 41.58 -15.75
C THR D 879 16.32 42.31 -15.61
N VAL D 880 16.20 43.47 -16.27
CA VAL D 880 15.12 44.42 -16.02
C VAL D 880 14.24 44.64 -17.24
N ASP D 881 14.83 44.79 -18.42
CA ASP D 881 14.17 45.54 -19.49
C ASP D 881 13.50 44.64 -20.51
N MET D 882 12.83 45.28 -21.48
CA MET D 882 12.31 44.60 -22.66
C MET D 882 13.37 43.72 -23.32
N THR D 883 14.46 44.35 -23.75
CA THR D 883 15.37 43.73 -24.71
C THR D 883 16.09 42.54 -24.12
N ILE D 884 16.80 42.74 -23.01
CA ILE D 884 17.72 41.71 -22.56
C ILE D 884 16.96 40.52 -22.00
N LYS D 885 15.85 40.76 -21.30
CA LYS D 885 15.01 39.66 -20.83
C LYS D 885 14.38 38.91 -22.00
N CYS D 886 13.93 39.64 -23.03
CA CYS D 886 13.41 38.96 -24.21
C CYS D 886 14.50 38.11 -24.86
N ASN D 887 15.73 38.61 -24.87
CA ASN D 887 16.86 37.84 -25.41
C ASN D 887 17.07 36.57 -24.61
N TYR D 888 17.04 36.66 -23.28
CA TYR D 888 17.27 35.47 -22.47
C TYR D 888 16.17 34.44 -22.69
N LEU D 889 14.92 34.90 -22.73
CA LEU D 889 13.81 34.00 -23.00
C LEU D 889 13.95 33.33 -24.35
N THR D 890 14.23 34.12 -25.39
CA THR D 890 14.35 33.56 -26.73
C THR D 890 15.50 32.57 -26.82
N ALA D 891 16.63 32.88 -26.19
CA ALA D 891 17.78 31.99 -26.27
C ALA D 891 17.51 30.68 -25.56
N LEU D 892 17.01 30.74 -24.32
CA LEU D 892 16.74 29.50 -23.60
C LEU D 892 15.67 28.69 -24.31
N SER D 893 14.68 29.37 -24.90
CA SER D 893 13.61 28.65 -25.59
C SER D 893 14.13 28.00 -26.87
N LEU D 894 14.96 28.70 -27.64
CA LEU D 894 15.53 28.15 -28.85
C LEU D 894 16.53 27.05 -28.57
N VAL D 895 17.06 26.99 -27.34
CA VAL D 895 17.91 25.87 -26.97
C VAL D 895 17.07 24.69 -26.51
N LEU D 896 16.02 24.94 -25.72
CA LEU D 896 15.20 23.87 -25.20
C LEU D 896 14.32 23.25 -26.28
N LYS D 897 14.06 23.99 -27.37
CA LYS D 897 13.17 23.49 -28.41
C LYS D 897 13.75 22.29 -29.14
N HIS D 898 15.07 22.26 -29.34
CA HIS D 898 15.69 21.15 -30.04
C HIS D 898 16.14 20.03 -29.11
N THR D 899 16.53 20.36 -27.88
CA THR D 899 16.82 19.32 -26.91
C THR D 899 15.50 18.72 -26.42
N PRO D 900 15.43 17.39 -26.32
CA PRO D 900 14.20 16.77 -25.79
C PRO D 900 13.92 17.22 -24.37
N SER D 901 12.67 17.58 -24.11
CA SER D 901 12.30 18.14 -22.81
C SER D 901 12.40 17.12 -21.70
N GLN D 902 12.07 15.85 -21.96
CA GLN D 902 12.13 14.81 -20.96
C GLN D 902 13.55 14.37 -20.62
N SER D 903 14.53 14.69 -21.47
CA SER D 903 15.92 14.36 -21.22
C SER D 903 16.62 15.42 -20.37
N VAL D 904 15.99 16.58 -20.18
CA VAL D 904 16.55 17.65 -19.36
C VAL D 904 15.61 17.83 -18.17
N GLY D 905 15.91 17.13 -17.08
CA GLY D 905 15.05 17.10 -15.92
C GLY D 905 15.47 18.03 -14.79
N PRO D 906 16.74 17.97 -14.37
CA PRO D 906 17.17 18.85 -13.27
C PRO D 906 17.01 20.32 -13.57
N PHE D 907 17.06 20.72 -14.84
CA PHE D 907 16.93 22.11 -15.23
C PHE D 907 15.48 22.60 -15.25
N ILE D 908 14.51 21.70 -15.11
CA ILE D 908 13.10 22.07 -15.25
C ILE D 908 12.69 23.04 -14.13
N ASN D 909 13.18 22.80 -12.92
CA ASN D 909 12.73 23.59 -11.78
C ASN D 909 13.09 25.07 -11.95
N ASP D 910 14.35 25.36 -12.28
CA ASP D 910 14.74 26.74 -12.53
C ASP D 910 14.19 27.23 -13.87
N LEU D 911 13.80 26.31 -14.75
CA LEU D 911 13.26 26.67 -16.06
C LEU D 911 11.81 27.11 -15.98
N PHE D 912 11.09 26.71 -14.93
CA PHE D 912 9.66 27.00 -14.83
C PHE D 912 9.32 28.47 -14.99
N PRO D 913 10.06 29.43 -14.40
CA PRO D 913 9.74 30.84 -14.69
C PRO D 913 9.88 31.20 -16.16
N LEU D 914 11.02 30.91 -16.78
CA LEU D 914 11.16 31.20 -18.21
C LEU D 914 10.27 30.28 -19.04
N LEU D 915 9.95 29.10 -18.49
CA LEU D 915 8.99 28.22 -19.15
C LEU D 915 7.63 28.89 -19.28
N LEU D 916 7.16 29.49 -18.18
CA LEU D 916 5.90 30.23 -18.22
C LEU D 916 6.03 31.48 -19.07
N GLN D 917 7.23 32.08 -19.10
CA GLN D 917 7.47 33.26 -19.92
C GLN D 917 7.34 32.96 -21.41
N ALA D 918 7.84 31.79 -21.85
CA ALA D 918 7.94 31.48 -23.27
C ALA D 918 6.60 31.15 -23.93
N LEU D 919 5.48 31.36 -23.23
CA LEU D 919 4.18 30.97 -23.77
C LEU D 919 3.53 32.08 -24.60
N ASP D 920 4.19 33.22 -24.79
CA ASP D 920 3.63 34.33 -25.56
C ASP D 920 4.75 34.96 -26.40
N MET D 921 4.89 34.48 -27.65
CA MET D 921 5.85 35.03 -28.59
C MET D 921 5.53 34.48 -29.97
N PRO D 922 5.93 35.18 -31.05
CA PRO D 922 5.38 34.85 -32.38
C PRO D 922 5.64 33.44 -32.86
N ASP D 923 6.84 32.90 -32.68
CA ASP D 923 7.20 31.63 -33.32
C ASP D 923 6.40 30.48 -32.72
N PRO D 924 5.60 29.77 -33.52
CA PRO D 924 4.93 28.57 -32.98
C PRO D 924 5.89 27.47 -32.60
N GLU D 925 7.16 27.57 -33.02
CA GLU D 925 8.16 26.58 -32.65
C GLU D 925 8.43 26.60 -31.16
N VAL D 926 8.74 27.79 -30.62
CA VAL D 926 8.92 27.93 -29.17
C VAL D 926 7.61 27.63 -28.45
N ARG D 927 6.47 27.94 -29.09
CA ARG D 927 5.18 27.63 -28.48
C ARG D 927 5.02 26.13 -28.26
N VAL D 928 5.17 25.32 -29.32
CA VAL D 928 5.08 23.88 -29.17
C VAL D 928 6.13 23.36 -28.18
N SER D 929 7.34 23.94 -28.21
CA SER D 929 8.38 23.45 -27.31
C SER D 929 8.02 23.71 -25.85
N ALA D 930 7.57 24.92 -25.53
CA ALA D 930 7.23 25.26 -24.15
C ALA D 930 5.98 24.54 -23.69
N LEU D 931 5.00 24.35 -24.58
CA LEU D 931 3.84 23.55 -24.24
C LEU D 931 4.22 22.12 -23.90
N GLU D 932 5.12 21.52 -24.70
CA GLU D 932 5.64 20.19 -24.38
C GLU D 932 6.36 20.20 -23.03
N THR D 933 7.11 21.27 -22.75
CA THR D 933 7.89 21.30 -21.52
C THR D 933 6.99 21.47 -20.30
N LEU D 934 5.91 22.26 -20.40
CA LEU D 934 4.95 22.27 -19.30
C LEU D 934 4.25 20.93 -19.16
N LYS D 935 3.99 20.24 -20.28
CA LYS D 935 3.43 18.89 -20.19
C LYS D 935 4.32 18.00 -19.34
N ASP D 936 5.62 17.96 -19.66
CA ASP D 936 6.54 17.12 -18.91
C ASP D 936 6.67 17.59 -17.46
N THR D 937 6.68 18.91 -17.25
CA THR D 937 6.81 19.44 -15.90
C THR D 937 5.62 19.05 -15.04
N THR D 938 4.41 19.31 -15.52
CA THR D 938 3.21 18.98 -14.76
C THR D 938 3.05 17.47 -14.61
N ASP D 939 3.62 16.69 -15.53
CA ASP D 939 3.68 15.24 -15.33
C ASP D 939 4.61 14.90 -14.17
N LYS D 940 5.73 15.62 -14.06
CA LYS D 940 6.69 15.39 -12.98
C LYS D 940 6.45 16.29 -11.78
N HIS D 941 6.55 17.60 -11.97
CA HIS D 941 6.35 18.57 -10.91
C HIS D 941 4.86 18.82 -10.68
N HIS D 942 4.49 18.98 -9.41
CA HIS D 942 3.12 19.32 -9.05
C HIS D 942 3.03 20.51 -8.12
N THR D 943 4.04 20.75 -7.28
CA THR D 943 4.05 21.94 -6.44
C THR D 943 4.13 23.20 -7.28
N LEU D 944 5.00 23.22 -8.29
CA LEU D 944 5.06 24.35 -9.20
C LEU D 944 3.74 24.55 -9.91
N ILE D 945 3.13 23.46 -10.38
CA ILE D 945 1.87 23.57 -11.10
C ILE D 945 0.76 24.09 -10.19
N THR D 946 0.69 23.57 -8.96
CA THR D 946 -0.35 24.02 -8.05
C THR D 946 -0.16 25.48 -7.65
N GLU D 947 1.08 25.90 -7.47
CA GLU D 947 1.33 27.29 -7.07
C GLU D 947 1.23 28.26 -8.25
N HIS D 948 1.31 27.75 -9.49
CA HIS D 948 1.34 28.61 -10.66
C HIS D 948 0.14 28.41 -11.59
N VAL D 949 -0.87 27.64 -11.16
CA VAL D 949 -2.02 27.40 -12.02
C VAL D 949 -2.82 28.69 -12.23
N SER D 950 -2.99 29.50 -11.17
CA SER D 950 -3.75 30.74 -11.29
C SER D 950 -3.09 31.71 -12.27
N THR D 951 -1.81 31.51 -12.55
CA THR D 951 -1.07 32.28 -13.53
C THR D 951 -1.07 31.64 -14.92
N ILE D 952 -0.93 30.31 -14.97
CA ILE D 952 -0.78 29.63 -16.25
C ILE D 952 -2.11 29.56 -17.00
N VAL D 953 -3.22 29.39 -16.26
CA VAL D 953 -4.49 29.11 -16.93
C VAL D 953 -4.91 30.20 -17.91
N PRO D 954 -4.94 31.49 -17.55
CA PRO D 954 -5.34 32.49 -18.56
C PRO D 954 -4.33 32.63 -19.67
N LEU D 955 -3.05 32.31 -19.40
CA LEU D 955 -2.06 32.31 -20.48
C LEU D 955 -2.34 31.21 -21.49
N LEU D 956 -2.70 30.02 -21.02
CA LEU D 956 -3.13 28.96 -21.92
C LEU D 956 -4.42 29.33 -22.63
N LEU D 957 -5.28 30.11 -21.95
CA LEU D 957 -6.50 30.58 -22.59
C LEU D 957 -6.18 31.50 -23.77
N SER D 958 -5.27 32.46 -23.56
CA SER D 958 -4.84 33.33 -24.65
C SER D 958 -4.15 32.55 -25.76
N LEU D 959 -3.40 31.51 -25.40
CA LEU D 959 -2.85 30.60 -26.42
C LEU D 959 -3.94 29.94 -27.22
N SER D 960 -5.04 29.54 -26.57
CA SER D 960 -6.12 28.86 -27.27
C SER D 960 -6.95 29.83 -28.11
N LEU D 961 -6.88 31.13 -27.80
CA LEU D 961 -7.60 32.10 -28.61
C LEU D 961 -6.97 32.21 -30.00
N PRO D 962 -7.79 32.40 -31.03
CA PRO D 962 -7.23 32.66 -32.36
C PRO D 962 -6.45 33.96 -32.37
N HIS D 963 -5.32 33.95 -33.10
CA HIS D 963 -4.44 35.10 -33.11
C HIS D 963 -3.55 35.02 -34.34
N LYS D 964 -2.91 36.14 -34.64
CA LYS D 964 -1.91 36.17 -35.71
C LYS D 964 -0.72 35.28 -35.41
N TYR D 965 -0.56 34.87 -34.14
CA TYR D 965 0.55 34.00 -33.74
C TYR D 965 0.08 32.64 -33.27
N ASN D 966 -1.22 32.46 -33.02
CA ASN D 966 -1.75 31.17 -32.58
C ASN D 966 -2.24 30.40 -33.80
N SER D 967 -1.42 29.48 -34.29
CA SER D 967 -1.82 28.61 -35.37
C SER D 967 -2.88 27.63 -34.86
N VAL D 968 -3.54 26.94 -35.80
CA VAL D 968 -4.51 25.94 -35.39
C VAL D 968 -3.83 24.83 -34.59
N SER D 969 -2.61 24.46 -34.97
CA SER D 969 -1.84 23.50 -34.18
C SER D 969 -1.50 24.07 -32.82
N VAL D 970 -1.16 25.36 -32.75
CA VAL D 970 -0.84 25.99 -31.47
C VAL D 970 -2.05 25.93 -30.54
N ARG D 971 -3.24 26.21 -31.07
CA ARG D 971 -4.45 26.14 -30.26
C ARG D 971 -4.74 24.70 -29.84
N LEU D 972 -4.48 23.74 -30.73
CA LEU D 972 -4.64 22.34 -30.37
C LEU D 972 -3.73 21.96 -29.22
N ILE D 973 -2.49 22.46 -29.24
CA ILE D 973 -1.54 22.13 -28.18
C ILE D 973 -1.93 22.82 -26.89
N ALA D 974 -2.48 24.04 -26.99
CA ALA D 974 -3.02 24.70 -25.81
C ALA D 974 -4.15 23.88 -25.21
N LEU D 975 -4.99 23.28 -26.06
CA LEU D 975 -6.02 22.36 -25.58
C LEU D 975 -5.41 21.19 -24.85
N GLN D 976 -4.36 20.60 -25.43
CA GLN D 976 -3.73 19.43 -24.80
C GLN D 976 -3.12 19.79 -23.45
N LEU D 977 -2.43 20.92 -23.37
CA LEU D 977 -1.90 21.37 -22.08
C LEU D 977 -3.00 21.71 -21.09
N LEU D 978 -4.10 22.29 -21.55
CA LEU D 978 -5.22 22.56 -20.66
C LEU D 978 -5.74 21.27 -20.05
N GLU D 979 -5.89 20.24 -20.89
CA GLU D 979 -6.30 18.93 -20.39
C GLU D 979 -5.29 18.37 -19.40
N MET D 980 -4.00 18.45 -19.72
CA MET D 980 -2.99 17.85 -18.86
C MET D 980 -2.90 18.56 -17.51
N ILE D 981 -2.95 19.89 -17.52
CA ILE D 981 -2.88 20.65 -16.27
C ILE D 981 -4.16 20.48 -15.47
N THR D 982 -5.31 20.30 -16.14
CA THR D 982 -6.54 20.06 -15.41
C THR D 982 -6.53 18.67 -14.78
N THR D 983 -5.89 17.70 -15.45
CA THR D 983 -5.76 16.37 -14.87
C THR D 983 -4.81 16.39 -13.68
N VAL D 984 -3.70 17.11 -13.78
CA VAL D 984 -2.70 17.10 -12.72
C VAL D 984 -3.14 17.93 -11.53
N VAL D 985 -3.60 19.17 -11.78
CA VAL D 985 -4.04 20.02 -10.68
C VAL D 985 -5.25 19.37 -10.00
N PRO D 986 -5.32 19.36 -8.67
CA PRO D 986 -6.48 18.80 -8.00
C PRO D 986 -7.76 19.51 -8.38
N LEU D 987 -8.89 18.92 -7.97
CA LEU D 987 -10.19 19.42 -8.40
C LEU D 987 -10.49 20.81 -7.81
N ASN D 988 -9.80 21.17 -6.73
CA ASN D 988 -10.09 22.44 -6.07
C ASN D 988 -9.86 23.63 -7.00
N TYR D 989 -8.69 23.69 -7.63
CA TYR D 989 -8.42 24.79 -8.56
C TYR D 989 -9.10 24.56 -9.91
N CYS D 990 -9.27 23.29 -10.29
CA CYS D 990 -9.84 22.99 -11.60
C CYS D 990 -11.31 23.38 -11.68
N LEU D 991 -12.03 23.25 -10.56
CA LEU D 991 -13.41 23.74 -10.52
C LEU D 991 -13.49 25.24 -10.72
N SER D 992 -12.46 25.98 -10.30
CA SER D 992 -12.45 27.42 -10.47
C SER D 992 -12.08 27.85 -11.88
N TYR D 993 -11.62 26.92 -12.71
CA TYR D 993 -11.20 27.27 -14.06
C TYR D 993 -11.88 26.41 -15.11
N GLN D 994 -13.20 26.28 -15.00
CA GLN D 994 -14.01 25.52 -15.95
C GLN D 994 -14.71 26.42 -16.95
N ASP D 995 -15.35 27.50 -16.47
CA ASP D 995 -16.18 28.33 -17.33
C ASP D 995 -15.33 29.10 -18.35
N ASP D 996 -14.15 29.57 -17.92
CA ASP D 996 -13.30 30.34 -18.84
C ASP D 996 -12.88 29.50 -20.04
N VAL D 997 -12.48 28.25 -19.81
CA VAL D 997 -12.10 27.38 -20.91
C VAL D 997 -13.32 27.06 -21.77
N LEU D 998 -14.47 26.86 -21.14
CA LEU D 998 -15.68 26.55 -21.88
C LEU D 998 -16.13 27.72 -22.76
N SER D 999 -15.79 28.95 -22.35
CA SER D 999 -16.30 30.12 -23.06
C SER D 999 -15.31 30.61 -24.12
N ALA D 1000 -14.01 30.60 -23.81
CA ALA D 1000 -13.01 31.16 -24.70
C ALA D 1000 -12.48 30.16 -25.73
N LEU D 1001 -13.27 29.15 -26.10
CA LEU D 1001 -12.84 28.15 -27.06
C LEU D 1001 -13.71 28.09 -28.30
N ILE D 1002 -14.66 29.01 -28.45
CA ILE D 1002 -15.64 28.89 -29.55
C ILE D 1002 -15.01 29.04 -30.94
N PRO D 1003 -13.90 29.78 -31.13
CA PRO D 1003 -13.27 29.76 -32.46
C PRO D 1003 -12.33 28.59 -32.68
N VAL D 1004 -12.28 27.63 -31.76
CA VAL D 1004 -11.38 26.49 -31.86
C VAL D 1004 -12.12 25.23 -32.27
N LEU D 1005 -13.34 25.03 -31.75
CA LEU D 1005 -14.19 23.97 -32.28
C LEU D 1005 -14.98 24.41 -33.51
N SER D 1006 -14.61 25.53 -34.12
CA SER D 1006 -15.22 26.01 -35.35
C SER D 1006 -14.20 26.63 -36.30
N ASP D 1007 -12.93 26.32 -36.13
CA ASP D 1007 -11.88 26.90 -36.96
C ASP D 1007 -11.77 26.16 -38.29
N LYS D 1008 -10.73 26.51 -39.06
CA LYS D 1008 -10.61 26.00 -40.43
C LYS D 1008 -10.34 24.50 -40.44
N LYS D 1009 -9.37 24.03 -39.66
CA LYS D 1009 -9.15 22.60 -39.53
C LYS D 1009 -10.22 21.99 -38.63
N ARG D 1010 -10.30 20.66 -38.65
CA ARG D 1010 -11.35 19.96 -37.90
C ARG D 1010 -10.81 19.04 -36.82
N ILE D 1011 -9.57 18.56 -36.96
CA ILE D 1011 -8.91 17.96 -35.80
C ILE D 1011 -8.83 18.96 -34.68
N ILE D 1012 -8.57 20.21 -35.02
CA ILE D 1012 -8.67 21.29 -34.04
C ILE D 1012 -10.08 21.36 -33.50
N ARG D 1013 -11.07 21.26 -34.39
CA ARG D 1013 -12.47 21.35 -33.96
C ARG D 1013 -12.86 20.15 -33.12
N LYS D 1014 -12.51 18.94 -33.58
CA LYS D 1014 -12.86 17.74 -32.82
C LYS D 1014 -12.20 17.75 -31.45
N GLN D 1015 -10.94 18.15 -31.38
CA GLN D 1015 -10.24 18.13 -30.10
C GLN D 1015 -10.70 19.28 -29.20
N CYS D 1016 -11.17 20.38 -29.78
CA CYS D 1016 -11.76 21.42 -28.95
C CYS D 1016 -13.11 20.99 -28.41
N VAL D 1017 -13.90 20.27 -29.21
CA VAL D 1017 -15.14 19.69 -28.71
C VAL D 1017 -14.83 18.74 -27.55
N ASP D 1018 -13.81 17.90 -27.71
CA ASP D 1018 -13.44 16.97 -26.65
C ASP D 1018 -12.94 17.70 -25.42
N THR D 1019 -12.15 18.76 -25.61
CA THR D 1019 -11.66 19.56 -24.49
C THR D 1019 -12.80 20.21 -23.73
N ARG D 1020 -13.75 20.80 -24.47
CA ARG D 1020 -14.91 21.41 -23.84
C ARG D 1020 -15.72 20.37 -23.07
N GLN D 1021 -15.94 19.20 -23.67
CA GLN D 1021 -16.73 18.17 -23.01
C GLN D 1021 -16.03 17.66 -21.75
N VAL D 1022 -14.71 17.48 -21.82
CA VAL D 1022 -13.99 16.94 -20.67
C VAL D 1022 -13.94 17.98 -19.55
N TYR D 1023 -13.75 19.25 -19.91
CA TYR D 1023 -13.80 20.31 -18.91
C TYR D 1023 -15.18 20.38 -18.25
N TYR D 1024 -16.24 20.25 -19.06
CA TYR D 1024 -17.59 20.31 -18.51
C TYR D 1024 -17.85 19.13 -17.57
N GLU D 1025 -17.43 17.93 -17.96
CA GLU D 1025 -17.68 16.76 -17.12
C GLU D 1025 -16.82 16.77 -15.86
N LEU D 1026 -15.62 17.35 -15.94
CA LEU D 1026 -14.79 17.47 -14.75
C LEU D 1026 -15.34 18.52 -13.79
N GLY D 1027 -15.86 19.63 -14.32
CA GLY D 1027 -16.46 20.64 -13.46
C GLY D 1027 -17.77 20.17 -12.84
N GLN D 1028 -18.60 19.49 -13.61
CA GLN D 1028 -19.90 19.07 -13.10
C GLN D 1028 -19.78 17.96 -12.06
N ILE D 1029 -18.65 17.25 -12.03
CA ILE D 1029 -18.44 16.20 -11.03
C ILE D 1029 -17.45 16.66 -9.97
#